data_4N0F
#
_entry.id   4N0F
#
_cell.length_a   136.469
_cell.length_b   115.925
_cell.length_c   186.237
_cell.angle_alpha   90.00
_cell.angle_beta   104.47
_cell.angle_gamma   90.00
#
_symmetry.space_group_name_H-M   'P 1 21 1'
#
loop_
_entity.id
_entity.type
_entity.pdbx_description
1 polymer 'IgG receptor FcRn large subunit p51'
2 polymer Beta-2-microglobulin
3 polymer 'Serum albumin'
#
loop_
_entity_poly.entity_id
_entity_poly.type
_entity_poly.pdbx_seq_one_letter_code
_entity_poly.pdbx_strand_id
1 'polypeptide(L)'
;HLSLLYHLTAVSSPAPGTPAFWVSGWLGPQQYLSYNSLRGEAEPCGAWVWENQVSWYWEKETTDLRIKEKLFLEAFKALG
GKGPYTLQGLLGCELGPDNTSVPTAKFALNGEEFMNFDLKQGTWGGDWPEALAISQRWQQQDKAANKELTFLLFSCPHRL
REHLERGRGNLEWKEPPSMRLKARPSSPGFSVLTCSAFSFYPPELQLRFLRNGLAAGTGQGDFGPNSDGSFHASSSLTVK
SGDEHHYCCIVQHAGLAQPLRVELESPAKSS
;
A,E,H,K
2 'polypeptide(L)'
;IQRTPKIQVYSRHPAENGKSNFLNCYVSGFHPSDIEVDLLKNGERIEKVEHSDLSFSKDWSFYLLYYTEFTPTEKDEYAC
RVNHVTLSQPKIVKWDRDM
;
B,F,I,L
3 'polypeptide(L)'
;DAHKSEVAHRFKDLGEENFKALVLIAFAQYLQQCPFEDHVKLVNEVTEFAKTCVADESAENCDKSLHTLFGDKLCTVATL
RETYGEMADCCAKQEPERNECFLQHKDDNPNLPRLVRPEVDVMCTAFHDNEETFLKKYLYEIARRHPYFYAPELLFFAKR
YKAAFTECCQAADKAACLLPKLDELRDEGKASSAKQRLKCASLQKFGERAFKAWAVARLSQRFPKAEFAEVSKLVTDLTK
VHTECCHGDLLECADDRADLAKYICENQDSISSKLKECCEKPLLEKSHCIAEVENDEMPADLPSLAADFVESKDVCKNYA
EAKDVFLGMFLYEYARRHPDYSVVLLLRLAKTYETTLEKCCAAADPHECYAKVFDEFKPLVEEPQNLIKQNCELFEQLGE
YKFQNALLVRYTKKVPQVSTPTLVEVSRNLGKVGSKCCKHPEAKRMPCAEDYLSVVLNQLCVLHEKTPVSDRVTKCCTES
LVNRRPCFSALEVDETYVPKEFNAETFTFHADICTLSEKERQIKKQTALVELVKHKPKATKEQLKAVMDDFAAFVEKCCK
ADDKETCFAEEGKKLVAASQAALGL
;
D,G,J,M
#
# COMPACT_ATOMS: atom_id res chain seq x y z
N HIS A 1 -40.67 53.49 23.87
CA HIS A 1 -41.26 54.67 24.58
C HIS A 1 -41.65 54.37 25.99
N LEU A 2 -41.75 53.08 26.34
CA LEU A 2 -42.02 52.70 27.72
C LEU A 2 -40.73 52.68 28.56
N SER A 3 -40.91 52.47 29.87
CA SER A 3 -39.87 52.75 30.87
C SER A 3 -39.91 51.79 32.07
N LEU A 4 -38.72 51.41 32.53
CA LEU A 4 -38.55 50.55 33.70
C LEU A 4 -38.33 51.47 34.90
N LEU A 5 -39.18 51.38 35.91
CA LEU A 5 -39.09 52.26 37.07
C LEU A 5 -39.32 51.50 38.33
N TYR A 6 -38.40 51.65 39.28
CA TYR A 6 -38.51 51.02 40.56
C TYR A 6 -39.04 52.02 41.56
N HIS A 7 -39.94 51.58 42.43
CA HIS A 7 -40.55 52.41 43.45
C HIS A 7 -40.06 51.97 44.82
N LEU A 8 -38.91 52.49 45.22
CA LEU A 8 -38.34 52.11 46.50
C LEU A 8 -38.97 52.93 47.60
N THR A 9 -39.25 52.29 48.73
CA THR A 9 -39.84 52.97 49.91
C THR A 9 -39.26 52.37 51.17
N ALA A 10 -38.79 53.20 52.11
CA ALA A 10 -38.38 52.73 53.44
C ALA A 10 -39.03 53.61 54.49
N VAL A 11 -39.36 53.05 55.65
CA VAL A 11 -39.99 53.80 56.75
C VAL A 11 -39.25 53.51 58.03
N SER A 12 -39.23 54.51 58.92
CA SER A 12 -38.30 54.49 60.05
C SER A 12 -38.85 53.73 61.24
N SER A 13 -40.15 53.53 61.29
CA SER A 13 -40.73 52.64 62.30
C SER A 13 -42.03 52.03 61.76
N PRO A 14 -41.94 50.78 61.30
CA PRO A 14 -43.06 50.17 60.64
C PRO A 14 -43.99 49.42 61.59
N ALA A 15 -45.31 49.59 61.38
CA ALA A 15 -46.35 48.76 62.05
C ALA A 15 -45.84 47.32 62.12
N PRO A 16 -45.89 46.69 63.29
CA PRO A 16 -45.11 45.44 63.40
C PRO A 16 -45.68 44.32 62.49
N GLY A 17 -44.77 43.48 61.98
CA GLY A 17 -45.09 42.54 60.89
C GLY A 17 -45.11 43.17 59.51
N THR A 18 -45.14 44.51 59.45
CA THR A 18 -44.90 45.26 58.20
C THR A 18 -43.43 45.38 57.87
N PRO A 19 -43.09 45.44 56.59
CA PRO A 19 -41.68 45.61 56.21
C PRO A 19 -41.14 47.03 56.40
N ALA A 20 -39.86 47.10 56.77
CA ALA A 20 -39.16 48.38 56.88
C ALA A 20 -38.94 49.02 55.56
N PHE A 21 -38.77 48.18 54.51
CA PHE A 21 -38.43 48.64 53.15
C PHE A 21 -39.08 47.77 52.08
N TRP A 22 -39.48 48.36 50.97
CA TRP A 22 -40.08 47.56 49.90
C TRP A 22 -40.03 48.21 48.55
N VAL A 23 -40.06 47.41 47.49
CA VAL A 23 -39.89 47.91 46.17
C VAL A 23 -40.99 47.36 45.28
N SER A 24 -41.48 48.19 44.37
CA SER A 24 -42.35 47.72 43.25
C SER A 24 -41.66 48.09 41.90
N GLY A 25 -41.53 47.13 40.98
CA GLY A 25 -40.91 47.41 39.69
C GLY A 25 -41.95 47.47 38.60
N TRP A 26 -41.83 48.46 37.72
CA TRP A 26 -42.85 48.67 36.73
C TRP A 26 -42.28 48.72 35.34
N LEU A 27 -43.01 48.13 34.39
CA LEU A 27 -42.76 48.29 32.98
C LEU A 27 -43.97 49.00 32.46
N GLY A 28 -43.82 50.26 32.05
CA GLY A 28 -44.96 51.08 31.68
C GLY A 28 -45.82 51.08 32.90
N PRO A 29 -47.11 50.97 32.72
CA PRO A 29 -48.03 50.94 33.83
C PRO A 29 -48.29 49.53 34.38
N GLN A 30 -47.45 48.53 34.06
CA GLN A 30 -47.64 47.15 34.55
C GLN A 30 -46.63 46.84 35.62
N GLN A 31 -47.05 46.25 36.73
CA GLN A 31 -46.08 45.90 37.76
C GLN A 31 -45.49 44.54 37.45
N TYR A 32 -44.19 44.47 37.17
CA TYR A 32 -43.58 43.16 36.91
C TYR A 32 -42.86 42.61 38.08
N LEU A 33 -42.39 43.45 38.98
CA LEU A 33 -41.54 43.00 40.10
C LEU A 33 -42.09 43.45 41.46
N SER A 34 -41.66 42.74 42.48
CA SER A 34 -42.08 42.99 43.85
C SER A 34 -41.07 42.46 44.87
N TYR A 35 -40.72 43.28 45.87
CA TYR A 35 -39.66 42.97 46.84
C TYR A 35 -39.97 43.60 48.18
N ASN A 36 -39.59 42.97 49.28
CA ASN A 36 -39.61 43.66 50.59
C ASN A 36 -38.62 43.11 51.62
N SER A 37 -38.38 43.90 52.66
CA SER A 37 -37.32 43.61 53.64
C SER A 37 -37.57 42.34 54.46
N LEU A 38 -38.82 41.87 54.54
CA LEU A 38 -39.13 40.68 55.37
C LEU A 38 -38.75 39.42 54.66
N ARG A 39 -39.33 39.27 53.48
CA ARG A 39 -39.06 38.12 52.66
C ARG A 39 -37.61 38.13 52.08
N GLY A 40 -37.10 39.30 51.70
CA GLY A 40 -35.71 39.42 51.26
C GLY A 40 -35.44 39.06 49.82
N GLU A 41 -36.49 38.82 49.03
CA GLU A 41 -36.35 38.28 47.67
C GLU A 41 -37.20 39.00 46.64
N ALA A 42 -36.62 39.23 45.47
CA ALA A 42 -37.34 39.84 44.39
C ALA A 42 -38.20 38.78 43.70
N GLU A 43 -39.51 39.03 43.53
CA GLU A 43 -40.43 38.09 42.86
C GLU A 43 -41.16 38.74 41.69
N PRO A 44 -41.51 37.96 40.65
CA PRO A 44 -42.34 38.47 39.58
C PRO A 44 -43.78 38.54 39.97
N CYS A 45 -44.45 39.57 39.47
CA CYS A 45 -45.84 39.91 39.76
C CYS A 45 -46.64 39.63 38.50
N GLY A 46 -47.87 39.15 38.68
CA GLY A 46 -48.84 39.08 37.58
C GLY A 46 -48.50 38.15 36.43
N ALA A 47 -48.71 38.62 35.21
CA ALA A 47 -48.47 37.78 34.04
C ALA A 47 -46.97 37.57 33.86
N TRP A 48 -46.16 38.29 34.61
CA TRP A 48 -44.74 38.19 34.44
C TRP A 48 -44.17 36.98 35.10
N VAL A 49 -45.00 36.20 35.78
CA VAL A 49 -44.53 34.90 36.23
C VAL A 49 -44.29 34.02 35.00
N TRP A 50 -45.08 34.24 33.95
CA TRP A 50 -45.05 33.36 32.78
C TRP A 50 -44.12 33.86 31.71
N GLU A 51 -43.39 34.93 32.01
CA GLU A 51 -42.42 35.46 31.07
C GLU A 51 -41.35 34.45 30.72
N ASN A 52 -41.07 34.35 29.43
CA ASN A 52 -39.99 33.51 28.97
C ASN A 52 -38.69 34.17 29.44
N GLN A 53 -38.28 33.94 30.69
CA GLN A 53 -37.13 34.65 31.24
C GLN A 53 -35.90 33.74 31.40
N VAL A 54 -34.71 34.31 31.42
CA VAL A 54 -33.44 33.56 31.61
C VAL A 54 -33.13 33.26 33.08
N SER A 55 -32.38 32.20 33.32
CA SER A 55 -31.89 31.93 34.67
C SER A 55 -31.00 33.06 35.17
N TRP A 56 -31.06 33.30 36.49
CA TRP A 56 -30.28 34.31 37.17
C TRP A 56 -30.80 35.73 36.98
N TYR A 57 -31.82 35.91 36.15
CA TYR A 57 -32.37 37.24 35.98
C TYR A 57 -32.91 37.69 37.32
N TRP A 58 -33.70 36.84 37.95
CA TRP A 58 -34.39 37.25 39.15
C TRP A 58 -33.49 37.38 40.31
N GLU A 59 -32.48 36.55 40.40
CA GLU A 59 -31.61 36.65 41.58
C GLU A 59 -30.55 37.74 41.38
N LYS A 60 -30.36 38.17 40.12
CA LYS A 60 -29.69 39.47 39.86
C LYS A 60 -30.56 40.64 40.40
N GLU A 61 -31.86 40.63 40.11
CA GLU A 61 -32.75 41.62 40.69
C GLU A 61 -32.62 41.62 42.20
N THR A 62 -32.71 40.46 42.81
CA THR A 62 -32.68 40.37 44.26
C THR A 62 -31.41 41.00 44.74
N THR A 63 -30.29 40.59 44.16
CA THR A 63 -28.97 41.07 44.63
C THR A 63 -28.92 42.60 44.69
N ASP A 64 -29.47 43.24 43.64
CA ASP A 64 -29.40 44.69 43.48
C ASP A 64 -30.26 45.39 44.47
N LEU A 65 -31.44 44.86 44.70
CA LEU A 65 -32.37 45.50 45.60
C LEU A 65 -31.95 45.36 47.05
N ARG A 66 -31.07 44.40 47.36
CA ARG A 66 -30.58 44.25 48.74
C ARG A 66 -29.59 45.36 49.09
N ILE A 67 -28.78 45.72 48.10
CA ILE A 67 -27.89 46.83 48.24
C ILE A 67 -28.75 48.06 48.47
N LYS A 68 -29.84 48.18 47.74
CA LYS A 68 -30.74 49.32 47.98
C LYS A 68 -31.34 49.29 49.41
N GLU A 69 -31.82 48.15 49.86
CA GLU A 69 -32.29 48.04 51.22
C GLU A 69 -31.28 48.59 52.23
N LYS A 70 -30.04 48.13 52.14
CA LYS A 70 -29.01 48.57 53.09
C LYS A 70 -28.85 50.10 53.06
N LEU A 71 -28.64 50.65 51.87
CA LEU A 71 -28.57 52.07 51.69
C LEU A 71 -29.73 52.85 52.33
N PHE A 72 -30.95 52.39 52.10
CA PHE A 72 -32.11 53.13 52.60
C PHE A 72 -32.23 53.07 54.12
N LEU A 73 -31.95 51.93 54.71
CA LEU A 73 -32.06 51.80 56.16
C LEU A 73 -30.91 52.56 56.84
N GLU A 74 -29.82 52.74 56.11
CA GLU A 74 -28.70 53.56 56.56
C GLU A 74 -29.05 55.02 56.58
N ALA A 75 -29.97 55.43 55.72
CA ALA A 75 -30.24 56.86 55.59
C ALA A 75 -30.77 57.39 56.89
N PHE A 76 -31.63 56.63 57.56
CA PHE A 76 -32.21 57.15 58.82
C PHE A 76 -31.19 57.35 59.95
N LYS A 77 -30.08 56.62 59.94
CA LYS A 77 -29.02 56.91 60.90
C LYS A 77 -28.50 58.29 60.62
N ALA A 78 -28.16 58.53 59.36
CA ALA A 78 -27.67 59.83 58.93
C ALA A 78 -28.57 61.00 59.37
N LEU A 79 -29.88 60.79 59.41
CA LEU A 79 -30.79 61.90 59.71
C LEU A 79 -30.89 62.22 61.19
N GLY A 80 -30.83 61.23 62.06
CA GLY A 80 -30.74 61.53 63.49
C GLY A 80 -32.00 62.00 64.23
N GLY A 81 -32.50 63.22 63.97
CA GLY A 81 -33.67 63.80 64.69
C GLY A 81 -34.86 62.84 64.91
N LYS A 82 -35.97 63.32 65.48
CA LYS A 82 -37.07 62.43 65.94
C LYS A 82 -38.06 61.97 64.89
N GLY A 83 -38.84 62.93 64.39
CA GLY A 83 -40.09 62.66 63.66
C GLY A 83 -39.95 61.50 62.70
N PRO A 84 -40.94 60.59 62.66
CA PRO A 84 -40.83 59.43 61.77
C PRO A 84 -40.41 59.87 60.37
N TYR A 85 -39.79 58.97 59.62
CA TYR A 85 -39.41 59.31 58.25
C TYR A 85 -40.02 58.37 57.24
N THR A 86 -40.18 58.88 56.04
CA THR A 86 -40.48 58.01 54.95
C THR A 86 -39.52 58.46 53.86
N LEU A 87 -38.69 57.52 53.38
CA LEU A 87 -37.78 57.82 52.29
C LEU A 87 -38.26 57.10 51.06
N GLN A 88 -38.46 57.83 49.98
CA GLN A 88 -38.85 57.24 48.72
C GLN A 88 -37.81 57.47 47.62
N GLY A 89 -37.71 56.51 46.70
CA GLY A 89 -36.90 56.70 45.49
C GLY A 89 -37.60 56.21 44.22
N LEU A 90 -37.40 56.95 43.15
CA LEU A 90 -37.89 56.59 41.85
C LEU A 90 -36.64 56.46 40.99
N LEU A 91 -36.32 55.24 40.58
CA LEU A 91 -35.09 54.96 39.83
C LEU A 91 -35.48 54.17 38.61
N GLY A 92 -34.84 54.44 37.49
CA GLY A 92 -35.19 53.74 36.28
C GLY A 92 -34.55 54.29 35.06
N CYS A 93 -35.11 53.95 33.91
CA CYS A 93 -34.58 54.42 32.62
C CYS A 93 -35.63 54.22 31.54
N GLU A 94 -35.49 54.97 30.45
CA GLU A 94 -36.42 54.94 29.35
C GLU A 94 -35.60 54.95 28.12
N LEU A 95 -36.07 54.25 27.08
CA LEU A 95 -35.30 54.12 25.85
C LEU A 95 -35.40 55.41 25.04
N GLY A 96 -34.27 55.75 24.41
CA GLY A 96 -34.14 56.94 23.57
C GLY A 96 -33.65 56.69 22.14
N PRO A 97 -33.89 57.68 21.25
CA PRO A 97 -33.57 57.59 19.85
C PRO A 97 -32.56 56.50 19.48
N ASP A 98 -31.30 56.70 19.87
CA ASP A 98 -30.16 56.06 19.19
C ASP A 98 -29.64 54.79 19.85
N ASN A 99 -30.53 53.85 20.15
CA ASN A 99 -30.20 52.72 21.03
C ASN A 99 -29.58 53.32 22.33
N THR A 100 -30.30 54.25 22.94
CA THR A 100 -29.82 55.02 24.09
C THR A 100 -30.81 54.98 25.26
N SER A 101 -30.29 54.88 26.49
CA SER A 101 -31.13 54.93 27.68
C SER A 101 -31.14 56.35 28.21
N VAL A 102 -32.23 56.73 28.88
CA VAL A 102 -32.27 57.99 29.63
C VAL A 102 -32.63 57.68 31.05
N PRO A 103 -31.74 57.98 32.01
CA PRO A 103 -31.96 57.52 33.40
C PRO A 103 -32.67 58.51 34.26
N THR A 104 -33.26 58.01 35.35
CA THR A 104 -33.94 58.80 36.38
C THR A 104 -33.50 58.34 37.72
N ALA A 105 -33.31 59.29 38.62
CA ALA A 105 -32.90 58.97 39.93
C ALA A 105 -33.30 60.08 40.85
N LYS A 106 -34.54 60.09 41.33
CA LYS A 106 -34.93 61.12 42.29
C LYS A 106 -35.43 60.51 43.60
N PHE A 107 -35.41 61.27 44.69
CA PHE A 107 -35.86 60.75 45.98
C PHE A 107 -36.66 61.79 46.71
N ALA A 108 -37.51 61.36 47.62
CA ALA A 108 -38.31 62.29 48.42
C ALA A 108 -38.30 61.87 49.87
N LEU A 109 -38.22 62.85 50.76
CA LEU A 109 -38.28 62.60 52.23
C LEU A 109 -39.61 63.06 52.77
N ASN A 110 -40.24 62.24 53.57
CA ASN A 110 -41.61 62.52 54.00
C ASN A 110 -42.53 63.12 52.92
N GLY A 111 -42.47 62.56 51.72
CA GLY A 111 -43.32 63.02 50.66
C GLY A 111 -42.92 64.29 49.92
N GLU A 112 -41.69 64.77 50.04
CA GLU A 112 -41.29 65.92 49.23
C GLU A 112 -39.99 65.67 48.54
N GLU A 113 -39.90 65.98 47.25
CA GLU A 113 -38.66 65.71 46.55
C GLU A 113 -37.53 66.48 47.26
N PHE A 114 -36.35 65.87 47.42
CA PHE A 114 -35.29 66.54 48.14
C PHE A 114 -33.88 66.21 47.72
N MET A 115 -33.74 65.27 46.80
CA MET A 115 -32.48 64.66 46.55
C MET A 115 -32.53 63.91 45.22
N ASN A 116 -31.39 63.75 44.59
CA ASN A 116 -31.30 63.22 43.25
C ASN A 116 -29.93 62.62 43.03
N PHE A 117 -29.75 61.85 41.97
CA PHE A 117 -28.43 61.26 41.68
C PHE A 117 -27.92 61.67 40.31
N ASP A 118 -26.90 62.52 40.28
CA ASP A 118 -26.32 63.04 39.03
C ASP A 118 -25.41 62.01 38.36
N LEU A 119 -25.90 61.41 37.28
CA LEU A 119 -25.14 60.35 36.60
C LEU A 119 -23.86 60.83 35.92
N LYS A 120 -23.68 62.12 35.73
CA LYS A 120 -22.44 62.64 35.21
C LYS A 120 -21.36 62.59 36.30
N GLN A 121 -21.54 63.35 37.38
CA GLN A 121 -20.57 63.37 38.50
C GLN A 121 -20.57 62.06 39.36
N GLY A 122 -21.59 61.22 39.23
CA GLY A 122 -21.64 60.02 40.04
C GLY A 122 -21.84 60.32 41.50
N THR A 123 -22.70 61.29 41.77
CA THR A 123 -22.86 61.81 43.14
C THR A 123 -24.33 62.09 43.39
N TRP A 124 -24.75 61.97 44.64
CA TRP A 124 -26.09 62.33 45.03
C TRP A 124 -26.00 63.76 45.38
N GLY A 125 -27.11 64.45 45.28
CA GLY A 125 -27.14 65.90 45.44
C GLY A 125 -28.48 66.34 45.98
N GLY A 126 -28.65 67.64 46.22
CA GLY A 126 -29.79 68.17 46.97
C GLY A 126 -29.22 69.03 48.05
N ASP A 127 -29.95 70.03 48.51
CA ASP A 127 -29.26 70.97 49.35
C ASP A 127 -29.94 71.32 50.63
N TRP A 128 -31.09 70.73 50.89
CA TRP A 128 -31.64 70.62 52.23
C TRP A 128 -30.68 69.97 53.20
N PRO A 129 -30.74 70.32 54.50
CA PRO A 129 -29.74 69.69 55.37
C PRO A 129 -29.90 68.19 55.39
N GLU A 130 -31.14 67.72 55.33
CA GLU A 130 -31.40 66.29 55.37
C GLU A 130 -30.73 65.62 54.17
N ALA A 131 -30.80 66.26 53.00
CA ALA A 131 -30.25 65.67 51.79
C ALA A 131 -28.76 65.74 51.85
N LEU A 132 -28.20 66.76 52.49
CA LEU A 132 -26.76 66.78 52.60
C LEU A 132 -26.25 65.64 53.49
N ALA A 133 -27.05 65.27 54.49
CA ALA A 133 -26.69 64.26 55.49
C ALA A 133 -26.66 62.87 54.87
N ILE A 134 -27.78 62.52 54.24
CA ILE A 134 -27.93 61.25 53.53
C ILE A 134 -26.93 61.19 52.38
N SER A 135 -26.84 62.25 51.61
CA SER A 135 -25.94 62.29 50.47
C SER A 135 -24.49 61.97 50.89
N GLN A 136 -24.09 62.50 52.03
CA GLN A 136 -22.76 62.26 52.54
C GLN A 136 -22.58 60.82 52.99
N ARG A 137 -23.58 60.24 53.65
CA ARG A 137 -23.46 58.89 54.21
C ARG A 137 -23.32 57.87 53.12
N TRP A 138 -24.06 58.07 52.04
CA TRP A 138 -23.98 57.20 50.88
C TRP A 138 -22.70 57.43 50.13
N GLN A 139 -22.29 58.67 49.88
CA GLN A 139 -21.09 58.89 49.09
C GLN A 139 -19.81 58.25 49.68
N GLN A 140 -19.80 57.95 50.98
CA GLN A 140 -18.62 57.37 51.63
C GLN A 140 -18.96 55.97 52.11
N GLN A 141 -18.91 55.02 51.18
CA GLN A 141 -19.44 53.66 51.35
C GLN A 141 -18.80 52.65 50.41
N ASP A 142 -19.23 51.40 50.52
CA ASP A 142 -18.71 50.30 49.69
C ASP A 142 -18.91 50.62 48.21
N LYS A 143 -18.31 51.74 47.80
CA LYS A 143 -18.45 52.20 46.46
C LYS A 143 -19.94 52.24 46.07
N ALA A 144 -20.80 52.77 46.94
CA ALA A 144 -22.24 52.81 46.62
C ALA A 144 -22.46 53.57 45.33
N ALA A 145 -21.76 54.70 45.15
CA ALA A 145 -21.85 55.48 43.92
C ALA A 145 -21.66 54.62 42.68
N ASN A 146 -20.65 53.77 42.68
CA ASN A 146 -20.42 52.92 41.52
C ASN A 146 -21.56 51.98 41.21
N LYS A 147 -22.12 51.36 42.24
CA LYS A 147 -23.22 50.45 42.02
C LYS A 147 -24.46 51.16 41.52
N GLU A 148 -24.74 52.37 42.01
CA GLU A 148 -25.85 53.16 41.49
C GLU A 148 -25.57 53.51 40.03
N LEU A 149 -24.33 53.82 39.70
CA LEU A 149 -24.02 54.03 38.30
C LEU A 149 -24.35 52.80 37.44
N THR A 150 -23.87 51.63 37.85
CA THR A 150 -24.11 50.38 37.09
C THR A 150 -25.61 50.02 37.02
N PHE A 151 -26.28 50.20 38.14
CA PHE A 151 -27.69 49.92 38.16
C PHE A 151 -28.51 50.76 37.18
N LEU A 152 -28.09 51.99 36.93
CA LEU A 152 -28.88 52.92 36.10
C LEU A 152 -28.37 53.01 34.68
N LEU A 153 -27.08 52.89 34.50
CA LEU A 153 -26.52 53.02 33.20
C LEU A 153 -26.34 51.69 32.51
N PHE A 154 -26.31 50.60 33.28
CA PHE A 154 -26.07 49.31 32.69
C PHE A 154 -27.17 48.30 32.89
N SER A 155 -27.50 48.03 34.14
CA SER A 155 -28.45 46.97 34.42
C SER A 155 -29.85 47.31 33.94
N CYS A 156 -30.27 48.52 34.28
CA CYS A 156 -31.64 48.94 34.04
C CYS A 156 -31.94 48.87 32.56
N PRO A 157 -31.11 49.49 31.71
CA PRO A 157 -31.46 49.44 30.28
C PRO A 157 -31.27 48.08 29.65
N HIS A 158 -30.34 47.26 30.14
CA HIS A 158 -30.27 45.87 29.68
C HIS A 158 -31.50 45.09 30.04
N ARG A 159 -32.04 45.31 31.24
CA ARG A 159 -33.33 44.67 31.60
C ARG A 159 -34.45 45.14 30.70
N LEU A 160 -34.54 46.45 30.49
CA LEU A 160 -35.67 47.02 29.78
C LEU A 160 -35.76 46.44 28.37
N ARG A 161 -34.61 46.36 27.69
CA ARG A 161 -34.58 45.73 26.37
C ARG A 161 -35.02 44.29 26.46
N GLU A 162 -34.55 43.55 27.46
CA GLU A 162 -34.89 42.15 27.54
C GLU A 162 -36.38 41.94 27.73
N HIS A 163 -37.03 42.79 28.53
CA HIS A 163 -38.46 42.62 28.73
C HIS A 163 -39.28 42.98 27.51
N LEU A 164 -38.82 43.94 26.72
CA LEU A 164 -39.50 44.32 25.49
C LEU A 164 -39.51 43.17 24.51
N GLU A 165 -38.38 42.48 24.35
CA GLU A 165 -38.31 41.31 23.47
C GLU A 165 -39.22 40.22 24.02
N ARG A 166 -38.95 39.78 25.24
CA ARG A 166 -39.54 38.57 25.78
C ARG A 166 -40.93 38.79 26.35
N GLY A 167 -41.39 40.02 26.38
CA GLY A 167 -42.73 40.31 26.89
C GLY A 167 -43.61 41.18 26.03
N ARG A 168 -43.39 41.24 24.72
CA ARG A 168 -44.32 41.95 23.85
C ARG A 168 -45.72 41.55 24.18
N GLY A 169 -45.95 40.24 24.31
CA GLY A 169 -47.29 39.71 24.56
C GLY A 169 -48.10 40.52 25.55
N ASN A 170 -47.49 40.77 26.70
CA ASN A 170 -48.10 41.57 27.72
C ASN A 170 -48.15 43.05 27.34
N LEU A 171 -47.03 43.61 26.89
CA LEU A 171 -46.96 45.05 26.72
C LEU A 171 -47.87 45.56 25.61
N GLU A 172 -48.07 44.75 24.57
CA GLU A 172 -48.85 45.20 23.41
C GLU A 172 -50.32 44.82 23.53
N TRP A 173 -50.68 44.10 24.60
CA TRP A 173 -52.07 43.83 24.94
C TRP A 173 -52.97 45.02 24.74
N LYS A 174 -54.18 44.75 24.24
CA LYS A 174 -55.23 45.75 23.96
C LYS A 174 -56.60 45.20 24.38
N GLU A 175 -57.29 45.93 25.25
CA GLU A 175 -58.62 45.55 25.71
C GLU A 175 -59.51 46.78 25.71
N PRO A 176 -60.52 46.80 24.83
CA PRO A 176 -61.39 47.98 24.79
C PRO A 176 -62.36 47.95 25.93
N PRO A 177 -62.89 49.12 26.34
CA PRO A 177 -63.76 49.20 27.51
C PRO A 177 -65.18 48.78 27.25
N SER A 178 -65.86 48.23 28.26
CA SER A 178 -67.33 48.17 28.24
C SER A 178 -67.81 49.50 28.74
N MET A 179 -68.77 50.11 28.06
CA MET A 179 -69.26 51.45 28.40
C MET A 179 -70.69 51.41 28.92
N ARG A 180 -71.00 52.26 29.91
CA ARG A 180 -72.37 52.49 30.40
C ARG A 180 -72.54 53.95 30.71
N LEU A 181 -73.65 54.53 30.29
CA LEU A 181 -73.99 55.94 30.57
C LEU A 181 -75.33 55.98 31.29
N LYS A 182 -75.38 56.53 32.50
CA LYS A 182 -76.58 56.46 33.34
C LYS A 182 -76.92 57.79 34.00
N ALA A 183 -78.22 57.98 34.26
CA ALA A 183 -78.82 59.25 34.71
C ALA A 183 -79.34 59.15 36.15
N ARG A 184 -78.89 60.04 37.05
CA ARG A 184 -79.07 59.84 38.49
C ARG A 184 -79.64 61.07 39.21
N PRO A 185 -80.98 61.13 39.41
CA PRO A 185 -81.62 62.31 40.03
C PRO A 185 -80.82 62.84 41.23
N SER A 186 -80.46 64.12 41.24
CA SER A 186 -79.62 64.66 42.33
C SER A 186 -80.33 65.72 43.19
N SER A 187 -80.67 66.86 42.58
CA SER A 187 -81.00 68.10 43.31
C SER A 187 -82.48 68.55 43.10
N PRO A 188 -82.80 69.85 43.37
CA PRO A 188 -84.05 70.39 42.82
C PRO A 188 -84.31 70.04 41.32
N GLY A 189 -83.95 70.93 40.39
CA GLY A 189 -84.17 70.69 38.95
C GLY A 189 -82.95 70.18 38.20
N PHE A 190 -82.16 69.34 38.88
CA PHE A 190 -80.91 68.84 38.33
C PHE A 190 -80.84 67.30 38.36
N SER A 191 -79.76 66.78 37.77
CA SER A 191 -79.52 65.34 37.62
C SER A 191 -78.03 65.11 37.20
N VAL A 192 -77.44 63.96 37.57
CA VAL A 192 -76.05 63.67 37.25
C VAL A 192 -75.94 62.57 36.20
N LEU A 193 -75.24 62.88 35.10
CA LEU A 193 -74.89 61.88 34.10
C LEU A 193 -73.50 61.30 34.35
N THR A 194 -73.38 59.97 34.34
CA THR A 194 -72.11 59.35 34.64
C THR A 194 -71.78 58.33 33.56
N CYS A 195 -70.72 58.64 32.82
CA CYS A 195 -70.22 57.77 31.79
C CYS A 195 -69.11 56.97 32.42
N SER A 196 -69.12 55.66 32.20
CA SER A 196 -68.22 54.78 32.91
C SER A 196 -67.56 53.83 31.95
N ALA A 197 -66.24 53.68 32.07
CA ALA A 197 -65.47 52.76 31.26
C ALA A 197 -64.95 51.62 32.13
N PHE A 198 -65.27 50.37 31.79
CA PHE A 198 -64.87 49.23 32.58
C PHE A 198 -63.86 48.38 31.85
N SER A 199 -62.88 47.86 32.58
CA SER A 199 -61.84 46.92 32.07
C SER A 199 -61.25 47.30 30.76
N PHE A 200 -60.33 48.26 30.76
CA PHE A 200 -59.61 48.60 29.52
C PHE A 200 -58.10 48.60 29.76
N TYR A 201 -57.35 48.28 28.72
CA TYR A 201 -55.92 48.52 28.72
C TYR A 201 -55.62 48.93 27.28
N PRO A 202 -54.66 49.84 27.07
CA PRO A 202 -53.80 50.61 28.02
C PRO A 202 -54.60 51.65 28.78
N PRO A 203 -53.97 52.35 29.72
CA PRO A 203 -54.78 53.24 30.54
C PRO A 203 -55.15 54.60 29.91
N GLU A 204 -54.52 54.94 28.79
CA GLU A 204 -54.88 56.19 28.09
C GLU A 204 -56.30 56.06 27.58
N LEU A 205 -57.15 57.02 27.92
CA LEU A 205 -58.57 56.99 27.52
C LEU A 205 -59.22 58.33 27.80
N GLN A 206 -60.01 58.87 26.87
CA GLN A 206 -60.74 60.13 27.11
C GLN A 206 -62.24 59.91 27.08
N LEU A 207 -62.93 60.59 27.98
CA LEU A 207 -64.38 60.68 27.98
C LEU A 207 -64.81 62.12 27.74
N ARG A 208 -65.81 62.29 26.89
CA ARG A 208 -66.30 63.59 26.51
C ARG A 208 -67.83 63.56 26.51
N PHE A 209 -68.47 64.70 26.72
CA PHE A 209 -69.93 64.79 26.64
C PHE A 209 -70.38 65.67 25.50
N LEU A 210 -71.33 65.17 24.74
CA LEU A 210 -72.00 65.95 23.72
C LEU A 210 -73.45 66.17 24.14
N ARG A 211 -74.02 67.31 23.74
CA ARG A 211 -75.43 67.63 23.97
C ARG A 211 -76.06 68.09 22.66
N ASN A 212 -76.72 67.15 21.97
CA ASN A 212 -77.17 67.37 20.60
C ASN A 212 -75.96 67.69 19.76
N GLY A 213 -74.94 66.85 19.82
CA GLY A 213 -73.80 66.94 18.90
C GLY A 213 -72.74 68.00 19.17
N LEU A 214 -72.98 68.87 20.15
CA LEU A 214 -72.08 69.98 20.50
C LEU A 214 -71.51 69.72 21.88
N ALA A 215 -70.25 70.11 22.12
CA ALA A 215 -69.57 69.79 23.39
C ALA A 215 -70.24 70.43 24.63
N ALA A 216 -70.41 69.63 25.66
CA ALA A 216 -70.75 70.12 26.99
C ALA A 216 -69.54 69.96 27.94
N GLY A 217 -68.36 69.80 27.34
CA GLY A 217 -67.08 69.74 28.06
C GLY A 217 -66.79 68.37 28.63
N THR A 218 -66.14 68.35 29.79
CA THR A 218 -66.20 67.21 30.71
C THR A 218 -66.50 67.81 32.06
N GLY A 219 -67.02 66.98 32.95
CA GLY A 219 -67.08 67.32 34.35
C GLY A 219 -65.99 66.53 35.03
N GLN A 220 -66.22 66.19 36.30
CA GLN A 220 -65.27 65.44 37.13
C GLN A 220 -64.94 64.08 36.49
N GLY A 221 -63.64 63.87 36.22
CA GLY A 221 -63.10 62.59 35.77
C GLY A 221 -62.54 61.82 36.95
N ASP A 222 -62.53 60.51 36.84
CA ASP A 222 -62.05 59.64 37.91
C ASP A 222 -61.51 58.40 37.25
N PHE A 223 -60.46 57.87 37.82
CA PHE A 223 -59.66 56.92 37.09
C PHE A 223 -59.06 55.98 38.11
N GLY A 224 -58.96 54.70 37.78
CA GLY A 224 -58.41 53.71 38.73
C GLY A 224 -58.03 52.36 38.13
N PRO A 225 -57.42 51.46 38.93
CA PRO A 225 -57.03 50.14 38.44
C PRO A 225 -57.92 48.99 38.92
N ASN A 226 -58.05 47.96 38.10
CA ASN A 226 -58.69 46.73 38.53
C ASN A 226 -57.62 45.71 38.93
N SER A 227 -58.05 44.68 39.65
CA SER A 227 -57.16 43.64 40.16
C SER A 227 -56.18 43.03 39.14
N ASP A 228 -56.48 43.16 37.86
CA ASP A 228 -55.82 42.36 36.86
C ASP A 228 -54.92 43.12 35.90
N GLY A 229 -54.54 44.34 36.29
CA GLY A 229 -53.76 45.25 35.42
C GLY A 229 -54.58 46.14 34.50
N SER A 230 -55.85 45.79 34.27
CA SER A 230 -56.78 46.62 33.50
C SER A 230 -57.14 47.87 34.27
N PHE A 231 -57.96 48.71 33.67
CA PHE A 231 -58.34 49.97 34.28
C PHE A 231 -59.83 50.29 34.20
N HIS A 232 -60.20 51.27 35.01
CA HIS A 232 -61.55 51.75 35.14
C HIS A 232 -61.56 53.25 35.09
N ALA A 233 -62.55 53.85 34.42
CA ALA A 233 -62.69 55.33 34.40
C ALA A 233 -64.13 55.78 34.41
N SER A 234 -64.39 56.95 34.95
CA SER A 234 -65.73 57.51 34.89
C SER A 234 -65.68 59.02 34.82
N SER A 235 -66.63 59.64 34.15
CA SER A 235 -66.74 61.11 34.11
C SER A 235 -68.20 61.53 34.33
N SER A 236 -68.39 62.61 35.09
CA SER A 236 -69.74 62.97 35.56
C SER A 236 -70.10 64.43 35.29
N LEU A 237 -71.37 64.67 34.97
CA LEU A 237 -71.83 65.97 34.54
C LEU A 237 -73.20 66.32 35.14
N THR A 238 -73.34 67.52 35.72
CA THR A 238 -74.64 68.01 36.20
C THR A 238 -75.50 68.45 35.01
N VAL A 239 -76.81 68.27 35.09
CA VAL A 239 -77.66 68.42 33.89
C VAL A 239 -79.15 68.62 34.26
N LYS A 240 -79.81 69.60 33.63
CA LYS A 240 -81.27 69.84 33.78
C LYS A 240 -82.10 68.56 33.74
N SER A 241 -82.89 68.30 34.78
CA SER A 241 -83.77 67.13 34.81
C SER A 241 -84.75 67.17 33.63
N GLY A 242 -85.03 66.01 33.05
CA GLY A 242 -85.87 65.92 31.85
C GLY A 242 -85.16 66.22 30.54
N ASP A 243 -84.00 66.87 30.62
CA ASP A 243 -83.17 67.13 29.42
C ASP A 243 -82.09 66.03 29.18
N GLU A 244 -82.26 64.87 29.82
CA GLU A 244 -81.22 63.88 29.89
C GLU A 244 -81.00 63.16 28.58
N HIS A 245 -82.07 62.81 27.88
CA HIS A 245 -81.95 61.92 26.71
C HIS A 245 -81.37 62.65 25.53
N HIS A 246 -81.02 63.93 25.74
CA HIS A 246 -80.36 64.74 24.71
C HIS A 246 -78.86 64.56 24.71
N TYR A 247 -78.28 64.20 25.84
CA TYR A 247 -76.85 63.98 25.95
C TYR A 247 -76.41 62.59 25.57
N CYS A 248 -75.28 62.46 24.87
CA CYS A 248 -74.57 61.21 24.77
C CYS A 248 -73.13 61.43 25.25
N CYS A 249 -72.29 60.39 25.16
CA CYS A 249 -70.92 60.40 25.72
C CYS A 249 -69.99 59.72 24.72
N ILE A 250 -68.86 60.34 24.38
CA ILE A 250 -67.94 59.79 23.37
C ILE A 250 -66.64 59.36 24.01
N VAL A 251 -66.11 58.21 23.58
CA VAL A 251 -64.94 57.61 24.21
C VAL A 251 -63.84 57.26 23.20
N GLN A 252 -62.63 57.79 23.40
CA GLN A 252 -61.44 57.47 22.60
C GLN A 252 -60.56 56.49 23.34
N HIS A 253 -59.94 55.57 22.63
CA HIS A 253 -59.05 54.60 23.27
C HIS A 253 -58.39 53.72 22.26
N ALA A 254 -57.07 53.59 22.39
CA ALA A 254 -56.25 52.72 21.54
C ALA A 254 -56.86 51.37 21.09
N GLY A 255 -57.69 50.77 21.94
CA GLY A 255 -58.32 49.49 21.62
C GLY A 255 -59.63 49.54 20.84
N LEU A 256 -59.95 50.69 20.25
CA LEU A 256 -61.19 50.88 19.48
C LEU A 256 -60.86 51.44 18.09
N ALA A 257 -61.32 50.74 17.04
CA ALA A 257 -60.99 51.12 15.64
C ALA A 257 -61.37 52.60 15.38
N GLN A 258 -62.49 53.04 15.96
CA GLN A 258 -62.86 54.45 15.96
C GLN A 258 -63.61 54.80 17.24
N PRO A 259 -63.59 56.08 17.62
CA PRO A 259 -64.27 56.58 18.81
C PRO A 259 -65.72 56.09 18.93
N LEU A 260 -66.18 55.78 20.14
CA LEU A 260 -67.48 55.16 20.32
C LEU A 260 -68.48 56.16 20.90
N ARG A 261 -69.63 56.29 20.22
CA ARG A 261 -70.70 57.12 20.70
C ARG A 261 -71.52 56.22 21.60
N VAL A 262 -71.70 56.67 22.85
CA VAL A 262 -72.38 55.87 23.88
C VAL A 262 -73.69 56.50 24.33
N GLU A 263 -74.80 55.86 23.94
CA GLU A 263 -76.15 56.35 24.24
C GLU A 263 -76.53 56.08 25.70
N LEU A 264 -77.67 56.65 26.14
CA LEU A 264 -78.13 56.55 27.52
C LEU A 264 -79.08 55.37 27.78
N ILE B 1 -46.13 66.54 52.55
CA ILE B 1 -45.84 66.31 54.00
C ILE B 1 -46.97 65.66 54.84
N GLN B 2 -48.25 65.84 54.50
CA GLN B 2 -49.37 65.02 55.07
C GLN B 2 -50.61 65.18 54.22
N ARG B 3 -51.00 64.14 53.49
CA ARG B 3 -52.07 64.20 52.49
C ARG B 3 -53.25 63.27 52.78
N THR B 4 -54.43 63.71 52.41
CA THR B 4 -55.61 62.98 52.77
C THR B 4 -56.08 62.08 51.59
N PRO B 5 -56.59 60.87 51.91
CA PRO B 5 -56.87 59.92 50.83
C PRO B 5 -58.03 60.29 49.93
N LYS B 6 -58.00 59.74 48.72
CA LYS B 6 -59.09 59.82 47.79
C LYS B 6 -59.62 58.40 47.60
N ILE B 7 -60.89 58.21 47.90
CA ILE B 7 -61.49 56.90 47.89
C ILE B 7 -62.46 56.71 46.73
N GLN B 8 -62.13 55.83 45.79
CA GLN B 8 -63.08 55.41 44.73
C GLN B 8 -63.53 53.96 44.96
N VAL B 9 -64.83 53.69 44.76
CA VAL B 9 -65.35 52.30 44.76
C VAL B 9 -66.06 52.04 43.46
N TYR B 10 -65.73 50.93 42.82
CA TYR B 10 -66.29 50.58 41.51
C TYR B 10 -66.15 49.10 41.31
N SER B 11 -67.06 48.52 40.53
CA SER B 11 -66.95 47.12 40.19
C SER B 11 -66.06 46.99 38.99
N ARG B 12 -65.51 45.81 38.79
CA ARG B 12 -64.56 45.63 37.71
C ARG B 12 -65.24 45.61 36.39
N HIS B 13 -66.39 44.93 36.36
CA HIS B 13 -67.29 44.85 35.21
C HIS B 13 -68.59 45.52 35.52
N PRO B 14 -69.33 45.92 34.49
CA PRO B 14 -70.59 46.55 34.79
C PRO B 14 -71.45 45.62 35.63
N ALA B 15 -72.09 46.19 36.65
CA ALA B 15 -72.85 45.44 37.61
C ALA B 15 -74.06 44.79 36.96
N GLU B 16 -74.16 43.48 37.07
CA GLU B 16 -75.41 42.78 36.73
C GLU B 16 -75.78 41.82 37.87
N ASN B 17 -76.97 42.04 38.46
CA ASN B 17 -77.44 41.24 39.58
C ASN B 17 -77.43 39.77 39.27
N GLY B 18 -76.88 38.98 40.20
CA GLY B 18 -76.79 37.53 40.05
C GLY B 18 -75.57 37.01 39.30
N LYS B 19 -74.87 37.88 38.57
CA LYS B 19 -73.66 37.47 37.83
C LYS B 19 -72.37 37.88 38.57
N SER B 20 -71.37 37.00 38.51
CA SER B 20 -70.15 37.16 39.28
C SER B 20 -69.26 38.29 38.78
N ASN B 21 -68.65 38.98 39.75
CA ASN B 21 -67.91 40.21 39.48
C ASN B 21 -66.80 40.37 40.52
N PHE B 22 -66.12 41.51 40.49
CA PHE B 22 -65.19 41.93 41.51
C PHE B 22 -65.56 43.35 41.94
N LEU B 23 -65.46 43.62 43.23
CA LEU B 23 -65.65 44.96 43.75
C LEU B 23 -64.26 45.48 44.11
N ASN B 24 -63.90 46.66 43.59
CA ASN B 24 -62.63 47.27 43.92
C ASN B 24 -62.86 48.42 44.85
N CYS B 25 -61.90 48.68 45.71
CA CYS B 25 -61.77 49.93 46.43
C CYS B 25 -60.34 50.44 46.21
N TYR B 26 -60.24 51.68 45.76
CA TYR B 26 -58.97 52.29 45.34
C TYR B 26 -58.65 53.56 46.13
N VAL B 27 -57.88 53.38 47.19
CA VAL B 27 -57.45 54.48 48.06
C VAL B 27 -56.15 55.06 47.48
N SER B 28 -56.08 56.38 47.32
CA SER B 28 -55.00 57.00 46.54
C SER B 28 -54.69 58.42 46.96
N GLY B 29 -53.47 58.86 46.67
CA GLY B 29 -53.07 60.25 46.87
C GLY B 29 -52.79 60.64 48.32
N PHE B 30 -52.47 59.65 49.14
CA PHE B 30 -52.26 59.88 50.56
C PHE B 30 -50.81 59.77 51.01
N HIS B 31 -50.54 60.36 52.17
CA HIS B 31 -49.23 60.36 52.75
C HIS B 31 -49.46 60.62 54.21
N PRO B 32 -48.82 59.86 55.10
CA PRO B 32 -47.85 58.80 54.91
C PRO B 32 -48.52 57.45 54.67
N SER B 33 -47.71 56.40 54.60
CA SER B 33 -48.10 55.11 54.04
C SER B 33 -49.04 54.25 54.86
N ASP B 34 -49.17 54.49 56.16
CA ASP B 34 -50.09 53.68 57.01
C ASP B 34 -51.53 53.95 56.75
N ILE B 35 -52.30 52.90 56.47
CA ILE B 35 -53.68 53.08 56.09
C ILE B 35 -54.42 51.78 56.41
N GLU B 36 -55.64 51.88 56.91
CA GLU B 36 -56.45 50.70 57.16
C GLU B 36 -57.61 50.75 56.21
N VAL B 37 -57.73 49.75 55.34
CA VAL B 37 -58.84 49.72 54.38
C VAL B 37 -59.59 48.42 54.53
N ASP B 38 -60.89 48.54 54.76
CA ASP B 38 -61.76 47.39 54.89
C ASP B 38 -62.93 47.52 53.95
N LEU B 39 -63.26 46.42 53.28
CA LEU B 39 -64.46 46.35 52.45
C LEU B 39 -65.65 45.88 53.29
N LEU B 40 -66.82 46.50 53.09
CA LEU B 40 -68.01 46.19 53.86
C LEU B 40 -69.12 45.60 52.98
N LYS B 41 -69.62 44.43 53.38
CA LYS B 41 -70.94 43.95 52.91
C LYS B 41 -72.01 44.24 53.97
N ASN B 42 -73.03 45.00 53.59
CA ASN B 42 -74.12 45.34 54.48
C ASN B 42 -73.56 45.67 55.86
N GLY B 43 -72.64 46.63 55.89
CA GLY B 43 -72.13 47.14 57.13
C GLY B 43 -71.08 46.30 57.81
N GLU B 44 -70.92 45.04 57.45
CA GLU B 44 -69.90 44.22 58.13
C GLU B 44 -68.81 43.71 57.21
N ARG B 45 -67.60 43.64 57.74
CA ARG B 45 -66.41 43.47 56.90
C ARG B 45 -66.30 42.08 56.28
N ILE B 46 -65.86 42.02 55.02
CA ILE B 46 -65.65 40.76 54.31
C ILE B 46 -64.26 40.22 54.65
N GLU B 47 -64.12 38.90 54.70
CA GLU B 47 -62.85 38.31 55.10
C GLU B 47 -62.08 37.71 53.89
N LYS B 48 -62.70 37.58 52.71
CA LYS B 48 -61.98 37.10 51.52
C LYS B 48 -61.47 38.25 50.64
N VAL B 49 -60.98 39.31 51.29
CA VAL B 49 -60.53 40.53 50.63
C VAL B 49 -59.05 40.42 50.34
N GLU B 50 -58.69 40.39 49.06
CA GLU B 50 -57.28 40.48 48.64
C GLU B 50 -56.91 41.93 48.31
N HIS B 51 -55.62 42.23 48.26
CA HIS B 51 -55.17 43.61 48.00
C HIS B 51 -53.82 43.70 47.39
N SER B 52 -53.59 44.73 46.59
CA SER B 52 -52.37 44.91 45.83
C SER B 52 -51.22 45.49 46.65
N ASP B 53 -50.04 45.50 46.02
CA ASP B 53 -48.84 46.06 46.66
C ASP B 53 -49.02 47.54 46.94
N LEU B 54 -48.54 47.99 48.10
CA LEU B 54 -48.49 49.42 48.39
C LEU B 54 -47.51 50.10 47.44
N SER B 55 -48.01 51.05 46.64
CA SER B 55 -47.17 51.74 45.66
C SER B 55 -47.38 53.26 45.70
N PHE B 56 -46.60 54.00 44.88
CA PHE B 56 -46.76 55.44 44.81
C PHE B 56 -46.66 56.04 43.41
N SER B 57 -47.12 57.28 43.28
CA SER B 57 -47.22 57.95 41.98
C SER B 57 -46.12 58.98 41.75
N LYS B 58 -46.08 59.48 40.53
CA LYS B 58 -45.19 60.57 40.15
C LYS B 58 -45.09 61.60 41.24
N ASP B 59 -46.19 61.96 41.90
CA ASP B 59 -46.11 63.03 42.90
C ASP B 59 -45.76 62.55 44.30
N TRP B 60 -45.23 61.33 44.38
CA TRP B 60 -44.90 60.65 45.63
C TRP B 60 -46.02 60.23 46.52
N SER B 61 -47.24 60.56 46.21
CA SER B 61 -48.30 60.15 47.09
C SER B 61 -48.57 58.66 46.89
N PHE B 62 -48.91 57.95 47.96
CA PHE B 62 -49.14 56.51 47.93
C PHE B 62 -50.54 56.17 47.43
N TYR B 63 -50.70 54.90 47.01
CA TYR B 63 -51.96 54.36 46.57
C TYR B 63 -52.02 52.83 46.69
N LEU B 64 -53.21 52.27 46.61
CA LEU B 64 -53.48 50.92 47.05
C LEU B 64 -54.82 50.45 46.50
N LEU B 65 -54.89 49.19 46.05
CA LEU B 65 -56.15 48.58 45.56
C LEU B 65 -56.56 47.42 46.44
N TYR B 66 -57.71 47.54 47.09
CA TYR B 66 -58.33 46.39 47.78
C TYR B 66 -59.47 45.90 46.94
N TYR B 67 -59.66 44.59 46.89
CA TYR B 67 -60.66 44.03 46.00
C TYR B 67 -61.11 42.66 46.44
N THR B 68 -62.37 42.37 46.14
CA THR B 68 -62.98 41.12 46.54
C THR B 68 -63.81 40.63 45.36
N GLU B 69 -63.90 39.32 45.21
CA GLU B 69 -64.90 38.72 44.33
C GLU B 69 -66.27 38.74 45.02
N PHE B 70 -67.33 38.88 44.24
CA PHE B 70 -68.66 39.02 44.78
C PHE B 70 -69.70 38.94 43.68
N THR B 71 -70.91 38.54 44.06
CA THR B 71 -72.04 38.56 43.15
C THR B 71 -73.08 39.50 43.70
N PRO B 72 -73.23 40.68 43.07
CA PRO B 72 -74.17 41.66 43.59
C PRO B 72 -75.58 41.14 43.49
N THR B 73 -76.42 41.55 44.43
CA THR B 73 -77.84 41.29 44.33
C THR B 73 -78.49 42.65 44.52
N GLU B 74 -79.77 42.78 44.20
CA GLU B 74 -80.44 44.07 44.27
C GLU B 74 -80.41 44.62 45.68
N LYS B 75 -80.57 43.73 46.67
CA LYS B 75 -80.77 44.13 48.09
C LYS B 75 -79.48 44.56 48.76
N ASP B 76 -78.43 43.80 48.52
CA ASP B 76 -77.11 44.02 49.12
C ASP B 76 -76.50 45.43 48.92
N GLU B 77 -75.89 45.96 49.99
CA GLU B 77 -75.21 47.24 49.96
C GLU B 77 -73.75 47.10 50.34
N TYR B 78 -72.85 47.68 49.53
CA TYR B 78 -71.42 47.59 49.81
C TYR B 78 -70.83 48.97 50.08
N ALA B 79 -69.66 48.97 50.69
CA ALA B 79 -69.01 50.22 51.04
C ALA B 79 -67.52 49.98 51.34
N CYS B 80 -66.72 51.05 51.27
CA CYS B 80 -65.33 50.94 51.60
C CYS B 80 -65.06 51.79 52.82
N ARG B 81 -64.31 51.26 53.78
CA ARG B 81 -63.98 52.01 54.99
C ARG B 81 -62.49 52.14 55.18
N VAL B 82 -62.05 53.39 55.23
CA VAL B 82 -60.65 53.77 55.27
C VAL B 82 -60.33 54.56 56.55
N ASN B 83 -59.29 54.17 57.29
CA ASN B 83 -58.72 55.06 58.33
C ASN B 83 -57.31 55.46 57.93
N HIS B 84 -56.91 56.64 58.37
CA HIS B 84 -55.59 57.19 58.08
C HIS B 84 -55.26 58.37 58.99
N VAL B 85 -53.98 58.55 59.30
CA VAL B 85 -53.54 59.63 60.20
C VAL B 85 -54.38 60.91 59.98
N THR B 86 -54.69 61.26 58.72
CA THR B 86 -55.36 62.53 58.43
C THR B 86 -56.89 62.55 58.54
N LEU B 87 -57.49 61.49 59.09
CA LEU B 87 -58.95 61.40 59.14
C LEU B 87 -59.47 61.32 60.56
N SER B 88 -60.32 62.30 60.93
CA SER B 88 -61.00 62.36 62.23
C SER B 88 -61.43 61.00 62.71
N GLN B 89 -62.00 60.22 61.80
CA GLN B 89 -62.60 58.94 62.15
C GLN B 89 -62.81 58.20 60.84
N PRO B 90 -62.90 56.85 60.88
CA PRO B 90 -63.04 56.09 59.65
C PRO B 90 -63.98 56.76 58.67
N LYS B 91 -63.57 56.89 57.41
CA LYS B 91 -64.47 57.37 56.40
C LYS B 91 -65.00 56.15 55.69
N ILE B 92 -66.30 56.17 55.42
CA ILE B 92 -67.01 55.07 54.76
C ILE B 92 -67.58 55.59 53.43
N VAL B 93 -67.19 54.98 52.29
CA VAL B 93 -67.66 55.40 50.98
C VAL B 93 -68.54 54.32 50.42
N LYS B 94 -69.71 54.73 49.94
CA LYS B 94 -70.75 53.81 49.57
C LYS B 94 -70.54 53.54 48.12
N TRP B 95 -70.79 52.31 47.71
CA TRP B 95 -70.58 51.96 46.32
C TRP B 95 -71.70 52.44 45.44
N ASP B 96 -71.49 53.54 44.73
CA ASP B 96 -72.42 53.99 43.72
C ASP B 96 -72.38 52.97 42.60
N ARG B 97 -73.55 52.42 42.28
CA ARG B 97 -73.71 51.47 41.18
C ARG B 97 -73.26 51.92 39.76
N ASP B 98 -73.36 53.22 39.48
CA ASP B 98 -73.15 53.77 38.13
C ASP B 98 -71.68 53.93 37.71
N MET B 99 -70.78 54.10 38.68
CA MET B 99 -69.45 54.63 38.44
C MET B 99 -68.36 53.57 38.37
N HIS C 3 15.37 36.83 30.85
CA HIS C 3 14.96 37.68 29.69
C HIS C 3 14.31 38.94 30.21
N LYS C 4 14.64 40.08 29.61
CA LYS C 4 14.08 41.36 30.03
C LYS C 4 12.59 41.51 29.73
N SER C 5 12.11 40.91 28.64
CA SER C 5 10.73 41.13 28.17
C SER C 5 9.96 39.84 28.16
N GLU C 6 8.84 39.79 28.88
CA GLU C 6 8.01 38.60 28.88
C GLU C 6 7.22 38.48 27.57
N VAL C 7 6.73 39.59 27.02
CA VAL C 7 5.97 39.48 25.77
C VAL C 7 6.83 38.83 24.72
N ALA C 8 8.11 39.21 24.71
CA ALA C 8 9.06 38.69 23.74
C ALA C 8 9.20 37.19 23.89
N HIS C 9 9.52 36.75 25.10
CA HIS C 9 9.70 35.35 25.43
C HIS C 9 8.58 34.50 24.88
N ARG C 10 7.35 34.84 25.24
CA ARG C 10 6.22 34.01 24.86
C ARG C 10 6.09 33.94 23.36
N PHE C 11 6.12 35.09 22.71
CA PHE C 11 5.99 35.16 21.26
C PHE C 11 6.97 34.23 20.57
N LYS C 12 8.23 34.28 21.02
CA LYS C 12 9.27 33.38 20.53
C LYS C 12 8.85 31.92 20.70
N ASP C 13 8.60 31.53 21.96
CA ASP C 13 8.26 30.15 22.32
C ASP C 13 7.02 29.62 21.59
N LEU C 14 5.93 30.37 21.62
CA LEU C 14 4.66 29.86 21.16
C LEU C 14 4.58 29.92 19.65
N GLY C 15 5.37 30.81 19.06
CA GLY C 15 5.24 31.13 17.65
C GLY C 15 4.13 32.12 17.41
N GLU C 16 4.17 32.80 16.27
CA GLU C 16 3.22 33.86 15.96
C GLU C 16 1.76 33.41 15.90
N GLU C 17 1.48 32.31 15.24
CA GLU C 17 0.07 31.98 14.99
C GLU C 17 -0.67 31.60 16.25
N ASN C 18 0.00 30.87 17.14
CA ASN C 18 -0.57 30.47 18.44
C ASN C 18 -0.76 31.68 19.34
N PHE C 19 0.25 32.55 19.31
CA PHE C 19 0.23 33.80 20.07
C PHE C 19 -1.03 34.62 19.77
N LYS C 20 -1.23 34.92 18.49
CA LYS C 20 -2.37 35.69 18.03
C LYS C 20 -3.66 35.03 18.45
N ALA C 21 -3.68 33.70 18.43
CA ALA C 21 -4.87 32.99 18.83
C ALA C 21 -5.11 33.18 20.33
N LEU C 22 -4.08 32.90 21.12
CA LEU C 22 -4.22 32.96 22.57
C LEU C 22 -4.60 34.37 23.03
N VAL C 23 -3.97 35.38 22.44
CA VAL C 23 -4.36 36.75 22.75
C VAL C 23 -5.83 37.01 22.39
N LEU C 24 -6.28 36.53 21.23
CA LEU C 24 -7.67 36.72 20.83
C LEU C 24 -8.59 36.02 21.81
N ILE C 25 -8.17 34.85 22.30
CA ILE C 25 -8.94 34.18 23.32
C ILE C 25 -8.95 35.10 24.52
N ALA C 26 -7.78 35.54 24.96
CA ALA C 26 -7.70 36.38 26.16
C ALA C 26 -8.75 37.45 26.14
N PHE C 27 -8.80 38.23 25.08
CA PHE C 27 -9.72 39.39 25.04
C PHE C 27 -11.17 38.94 24.98
N ALA C 28 -11.45 37.90 24.19
CA ALA C 28 -12.79 37.33 24.13
C ALA C 28 -13.29 36.97 25.51
N GLN C 29 -12.45 36.28 26.28
CA GLN C 29 -12.85 35.84 27.60
C GLN C 29 -13.15 37.02 28.54
N TYR C 30 -12.36 38.10 28.49
CA TYR C 30 -12.62 39.28 29.36
C TYR C 30 -13.77 40.16 28.82
N LEU C 31 -13.70 40.55 27.56
CA LEU C 31 -14.70 41.42 26.97
C LEU C 31 -15.62 40.60 26.11
N GLN C 32 -16.66 40.04 26.71
CA GLN C 32 -17.49 39.08 25.98
C GLN C 32 -18.46 39.66 24.92
N GLN C 33 -18.63 40.98 24.81
CA GLN C 33 -19.64 41.58 23.90
C GLN C 33 -19.08 42.59 22.88
N CYS C 34 -17.87 43.08 23.11
CA CYS C 34 -17.08 43.77 22.09
C CYS C 34 -17.25 42.92 20.80
N PRO C 35 -17.76 43.52 19.70
CA PRO C 35 -17.82 42.86 18.39
C PRO C 35 -16.49 42.33 17.90
N PHE C 36 -16.55 41.32 17.06
CA PHE C 36 -15.36 40.60 16.62
C PHE C 36 -14.25 41.49 16.03
N GLU C 37 -14.65 42.44 15.20
CA GLU C 37 -13.70 43.23 14.39
C GLU C 37 -12.73 43.95 15.32
N ASP C 38 -13.30 44.44 16.42
CA ASP C 38 -12.59 45.21 17.43
C ASP C 38 -11.47 44.39 18.10
N HIS C 39 -11.80 43.18 18.51
CA HIS C 39 -10.84 42.26 19.10
C HIS C 39 -9.70 42.07 18.17
N VAL C 40 -10.00 41.91 16.88
CA VAL C 40 -8.94 41.69 15.89
C VAL C 40 -7.97 42.90 15.86
N LYS C 41 -8.51 44.12 15.95
CA LYS C 41 -7.65 45.31 15.98
C LYS C 41 -6.78 45.24 17.23
N LEU C 42 -7.41 44.99 18.38
CA LEU C 42 -6.69 44.84 19.66
C LEU C 42 -5.65 43.76 19.59
N VAL C 43 -6.00 42.60 19.06
CA VAL C 43 -5.03 41.50 18.97
C VAL C 43 -3.88 41.92 18.11
N ASN C 44 -4.21 42.54 16.98
CA ASN C 44 -3.20 42.92 16.00
C ASN C 44 -2.29 44.01 16.53
N GLU C 45 -2.84 44.90 17.33
CA GLU C 45 -2.04 45.91 18.02
C GLU C 45 -1.03 45.26 18.99
N VAL C 46 -1.52 44.38 19.85
CA VAL C 46 -0.69 43.70 20.85
C VAL C 46 0.39 42.83 20.17
N THR C 47 0.04 42.17 19.07
CA THR C 47 1.01 41.39 18.31
C THR C 47 2.14 42.27 17.81
N GLU C 48 1.75 43.32 17.11
CA GLU C 48 2.70 44.24 16.48
C GLU C 48 3.61 44.91 17.51
N PHE C 49 3.07 45.20 18.68
CA PHE C 49 3.89 45.63 19.79
C PHE C 49 4.92 44.56 20.17
N ALA C 50 4.46 43.31 20.24
CA ALA C 50 5.34 42.22 20.61
C ALA C 50 6.48 42.11 19.62
N LYS C 51 6.18 42.20 18.33
CA LYS C 51 7.21 42.07 17.27
C LYS C 51 8.38 43.05 17.45
N THR C 52 8.07 44.19 18.04
CA THR C 52 9.05 45.23 18.30
C THR C 52 9.89 44.94 19.55
N CYS C 53 9.56 43.89 20.30
CA CYS C 53 10.39 43.44 21.43
C CYS C 53 11.15 42.17 21.08
N VAL C 54 10.57 41.35 20.21
CA VAL C 54 11.31 40.27 19.59
C VAL C 54 12.47 40.89 18.82
N ALA C 55 12.23 42.07 18.23
CA ALA C 55 13.26 42.90 17.60
C ALA C 55 14.28 43.49 18.61
N ASP C 56 13.85 44.36 19.52
CA ASP C 56 14.73 44.90 20.56
C ASP C 56 14.11 44.75 21.96
N GLU C 57 14.66 43.84 22.78
CA GLU C 57 14.11 43.52 24.12
C GLU C 57 14.20 44.65 25.16
N SER C 58 14.91 45.72 24.84
CA SER C 58 14.99 46.86 25.75
C SER C 58 14.13 48.04 25.29
N ALA C 59 13.50 47.92 24.12
CA ALA C 59 12.66 48.99 23.54
C ALA C 59 11.56 49.47 24.48
N GLU C 60 11.00 50.64 24.16
CA GLU C 60 9.98 51.33 24.99
C GLU C 60 8.82 50.41 25.44
N ASN C 61 8.71 50.19 26.75
CA ASN C 61 7.60 49.44 27.36
C ASN C 61 7.70 47.91 27.42
N CYS C 62 8.67 47.28 26.75
CA CYS C 62 8.71 45.82 26.69
C CYS C 62 9.02 45.15 28.03
N ASP C 63 9.50 45.93 28.98
CA ASP C 63 9.74 45.45 30.35
C ASP C 63 8.46 45.10 31.12
N LYS C 64 7.33 45.71 30.72
CA LYS C 64 6.08 45.59 31.48
C LYS C 64 5.55 44.16 31.53
N SER C 65 4.79 43.88 32.58
CA SER C 65 4.19 42.56 32.74
C SER C 65 3.03 42.41 31.78
N LEU C 66 2.67 41.15 31.49
CA LEU C 66 1.57 40.85 30.57
C LEU C 66 0.26 41.42 31.11
N HIS C 67 0.10 41.42 32.43
CA HIS C 67 -1.13 41.96 33.01
C HIS C 67 -1.23 43.45 32.81
N THR C 68 -0.15 44.19 33.02
CA THR C 68 -0.18 45.63 32.74
C THR C 68 -0.56 45.91 31.28
N LEU C 69 -0.01 45.13 30.34
CA LEU C 69 -0.23 45.41 28.91
C LEU C 69 -1.64 45.10 28.45
N PHE C 70 -2.15 43.95 28.88
CA PHE C 70 -3.51 43.51 28.54
C PHE C 70 -4.52 44.38 29.29
N GLY C 71 -4.20 44.73 30.54
CA GLY C 71 -4.92 45.77 31.26
C GLY C 71 -4.95 47.12 30.52
N ASP C 72 -3.82 47.81 30.47
CA ASP C 72 -3.72 49.06 29.72
C ASP C 72 -4.66 49.03 28.50
N LYS C 73 -4.61 47.93 27.75
CA LYS C 73 -5.36 47.80 26.50
C LYS C 73 -6.89 47.65 26.69
N LEU C 74 -7.31 46.95 27.73
CA LEU C 74 -8.75 46.71 27.97
C LEU C 74 -9.46 47.98 28.41
N CYS C 75 -8.70 48.88 29.01
CA CYS C 75 -9.20 50.18 29.39
C CYS C 75 -9.24 51.18 28.22
N THR C 76 -8.70 50.78 27.06
CA THR C 76 -8.95 51.43 25.74
C THR C 76 -10.50 51.67 25.60
N VAL C 77 -11.30 50.60 25.76
CA VAL C 77 -12.77 50.71 25.72
C VAL C 77 -13.24 51.18 27.10
N ALA C 78 -13.48 52.49 27.27
CA ALA C 78 -13.90 53.08 28.57
C ALA C 78 -15.43 52.93 28.81
N THR C 79 -16.20 52.92 27.71
CA THR C 79 -17.68 52.73 27.72
C THR C 79 -18.07 51.63 28.67
N LEU C 80 -17.18 50.63 28.75
CA LEU C 80 -17.34 49.40 29.56
C LEU C 80 -18.63 49.35 30.37
N ARG C 81 -18.86 50.39 31.18
CA ARG C 81 -20.02 50.45 32.06
C ARG C 81 -21.31 50.31 31.30
N GLU C 82 -21.46 51.11 30.25
CA GLU C 82 -22.69 51.14 29.47
C GLU C 82 -22.94 49.78 28.82
N THR C 83 -21.87 49.08 28.47
CA THR C 83 -22.00 47.81 27.74
C THR C 83 -21.59 46.53 28.54
N TYR C 84 -20.99 46.70 29.73
CA TYR C 84 -20.57 45.56 30.64
C TYR C 84 -20.89 45.69 32.17
N GLY C 85 -20.86 46.90 32.71
CA GLY C 85 -21.28 47.09 34.10
C GLY C 85 -20.11 47.15 35.03
N GLU C 86 -20.21 46.54 36.20
CA GLU C 86 -19.18 46.69 37.25
C GLU C 86 -17.73 46.41 36.80
N MET C 87 -17.54 45.97 35.55
CA MET C 87 -16.23 45.91 34.89
C MET C 87 -15.47 47.25 34.89
N ALA C 88 -16.17 48.37 34.64
CA ALA C 88 -15.54 49.71 34.53
C ALA C 88 -14.85 50.10 35.82
N ASP C 89 -15.46 49.75 36.94
CA ASP C 89 -14.90 49.97 38.27
C ASP C 89 -13.47 49.47 38.36
N CYS C 90 -13.10 48.55 37.49
CA CYS C 90 -11.77 47.92 37.55
C CYS C 90 -10.72 48.78 36.91
N CYS C 91 -11.08 49.51 35.86
CA CYS C 91 -10.12 50.41 35.24
C CYS C 91 -9.66 51.51 36.22
N ALA C 92 -10.48 51.78 37.23
CA ALA C 92 -10.12 52.58 38.40
C ALA C 92 -8.84 52.13 39.10
N LYS C 93 -8.64 50.82 39.23
CA LYS C 93 -7.56 50.26 40.07
C LYS C 93 -6.24 50.09 39.33
N GLN C 94 -5.20 49.73 40.10
CA GLN C 94 -3.87 49.47 39.59
C GLN C 94 -3.46 48.04 39.90
N GLU C 95 -2.57 47.51 39.07
CA GLU C 95 -2.10 46.14 39.23
C GLU C 95 -1.50 45.99 40.60
N PRO C 96 -1.72 44.85 41.28
CA PRO C 96 -2.37 43.62 40.88
C PRO C 96 -3.89 43.53 41.18
N GLU C 97 -4.42 44.43 42.01
CA GLU C 97 -5.86 44.41 42.38
C GLU C 97 -6.76 44.48 41.14
N ARG C 98 -6.23 45.09 40.10
CA ARG C 98 -6.96 45.32 38.85
C ARG C 98 -7.30 44.00 38.15
N ASN C 99 -6.32 43.14 37.96
CA ASN C 99 -6.57 41.85 37.35
C ASN C 99 -7.52 40.94 38.15
N GLU C 100 -7.50 41.04 39.49
CA GLU C 100 -8.38 40.21 40.36
C GLU C 100 -9.80 40.66 40.10
N CYS C 101 -9.93 41.95 39.83
CA CYS C 101 -11.20 42.56 39.56
C CYS C 101 -11.73 41.98 38.25
N PHE C 102 -10.97 42.13 37.18
CA PHE C 102 -11.37 41.60 35.87
C PHE C 102 -11.75 40.14 35.91
N LEU C 103 -11.08 39.38 36.79
CA LEU C 103 -11.35 37.95 36.95
C LEU C 103 -12.66 37.66 37.64
N GLN C 104 -13.01 38.45 38.65
CA GLN C 104 -14.31 38.30 39.30
C GLN C 104 -15.45 38.63 38.32
N HIS C 105 -15.20 39.55 37.39
CA HIS C 105 -16.25 40.03 36.50
C HIS C 105 -16.16 39.41 35.13
N LYS C 106 -16.00 38.09 35.10
CA LYS C 106 -16.23 37.29 33.91
C LYS C 106 -17.44 36.47 34.24
N ASP C 107 -18.37 36.33 33.30
CA ASP C 107 -19.50 35.40 33.48
C ASP C 107 -20.25 35.77 34.78
N ASP C 108 -20.49 37.07 34.94
CA ASP C 108 -21.62 37.55 35.71
C ASP C 108 -22.82 37.23 34.80
N ASN C 109 -22.66 37.54 33.51
CA ASN C 109 -23.63 37.21 32.49
C ASN C 109 -23.20 35.94 31.74
N PRO C 110 -23.65 34.74 32.20
CA PRO C 110 -23.48 33.69 31.20
C PRO C 110 -24.39 34.08 30.05
N ASN C 111 -25.61 34.46 30.43
CA ASN C 111 -26.81 34.44 29.58
C ASN C 111 -26.76 35.42 28.40
N LEU C 112 -25.91 35.05 27.44
CA LEU C 112 -25.67 35.80 26.22
C LEU C 112 -26.39 35.09 25.04
N PRO C 113 -26.97 35.85 24.09
CA PRO C 113 -27.59 35.20 22.93
C PRO C 113 -27.00 33.84 22.51
N ARG C 114 -27.85 32.89 22.13
CA ARG C 114 -27.41 31.61 21.58
C ARG C 114 -26.81 31.80 20.18
N LEU C 115 -25.99 30.84 19.74
CA LEU C 115 -25.41 30.85 18.38
C LEU C 115 -26.30 30.00 17.46
N VAL C 116 -27.20 30.64 16.72
CA VAL C 116 -27.89 29.96 15.62
C VAL C 116 -26.82 29.71 14.54
N ARG C 117 -26.58 28.44 14.22
CA ARG C 117 -25.67 28.06 13.14
C ARG C 117 -26.14 28.59 11.79
N PRO C 118 -25.27 29.30 11.06
CA PRO C 118 -25.65 29.60 9.67
C PRO C 118 -25.88 28.32 8.88
N GLU C 119 -26.46 28.45 7.70
CA GLU C 119 -26.74 27.28 6.89
C GLU C 119 -25.43 26.72 6.33
N VAL C 120 -25.36 25.40 6.30
CA VAL C 120 -24.14 24.66 6.02
C VAL C 120 -23.41 25.18 4.76
N ASP C 121 -24.17 25.61 3.75
CA ASP C 121 -23.59 26.13 2.51
C ASP C 121 -22.98 27.51 2.68
N VAL C 122 -23.65 28.36 3.45
CA VAL C 122 -23.13 29.72 3.69
C VAL C 122 -21.83 29.63 4.49
N MET C 123 -21.74 28.62 5.37
CA MET C 123 -20.57 28.41 6.19
C MET C 123 -19.44 27.97 5.29
N CYS C 124 -19.72 26.99 4.44
CA CYS C 124 -18.71 26.50 3.48
C CYS C 124 -18.29 27.55 2.44
N THR C 125 -19.22 28.46 2.09
CA THR C 125 -18.87 29.69 1.35
C THR C 125 -17.74 30.40 2.13
N ALA C 126 -18.10 30.91 3.31
CA ALA C 126 -17.22 31.74 4.13
C ALA C 126 -15.87 31.08 4.37
N PHE C 127 -15.88 29.77 4.53
CA PHE C 127 -14.67 29.02 4.86
C PHE C 127 -13.70 28.98 3.69
N HIS C 128 -14.24 28.68 2.52
CA HIS C 128 -13.48 28.67 1.29
C HIS C 128 -12.97 30.07 1.00
N ASP C 129 -13.82 31.10 1.21
CA ASP C 129 -13.45 32.54 1.01
C ASP C 129 -12.39 33.01 2.00
N ASN C 130 -12.75 33.83 2.98
CA ASN C 130 -11.76 34.13 4.02
C ASN C 130 -11.70 33.04 5.11
N GLU C 131 -10.79 32.09 4.92
CA GLU C 131 -10.64 30.98 5.83
C GLU C 131 -10.03 31.45 7.13
N GLU C 132 -8.89 32.12 7.03
CA GLU C 132 -8.14 32.55 8.20
C GLU C 132 -9.07 33.21 9.23
N THR C 133 -9.99 34.03 8.75
CA THR C 133 -10.99 34.64 9.63
C THR C 133 -12.01 33.67 10.19
N PHE C 134 -12.75 32.99 9.32
CA PHE C 134 -13.77 32.03 9.76
C PHE C 134 -13.36 31.27 11.01
N LEU C 135 -12.11 30.80 11.05
CA LEU C 135 -11.58 30.12 12.22
C LEU C 135 -11.39 31.07 13.41
N LYS C 136 -10.92 32.30 13.18
CA LYS C 136 -10.85 33.29 14.28
C LYS C 136 -12.24 33.53 14.88
N LYS C 137 -13.27 33.59 14.04
CA LYS C 137 -14.63 33.78 14.56
C LYS C 137 -15.11 32.61 15.43
N TYR C 138 -14.69 31.39 15.09
CA TYR C 138 -14.94 30.23 15.93
C TYR C 138 -14.31 30.47 17.30
N LEU C 139 -12.99 30.71 17.31
CA LEU C 139 -12.26 31.00 18.57
C LEU C 139 -12.97 32.07 19.37
N TYR C 140 -13.35 33.17 18.72
CA TYR C 140 -14.00 34.28 19.41
C TYR C 140 -15.35 33.87 19.97
N GLU C 141 -16.18 33.23 19.15
CA GLU C 141 -17.54 32.85 19.58
C GLU C 141 -17.50 31.85 20.75
N ILE C 142 -16.64 30.83 20.67
CA ILE C 142 -16.54 29.89 21.76
C ILE C 142 -15.92 30.51 23.02
N ALA C 143 -14.83 31.25 22.85
CA ALA C 143 -14.10 31.83 23.97
C ALA C 143 -15.00 32.72 24.79
N ARG C 144 -15.82 33.52 24.13
CA ARG C 144 -16.58 34.50 24.83
C ARG C 144 -17.80 33.92 25.53
N ARG C 145 -18.23 32.73 25.16
CA ARG C 145 -19.28 32.09 25.94
C ARG C 145 -18.74 31.19 27.04
N HIS C 146 -17.43 31.03 27.12
CA HIS C 146 -16.84 30.13 28.12
C HIS C 146 -15.58 30.70 28.66
N PRO C 147 -15.71 31.75 29.47
CA PRO C 147 -14.55 32.57 29.79
C PRO C 147 -13.48 31.84 30.60
N TYR C 148 -13.76 30.59 30.98
CA TYR C 148 -12.80 29.80 31.75
C TYR C 148 -12.31 28.61 30.93
N PHE C 149 -12.79 28.50 29.70
CA PHE C 149 -12.31 27.47 28.79
C PHE C 149 -10.79 27.45 28.71
N TYR C 150 -10.26 26.24 28.76
CA TYR C 150 -8.83 25.96 28.87
C TYR C 150 -8.14 26.34 27.59
N ALA C 151 -7.51 27.51 27.58
CA ALA C 151 -7.02 28.11 26.35
C ALA C 151 -6.33 27.12 25.38
N PRO C 152 -5.30 26.41 25.84
CA PRO C 152 -4.59 25.45 24.99
C PRO C 152 -5.44 24.38 24.33
N GLU C 153 -6.45 23.84 25.03
CA GLU C 153 -7.34 22.88 24.38
C GLU C 153 -8.15 23.58 23.31
N LEU C 154 -8.55 24.82 23.54
CA LEU C 154 -9.38 25.50 22.55
C LEU C 154 -8.64 25.62 21.22
N LEU C 155 -7.33 25.81 21.28
CA LEU C 155 -6.53 25.83 20.06
C LEU C 155 -6.71 24.53 19.29
N PHE C 156 -6.69 23.41 20.01
CA PHE C 156 -6.87 22.08 19.42
C PHE C 156 -8.28 21.90 18.87
N PHE C 157 -9.30 22.30 19.61
CA PHE C 157 -10.63 22.31 19.05
C PHE C 157 -10.64 23.12 17.76
N ALA C 158 -9.95 24.25 17.71
CA ALA C 158 -9.91 25.02 16.49
C ALA C 158 -9.29 24.20 15.32
N LYS C 159 -8.29 23.35 15.57
CA LYS C 159 -7.77 22.50 14.51
C LYS C 159 -8.79 21.46 14.06
N ARG C 160 -9.58 20.93 14.99
CA ARG C 160 -10.63 19.97 14.65
C ARG C 160 -11.72 20.63 13.79
N TYR C 161 -12.16 21.82 14.18
CA TYR C 161 -13.14 22.55 13.39
C TYR C 161 -12.64 22.62 11.95
N LYS C 162 -11.44 23.15 11.76
CA LYS C 162 -10.87 23.31 10.41
C LYS C 162 -10.84 21.98 9.65
N ALA C 163 -10.34 20.94 10.32
CA ALA C 163 -10.35 19.58 9.76
C ALA C 163 -11.70 19.15 9.23
N ALA C 164 -12.78 19.43 9.97
CA ALA C 164 -14.14 19.06 9.56
C ALA C 164 -14.55 19.76 8.27
N PHE C 165 -14.28 21.06 8.17
CA PHE C 165 -14.61 21.80 6.94
C PHE C 165 -13.68 21.42 5.75
N THR C 166 -12.39 21.16 6.03
CA THR C 166 -11.46 20.65 5.02
C THR C 166 -11.98 19.34 4.44
N GLU C 167 -12.56 18.52 5.29
CA GLU C 167 -12.99 17.17 4.94
C GLU C 167 -14.42 17.09 4.39
N CYS C 168 -15.21 18.17 4.48
CA CYS C 168 -16.66 18.08 4.18
C CYS C 168 -17.25 19.08 3.17
N CYS C 169 -16.55 20.14 2.81
CA CYS C 169 -17.14 21.15 1.93
C CYS C 169 -17.01 20.75 0.47
N GLN C 170 -16.37 19.63 0.20
CA GLN C 170 -16.30 19.11 -1.16
C GLN C 170 -17.41 18.09 -1.43
N ALA C 171 -18.24 17.80 -0.43
CA ALA C 171 -19.32 16.82 -0.53
C ALA C 171 -20.56 17.44 -1.10
N ALA C 172 -21.37 16.57 -1.73
CA ALA C 172 -22.63 16.95 -2.36
C ALA C 172 -23.64 17.25 -1.27
N ASP C 173 -23.86 16.29 -0.38
CA ASP C 173 -24.63 16.52 0.85
C ASP C 173 -23.69 16.94 2.00
N LYS C 174 -23.45 18.24 2.11
CA LYS C 174 -22.55 18.79 3.11
C LYS C 174 -23.09 18.63 4.54
N ALA C 175 -24.40 18.85 4.72
CA ALA C 175 -25.04 18.70 6.04
C ALA C 175 -24.85 17.30 6.61
N ALA C 176 -25.19 16.28 5.85
CA ALA C 176 -24.98 14.88 6.28
C ALA C 176 -23.55 14.62 6.80
N CYS C 177 -22.55 15.26 6.20
CA CYS C 177 -21.13 15.03 6.50
C CYS C 177 -20.74 15.77 7.75
N LEU C 178 -21.06 17.07 7.74
CA LEU C 178 -20.54 18.01 8.71
C LEU C 178 -21.27 18.02 10.06
N LEU C 179 -22.57 18.33 10.08
CA LEU C 179 -23.31 18.53 11.34
C LEU C 179 -23.05 17.43 12.40
N PRO C 180 -22.92 16.17 12.00
CA PRO C 180 -22.48 15.20 12.98
C PRO C 180 -21.14 15.51 13.65
N LYS C 181 -20.16 15.92 12.86
CA LYS C 181 -18.85 16.28 13.39
C LYS C 181 -18.87 17.55 14.25
N LEU C 182 -19.59 18.56 13.80
CA LEU C 182 -19.71 19.80 14.57
C LEU C 182 -20.50 19.56 15.85
N ASP C 183 -21.44 18.63 15.81
CA ASP C 183 -22.26 18.36 17.00
C ASP C 183 -21.49 17.57 18.07
N GLU C 184 -20.63 16.65 17.66
CA GLU C 184 -19.74 15.98 18.61
C GLU C 184 -18.72 16.96 19.20
N LEU C 185 -18.23 17.84 18.34
CA LEU C 185 -17.22 18.81 18.69
C LEU C 185 -17.78 19.83 19.63
N ARG C 186 -19.07 20.16 19.46
CA ARG C 186 -19.75 21.04 20.40
C ARG C 186 -19.95 20.34 21.74
N ASP C 187 -20.25 19.05 21.72
CA ASP C 187 -20.52 18.31 22.94
C ASP C 187 -19.25 18.08 23.74
N GLU C 188 -18.17 17.67 23.08
CA GLU C 188 -16.85 17.62 23.71
C GLU C 188 -16.50 18.96 24.34
N GLY C 189 -16.82 20.02 23.64
CA GLY C 189 -16.49 21.36 24.09
C GLY C 189 -17.20 21.76 25.35
N LYS C 190 -18.50 21.53 25.39
CA LYS C 190 -19.28 21.96 26.52
C LYS C 190 -18.84 21.17 27.78
N ALA C 191 -18.50 19.89 27.64
CA ALA C 191 -17.99 19.09 28.76
C ALA C 191 -16.61 19.58 29.23
N SER C 192 -15.72 19.87 28.30
CA SER C 192 -14.40 20.44 28.62
C SER C 192 -14.52 21.75 29.40
N SER C 193 -15.26 22.72 28.87
CA SER C 193 -15.46 23.99 29.58
C SER C 193 -15.89 23.79 31.05
N ALA C 194 -16.78 22.82 31.28
CA ALA C 194 -17.35 22.54 32.58
C ALA C 194 -16.30 21.93 33.49
N LYS C 195 -15.56 20.93 33.01
CA LYS C 195 -14.49 20.33 33.83
C LYS C 195 -13.45 21.36 34.27
N GLN C 196 -13.20 22.32 33.39
CA GLN C 196 -12.20 23.36 33.63
C GLN C 196 -12.69 24.38 34.65
N ARG C 197 -13.98 24.73 34.60
CA ARG C 197 -14.57 25.65 35.57
C ARG C 197 -14.54 25.10 36.99
N LEU C 198 -14.65 23.78 37.13
CA LEU C 198 -14.46 23.14 38.40
C LEU C 198 -13.00 23.16 38.81
N LYS C 199 -12.11 22.88 37.90
CA LYS C 199 -10.71 23.04 38.18
C LYS C 199 -10.36 24.45 38.76
N CYS C 200 -10.86 25.53 38.16
CA CYS C 200 -10.56 26.88 38.64
C CYS C 200 -11.27 27.23 39.93
N ALA C 201 -12.50 26.74 40.11
CA ALA C 201 -13.24 26.99 41.36
C ALA C 201 -12.42 26.33 42.43
N SER C 202 -12.03 25.07 42.18
CA SER C 202 -11.21 24.35 43.12
C SER C 202 -10.03 25.21 43.56
N LEU C 203 -9.22 25.64 42.60
CA LEU C 203 -8.05 26.47 42.91
C LEU C 203 -8.39 27.79 43.61
N GLN C 204 -9.20 28.63 42.99
CA GLN C 204 -9.55 29.96 43.55
C GLN C 204 -10.27 29.90 44.88
N LYS C 205 -11.41 29.25 44.94
CA LYS C 205 -12.27 29.31 46.13
C LYS C 205 -11.91 28.31 47.21
N PHE C 206 -11.24 27.20 46.87
CA PHE C 206 -10.93 26.17 47.91
C PHE C 206 -9.46 25.98 48.22
N GLY C 207 -8.56 26.52 47.41
CA GLY C 207 -7.13 26.42 47.70
C GLY C 207 -6.38 25.36 46.93
N GLU C 208 -5.06 25.51 46.92
CA GLU C 208 -4.13 24.62 46.23
C GLU C 208 -4.22 23.20 46.78
N ARG C 209 -4.25 23.09 48.10
CA ARG C 209 -4.45 21.81 48.76
C ARG C 209 -5.58 20.99 48.15
N ALA C 210 -6.71 21.63 47.82
CA ALA C 210 -7.89 20.88 47.38
C ALA C 210 -7.69 20.35 45.99
N PHE C 211 -7.09 21.16 45.14
CA PHE C 211 -6.83 20.74 43.78
C PHE C 211 -5.75 19.68 43.79
N LYS C 212 -4.70 19.86 44.55
CA LYS C 212 -3.62 18.90 44.52
C LYS C 212 -4.14 17.51 44.87
N ALA C 213 -5.01 17.44 45.86
CA ALA C 213 -5.65 16.18 46.27
C ALA C 213 -6.40 15.56 45.08
N TRP C 214 -7.13 16.39 44.35
CA TRP C 214 -7.80 15.89 43.19
C TRP C 214 -6.82 15.33 42.20
N ALA C 215 -5.81 16.12 41.85
CA ALA C 215 -4.82 15.76 40.82
C ALA C 215 -4.08 14.48 41.18
N VAL C 216 -3.78 14.30 42.45
CA VAL C 216 -3.06 13.12 42.87
C VAL C 216 -3.94 11.90 42.68
N ALA C 217 -5.21 12.01 43.08
CA ALA C 217 -6.17 10.91 42.92
C ALA C 217 -6.28 10.56 41.44
N ARG C 218 -6.32 11.60 40.62
CA ARG C 218 -6.68 11.42 39.26
C ARG C 218 -5.53 10.84 38.48
N LEU C 219 -4.33 11.41 38.68
CA LEU C 219 -3.17 10.93 37.95
C LEU C 219 -2.83 9.52 38.38
N SER C 220 -2.99 9.22 39.66
CA SER C 220 -2.66 7.87 40.16
C SER C 220 -3.53 6.75 39.57
N GLN C 221 -4.75 7.10 39.15
CA GLN C 221 -5.61 6.17 38.46
C GLN C 221 -5.03 5.84 37.09
N ARG C 222 -4.45 6.84 36.45
CA ARG C 222 -4.00 6.74 35.05
C ARG C 222 -2.61 6.21 34.91
N PHE C 223 -1.82 6.34 35.98
CA PHE C 223 -0.39 6.05 35.96
C PHE C 223 -0.05 5.19 37.16
N PRO C 224 -0.83 4.12 37.38
CA PRO C 224 -0.72 3.36 38.58
C PRO C 224 0.64 2.73 38.80
N LYS C 225 1.49 2.66 37.80
CA LYS C 225 2.84 2.14 38.04
C LYS C 225 3.89 3.20 38.38
N ALA C 226 3.56 4.47 38.23
CA ALA C 226 4.48 5.51 38.60
C ALA C 226 4.57 5.54 40.10
N GLU C 227 5.76 5.82 40.57
CA GLU C 227 6.01 6.00 41.98
C GLU C 227 5.40 7.28 42.53
N PHE C 228 4.99 7.26 43.79
CA PHE C 228 4.48 8.45 44.44
C PHE C 228 5.34 9.70 44.19
N ALA C 229 6.65 9.53 44.22
CA ALA C 229 7.58 10.66 44.01
C ALA C 229 7.33 11.29 42.66
N GLU C 230 7.06 10.46 41.66
CA GLU C 230 6.82 10.96 40.30
C GLU C 230 5.45 11.58 40.13
N VAL C 231 4.43 10.99 40.75
CA VAL C 231 3.08 11.53 40.63
C VAL C 231 3.02 12.96 41.23
N SER C 232 3.85 13.21 42.25
CA SER C 232 3.91 14.54 42.88
C SER C 232 4.43 15.60 41.94
N LYS C 233 5.57 15.31 41.32
CA LYS C 233 6.21 16.26 40.42
C LYS C 233 5.24 16.59 39.32
N LEU C 234 4.53 15.57 38.84
CA LEU C 234 3.47 15.81 37.85
C LEU C 234 2.35 16.65 38.50
N VAL C 235 1.90 16.33 39.71
CA VAL C 235 0.83 17.10 40.33
C VAL C 235 1.23 18.56 40.49
N THR C 236 2.49 18.80 40.80
CA THR C 236 3.00 20.17 40.98
C THR C 236 3.01 20.92 39.67
N ASP C 237 3.40 20.22 38.62
CA ASP C 237 3.47 20.79 37.28
C ASP C 237 2.10 21.14 36.80
N LEU C 238 1.18 20.20 36.96
CA LEU C 238 -0.21 20.41 36.61
C LEU C 238 -0.81 21.57 37.40
N THR C 239 -0.43 21.71 38.67
CA THR C 239 -0.92 22.83 39.45
C THR C 239 -0.46 24.18 38.91
N LYS C 240 0.81 24.28 38.51
CA LYS C 240 1.32 25.53 37.95
C LYS C 240 0.57 25.91 36.66
N VAL C 241 0.37 24.91 35.80
CA VAL C 241 -0.29 25.10 34.51
C VAL C 241 -1.69 25.63 34.75
N HIS C 242 -2.48 24.94 35.57
CA HIS C 242 -3.85 25.36 35.76
C HIS C 242 -3.99 26.61 36.54
N THR C 243 -3.15 26.80 37.54
CA THR C 243 -3.17 28.05 38.26
C THR C 243 -3.01 29.18 37.27
N GLU C 244 -2.10 28.99 36.32
CA GLU C 244 -1.86 29.98 35.31
C GLU C 244 -3.03 30.25 34.35
N CYS C 245 -3.69 29.26 33.74
CA CYS C 245 -4.84 29.62 32.85
C CYS C 245 -6.11 30.03 33.63
N CYS C 246 -6.17 29.67 34.90
CA CYS C 246 -7.27 30.15 35.72
C CYS C 246 -7.11 31.64 36.11
N HIS C 247 -5.88 32.09 36.28
CA HIS C 247 -5.62 33.52 36.53
C HIS C 247 -5.55 34.36 35.27
N GLY C 248 -5.85 33.76 34.12
CA GLY C 248 -5.82 34.50 32.85
C GLY C 248 -4.47 34.59 32.15
N ASP C 249 -3.39 34.04 32.74
CA ASP C 249 -2.08 34.05 32.07
C ASP C 249 -1.99 33.01 30.95
N LEU C 250 -2.77 33.22 29.89
CA LEU C 250 -2.95 32.22 28.87
C LEU C 250 -1.63 31.96 28.15
N LEU C 251 -0.89 33.03 27.83
CA LEU C 251 0.39 32.88 27.14
C LEU C 251 1.36 32.06 27.97
N GLU C 252 1.48 32.37 29.25
CA GLU C 252 2.39 31.60 30.08
C GLU C 252 1.95 30.15 30.23
N CYS C 253 0.65 29.91 30.30
CA CYS C 253 0.22 28.56 30.65
C CYS C 253 0.28 27.63 29.47
N ALA C 254 0.11 28.19 28.27
CA ALA C 254 0.23 27.41 27.06
C ALA C 254 1.67 26.92 26.95
N ASP C 255 2.60 27.82 27.19
CA ASP C 255 4.01 27.50 27.09
C ASP C 255 4.30 26.39 28.05
N ASP C 256 3.95 26.61 29.32
CA ASP C 256 4.28 25.67 30.38
C ASP C 256 3.64 24.30 30.12
N ARG C 257 2.45 24.29 29.52
CA ARG C 257 1.80 23.03 29.21
C ARG C 257 2.61 22.28 28.19
N ALA C 258 3.11 23.00 27.18
CA ALA C 258 4.01 22.44 26.15
C ALA C 258 5.20 21.75 26.78
N ASP C 259 5.89 22.47 27.67
CA ASP C 259 7.03 21.93 28.41
C ASP C 259 6.68 20.69 29.26
N LEU C 260 5.50 20.67 29.86
CA LEU C 260 5.06 19.51 30.61
C LEU C 260 4.88 18.31 29.69
N ALA C 261 4.25 18.52 28.53
CA ALA C 261 4.05 17.40 27.61
C ALA C 261 5.43 16.90 27.23
N LYS C 262 6.36 17.83 27.04
CA LYS C 262 7.71 17.46 26.65
C LYS C 262 8.43 16.71 27.77
N TYR C 263 8.21 17.11 29.01
CA TYR C 263 8.79 16.37 30.15
C TYR C 263 8.17 14.97 30.20
N ILE C 264 6.88 14.87 29.93
CA ILE C 264 6.22 13.60 30.08
C ILE C 264 6.79 12.62 29.10
N CYS C 265 6.98 13.05 27.87
CA CYS C 265 7.51 12.17 26.82
C CYS C 265 8.96 11.74 27.07
N GLU C 266 9.80 12.70 27.42
CA GLU C 266 11.17 12.41 27.83
C GLU C 266 11.25 11.39 28.99
N ASN C 267 10.22 11.27 29.83
CA ASN C 267 10.30 10.36 30.99
C ASN C 267 9.21 9.32 31.02
N GLN C 268 8.83 8.92 29.83
CA GLN C 268 7.79 7.93 29.63
C GLN C 268 7.87 6.72 30.53
N ASP C 269 9.10 6.26 30.73
CA ASP C 269 9.37 5.00 31.43
C ASP C 269 8.99 5.04 32.88
N SER C 270 9.20 6.18 33.52
CA SER C 270 8.80 6.31 34.91
C SER C 270 7.33 6.75 35.10
N ILE C 271 6.55 6.82 34.02
CA ILE C 271 5.15 7.26 34.09
C ILE C 271 4.14 6.27 33.50
N SER C 272 4.23 5.89 32.24
CA SER C 272 3.24 4.94 31.68
C SER C 272 3.72 4.32 30.39
N SER C 273 3.43 3.03 30.22
CA SER C 273 3.69 2.34 28.95
C SER C 273 2.71 2.74 27.86
N LYS C 274 1.56 3.32 28.23
CA LYS C 274 0.56 3.67 27.23
C LYS C 274 0.82 5.03 26.54
N LEU C 275 2.04 5.57 26.65
CA LEU C 275 2.32 6.90 26.13
C LEU C 275 3.11 6.92 24.84
N LYS C 276 3.43 5.75 24.30
CA LYS C 276 4.32 5.67 23.14
C LYS C 276 3.73 6.35 21.91
N GLU C 277 2.50 5.99 21.57
CA GLU C 277 1.79 6.53 20.43
C GLU C 277 1.64 8.02 20.54
N CYS C 278 1.18 8.47 21.71
CA CYS C 278 0.93 9.89 21.94
C CYS C 278 2.14 10.79 21.76
N CYS C 279 3.32 10.29 22.11
CA CYS C 279 4.49 11.15 22.15
C CYS C 279 5.09 11.44 20.79
N GLU C 280 4.55 10.79 19.76
CA GLU C 280 5.02 10.97 18.39
C GLU C 280 4.14 11.91 17.59
N LYS C 281 3.34 12.74 18.25
CA LYS C 281 2.39 13.59 17.54
C LYS C 281 2.79 15.08 17.59
N PRO C 282 2.10 15.92 16.79
CA PRO C 282 2.40 17.36 16.77
C PRO C 282 2.00 18.10 18.05
N LEU C 283 2.70 19.21 18.35
CA LEU C 283 2.55 19.94 19.62
C LEU C 283 1.15 19.82 20.21
N LEU C 284 0.14 20.16 19.41
CA LEU C 284 -1.23 20.35 19.91
C LEU C 284 -1.97 19.06 20.20
N GLU C 285 -1.61 17.99 19.49
CA GLU C 285 -2.34 16.73 19.63
C GLU C 285 -1.63 15.83 20.66
N LYS C 286 -0.32 16.07 20.85
CA LYS C 286 0.46 15.49 21.96
C LYS C 286 -0.28 15.69 23.26
N SER C 287 -0.50 16.94 23.62
CA SER C 287 -1.06 17.26 24.93
C SER C 287 -2.48 16.73 25.08
N HIS C 288 -3.24 16.70 23.99
CA HIS C 288 -4.64 16.19 24.02
C HIS C 288 -4.63 14.72 24.20
N CYS C 289 -3.82 14.03 23.41
CA CYS C 289 -3.65 12.58 23.53
C CYS C 289 -3.33 12.16 24.97
N ILE C 290 -2.30 12.78 25.55
CA ILE C 290 -1.82 12.48 26.89
C ILE C 290 -2.87 12.83 27.93
N ALA C 291 -3.69 13.84 27.66
CA ALA C 291 -4.78 14.22 28.58
C ALA C 291 -5.86 13.18 28.50
N GLU C 292 -5.94 12.48 27.37
CA GLU C 292 -7.06 11.61 27.03
C GLU C 292 -6.73 10.09 27.05
N VAL C 293 -5.46 9.73 27.17
CA VAL C 293 -5.05 8.32 26.98
C VAL C 293 -5.46 7.41 28.12
N GLU C 294 -5.38 6.13 27.81
CA GLU C 294 -5.84 5.01 28.61
C GLU C 294 -4.97 4.76 29.83
N ASN C 295 -5.61 4.30 30.90
CA ASN C 295 -4.89 3.99 32.13
C ASN C 295 -3.87 2.88 31.89
N ASP C 296 -2.69 2.97 32.52
CA ASP C 296 -1.73 1.85 32.49
C ASP C 296 -2.33 0.70 33.31
N GLU C 297 -1.91 -0.53 33.04
CA GLU C 297 -2.38 -1.68 33.82
C GLU C 297 -1.69 -1.61 35.18
N MET C 298 -2.39 -2.00 36.23
CA MET C 298 -1.85 -1.83 37.59
C MET C 298 -0.90 -2.97 38.00
N PRO C 299 -0.01 -2.69 38.95
CA PRO C 299 1.04 -3.64 39.23
C PRO C 299 0.56 -4.95 39.81
N ALA C 300 1.53 -5.87 39.86
CA ALA C 300 1.37 -7.26 40.22
C ALA C 300 0.77 -7.44 41.59
N ASP C 301 1.53 -7.13 42.63
CA ASP C 301 1.23 -7.75 43.91
C ASP C 301 1.17 -6.71 44.97
N LEU C 302 0.25 -5.78 44.83
CA LEU C 302 0.23 -4.66 45.73
C LEU C 302 -0.28 -5.16 47.05
N PRO C 303 0.37 -4.75 48.15
CA PRO C 303 -0.11 -5.15 49.44
C PRO C 303 -1.42 -4.45 49.76
N SER C 304 -2.21 -4.98 50.67
CA SER C 304 -3.43 -4.34 51.14
C SER C 304 -3.26 -2.91 51.66
N LEU C 305 -4.26 -2.08 51.37
CA LEU C 305 -4.29 -0.72 51.90
C LEU C 305 -4.20 -0.69 53.44
N ALA C 306 -4.66 -1.73 54.12
CA ALA C 306 -4.46 -1.84 55.58
C ALA C 306 -2.96 -1.80 56.03
N ALA C 307 -2.04 -2.40 55.26
CA ALA C 307 -0.62 -2.36 55.61
C ALA C 307 -0.18 -0.97 56.11
N ASP C 308 -0.17 0.01 55.21
CA ASP C 308 0.40 1.31 55.51
C ASP C 308 -0.49 2.19 56.35
N PHE C 309 -1.78 1.99 56.25
CA PHE C 309 -2.69 2.97 56.79
C PHE C 309 -3.48 2.55 58.03
N VAL C 310 -3.35 1.28 58.43
CA VAL C 310 -3.99 0.79 59.63
C VAL C 310 -3.04 -0.11 60.42
N GLU C 311 -2.43 -1.10 59.78
CA GLU C 311 -1.57 -2.07 60.51
C GLU C 311 -0.21 -1.52 60.93
N SER C 312 0.47 -0.83 60.04
CA SER C 312 1.77 -0.23 60.37
C SER C 312 1.78 0.51 61.71
N LYS C 313 2.87 0.42 62.46
CA LYS C 313 2.96 1.13 63.75
C LYS C 313 3.47 2.54 63.56
N ASP C 314 3.60 2.99 62.31
CA ASP C 314 4.00 4.38 62.04
C ASP C 314 2.85 5.30 61.60
N VAL C 315 1.61 4.83 61.60
CA VAL C 315 0.53 5.65 61.08
C VAL C 315 0.62 7.04 61.72
N CYS C 316 0.35 7.16 63.02
CA CYS C 316 0.27 8.50 63.61
C CYS C 316 1.57 9.30 63.52
N LYS C 317 2.70 8.61 63.59
CA LYS C 317 3.97 9.30 63.38
C LYS C 317 3.95 10.13 62.08
N ASN C 318 3.70 9.45 60.96
CA ASN C 318 3.76 10.08 59.64
C ASN C 318 2.70 11.12 59.47
N TYR C 319 1.52 10.84 59.99
CA TYR C 319 0.42 11.81 59.93
C TYR C 319 0.79 13.09 60.64
N ALA C 320 1.46 12.96 61.79
CA ALA C 320 1.93 14.10 62.55
C ALA C 320 3.05 14.84 61.79
N GLU C 321 3.96 14.08 61.18
CA GLU C 321 5.11 14.65 60.47
C GLU C 321 4.81 15.28 59.10
N ALA C 322 3.72 14.90 58.43
CA ALA C 322 3.51 15.38 57.06
C ALA C 322 2.09 15.18 56.59
N LYS C 323 1.12 15.74 57.30
CA LYS C 323 -0.30 15.52 57.00
C LYS C 323 -0.58 15.47 55.50
N ASP C 324 -0.20 16.51 54.79
CA ASP C 324 -0.56 16.62 53.38
C ASP C 324 0.15 15.61 52.49
N VAL C 325 1.38 15.28 52.82
CA VAL C 325 2.09 14.22 52.10
C VAL C 325 1.48 12.87 52.38
N PHE C 326 1.29 12.54 53.65
CA PHE C 326 0.73 11.24 54.05
C PHE C 326 -0.59 10.97 53.39
N LEU C 327 -1.52 11.90 53.54
CA LEU C 327 -2.83 11.76 52.93
C LEU C 327 -2.70 11.67 51.43
N GLY C 328 -1.70 12.33 50.85
CA GLY C 328 -1.47 12.19 49.40
C GLY C 328 -1.11 10.76 49.08
N MET C 329 -0.24 10.19 49.91
CA MET C 329 0.12 8.81 49.73
C MET C 329 -1.18 7.98 49.76
N PHE C 330 -2.06 8.24 50.73
CA PHE C 330 -3.35 7.55 50.79
C PHE C 330 -4.15 7.61 49.47
N LEU C 331 -4.39 8.81 48.94
CA LEU C 331 -5.09 8.91 47.67
C LEU C 331 -4.30 8.15 46.60
N TYR C 332 -2.99 8.36 46.53
CA TYR C 332 -2.19 7.64 45.51
C TYR C 332 -2.41 6.12 45.59
N GLU C 333 -2.22 5.53 46.78
CA GLU C 333 -2.40 4.09 46.98
C GLU C 333 -3.82 3.63 46.75
N TYR C 334 -4.80 4.36 47.28
CA TYR C 334 -6.18 4.04 46.99
C TYR C 334 -6.49 4.16 45.50
N ALA C 335 -6.26 5.37 44.96
CA ALA C 335 -6.42 5.66 43.52
C ALA C 335 -5.83 4.56 42.61
N ARG C 336 -4.54 4.24 42.71
CA ARG C 336 -3.99 3.29 41.75
C ARG C 336 -4.66 1.89 41.78
N ARG C 337 -5.21 1.50 42.93
CA ARG C 337 -5.98 0.24 43.11
C ARG C 337 -7.42 0.27 42.57
N HIS C 338 -7.90 1.44 42.17
CA HIS C 338 -9.31 1.60 41.90
C HIS C 338 -9.61 2.61 40.79
N PRO C 339 -9.23 2.31 39.54
CA PRO C 339 -9.61 3.20 38.45
C PRO C 339 -11.11 3.29 38.25
N ASP C 340 -11.83 2.24 38.62
CA ASP C 340 -13.30 2.25 38.59
C ASP C 340 -13.95 3.41 39.42
N TYR C 341 -13.51 3.66 40.66
CA TYR C 341 -14.14 4.67 41.54
C TYR C 341 -13.95 6.07 40.94
N SER C 342 -14.86 6.99 41.25
CA SER C 342 -14.73 8.38 40.80
C SER C 342 -13.78 9.14 41.69
N VAL C 343 -13.13 10.18 41.18
CA VAL C 343 -12.17 10.89 42.00
C VAL C 343 -12.90 11.54 43.16
N VAL C 344 -14.04 12.19 42.90
CA VAL C 344 -14.84 12.78 43.98
C VAL C 344 -14.96 11.81 45.15
N LEU C 345 -15.30 10.57 44.85
CA LEU C 345 -15.50 9.57 45.91
C LEU C 345 -14.23 9.29 46.70
N LEU C 346 -13.09 9.23 46.02
CA LEU C 346 -11.80 8.92 46.65
C LEU C 346 -11.39 10.03 47.63
N LEU C 347 -11.69 11.27 47.26
CA LEU C 347 -11.44 12.43 48.09
C LEU C 347 -12.35 12.38 49.32
N ARG C 348 -13.60 11.98 49.17
CA ARG C 348 -14.46 11.84 50.34
C ARG C 348 -13.89 10.81 51.30
N LEU C 349 -13.40 9.71 50.74
CA LEU C 349 -12.79 8.66 51.54
C LEU C 349 -11.54 9.18 52.27
N ALA C 350 -10.69 9.93 51.57
CA ALA C 350 -9.51 10.52 52.21
C ALA C 350 -9.95 11.46 53.33
N LYS C 351 -11.07 12.15 53.14
CA LYS C 351 -11.57 13.10 54.11
C LYS C 351 -11.92 12.37 55.39
N THR C 352 -12.67 11.29 55.25
CA THR C 352 -13.08 10.49 56.39
C THR C 352 -11.85 9.94 57.07
N TYR C 353 -10.87 9.51 56.28
CA TYR C 353 -9.63 8.94 56.82
C TYR C 353 -8.96 9.96 57.73
N GLU C 354 -8.78 11.16 57.20
CA GLU C 354 -8.18 12.25 57.95
C GLU C 354 -9.00 12.61 59.21
N THR C 355 -10.31 12.84 59.08
CA THR C 355 -11.12 13.06 60.26
C THR C 355 -10.79 12.00 61.28
N THR C 356 -10.81 10.76 60.84
CA THR C 356 -10.55 9.63 61.72
C THR C 356 -9.17 9.76 62.37
N LEU C 357 -8.10 9.92 61.59
CA LEU C 357 -6.75 10.00 62.19
C LEU C 357 -6.67 11.18 63.16
N GLU C 358 -7.24 12.30 62.75
CA GLU C 358 -7.27 13.51 63.57
C GLU C 358 -7.76 13.16 64.98
N LYS C 359 -8.95 12.55 65.06
CA LYS C 359 -9.53 12.14 66.33
C LYS C 359 -8.77 11.00 67.00
N CYS C 360 -8.25 10.07 66.23
CA CYS C 360 -7.75 8.83 66.82
C CYS C 360 -6.35 8.93 67.36
N CYS C 361 -5.48 9.67 66.69
CA CYS C 361 -4.14 9.93 67.21
C CYS C 361 -4.19 10.69 68.56
N ALA C 362 -5.31 11.36 68.85
CA ALA C 362 -5.51 12.00 70.14
C ALA C 362 -5.97 11.00 71.18
N ALA C 363 -6.40 9.80 70.76
CA ALA C 363 -6.93 8.75 71.68
C ALA C 363 -5.88 8.08 72.55
N ALA C 364 -6.34 7.39 73.59
CA ALA C 364 -5.46 6.69 74.53
C ALA C 364 -4.67 5.62 73.78
N ASP C 365 -5.38 4.77 73.04
CA ASP C 365 -4.77 3.79 72.12
C ASP C 365 -5.20 4.13 70.69
N PRO C 366 -4.34 4.84 69.94
CA PRO C 366 -4.78 5.22 68.59
C PRO C 366 -5.13 4.02 67.63
N HIS C 367 -4.31 2.96 67.58
CA HIS C 367 -4.60 1.80 66.74
C HIS C 367 -5.95 1.18 66.98
N GLU C 368 -6.27 0.94 68.24
CA GLU C 368 -7.58 0.48 68.64
C GLU C 368 -8.68 1.36 68.03
N CYS C 369 -8.53 2.66 68.22
CA CYS C 369 -9.48 3.64 67.69
C CYS C 369 -9.70 3.50 66.16
N TYR C 370 -8.66 3.43 65.34
CA TYR C 370 -8.89 3.40 63.90
C TYR C 370 -8.85 2.04 63.16
N ALA C 371 -8.69 0.93 63.88
CA ALA C 371 -8.63 -0.41 63.23
C ALA C 371 -9.74 -0.65 62.21
N LYS C 372 -10.95 -0.16 62.53
CA LYS C 372 -12.13 -0.36 61.70
C LYS C 372 -12.48 0.84 60.83
N VAL C 373 -11.46 1.59 60.42
CA VAL C 373 -11.71 2.77 59.61
C VAL C 373 -12.34 2.42 58.28
N PHE C 374 -12.06 1.23 57.78
CA PHE C 374 -12.52 0.86 56.46
C PHE C 374 -13.98 0.54 56.47
N ASP C 375 -14.55 0.31 57.64
CA ASP C 375 -16.02 0.21 57.76
C ASP C 375 -16.68 1.51 57.41
N GLU C 376 -16.10 2.62 57.83
CA GLU C 376 -16.67 3.93 57.58
C GLU C 376 -16.81 4.20 56.08
N PHE C 377 -15.95 3.59 55.26
CA PHE C 377 -16.06 3.78 53.82
C PHE C 377 -17.20 3.01 53.18
N LYS C 378 -17.71 1.94 53.78
CA LYS C 378 -18.84 1.21 53.16
C LYS C 378 -20.03 2.13 52.88
N PRO C 379 -20.57 2.80 53.91
CA PRO C 379 -21.65 3.72 53.59
C PRO C 379 -21.28 4.81 52.57
N LEU C 380 -20.05 5.27 52.49
CA LEU C 380 -19.73 6.30 51.51
C LEU C 380 -19.71 5.74 50.09
N VAL C 381 -19.62 4.43 49.94
CA VAL C 381 -19.68 3.85 48.62
C VAL C 381 -21.10 3.46 48.25
N GLU C 382 -21.82 2.78 49.15
CA GLU C 382 -23.20 2.37 48.88
C GLU C 382 -24.08 3.55 48.47
N GLU C 383 -24.09 4.61 49.27
CA GLU C 383 -25.05 5.72 49.06
C GLU C 383 -25.09 6.26 47.63
N PRO C 384 -23.93 6.51 47.06
CA PRO C 384 -23.94 6.87 45.66
C PRO C 384 -24.45 5.77 44.71
N GLN C 385 -23.99 4.53 44.87
CA GLN C 385 -24.53 3.42 44.06
C GLN C 385 -26.06 3.32 44.14
N ASN C 386 -26.63 3.48 45.34
CA ASN C 386 -28.08 3.41 45.54
C ASN C 386 -28.82 4.54 44.88
N LEU C 387 -28.22 5.73 44.91
CA LEU C 387 -28.88 6.88 44.33
C LEU C 387 -28.90 6.76 42.82
N ILE C 388 -27.76 6.44 42.23
CA ILE C 388 -27.72 6.28 40.78
C ILE C 388 -28.64 5.13 40.34
N LYS C 389 -28.70 4.05 41.14
CA LYS C 389 -29.58 2.89 40.85
C LYS C 389 -31.05 3.24 40.83
N GLN C 390 -31.49 4.01 41.82
CA GLN C 390 -32.86 4.51 41.87
C GLN C 390 -33.13 5.47 40.75
N ASN C 391 -32.19 6.35 40.48
CA ASN C 391 -32.39 7.36 39.45
C ASN C 391 -32.37 6.79 38.03
N CYS C 392 -31.63 5.73 37.78
CA CYS C 392 -31.72 5.07 36.49
C CYS C 392 -32.99 4.24 36.30
N GLU C 393 -33.52 3.67 37.38
CA GLU C 393 -34.82 2.99 37.32
C GLU C 393 -35.93 3.97 36.98
N LEU C 394 -35.82 5.15 37.56
CA LEU C 394 -36.83 6.20 37.39
C LEU C 394 -36.79 6.78 35.98
N PHE C 395 -35.60 6.84 35.42
CA PHE C 395 -35.41 7.38 34.10
C PHE C 395 -35.90 6.43 33.01
N GLU C 396 -35.86 5.13 33.25
CA GLU C 396 -36.42 4.17 32.30
C GLU C 396 -37.92 4.16 32.44
N GLN C 397 -38.39 4.02 33.66
CA GLN C 397 -39.81 3.92 33.95
C GLN C 397 -40.56 5.18 33.55
N LEU C 398 -39.86 6.30 33.33
CA LEU C 398 -40.51 7.53 32.88
C LEU C 398 -39.73 8.16 31.71
N GLY C 399 -40.29 9.18 31.09
CA GLY C 399 -39.57 9.83 29.99
C GLY C 399 -38.26 10.50 30.37
N GLU C 400 -37.55 11.07 29.39
CA GLU C 400 -36.54 12.09 29.71
C GLU C 400 -37.29 13.27 30.23
N TYR C 401 -38.47 13.52 29.66
CA TYR C 401 -39.29 14.62 30.12
C TYR C 401 -39.82 14.33 31.50
N LYS C 402 -40.60 13.27 31.65
CA LYS C 402 -41.22 12.98 32.95
C LYS C 402 -40.21 12.84 34.08
N PHE C 403 -38.98 12.46 33.73
CA PHE C 403 -37.87 12.41 34.67
C PHE C 403 -37.48 13.80 35.17
N GLN C 404 -37.27 14.73 34.24
CA GLN C 404 -36.93 16.09 34.63
C GLN C 404 -37.95 16.68 35.57
N ASN C 405 -39.21 16.45 35.28
CA ASN C 405 -40.26 16.92 36.17
C ASN C 405 -40.11 16.35 37.57
N ALA C 406 -39.68 15.09 37.65
CA ALA C 406 -39.45 14.48 38.94
C ALA C 406 -38.33 15.21 39.68
N LEU C 407 -37.26 15.55 38.98
CA LEU C 407 -36.15 16.28 39.57
C LEU C 407 -36.52 17.71 39.91
N LEU C 408 -37.23 18.37 39.00
CA LEU C 408 -37.64 19.76 39.18
C LEU C 408 -38.44 19.89 40.46
N VAL C 409 -39.38 18.97 40.67
CA VAL C 409 -40.14 19.00 41.89
C VAL C 409 -39.22 18.71 43.06
N ARG C 410 -38.28 17.80 42.89
CA ARG C 410 -37.40 17.45 43.98
C ARG C 410 -36.57 18.66 44.43
N TYR C 411 -35.90 19.32 43.48
CA TYR C 411 -35.03 20.44 43.82
C TYR C 411 -35.81 21.68 44.21
N THR C 412 -36.97 21.91 43.62
CA THR C 412 -37.79 23.04 44.06
C THR C 412 -38.20 22.92 45.54
N LYS C 413 -38.46 21.70 46.00
CA LYS C 413 -38.79 21.48 47.41
C LYS C 413 -37.59 21.71 48.34
N LYS C 414 -36.37 21.47 47.86
CA LYS C 414 -35.18 21.66 48.70
C LYS C 414 -34.78 23.12 48.72
N VAL C 415 -35.06 23.84 47.64
CA VAL C 415 -34.38 25.07 47.37
C VAL C 415 -35.29 26.13 46.69
N PRO C 416 -36.55 26.26 47.16
CA PRO C 416 -37.63 27.03 46.54
C PRO C 416 -37.37 28.54 46.44
N GLN C 417 -36.37 28.96 47.17
CA GLN C 417 -35.94 30.32 47.22
C GLN C 417 -35.34 30.67 45.84
N VAL C 418 -34.80 29.67 45.13
CA VAL C 418 -34.15 29.90 43.84
C VAL C 418 -35.22 30.27 42.82
N SER C 419 -34.84 31.05 41.81
CA SER C 419 -35.83 31.59 40.90
C SER C 419 -36.38 30.52 39.95
N THR C 420 -37.63 30.69 39.51
CA THR C 420 -38.27 29.63 38.71
C THR C 420 -37.43 29.30 37.47
N PRO C 421 -37.00 30.31 36.69
CA PRO C 421 -36.22 29.93 35.55
C PRO C 421 -34.88 29.28 35.89
N THR C 422 -34.22 29.68 36.97
CA THR C 422 -32.99 29.00 37.37
C THR C 422 -33.26 27.53 37.72
N LEU C 423 -34.42 27.26 38.36
CA LEU C 423 -34.78 25.90 38.78
C LEU C 423 -35.04 25.03 37.57
N VAL C 424 -35.84 25.51 36.64
CA VAL C 424 -36.11 24.77 35.42
C VAL C 424 -34.84 24.29 34.74
N GLU C 425 -33.85 25.18 34.64
CA GLU C 425 -32.60 24.91 33.96
C GLU C 425 -31.71 23.91 34.69
N VAL C 426 -31.48 24.15 35.95
CA VAL C 426 -30.70 23.24 36.77
C VAL C 426 -31.26 21.82 36.73
N SER C 427 -32.58 21.68 36.71
CA SER C 427 -33.18 20.38 36.51
C SER C 427 -32.87 19.79 35.17
N ARG C 428 -33.18 20.49 34.10
CA ARG C 428 -32.79 20.03 32.78
C ARG C 428 -31.34 19.45 32.71
N ASN C 429 -30.39 20.07 33.41
CA ASN C 429 -28.99 19.62 33.39
C ASN C 429 -28.77 18.39 34.26
N LEU C 430 -29.26 18.42 35.49
CA LEU C 430 -29.26 17.24 36.34
C LEU C 430 -29.95 16.08 35.57
N GLY C 431 -31.14 16.32 35.06
CA GLY C 431 -31.83 15.35 34.23
C GLY C 431 -30.96 14.71 33.16
N LYS C 432 -30.04 15.46 32.58
CA LYS C 432 -29.15 14.90 31.57
C LYS C 432 -28.28 13.79 32.08
N VAL C 433 -28.32 13.52 33.38
CA VAL C 433 -27.58 12.38 33.95
C VAL C 433 -28.22 11.03 33.64
N GLY C 434 -29.47 11.03 33.19
CA GLY C 434 -30.09 9.83 32.69
C GLY C 434 -29.49 9.49 31.33
N SER C 435 -29.57 10.42 30.39
CA SER C 435 -29.04 10.24 29.06
C SER C 435 -27.59 9.83 29.12
N LYS C 436 -26.79 10.51 29.92
CA LYS C 436 -25.35 10.29 29.87
C LYS C 436 -24.96 8.98 30.52
N CYS C 437 -25.47 8.70 31.71
CA CYS C 437 -24.90 7.62 32.48
C CYS C 437 -25.63 6.28 32.46
N CYS C 438 -26.94 6.26 32.43
CA CYS C 438 -27.65 4.98 32.54
C CYS C 438 -27.41 4.00 31.37
N LYS C 439 -26.96 4.53 30.24
CA LYS C 439 -26.42 3.76 29.12
C LYS C 439 -25.33 2.81 29.57
N HIS C 440 -24.31 3.37 30.21
CA HIS C 440 -23.11 2.63 30.65
C HIS C 440 -23.49 1.43 31.52
N PRO C 441 -22.60 0.45 31.65
CA PRO C 441 -22.92 -0.72 32.47
C PRO C 441 -22.67 -0.55 33.98
N GLU C 442 -23.53 -1.16 34.81
CA GLU C 442 -23.37 -1.23 36.29
C GLU C 442 -22.08 -0.59 36.87
N ALA C 443 -20.95 -1.25 36.65
CA ALA C 443 -19.67 -0.85 37.24
C ALA C 443 -19.38 0.62 37.02
N LYS C 444 -19.70 1.12 35.83
CA LYS C 444 -19.25 2.42 35.40
C LYS C 444 -20.24 3.60 35.64
N ARG C 445 -21.43 3.28 36.12
CA ARG C 445 -22.51 4.28 36.25
C ARG C 445 -22.26 5.33 37.30
N MET C 446 -22.21 4.92 38.57
CA MET C 446 -21.95 5.88 39.65
C MET C 446 -20.81 6.88 39.31
N PRO C 447 -19.63 6.42 38.82
CA PRO C 447 -18.54 7.39 38.58
C PRO C 447 -18.83 8.42 37.52
N CYS C 448 -19.48 7.98 36.44
CA CYS C 448 -19.95 8.89 35.41
C CYS C 448 -20.89 9.91 36.03
N ALA C 449 -21.85 9.40 36.78
CA ALA C 449 -22.86 10.21 37.43
C ALA C 449 -22.25 11.25 38.33
N GLU C 450 -21.39 10.80 39.22
CA GLU C 450 -20.83 11.69 40.21
C GLU C 450 -19.94 12.73 39.58
N ASP C 451 -19.15 12.34 38.58
CA ASP C 451 -18.31 13.32 37.91
C ASP C 451 -19.18 14.37 37.28
N TYR C 452 -20.20 13.95 36.55
CA TYR C 452 -21.08 14.87 35.84
C TYR C 452 -21.89 15.76 36.82
N LEU C 453 -22.53 15.14 37.81
CA LEU C 453 -23.25 15.90 38.80
C LEU C 453 -22.32 16.95 39.44
N SER C 454 -21.16 16.53 39.90
CA SER C 454 -20.31 17.50 40.57
C SER C 454 -19.98 18.73 39.71
N VAL C 455 -19.96 18.53 38.38
CA VAL C 455 -19.73 19.66 37.46
C VAL C 455 -20.95 20.54 37.32
N VAL C 456 -22.13 19.93 37.16
CA VAL C 456 -23.39 20.67 37.08
C VAL C 456 -23.62 21.47 38.36
N LEU C 457 -23.39 20.88 39.51
CA LEU C 457 -23.61 21.62 40.74
C LEU C 457 -22.63 22.79 40.90
N ASN C 458 -21.38 22.60 40.47
CA ASN C 458 -20.38 23.65 40.62
C ASN C 458 -20.81 24.87 39.80
N GLN C 459 -21.51 24.61 38.70
CA GLN C 459 -22.03 25.67 37.85
C GLN C 459 -23.00 26.53 38.64
N LEU C 460 -23.91 25.83 39.31
CA LEU C 460 -24.89 26.44 40.17
C LEU C 460 -24.20 27.24 41.25
N CYS C 461 -23.18 26.67 41.89
CA CYS C 461 -22.50 27.34 43.01
C CYS C 461 -21.72 28.58 42.60
N VAL C 462 -21.03 28.50 41.46
CA VAL C 462 -20.20 29.61 40.96
C VAL C 462 -21.10 30.80 40.66
N LEU C 463 -22.25 30.55 40.07
CA LEU C 463 -23.20 31.63 39.80
C LEU C 463 -23.95 32.09 41.05
N HIS C 464 -24.28 31.17 41.95
CA HIS C 464 -25.05 31.53 43.12
C HIS C 464 -24.26 32.41 44.04
N GLU C 465 -22.97 32.19 44.10
CA GLU C 465 -22.11 32.97 44.97
C GLU C 465 -22.16 34.47 44.59
N LYS C 466 -22.35 34.80 43.32
CA LYS C 466 -22.40 36.21 42.89
C LYS C 466 -23.78 36.80 43.06
N THR C 467 -24.80 35.97 43.14
CA THR C 467 -26.15 36.47 43.35
C THR C 467 -26.95 35.57 44.36
N PRO C 468 -26.51 35.54 45.63
CA PRO C 468 -27.04 34.68 46.67
C PRO C 468 -28.51 34.90 46.94
N VAL C 469 -29.26 33.82 47.03
CA VAL C 469 -30.67 33.90 47.26
C VAL C 469 -31.18 32.82 48.21
N SER C 470 -30.46 31.70 48.32
CA SER C 470 -30.78 30.65 49.28
C SER C 470 -29.62 30.30 50.18
N ASP C 471 -29.89 30.28 51.48
CA ASP C 471 -28.86 30.01 52.48
C ASP C 471 -28.39 28.59 52.37
N ARG C 472 -29.36 27.72 52.11
CA ARG C 472 -29.07 26.32 51.92
C ARG C 472 -28.12 26.06 50.75
N VAL C 473 -28.29 26.75 49.62
CA VAL C 473 -27.33 26.62 48.51
C VAL C 473 -25.94 27.08 48.99
N THR C 474 -25.86 28.22 49.65
CA THR C 474 -24.59 28.73 50.12
C THR C 474 -23.94 27.68 50.99
N LYS C 475 -24.69 27.06 51.89
CA LYS C 475 -24.10 26.14 52.82
C LYS C 475 -23.53 24.95 52.07
N CYS C 476 -24.32 24.33 51.21
CA CYS C 476 -23.88 23.16 50.52
C CYS C 476 -22.71 23.42 49.65
N CYS C 477 -22.72 24.62 49.05
CA CYS C 477 -21.68 25.01 48.11
C CYS C 477 -20.40 25.29 48.86
N THR C 478 -20.52 25.72 50.10
CA THR C 478 -19.39 26.28 50.84
C THR C 478 -18.67 25.28 51.73
N GLU C 479 -19.45 24.50 52.48
CA GLU C 479 -18.98 23.63 53.56
C GLU C 479 -17.87 22.72 53.13
N SER C 480 -18.14 21.92 52.09
CA SER C 480 -17.11 21.07 51.49
C SER C 480 -17.35 20.96 50.01
N LEU C 481 -16.29 21.19 49.25
CA LEU C 481 -16.32 20.96 47.81
C LEU C 481 -16.64 19.52 47.52
N VAL C 482 -16.01 18.63 48.26
CA VAL C 482 -16.05 17.25 47.86
C VAL C 482 -17.39 16.63 48.24
N ASN C 483 -18.07 17.22 49.24
CA ASN C 483 -19.38 16.74 49.65
C ASN C 483 -20.56 17.51 49.12
N ARG C 484 -20.45 18.22 48.00
CA ARG C 484 -21.64 18.97 47.52
C ARG C 484 -22.79 18.01 47.23
N ARG C 485 -22.58 17.07 46.32
CA ARG C 485 -23.68 16.24 45.85
C ARG C 485 -24.52 15.63 47.01
N PRO C 486 -23.85 14.95 47.97
CA PRO C 486 -24.57 14.36 49.11
C PRO C 486 -25.27 15.38 49.99
N CYS C 487 -24.73 16.58 50.07
CA CYS C 487 -25.36 17.65 50.82
C CYS C 487 -26.72 18.01 50.20
N PHE C 488 -26.72 18.24 48.90
CA PHE C 488 -27.95 18.54 48.21
C PHE C 488 -28.94 17.37 48.31
N SER C 489 -28.45 16.14 48.17
CA SER C 489 -29.33 14.97 48.24
C SER C 489 -29.93 14.86 49.61
N ALA C 490 -29.16 15.24 50.62
CA ALA C 490 -29.60 15.08 52.00
C ALA C 490 -30.75 16.01 52.35
N LEU C 491 -30.92 17.07 51.55
CA LEU C 491 -31.78 18.19 51.93
C LEU C 491 -33.22 17.78 51.85
N GLU C 492 -33.97 18.12 52.89
CA GLU C 492 -35.38 17.77 52.94
C GLU C 492 -36.20 18.92 52.41
N VAL C 493 -37.52 18.81 52.52
CA VAL C 493 -38.42 19.93 52.19
C VAL C 493 -38.08 21.13 53.07
N ASP C 494 -38.02 22.30 52.44
CA ASP C 494 -37.70 23.53 53.11
C ASP C 494 -38.95 24.10 53.77
N GLU C 495 -39.06 23.94 55.08
CA GLU C 495 -40.24 24.40 55.80
C GLU C 495 -40.13 25.86 56.25
N THR C 496 -38.95 26.44 56.06
CA THR C 496 -38.76 27.87 56.27
C THR C 496 -39.50 28.72 55.26
N TYR C 497 -39.64 28.21 54.05
CA TYR C 497 -40.18 28.98 52.93
C TYR C 497 -41.60 29.42 53.27
N VAL C 498 -41.93 30.67 52.93
CA VAL C 498 -43.28 31.17 53.12
C VAL C 498 -43.95 31.03 51.77
N PRO C 499 -44.88 30.07 51.63
CA PRO C 499 -45.48 29.77 50.33
C PRO C 499 -46.12 30.98 49.62
N LYS C 500 -45.89 31.08 48.31
CA LYS C 500 -46.67 31.98 47.49
C LYS C 500 -48.15 31.71 47.76
N GLU C 501 -48.98 32.73 47.66
CA GLU C 501 -50.40 32.56 47.88
C GLU C 501 -51.12 32.66 46.57
N PHE C 502 -52.31 32.08 46.49
CA PHE C 502 -53.11 32.17 45.26
C PHE C 502 -53.94 33.44 45.17
N ASN C 503 -54.33 33.79 43.95
CA ASN C 503 -55.32 34.85 43.70
C ASN C 503 -55.95 34.62 42.33
N ALA C 504 -56.87 35.48 41.93
CA ALA C 504 -57.60 35.29 40.66
C ALA C 504 -56.67 35.34 39.46
N GLU C 505 -55.64 36.16 39.61
CA GLU C 505 -54.76 36.53 38.53
C GLU C 505 -53.57 35.56 38.40
N THR C 506 -53.47 34.59 39.33
CA THR C 506 -52.34 33.65 39.37
C THR C 506 -52.11 32.90 38.05
N PHE C 507 -53.19 32.53 37.36
CA PHE C 507 -53.10 31.90 36.06
C PHE C 507 -53.66 32.84 35.01
N THR C 508 -52.89 33.88 34.71
CA THR C 508 -53.25 34.89 33.69
C THR C 508 -52.43 34.71 32.43
N PHE C 509 -53.13 34.35 31.34
CA PHE C 509 -52.51 34.12 30.04
C PHE C 509 -53.34 34.78 28.95
N HIS C 510 -52.65 35.55 28.10
CA HIS C 510 -53.28 36.08 26.91
C HIS C 510 -53.13 35.00 25.86
N ALA C 511 -53.91 35.07 24.77
CA ALA C 511 -54.02 33.98 23.79
C ALA C 511 -52.78 33.77 22.92
N ASP C 512 -51.68 34.46 23.23
CA ASP C 512 -50.40 34.29 22.50
C ASP C 512 -49.70 32.94 22.75
N ILE C 513 -50.21 32.12 23.69
CA ILE C 513 -49.63 30.79 24.00
C ILE C 513 -49.90 29.69 22.95
N CYS C 514 -50.90 29.87 22.08
CA CYS C 514 -51.21 28.81 21.11
C CYS C 514 -50.35 28.88 19.85
N THR C 515 -49.58 29.96 19.70
CA THR C 515 -48.52 30.02 18.68
C THR C 515 -47.43 29.01 19.02
N LEU C 516 -47.37 28.64 20.29
CA LEU C 516 -46.17 28.03 20.83
C LEU C 516 -45.95 26.66 20.27
N SER C 517 -44.67 26.35 20.04
CA SER C 517 -44.26 25.04 19.59
C SER C 517 -44.51 24.04 20.71
N GLU C 518 -43.99 22.83 20.57
CA GLU C 518 -44.11 21.87 21.66
C GLU C 518 -42.94 22.15 22.60
N LYS C 519 -41.71 22.11 22.09
CA LYS C 519 -40.55 22.43 22.91
C LYS C 519 -40.89 23.64 23.79
N GLU C 520 -41.48 24.68 23.18
CA GLU C 520 -41.85 25.90 23.91
C GLU C 520 -42.91 25.63 24.98
N ARG C 521 -43.98 24.96 24.61
CA ARG C 521 -45.09 24.68 25.54
C ARG C 521 -44.71 23.69 26.66
N GLN C 522 -43.63 22.94 26.51
CA GLN C 522 -43.20 22.03 27.57
C GLN C 522 -42.43 22.82 28.62
N ILE C 523 -41.63 23.78 28.17
CA ILE C 523 -40.90 24.64 29.11
C ILE C 523 -41.93 25.37 29.95
N LYS C 524 -43.07 25.73 29.37
CA LYS C 524 -44.09 26.45 30.11
C LYS C 524 -44.73 25.56 31.15
N LYS C 525 -44.91 24.29 30.82
CA LYS C 525 -45.49 23.36 31.78
C LYS C 525 -44.55 23.23 32.95
N GLN C 526 -43.27 23.05 32.64
CA GLN C 526 -42.25 22.95 33.67
C GLN C 526 -42.24 24.20 34.57
N THR C 527 -42.45 25.38 33.97
CA THR C 527 -42.65 26.59 34.76
C THR C 527 -43.86 26.48 35.69
N ALA C 528 -45.03 26.10 35.17
CA ALA C 528 -46.24 26.00 36.04
C ALA C 528 -46.04 25.00 37.15
N LEU C 529 -45.31 23.92 36.87
CA LEU C 529 -45.01 22.90 37.87
C LEU C 529 -44.24 23.52 39.01
N VAL C 530 -43.14 24.20 38.68
CA VAL C 530 -42.29 24.82 39.71
C VAL C 530 -43.13 25.75 40.58
N GLU C 531 -44.00 26.51 39.91
CA GLU C 531 -44.82 27.49 40.61
C GLU C 531 -45.81 26.82 41.52
N LEU C 532 -46.42 25.70 41.12
CA LEU C 532 -47.34 25.00 42.03
C LEU C 532 -46.61 24.58 43.30
N VAL C 533 -45.41 24.00 43.18
CA VAL C 533 -44.68 23.58 44.39
C VAL C 533 -44.44 24.81 45.29
N LYS C 534 -44.16 25.95 44.69
CA LYS C 534 -43.91 27.16 45.47
C LYS C 534 -45.18 27.64 46.17
N HIS C 535 -46.34 27.23 45.67
CA HIS C 535 -47.58 27.46 46.39
C HIS C 535 -47.84 26.48 47.51
N LYS C 536 -47.28 25.27 47.46
CA LYS C 536 -47.40 24.34 48.58
C LYS C 536 -46.32 23.28 48.56
N PRO C 537 -45.21 23.52 49.25
CA PRO C 537 -44.06 22.63 49.06
C PRO C 537 -44.26 21.17 49.48
N LYS C 538 -45.02 20.93 50.53
CA LYS C 538 -45.36 19.56 50.95
C LYS C 538 -46.33 18.82 50.02
N ALA C 539 -46.68 19.38 48.87
CA ALA C 539 -47.64 18.73 47.96
C ALA C 539 -47.08 17.39 47.53
N THR C 540 -47.95 16.39 47.58
CA THR C 540 -47.63 14.99 47.26
C THR C 540 -47.72 14.79 45.77
N LYS C 541 -47.11 13.74 45.25
CA LYS C 541 -47.12 13.55 43.81
C LYS C 541 -48.53 13.51 43.24
N GLU C 542 -49.45 12.99 44.05
CA GLU C 542 -50.85 12.82 43.65
C GLU C 542 -51.48 14.17 43.33
N GLN C 543 -51.57 15.00 44.35
CA GLN C 543 -52.11 16.34 44.19
C GLN C 543 -51.41 17.03 43.01
N LEU C 544 -50.08 17.04 43.01
CA LEU C 544 -49.34 17.75 41.96
C LEU C 544 -49.79 17.36 40.57
N LYS C 545 -49.91 16.07 40.28
CA LYS C 545 -50.33 15.67 38.95
C LYS C 545 -51.78 16.00 38.67
N ALA C 546 -52.59 16.05 39.71
CA ALA C 546 -54.00 16.44 39.58
C ALA C 546 -54.09 17.86 39.00
N VAL C 547 -53.57 18.81 39.78
CA VAL C 547 -53.53 20.23 39.45
C VAL C 547 -52.83 20.48 38.10
N MET C 548 -51.89 19.62 37.75
CA MET C 548 -51.13 19.79 36.53
C MET C 548 -51.90 19.27 35.33
N ASP C 549 -52.80 18.31 35.55
CA ASP C 549 -53.66 17.82 34.49
C ASP C 549 -54.72 18.89 34.26
N ASP C 550 -55.31 19.39 35.33
CA ASP C 550 -56.21 20.55 35.27
C ASP C 550 -55.61 21.66 34.41
N PHE C 551 -54.34 21.97 34.66
CA PHE C 551 -53.63 23.00 33.92
C PHE C 551 -53.68 22.65 32.45
N ALA C 552 -53.20 21.48 32.07
CA ALA C 552 -53.13 21.16 30.63
C ALA C 552 -54.54 21.08 30.00
N ALA C 553 -55.55 20.73 30.82
CA ALA C 553 -56.98 20.70 30.40
C ALA C 553 -57.42 22.10 29.98
N PHE C 554 -57.23 23.03 30.90
CA PHE C 554 -57.33 24.48 30.67
C PHE C 554 -56.69 24.93 29.33
N VAL C 555 -55.37 24.80 29.16
CA VAL C 555 -54.69 25.29 27.94
C VAL C 555 -55.32 24.69 26.69
N GLU C 556 -55.45 23.36 26.62
CA GLU C 556 -56.08 22.69 25.45
C GLU C 556 -57.46 23.27 25.16
N LYS C 557 -58.28 23.35 26.20
CA LYS C 557 -59.62 23.90 26.11
C LYS C 557 -59.68 25.30 25.49
N CYS C 558 -58.91 26.24 26.04
CA CYS C 558 -59.08 27.65 25.66
C CYS C 558 -58.52 27.99 24.28
N CYS C 559 -57.44 27.35 23.87
CA CYS C 559 -56.96 27.52 22.50
C CYS C 559 -57.98 26.97 21.48
N LYS C 560 -58.82 26.05 21.93
CA LYS C 560 -59.88 25.49 21.11
C LYS C 560 -61.20 26.08 21.54
N ALA C 561 -61.37 27.36 21.22
CA ALA C 561 -62.65 28.02 21.35
C ALA C 561 -62.65 29.18 20.35
N ASP C 562 -63.85 29.55 19.89
CA ASP C 562 -64.04 30.82 19.19
C ASP C 562 -63.92 31.84 20.30
N ASP C 563 -63.37 33.02 20.01
CA ASP C 563 -63.16 34.03 21.05
C ASP C 563 -62.32 33.39 22.16
N LYS C 564 -61.02 33.42 21.96
CA LYS C 564 -60.10 32.79 22.88
C LYS C 564 -60.14 33.48 24.24
N GLU C 565 -59.96 34.80 24.26
CA GLU C 565 -59.75 35.48 25.54
C GLU C 565 -60.94 35.57 26.50
N THR C 566 -62.15 35.19 26.07
CA THR C 566 -63.28 34.98 26.99
C THR C 566 -62.93 33.83 27.93
N CYS C 567 -62.41 32.75 27.35
CA CYS C 567 -62.06 31.54 28.09
C CYS C 567 -61.01 31.84 29.16
N PHE C 568 -59.86 32.37 28.73
CA PHE C 568 -58.78 32.66 29.66
C PHE C 568 -59.28 33.55 30.76
N ALA C 569 -59.94 34.64 30.38
CA ALA C 569 -60.49 35.61 31.33
C ALA C 569 -61.46 34.93 32.31
N GLU C 570 -62.30 34.04 31.79
CA GLU C 570 -63.39 33.44 32.57
C GLU C 570 -62.95 32.18 33.31
N GLU C 571 -62.13 31.35 32.67
CA GLU C 571 -61.69 30.09 33.27
C GLU C 571 -60.43 30.24 34.12
N GLY C 572 -59.69 31.33 33.91
CA GLY C 572 -58.45 31.59 34.64
C GLY C 572 -58.56 31.54 36.16
N LYS C 573 -59.73 31.89 36.67
CA LYS C 573 -59.99 31.89 38.12
C LYS C 573 -60.51 30.55 38.60
N LYS C 574 -61.05 29.77 37.67
CA LYS C 574 -61.69 28.51 37.98
C LYS C 574 -60.62 27.44 38.11
N LEU C 575 -59.59 27.53 37.27
CA LEU C 575 -58.39 26.73 37.45
C LEU C 575 -57.69 27.04 38.79
N VAL C 576 -57.79 28.27 39.28
CA VAL C 576 -57.27 28.61 40.62
C VAL C 576 -58.09 27.97 41.73
N ALA C 577 -59.41 28.13 41.63
CA ALA C 577 -60.34 27.53 42.56
C ALA C 577 -60.09 26.04 42.62
N ALA C 578 -60.02 25.43 41.43
CA ALA C 578 -59.75 23.99 41.26
C ALA C 578 -58.52 23.60 42.06
N SER C 579 -57.44 24.32 41.81
CA SER C 579 -56.12 23.99 42.35
C SER C 579 -56.00 24.07 43.86
N GLN C 580 -56.71 25.01 44.47
CA GLN C 580 -56.73 25.10 45.94
C GLN C 580 -57.39 23.87 46.58
N ALA C 581 -58.49 23.43 45.99
CA ALA C 581 -59.17 22.21 46.41
C ALA C 581 -58.19 21.07 46.34
N ALA C 582 -57.65 20.86 45.15
CA ALA C 582 -56.72 19.76 44.88
C ALA C 582 -55.42 19.87 45.66
N LEU C 583 -55.19 20.94 46.43
CA LEU C 583 -53.96 21.05 47.23
C LEU C 583 -54.22 21.12 48.73
N GLY C 584 -55.46 21.40 49.16
CA GLY C 584 -55.74 21.74 50.56
C GLY C 584 -56.06 23.22 50.67
N LEU C 585 -55.17 24.06 50.14
CA LEU C 585 -55.36 25.52 49.99
C LEU C 585 -54.03 26.14 49.55
N HIS D 1 36.45 27.56 -22.14
CA HIS D 1 35.50 28.66 -21.73
C HIS D 1 34.94 28.49 -20.33
N LEU D 2 34.76 27.24 -19.90
CA LEU D 2 34.44 26.94 -18.49
C LEU D 2 35.70 26.95 -17.62
N SER D 3 35.50 26.77 -16.31
CA SER D 3 36.53 27.07 -15.30
C SER D 3 36.47 26.13 -14.08
N LEU D 4 37.66 25.75 -13.59
CA LEU D 4 37.81 24.88 -12.42
C LEU D 4 38.04 25.77 -11.22
N LEU D 5 37.17 25.67 -10.22
CA LEU D 5 37.25 26.57 -9.08
C LEU D 5 37.02 25.80 -7.80
N TYR D 6 37.93 25.97 -6.85
CA TYR D 6 37.81 25.35 -5.56
C TYR D 6 37.27 26.39 -4.56
N HIS D 7 36.37 25.95 -3.68
CA HIS D 7 35.74 26.80 -2.68
C HIS D 7 36.19 26.36 -1.30
N LEU D 8 37.34 26.87 -0.89
CA LEU D 8 37.89 26.48 0.40
C LEU D 8 37.25 27.31 1.50
N THR D 9 36.92 26.69 2.63
CA THR D 9 36.37 27.37 3.78
C THR D 9 36.94 26.76 5.04
N ALA D 10 37.41 27.59 5.96
CA ALA D 10 37.81 27.11 7.28
C ALA D 10 37.19 28.01 8.33
N VAL D 11 36.84 27.45 9.49
CA VAL D 11 36.22 28.22 10.58
C VAL D 11 36.93 27.92 11.88
N SER D 12 36.99 28.91 12.76
CA SER D 12 37.93 28.87 13.89
C SER D 12 37.39 28.11 15.08
N SER D 13 36.08 27.92 15.14
CA SER D 13 35.51 27.05 16.14
C SER D 13 34.20 26.47 15.59
N PRO D 14 34.28 25.25 15.13
CA PRO D 14 33.15 24.62 14.50
C PRO D 14 32.22 23.89 15.46
N ALA D 15 30.91 24.05 15.26
CA ALA D 15 29.89 23.21 15.92
C ALA D 15 30.41 21.76 15.99
N PRO D 16 30.42 21.14 17.17
CA PRO D 16 31.18 19.87 17.23
C PRO D 16 30.53 18.77 16.33
N GLY D 17 31.40 17.90 15.80
CA GLY D 17 31.01 16.98 14.73
C GLY D 17 30.96 17.63 13.35
N THR D 18 30.95 18.97 13.28
CA THR D 18 31.23 19.71 12.05
C THR D 18 32.69 19.78 11.74
N PRO D 19 33.02 19.83 10.46
CA PRO D 19 34.45 20.01 10.09
C PRO D 19 35.00 21.43 10.29
N ALA D 20 36.26 21.49 10.70
CA ALA D 20 37.00 22.74 10.80
C ALA D 20 37.23 23.41 9.44
N PHE D 21 37.40 22.57 8.40
CA PHE D 21 37.77 23.02 7.04
C PHE D 21 37.12 22.14 5.95
N TRP D 22 36.71 22.73 4.82
CA TRP D 22 36.09 21.93 3.77
C TRP D 22 36.08 22.61 2.44
N VAL D 23 36.06 21.80 1.39
CA VAL D 23 36.27 22.30 0.08
C VAL D 23 35.23 21.74 -0.86
N SER D 24 34.79 22.56 -1.80
CA SER D 24 33.94 22.09 -2.90
C SER D 24 34.60 22.48 -4.23
N GLY D 25 34.73 21.52 -5.14
CA GLY D 25 35.39 21.78 -6.41
C GLY D 25 34.36 21.82 -7.51
N TRP D 26 34.50 22.77 -8.41
CA TRP D 26 33.49 22.97 -9.42
C TRP D 26 34.06 23.05 -10.80
N LEU D 27 33.33 22.44 -11.74
CA LEU D 27 33.60 22.58 -13.16
C LEU D 27 32.38 23.27 -13.70
N GLY D 28 32.55 24.53 -14.12
CA GLY D 28 31.41 25.35 -14.50
C GLY D 28 30.55 25.34 -13.28
N PRO D 29 29.22 25.20 -13.45
CA PRO D 29 28.30 25.18 -12.33
C PRO D 29 28.04 23.80 -11.75
N GLN D 30 28.87 22.80 -12.07
CA GLN D 30 28.67 21.43 -11.57
C GLN D 30 29.69 21.10 -10.50
N GLN D 31 29.26 20.52 -9.39
CA GLN D 31 30.20 20.19 -8.35
C GLN D 31 30.79 18.85 -8.63
N TYR D 32 32.07 18.77 -8.93
CA TYR D 32 32.68 17.47 -9.18
C TYR D 32 33.36 16.92 -7.96
N LEU D 33 33.82 17.78 -7.06
CA LEU D 33 34.68 17.34 -5.96
C LEU D 33 34.13 17.79 -4.62
N SER D 34 34.57 17.08 -3.59
CA SER D 34 34.17 17.35 -2.25
C SER D 34 35.20 16.82 -1.26
N TYR D 35 35.54 17.65 -0.26
CA TYR D 35 36.56 17.34 0.75
C TYR D 35 36.22 17.96 2.08
N ASN D 36 36.61 17.34 3.20
CA ASN D 36 36.56 18.01 4.49
C ASN D 36 37.57 17.48 5.55
N SER D 37 37.81 18.29 6.58
CA SER D 37 38.85 18.00 7.56
C SER D 37 38.59 16.73 8.38
N LEU D 38 37.34 16.28 8.48
CA LEU D 38 37.01 15.10 9.33
C LEU D 38 37.38 13.84 8.63
N ARG D 39 36.82 13.68 7.44
CA ARG D 39 37.09 12.52 6.62
C ARG D 39 38.55 12.54 6.08
N GLY D 40 39.06 13.70 5.70
CA GLY D 40 40.45 13.81 5.25
C GLY D 40 40.76 13.42 3.80
N GLU D 41 39.73 13.17 2.99
CA GLU D 41 39.86 12.64 1.65
C GLU D 41 39.04 13.39 0.61
N ALA D 42 39.59 13.58 -0.58
CA ALA D 42 38.84 14.18 -1.69
C ALA D 42 37.99 13.12 -2.37
N GLU D 43 36.70 13.37 -2.53
CA GLU D 43 35.79 12.41 -3.17
C GLU D 43 35.10 13.06 -4.36
N PRO D 44 34.78 12.28 -5.39
CA PRO D 44 33.95 12.79 -6.45
C PRO D 44 32.49 12.89 -6.05
N CYS D 45 31.84 13.93 -6.56
CA CYS D 45 30.44 14.24 -6.30
C CYS D 45 29.63 13.95 -7.56
N GLY D 46 28.41 13.45 -7.40
CA GLY D 46 27.44 13.34 -8.50
C GLY D 46 27.81 12.41 -9.65
N ALA D 47 27.62 12.87 -10.88
CA ALA D 47 27.88 12.02 -12.05
C ALA D 47 29.36 11.83 -12.22
N TRP D 48 30.15 12.56 -11.46
CA TRP D 48 31.57 12.46 -11.62
C TRP D 48 32.13 11.28 -10.97
N VAL D 49 31.31 10.48 -10.27
CA VAL D 49 31.79 9.19 -9.83
C VAL D 49 32.04 8.30 -11.06
N TRP D 50 31.25 8.50 -12.12
CA TRP D 50 31.28 7.63 -13.30
C TRP D 50 32.16 8.16 -14.36
N GLU D 51 32.91 9.21 -14.06
CA GLU D 51 33.88 9.75 -15.02
C GLU D 51 34.94 8.72 -15.36
N ASN D 52 35.25 8.62 -16.64
CA ASN D 52 36.34 7.78 -17.09
C ASN D 52 37.64 8.44 -16.63
N GLN D 53 38.03 8.22 -15.38
CA GLN D 53 39.19 8.95 -14.81
C GLN D 53 40.41 8.05 -14.62
N VAL D 54 41.61 8.62 -14.61
CA VAL D 54 42.86 7.87 -14.40
C VAL D 54 43.15 7.57 -12.94
N SER D 55 43.91 6.51 -12.70
CA SER D 55 44.40 6.24 -11.35
C SER D 55 45.29 7.37 -10.86
N TRP D 56 45.22 7.61 -9.56
CA TRP D 56 46.01 8.65 -8.88
C TRP D 56 45.51 10.06 -9.10
N TYR D 57 44.49 10.24 -9.93
CA TYR D 57 43.92 11.56 -10.06
C TYR D 57 43.37 12.00 -8.72
N TRP D 58 42.57 11.16 -8.09
CA TRP D 58 41.88 11.56 -6.90
C TRP D 58 42.74 11.68 -5.73
N GLU D 59 43.76 10.85 -5.63
CA GLU D 59 44.61 10.95 -4.42
C GLU D 59 45.67 12.07 -4.60
N LYS D 60 45.89 12.50 -5.84
CA LYS D 60 46.56 13.80 -6.09
C LYS D 60 45.70 14.95 -5.56
N GLU D 61 44.41 14.93 -5.88
CA GLU D 61 43.53 15.93 -5.33
C GLU D 61 43.62 15.94 -3.81
N THR D 62 43.49 14.78 -3.19
CA THR D 62 43.52 14.71 -1.75
C THR D 62 44.81 15.32 -1.24
N THR D 63 45.93 14.91 -1.80
CA THR D 63 47.21 15.38 -1.33
C THR D 63 47.29 16.90 -1.29
N ASP D 64 46.77 17.53 -2.36
CA ASP D 64 46.85 18.98 -2.53
C ASP D 64 45.99 19.70 -1.55
N LEU D 65 44.79 19.19 -1.33
CA LEU D 65 43.86 19.84 -0.46
C LEU D 65 44.28 19.72 1.00
N ARG D 66 45.14 18.77 1.33
CA ARG D 66 45.62 18.60 2.73
C ARG D 66 46.64 19.68 3.07
N ILE D 67 47.47 20.03 2.10
CA ILE D 67 48.36 21.14 2.22
C ILE D 67 47.49 22.39 2.42
N LYS D 68 46.41 22.52 1.67
CA LYS D 68 45.51 23.65 1.90
C LYS D 68 44.90 23.64 3.34
N GLU D 69 44.40 22.50 3.78
CA GLU D 69 43.92 22.40 5.15
C GLU D 69 44.92 22.94 6.17
N LYS D 70 46.15 22.47 6.08
CA LYS D 70 47.18 22.91 7.03
C LYS D 70 47.32 24.43 6.98
N LEU D 71 47.54 24.96 5.79
CA LEU D 71 47.65 26.40 5.59
C LEU D 71 46.52 27.17 6.21
N PHE D 72 45.28 26.72 6.00
CA PHE D 72 44.13 27.47 6.51
C PHE D 72 44.02 27.44 8.02
N LEU D 73 44.28 26.28 8.62
CA LEU D 73 44.17 26.15 10.07
C LEU D 73 45.37 26.84 10.76
N GLU D 74 46.47 26.99 10.03
CA GLU D 74 47.57 27.82 10.47
C GLU D 74 47.26 29.30 10.47
N ALA D 75 46.36 29.73 9.60
CA ALA D 75 46.11 31.14 9.44
C ALA D 75 45.56 31.68 10.75
N PHE D 76 44.69 30.95 11.43
CA PHE D 76 44.10 31.45 12.68
C PHE D 76 45.13 31.65 13.83
N LYS D 77 46.24 30.91 13.81
CA LYS D 77 47.32 31.21 14.78
C LYS D 77 47.88 32.58 14.48
N ALA D 78 48.24 32.82 13.22
CA ALA D 78 48.75 34.11 12.78
C ALA D 78 47.82 35.29 13.17
N LEU D 79 46.51 35.09 13.20
CA LEU D 79 45.62 36.21 13.50
C LEU D 79 45.50 36.53 14.99
N GLY D 80 45.52 35.54 15.88
CA GLY D 80 45.61 35.85 17.31
C GLY D 80 44.34 36.32 18.02
N GLY D 81 43.87 37.55 17.76
CA GLY D 81 42.72 38.15 18.50
C GLY D 81 41.52 37.22 18.73
N LYS D 82 40.44 37.72 19.32
CA LYS D 82 39.33 36.82 19.77
C LYS D 82 38.35 36.38 18.70
N GLY D 83 37.58 37.35 18.19
CA GLY D 83 36.33 37.10 17.47
C GLY D 83 36.45 35.93 16.52
N PRO D 84 35.44 35.04 16.48
CA PRO D 84 35.51 33.88 15.57
C PRO D 84 35.94 34.31 14.17
N TYR D 85 36.52 33.39 13.42
CA TYR D 85 36.91 33.73 12.08
C TYR D 85 36.30 32.79 11.05
N THR D 86 36.18 33.29 9.84
CA THR D 86 35.87 32.45 8.72
C THR D 86 36.83 32.89 7.66
N LEU D 87 37.63 31.94 7.20
CA LEU D 87 38.57 32.22 6.14
C LEU D 87 38.09 31.50 4.92
N GLN D 88 37.93 32.21 3.82
CA GLN D 88 37.49 31.63 2.57
C GLN D 88 38.55 31.83 1.49
N GLY D 89 38.62 30.88 0.56
CA GLY D 89 39.41 31.06 -0.65
C GLY D 89 38.71 30.59 -1.91
N LEU D 90 38.95 31.31 -3.00
CA LEU D 90 38.49 30.94 -4.31
C LEU D 90 39.75 30.80 -5.14
N LEU D 91 40.03 29.59 -5.57
CA LEU D 91 41.26 29.30 -6.31
C LEU D 91 40.84 28.53 -7.52
N GLY D 92 41.47 28.80 -8.66
CA GLY D 92 41.12 28.08 -9.87
C GLY D 92 41.79 28.62 -11.10
N CYS D 93 41.25 28.27 -12.25
CA CYS D 93 41.78 28.71 -13.51
C CYS D 93 40.73 28.53 -14.59
N GLU D 94 40.90 29.25 -15.68
CA GLU D 94 39.98 29.21 -16.81
C GLU D 94 40.84 29.19 -18.04
N LEU D 95 40.36 28.50 -19.09
CA LEU D 95 41.14 28.36 -20.31
C LEU D 95 41.11 29.64 -21.15
N GLY D 96 42.24 29.92 -21.82
CA GLY D 96 42.39 31.07 -22.70
C GLY D 96 42.91 30.76 -24.12
N PRO D 97 42.71 31.72 -25.05
CA PRO D 97 43.07 31.58 -26.44
C PRO D 97 44.09 30.46 -26.73
N ASP D 98 45.34 30.65 -26.34
CA ASP D 98 46.49 29.98 -26.99
C ASP D 98 46.98 28.72 -26.28
N ASN D 99 46.07 27.81 -25.96
CA ASN D 99 46.37 26.71 -25.02
C ASN D 99 46.96 27.36 -23.74
N THR D 100 46.24 28.35 -23.18
CA THR D 100 46.70 29.16 -22.02
C THR D 100 45.68 29.16 -20.87
N SER D 101 46.19 29.06 -19.63
CA SER D 101 45.33 29.13 -18.46
C SER D 101 45.31 30.56 -17.95
N VAL D 102 44.22 30.96 -17.30
CA VAL D 102 44.19 32.21 -16.53
C VAL D 102 43.81 31.90 -15.10
N PRO D 103 44.70 32.17 -14.15
CA PRO D 103 44.44 31.74 -12.77
C PRO D 103 43.72 32.77 -11.93
N THR D 104 43.13 32.29 -10.83
CA THR D 104 42.47 33.11 -9.82
C THR D 104 42.91 32.64 -8.46
N ALA D 105 43.10 33.59 -7.55
CA ALA D 105 43.50 33.26 -6.20
C ALA D 105 43.10 34.38 -5.27
N LYS D 106 41.87 34.39 -4.78
CA LYS D 106 41.46 35.43 -3.84
C LYS D 106 40.93 34.84 -2.56
N PHE D 107 40.95 35.61 -1.48
CA PHE D 107 40.52 35.11 -0.18
C PHE D 107 39.73 36.16 0.55
N ALA D 108 38.88 35.74 1.47
CA ALA D 108 38.09 36.67 2.24
C ALA D 108 38.14 36.27 3.69
N LEU D 109 38.23 37.27 4.59
CA LEU D 109 38.15 37.02 6.04
C LEU D 109 36.80 37.50 6.57
N ASN D 110 36.14 36.67 7.36
CA ASN D 110 34.80 36.98 7.81
C ASN D 110 33.92 37.60 6.74
N GLY D 111 33.96 37.05 5.55
CA GLY D 111 33.09 37.55 4.51
C GLY D 111 33.49 38.82 3.78
N GLU D 112 34.74 39.26 3.87
CA GLU D 112 35.17 40.40 3.04
C GLU D 112 36.48 40.11 2.35
N GLU D 113 36.59 40.42 1.07
CA GLU D 113 37.83 40.11 0.36
C GLU D 113 38.94 40.87 1.06
N PHE D 114 40.08 40.23 1.24
CA PHE D 114 41.16 40.91 1.96
C PHE D 114 42.58 40.56 1.53
N MET D 115 42.71 39.61 0.62
CA MET D 115 43.96 38.97 0.39
C MET D 115 43.90 38.22 -0.95
N ASN D 116 45.05 38.07 -1.57
CA ASN D 116 45.13 37.51 -2.91
C ASN D 116 46.49 36.88 -3.09
N PHE D 117 46.68 36.10 -4.15
CA PHE D 117 48.00 35.50 -4.42
C PHE D 117 48.50 35.94 -5.80
N ASP D 118 49.53 36.79 -5.83
CA ASP D 118 50.13 37.29 -7.08
C ASP D 118 51.03 36.24 -7.76
N LEU D 119 50.54 35.63 -8.84
CA LEU D 119 51.28 34.56 -9.50
C LEU D 119 52.58 34.98 -10.13
N LYS D 120 52.78 36.27 -10.35
CA LYS D 120 54.02 36.74 -10.92
C LYS D 120 55.11 36.72 -9.85
N GLN D 121 54.93 37.50 -8.78
CA GLN D 121 55.90 37.49 -7.64
C GLN D 121 55.89 36.19 -6.78
N GLY D 122 54.85 35.37 -6.90
CA GLY D 122 54.77 34.17 -6.07
C GLY D 122 54.57 34.48 -4.60
N THR D 123 53.73 35.48 -4.33
CA THR D 123 53.56 36.00 -2.99
C THR D 123 52.11 36.31 -2.74
N TRP D 124 51.67 36.17 -1.49
CA TRP D 124 50.33 36.56 -1.12
C TRP D 124 50.44 37.99 -0.77
N GLY D 125 49.33 38.70 -0.87
CA GLY D 125 49.31 40.14 -0.69
C GLY D 125 47.98 40.61 -0.17
N GLY D 126 47.86 41.91 0.09
CA GLY D 126 46.70 42.46 0.83
C GLY D 126 47.27 43.32 1.90
N ASP D 127 46.56 44.36 2.32
CA ASP D 127 47.26 45.27 3.18
C ASP D 127 46.60 45.60 4.49
N TRP D 128 45.45 45.00 4.74
CA TRP D 128 44.89 44.90 6.09
C TRP D 128 45.86 44.24 7.05
N PRO D 129 45.79 44.58 8.37
CA PRO D 129 46.79 43.94 9.23
C PRO D 129 46.60 42.43 9.24
N GLU D 130 45.35 41.99 9.19
CA GLU D 130 45.06 40.57 9.20
C GLU D 130 45.70 39.89 8.00
N ALA D 131 45.65 40.54 6.84
CA ALA D 131 46.20 39.95 5.63
C ALA D 131 47.70 39.99 5.71
N LEU D 132 48.28 40.99 6.34
CA LEU D 132 49.74 41.00 6.44
C LEU D 132 50.22 39.85 7.32
N ALA D 133 49.42 39.50 8.32
CA ALA D 133 49.77 38.49 9.32
C ALA D 133 49.77 37.12 8.71
N ILE D 134 48.65 36.78 8.06
CA ILE D 134 48.48 35.50 7.36
C ILE D 134 49.45 35.42 6.22
N SER D 135 49.55 36.47 5.45
CA SER D 135 50.47 36.50 4.32
C SER D 135 51.90 36.14 4.76
N GLN D 136 52.31 36.66 5.91
CA GLN D 136 53.64 36.43 6.43
C GLN D 136 53.83 35.00 6.88
N ARG D 137 52.82 34.44 7.53
CA ARG D 137 52.93 33.09 8.07
C ARG D 137 53.07 32.07 7.00
N TRP D 138 52.32 32.26 5.92
CA TRP D 138 52.39 31.40 4.74
C TRP D 138 53.67 31.61 3.99
N GLN D 139 54.09 32.86 3.76
CA GLN D 139 55.31 33.08 2.98
C GLN D 139 56.59 32.45 3.58
N GLN D 140 56.60 32.15 4.88
CA GLN D 140 57.76 31.56 5.52
C GLN D 140 57.42 30.15 6.00
N GLN D 141 57.45 29.19 5.07
CA GLN D 141 56.92 27.83 5.26
C GLN D 141 57.57 26.80 4.33
N ASP D 142 57.12 25.56 4.46
CA ASP D 142 57.59 24.44 3.62
C ASP D 142 57.41 24.76 2.14
N LYS D 143 58.01 25.87 1.72
CA LYS D 143 57.87 26.32 0.37
C LYS D 143 56.39 26.35 -0.02
N ALA D 144 55.53 26.89 0.85
CA ALA D 144 54.10 26.98 0.53
C ALA D 144 53.87 27.76 -0.75
N ALA D 145 54.59 28.88 -0.95
CA ALA D 145 54.51 29.65 -2.17
C ALA D 145 54.72 28.81 -3.41
N ASN D 146 55.72 27.94 -3.41
CA ASN D 146 55.91 27.06 -4.57
C ASN D 146 54.76 26.12 -4.89
N LYS D 147 54.20 25.51 -3.87
CA LYS D 147 53.09 24.62 -4.08
C LYS D 147 51.85 25.36 -4.58
N GLU D 148 51.59 26.57 -4.09
CA GLU D 148 50.46 27.39 -4.60
C GLU D 148 50.75 27.73 -6.05
N LEU D 149 52.01 28.01 -6.39
CA LEU D 149 52.33 28.22 -7.79
C LEU D 149 51.97 26.99 -8.64
N THR D 150 52.44 25.81 -8.23
CA THR D 150 52.18 24.58 -8.99
C THR D 150 50.69 24.24 -9.06
N PHE D 151 50.01 24.41 -7.95
CA PHE D 151 48.61 24.13 -7.90
C PHE D 151 47.79 24.98 -8.89
N LEU D 152 48.21 26.21 -9.15
CA LEU D 152 47.44 27.14 -9.97
C LEU D 152 47.95 27.22 -11.37
N LEU D 153 49.26 27.09 -11.55
CA LEU D 153 49.83 27.23 -12.89
C LEU D 153 50.03 25.90 -13.57
N PHE D 154 50.04 24.82 -12.81
CA PHE D 154 50.24 23.52 -13.39
C PHE D 154 49.12 22.53 -13.19
N SER D 155 48.80 22.24 -11.95
CA SER D 155 47.84 21.18 -11.66
C SER D 155 46.47 21.56 -12.16
N CYS D 156 46.04 22.76 -11.80
CA CYS D 156 44.69 23.19 -12.05
C CYS D 156 44.39 23.12 -13.53
N PRO D 157 45.23 23.73 -14.38
CA PRO D 157 44.88 23.67 -15.81
C PRO D 157 45.05 22.28 -16.41
N HIS D 158 45.98 21.46 -15.94
CA HIS D 158 46.05 20.07 -16.40
C HIS D 158 44.82 19.30 -16.03
N ARG D 159 44.26 19.55 -14.84
CA ARG D 159 42.97 18.91 -14.47
C ARG D 159 41.83 19.40 -15.38
N LEU D 160 41.76 20.71 -15.61
CA LEU D 160 40.65 21.29 -16.32
C LEU D 160 40.58 20.69 -17.72
N ARG D 161 41.72 20.60 -18.41
CA ARG D 161 41.75 19.96 -19.72
C ARG D 161 41.30 18.52 -19.64
N GLU D 162 41.77 17.79 -18.62
CA GLU D 162 41.40 16.39 -18.52
C GLU D 162 39.91 16.18 -18.32
N HIS D 163 39.26 17.01 -17.53
CA HIS D 163 37.82 16.88 -17.33
C HIS D 163 36.99 17.24 -18.54
N LEU D 164 37.46 18.21 -19.35
CA LEU D 164 36.79 18.55 -20.60
C LEU D 164 36.81 17.39 -21.60
N GLU D 165 37.95 16.71 -21.73
CA GLU D 165 38.01 15.53 -22.61
C GLU D 165 37.11 14.44 -22.06
N ARG D 166 37.39 14.00 -20.85
CA ARG D 166 36.79 12.79 -20.31
C ARG D 166 35.38 13.01 -19.78
N GLY D 167 34.92 14.24 -19.71
CA GLY D 167 33.60 14.54 -19.18
C GLY D 167 32.71 15.43 -20.03
N ARG D 168 32.94 15.49 -21.35
CA ARG D 168 32.02 16.17 -22.23
C ARG D 168 30.61 15.75 -21.88
N GLY D 169 30.39 14.44 -21.74
CA GLY D 169 29.06 13.90 -21.49
C GLY D 169 28.27 14.74 -20.52
N ASN D 170 28.88 15.00 -19.37
CA ASN D 170 28.24 15.80 -18.35
C ASN D 170 28.18 17.29 -18.74
N LEU D 171 29.29 17.84 -19.20
CA LEU D 171 29.35 19.28 -19.41
C LEU D 171 28.42 19.78 -20.53
N GLU D 172 28.23 18.96 -21.56
CA GLU D 172 27.44 19.36 -22.72
C GLU D 172 25.98 18.92 -22.59
N TRP D 173 25.63 18.23 -21.51
CA TRP D 173 24.23 17.94 -21.14
C TRP D 173 23.35 19.14 -21.37
N LYS D 174 22.14 18.87 -21.87
CA LYS D 174 21.10 19.88 -22.15
C LYS D 174 19.74 19.36 -21.72
N GLU D 175 19.05 20.10 -20.87
CA GLU D 175 17.71 19.74 -20.41
C GLU D 175 16.82 20.98 -20.45
N PRO D 176 15.81 21.01 -21.35
CA PRO D 176 14.97 22.19 -21.43
C PRO D 176 13.98 22.20 -20.27
N PRO D 177 13.48 23.36 -19.89
CA PRO D 177 12.60 23.50 -18.74
C PRO D 177 11.16 23.08 -19.00
N SER D 178 10.48 22.57 -17.98
CA SER D 178 9.01 22.54 -18.02
C SER D 178 8.54 23.91 -17.56
N MET D 179 7.60 24.51 -18.27
CA MET D 179 7.15 25.86 -17.96
C MET D 179 5.70 25.88 -17.49
N ARG D 180 5.40 26.75 -16.52
CA ARG D 180 4.04 26.99 -16.02
C ARG D 180 3.89 28.45 -15.75
N LEU D 181 2.79 29.01 -16.21
CA LEU D 181 2.46 30.41 -15.96
C LEU D 181 1.13 30.47 -15.27
N LYS D 182 1.07 31.09 -14.09
CA LYS D 182 -0.16 31.08 -13.28
C LYS D 182 -0.51 32.44 -12.66
N ALA D 183 -1.82 32.64 -12.44
CA ALA D 183 -2.41 33.93 -12.04
C ALA D 183 -2.99 33.89 -10.61
N ARG D 184 -2.55 34.78 -9.73
CA ARG D 184 -2.78 34.62 -8.28
C ARG D 184 -3.36 35.86 -7.59
N PRO D 185 -4.69 35.95 -7.42
CA PRO D 185 -5.33 37.16 -6.84
C PRO D 185 -4.57 37.69 -5.63
N SER D 186 -4.19 38.97 -5.63
CA SER D 186 -3.39 39.50 -4.52
C SER D 186 -4.12 40.58 -3.72
N SER D 187 -4.40 41.72 -4.36
CA SER D 187 -4.74 42.99 -3.68
C SER D 187 -6.18 43.46 -3.94
N PRO D 188 -6.50 44.76 -3.72
CA PRO D 188 -7.72 45.31 -4.33
C PRO D 188 -7.93 44.96 -5.81
N GLY D 189 -7.52 45.82 -6.75
CA GLY D 189 -7.69 45.56 -8.18
C GLY D 189 -6.45 45.01 -8.87
N PHE D 190 -5.70 44.18 -8.16
CA PHE D 190 -4.43 43.64 -8.64
C PHE D 190 -4.39 42.09 -8.59
N SER D 191 -3.30 41.55 -9.13
CA SER D 191 -3.08 40.11 -9.23
C SER D 191 -1.58 39.84 -9.61
N VAL D 192 -1.04 38.69 -9.21
CA VAL D 192 0.38 38.36 -9.50
C VAL D 192 0.49 37.23 -10.52
N LEU D 193 1.23 37.50 -11.59
CA LEU D 193 1.59 36.47 -12.56
C LEU D 193 2.97 35.88 -12.27
N THR D 194 3.06 34.55 -12.27
CA THR D 194 4.32 33.92 -11.98
C THR D 194 4.65 32.89 -13.02
N CYS D 195 5.72 33.17 -13.74
CA CYS D 195 6.25 32.26 -14.73
C CYS D 195 7.34 31.46 -14.06
N SER D 196 7.32 30.15 -14.25
CA SER D 196 8.18 29.26 -13.50
C SER D 196 8.83 28.27 -14.44
N ALA D 197 10.15 28.12 -14.31
CA ALA D 197 10.93 27.18 -15.09
C ALA D 197 11.40 26.04 -14.17
N PHE D 198 11.06 24.80 -14.48
CA PHE D 198 11.45 23.66 -13.66
C PHE D 198 12.44 22.78 -14.38
N SER D 199 13.40 22.26 -13.61
CA SER D 199 14.43 21.30 -14.10
C SER D 199 15.07 21.64 -15.43
N PHE D 200 16.02 22.59 -15.45
CA PHE D 200 16.75 22.92 -16.70
C PHE D 200 18.23 22.93 -16.45
N TYR D 201 19.00 22.58 -17.48
CA TYR D 201 20.42 22.77 -17.47
C TYR D 201 20.73 23.12 -18.89
N PRO D 202 21.72 23.99 -19.13
CA PRO D 202 22.56 24.77 -18.18
C PRO D 202 21.78 25.84 -17.45
N PRO D 203 22.40 26.55 -16.52
CA PRO D 203 21.62 27.47 -15.72
C PRO D 203 21.30 28.83 -16.38
N GLU D 204 21.95 29.15 -17.49
CA GLU D 204 21.63 30.40 -18.21
C GLU D 204 20.20 30.28 -18.74
N LEU D 205 19.35 31.26 -18.42
CA LEU D 205 17.94 31.23 -18.84
C LEU D 205 17.28 32.57 -18.54
N GLN D 206 16.50 33.13 -19.47
CA GLN D 206 15.81 34.41 -19.26
C GLN D 206 14.32 34.22 -19.32
N LEU D 207 13.63 34.91 -18.43
CA LEU D 207 12.18 34.98 -18.44
C LEU D 207 11.77 36.42 -18.68
N ARG D 208 10.81 36.60 -19.56
CA ARG D 208 10.34 37.92 -19.96
C ARG D 208 8.82 37.93 -19.98
N PHE D 209 8.20 39.08 -19.79
CA PHE D 209 6.74 39.20 -19.94
C PHE D 209 6.33 40.09 -21.11
N LEU D 210 5.41 39.58 -21.90
CA LEU D 210 4.80 40.36 -22.95
C LEU D 210 3.35 40.61 -22.58
N ARG D 211 2.80 41.75 -23.03
CA ARG D 211 1.39 42.09 -22.85
C ARG D 211 0.82 42.54 -24.19
N ASN D 212 0.18 41.61 -24.87
CA ASN D 212 -0.23 41.80 -26.26
C ASN D 212 1.00 42.12 -27.06
N GLY D 213 2.00 41.27 -26.96
CA GLY D 213 3.17 41.33 -27.87
C GLY D 213 4.23 42.39 -27.59
N LEU D 214 3.98 43.25 -26.60
CA LEU D 214 4.89 44.33 -26.24
C LEU D 214 5.40 44.07 -24.84
N ALA D 215 6.64 44.47 -24.56
CA ALA D 215 7.28 44.20 -23.27
C ALA D 215 6.55 44.84 -22.05
N ALA D 216 6.36 44.03 -21.01
CA ALA D 216 5.96 44.50 -19.69
C ALA D 216 7.14 44.37 -18.70
N GLY D 217 8.34 44.22 -19.26
CA GLY D 217 9.59 44.16 -18.49
C GLY D 217 9.87 42.79 -17.90
N THR D 218 10.50 42.78 -16.74
CA THR D 218 10.40 41.65 -15.83
C THR D 218 10.10 42.27 -14.48
N GLY D 219 9.55 41.44 -13.60
CA GLY D 219 9.47 41.81 -12.21
C GLY D 219 10.56 40.99 -11.54
N GLN D 220 10.33 40.66 -10.28
CA GLN D 220 11.26 39.88 -9.46
C GLN D 220 11.57 38.53 -10.09
N GLY D 221 12.87 38.30 -10.36
CA GLY D 221 13.41 37.01 -10.78
C GLY D 221 14.00 36.26 -9.59
N ASP D 222 13.97 34.95 -9.66
CA ASP D 222 14.43 34.11 -8.56
C ASP D 222 14.93 32.86 -9.19
N PHE D 223 15.97 32.31 -8.61
CA PHE D 223 16.75 31.36 -9.30
C PHE D 223 17.31 30.44 -8.24
N GLY D 224 17.40 29.14 -8.56
CA GLY D 224 17.96 28.17 -7.60
C GLY D 224 18.37 26.82 -8.19
N PRO D 225 18.98 25.95 -7.37
CA PRO D 225 19.31 24.61 -7.80
C PRO D 225 18.40 23.50 -7.27
N ASN D 226 18.24 22.44 -8.07
CA ASN D 226 17.57 21.21 -7.61
C ASN D 226 18.61 20.18 -7.17
N SER D 227 18.15 19.17 -6.45
CA SER D 227 19.01 18.14 -5.87
C SER D 227 19.97 17.50 -6.87
N ASP D 228 19.68 17.60 -8.15
CA ASP D 228 20.34 16.78 -9.16
C ASP D 228 21.24 17.53 -10.13
N GLY D 229 21.64 18.76 -9.77
CA GLY D 229 22.46 19.63 -10.64
C GLY D 229 21.67 20.49 -11.60
N SER D 230 20.41 20.14 -11.84
CA SER D 230 19.51 20.96 -12.64
C SER D 230 19.17 22.24 -11.91
N PHE D 231 18.35 23.06 -12.55
CA PHE D 231 17.98 24.34 -11.97
C PHE D 231 16.50 24.67 -12.06
N HIS D 232 16.15 25.68 -11.27
CA HIS D 232 14.81 26.20 -11.16
C HIS D 232 14.83 27.69 -11.25
N ALA D 233 13.87 28.29 -11.94
CA ALA D 233 13.74 29.75 -11.98
C ALA D 233 12.29 30.22 -11.99
N SER D 234 12.03 31.41 -11.49
CA SER D 234 10.70 31.96 -11.57
C SER D 234 10.77 33.48 -11.66
N SER D 235 9.81 34.10 -12.34
CA SER D 235 9.73 35.58 -12.37
C SER D 235 8.28 36.00 -12.17
N SER D 236 8.10 37.10 -11.44
CA SER D 236 6.74 37.49 -11.01
C SER D 236 6.39 38.95 -11.31
N LEU D 237 5.12 39.20 -11.64
CA LEU D 237 4.68 40.51 -12.12
C LEU D 237 3.31 40.89 -11.59
N THR D 238 3.17 42.12 -11.06
CA THR D 238 1.87 42.67 -10.63
C THR D 238 1.05 43.06 -11.87
N VAL D 239 -0.27 42.90 -11.81
CA VAL D 239 -1.07 43.03 -13.02
C VAL D 239 -2.57 43.25 -12.70
N LYS D 240 -3.19 44.23 -13.36
CA LYS D 240 -4.64 44.54 -13.23
C LYS D 240 -5.52 43.28 -13.28
N SER D 241 -6.33 43.06 -12.25
CA SER D 241 -7.22 41.90 -12.22
C SER D 241 -8.19 41.91 -13.41
N GLY D 242 -8.46 40.74 -13.97
CA GLY D 242 -9.26 40.64 -15.21
C GLY D 242 -8.50 40.88 -16.51
N ASP D 243 -7.33 41.53 -16.42
CA ASP D 243 -6.49 41.77 -17.59
C ASP D 243 -5.42 40.67 -17.77
N GLU D 244 -5.62 39.53 -17.12
CA GLU D 244 -4.58 38.51 -17.00
C GLU D 244 -4.35 37.74 -18.28
N HIS D 245 -5.42 37.40 -19.00
CA HIS D 245 -5.29 36.52 -20.16
C HIS D 245 -4.72 37.26 -21.35
N HIS D 246 -4.34 38.51 -21.15
CA HIS D 246 -3.62 39.29 -22.17
C HIS D 246 -2.12 39.09 -22.13
N TYR D 247 -1.57 38.74 -20.97
CA TYR D 247 -0.14 38.51 -20.82
C TYR D 247 0.28 37.10 -21.17
N CYS D 248 1.42 36.97 -21.84
CA CYS D 248 2.10 35.68 -21.88
C CYS D 248 3.53 35.87 -21.36
N CYS D 249 4.33 34.81 -21.41
CA CYS D 249 5.68 34.80 -20.83
C CYS D 249 6.62 34.09 -21.82
N ILE D 250 7.78 34.70 -22.15
CA ILE D 250 8.71 34.11 -23.12
C ILE D 250 9.99 33.66 -22.43
N VAL D 251 10.51 32.51 -22.85
CA VAL D 251 11.65 31.91 -22.20
C VAL D 251 12.76 31.54 -23.18
N GLN D 252 13.96 32.08 -22.97
CA GLN D 252 15.16 31.72 -23.76
C GLN D 252 15.99 30.70 -23.00
N HIS D 253 16.58 29.73 -23.70
CA HIS D 253 17.43 28.75 -23.03
C HIS D 253 18.08 27.82 -24.01
N ALA D 254 19.39 27.64 -23.88
CA ALA D 254 20.21 26.79 -24.79
C ALA D 254 19.58 25.45 -25.17
N GLY D 255 18.74 24.88 -24.31
CA GLY D 255 18.08 23.59 -24.60
C GLY D 255 16.78 23.63 -25.40
N LEU D 256 16.48 24.78 -26.01
CA LEU D 256 15.25 24.97 -26.80
C LEU D 256 15.62 25.50 -28.19
N ALA D 257 15.12 24.81 -29.24
CA ALA D 257 15.45 25.16 -30.64
C ALA D 257 15.15 26.65 -30.92
N GLN D 258 14.05 27.15 -30.36
CA GLN D 258 13.75 28.59 -30.37
C GLN D 258 13.01 28.97 -29.08
N PRO D 259 13.06 30.27 -28.72
CA PRO D 259 12.37 30.80 -27.53
C PRO D 259 10.94 30.32 -27.43
N LEU D 260 10.48 30.02 -26.23
CA LEU D 260 9.15 29.44 -26.06
C LEU D 260 8.17 30.47 -25.54
N ARG D 261 7.03 30.60 -26.23
CA ARG D 261 5.94 31.46 -25.79
C ARG D 261 5.08 30.57 -24.89
N VAL D 262 4.87 31.04 -23.66
CA VAL D 262 4.17 30.26 -22.63
C VAL D 262 2.86 30.92 -22.22
N GLU D 263 1.75 30.32 -22.64
CA GLU D 263 0.41 30.84 -22.38
C GLU D 263 -0.01 30.59 -20.94
N LEU D 264 -1.13 31.17 -20.53
CA LEU D 264 -1.62 31.11 -19.14
C LEU D 264 -2.61 29.93 -18.88
N ILE E 1 30.13 40.32 5.99
CA ILE E 1 30.53 40.43 7.44
C ILE E 1 29.46 40.05 8.45
N GLN E 2 28.19 40.31 8.12
CA GLN E 2 27.06 39.58 8.69
C GLN E 2 25.84 39.75 7.80
N ARG E 3 25.45 38.70 7.10
CA ARG E 3 24.41 38.76 6.08
C ARG E 3 23.23 37.88 6.36
N THR E 4 22.05 38.33 5.97
CA THR E 4 20.85 37.65 6.35
C THR E 4 20.33 36.74 5.21
N PRO E 5 19.77 35.56 5.54
CA PRO E 5 19.50 34.59 4.48
C PRO E 5 18.36 34.97 3.55
N LYS E 6 18.38 34.39 2.34
CA LYS E 6 17.30 34.47 1.39
C LYS E 6 16.76 33.05 1.23
N ILE E 7 15.48 32.87 1.54
CA ILE E 7 14.85 31.55 1.53
C ILE E 7 13.90 31.40 0.36
N GLN E 8 14.22 30.53 -0.60
CA GLN E 8 13.28 30.11 -1.66
C GLN E 8 12.80 28.68 -1.40
N VAL E 9 11.50 28.42 -1.59
CA VAL E 9 10.99 27.03 -1.60
C VAL E 9 10.27 26.71 -2.87
N TYR E 10 10.59 25.59 -3.46
CA TYR E 10 10.02 25.22 -4.75
C TYR E 10 10.12 23.71 -4.89
N SER E 11 9.20 23.12 -5.64
CA SER E 11 9.30 21.71 -5.96
C SER E 11 10.23 21.56 -7.14
N ARG E 12 10.75 20.37 -7.32
CA ARG E 12 11.70 20.16 -8.39
C ARG E 12 11.04 20.12 -9.73
N HIS E 13 9.89 19.45 -9.76
CA HIS E 13 9.00 19.36 -10.92
C HIS E 13 7.72 20.05 -10.64
N PRO E 14 7.00 20.45 -11.69
CA PRO E 14 5.72 21.08 -11.42
C PRO E 14 4.82 20.17 -10.56
N ALA E 15 4.18 20.76 -9.56
CA ALA E 15 3.41 20.03 -8.57
C ALA E 15 2.22 19.34 -9.21
N GLU E 16 2.15 18.02 -9.09
CA GLU E 16 0.93 17.28 -9.44
C GLU E 16 0.55 16.36 -8.29
N ASN E 17 -0.64 16.60 -7.73
CA ASN E 17 -1.15 15.81 -6.60
C ASN E 17 -1.15 14.33 -6.86
N GLY E 18 -0.64 13.56 -5.90
CA GLY E 18 -0.58 12.11 -6.01
C GLY E 18 0.64 11.55 -6.73
N LYS E 19 1.37 12.39 -7.46
CA LYS E 19 2.60 11.94 -8.15
C LYS E 19 3.86 12.34 -7.38
N SER E 20 4.85 11.46 -7.40
CA SER E 20 6.09 11.67 -6.64
C SER E 20 6.99 12.80 -7.18
N ASN E 21 7.59 13.54 -6.25
CA ASN E 21 8.31 14.76 -6.55
C ASN E 21 9.36 14.97 -5.48
N PHE E 22 10.04 16.12 -5.54
CA PHE E 22 10.98 16.56 -4.50
C PHE E 22 10.61 17.97 -4.11
N LEU E 23 10.68 18.25 -2.83
CA LEU E 23 10.51 19.62 -2.35
C LEU E 23 11.91 20.15 -1.97
N ASN E 24 12.29 21.30 -2.53
CA ASN E 24 13.57 21.92 -2.23
C ASN E 24 13.34 23.13 -1.33
N CYS E 25 14.30 23.37 -0.45
CA CYS E 25 14.45 24.63 0.22
C CYS E 25 15.89 25.11 0.01
N TYR E 26 16.03 26.35 -0.49
CA TYR E 26 17.30 26.91 -0.91
C TYR E 26 17.65 28.17 -0.15
N VAL E 27 18.40 27.99 0.94
CA VAL E 27 18.85 29.10 1.79
C VAL E 27 20.16 29.65 1.21
N SER E 28 20.23 30.97 1.01
CA SER E 28 21.33 31.57 0.21
C SER E 28 21.67 33.01 0.59
N GLY E 29 22.92 33.40 0.34
CA GLY E 29 23.34 34.79 0.55
C GLY E 29 23.62 35.20 1.99
N PHE E 30 23.93 34.21 2.82
CA PHE E 30 24.13 34.45 4.25
C PHE E 30 25.58 34.32 4.71
N HIS E 31 25.84 34.91 5.87
CA HIS E 31 27.16 34.89 6.48
C HIS E 31 26.97 35.22 7.92
N PRO E 32 27.61 34.48 8.83
CA PRO E 32 28.50 33.34 8.69
C PRO E 32 27.77 32.00 8.48
N SER E 33 28.54 30.92 8.44
CA SER E 33 28.09 29.63 7.89
C SER E 33 27.11 28.83 8.70
N ASP E 34 26.99 29.09 10.00
CA ASP E 34 26.05 28.32 10.85
C ASP E 34 24.60 28.61 10.51
N ILE E 35 23.81 27.57 10.26
CA ILE E 35 22.43 27.76 9.88
C ILE E 35 21.66 26.48 10.22
N GLU E 36 20.44 26.63 10.73
CA GLU E 36 19.59 25.49 11.01
C GLU E 36 18.42 25.57 10.05
N VAL E 37 18.27 24.55 9.19
CA VAL E 37 17.17 24.54 8.20
C VAL E 37 16.38 23.27 8.36
N ASP E 38 15.08 23.45 8.60
CA ASP E 38 14.18 22.34 8.79
C ASP E 38 13.03 22.46 7.80
N LEU E 39 12.68 21.36 7.18
CA LEU E 39 11.52 21.29 6.30
C LEU E 39 10.32 20.87 7.14
N LEU E 40 9.17 21.52 6.90
CA LEU E 40 7.95 21.25 7.66
C LEU E 40 6.84 20.64 6.80
N LYS E 41 6.31 19.48 7.22
CA LYS E 41 5.00 18.98 6.72
C LYS E 41 3.91 19.30 7.75
N ASN E 42 2.93 20.07 7.30
CA ASN E 42 1.82 20.46 8.16
C ASN E 42 2.33 20.86 9.53
N GLY E 43 3.27 21.80 9.56
CA GLY E 43 3.78 22.34 10.82
C GLY E 43 4.79 21.48 11.56
N GLU E 44 4.93 20.19 11.27
CA GLU E 44 5.91 19.36 11.98
C GLU E 44 7.02 18.85 11.06
N ARG E 45 8.23 18.77 11.61
CA ARG E 45 9.40 18.55 10.81
C ARG E 45 9.49 17.14 10.21
N ILE E 46 9.97 17.04 8.97
CA ILE E 46 10.22 15.73 8.31
C ILE E 46 11.60 15.17 8.68
N GLU E 47 11.74 13.85 8.77
CA GLU E 47 13.04 13.26 9.19
C GLU E 47 13.88 12.75 8.05
N LYS E 48 13.30 12.53 6.87
CA LYS E 48 14.08 12.00 5.74
C LYS E 48 14.59 13.11 4.80
N VAL E 49 15.03 14.21 5.43
CA VAL E 49 15.51 15.39 4.73
C VAL E 49 16.98 15.19 4.46
N GLU E 50 17.36 15.10 3.19
CA GLU E 50 18.78 15.16 2.77
C GLU E 50 19.18 16.62 2.40
N HIS E 51 20.48 16.91 2.36
CA HIS E 51 20.93 18.26 2.07
C HIS E 51 22.30 18.31 1.48
N SER E 52 22.55 19.31 0.65
CA SER E 52 23.80 19.43 -0.08
C SER E 52 24.94 19.99 0.74
N ASP E 53 26.12 19.96 0.14
CA ASP E 53 27.33 20.55 0.73
C ASP E 53 27.15 22.04 0.97
N LEU E 54 27.62 22.52 2.10
CA LEU E 54 27.70 23.95 2.35
C LEU E 54 28.69 24.56 1.39
N SER E 55 28.21 25.47 0.54
CA SER E 55 29.08 26.14 -0.46
C SER E 55 28.91 27.66 -0.46
N PHE E 56 29.70 28.37 -1.27
CA PHE E 56 29.59 29.80 -1.36
C PHE E 56 29.72 30.38 -2.77
N SER E 57 29.32 31.62 -2.93
CA SER E 57 29.22 32.26 -4.24
C SER E 57 30.33 33.25 -4.49
N LYS E 58 30.38 33.72 -5.72
CA LYS E 58 31.26 34.82 -6.14
C LYS E 58 31.38 35.91 -5.08
N ASP E 59 30.29 36.31 -4.43
CA ASP E 59 30.40 37.37 -3.43
C ASP E 59 30.68 36.85 -1.99
N TRP E 60 31.18 35.63 -1.89
CA TRP E 60 31.53 34.98 -0.63
C TRP E 60 30.40 34.58 0.25
N SER E 61 29.19 34.94 -0.09
CA SER E 61 28.12 34.56 0.81
C SER E 61 27.83 33.08 0.64
N PHE E 62 27.48 32.41 1.74
CA PHE E 62 27.19 30.97 1.72
C PHE E 62 25.79 30.66 1.23
N TYR E 63 25.61 29.40 0.83
CA TYR E 63 24.33 28.88 0.37
C TYR E 63 24.25 27.37 0.52
N LEU E 64 23.04 26.84 0.43
CA LEU E 64 22.76 25.49 0.92
C LEU E 64 21.42 25.04 0.36
N LEU E 65 21.34 23.77 -0.08
CA LEU E 65 20.08 23.17 -0.56
C LEU E 65 19.63 22.06 0.37
N TYR E 66 18.47 22.22 1.02
CA TYR E 66 17.82 21.11 1.73
C TYR E 66 16.67 20.62 0.88
N TYR E 67 16.47 19.30 0.86
CA TYR E 67 15.47 18.72 -0.03
C TYR E 67 15.01 17.36 0.43
N THR E 68 13.75 17.09 0.16
CA THR E 68 13.13 15.85 0.59
C THR E 68 12.30 15.34 -0.58
N GLU E 69 12.21 14.02 -0.70
CA GLU E 69 11.25 13.41 -1.61
C GLU E 69 9.87 13.48 -0.95
N PHE E 70 8.82 13.60 -1.75
CA PHE E 70 7.49 13.71 -1.21
C PHE E 70 6.47 13.60 -2.31
N THR E 71 5.27 13.21 -1.92
CA THR E 71 4.15 13.21 -2.85
C THR E 71 3.09 14.17 -2.36
N PRO E 72 2.97 15.33 -3.03
CA PRO E 72 2.03 16.32 -2.56
C PRO E 72 0.60 15.82 -2.65
N THR E 73 -0.24 16.25 -1.75
CA THR E 73 -1.65 16.00 -1.86
C THR E 73 -2.30 17.37 -1.73
N GLU E 74 -3.56 17.48 -2.11
CA GLU E 74 -4.24 18.78 -2.11
C GLU E 74 -4.26 19.38 -0.71
N LYS E 75 -4.43 18.52 0.29
CA LYS E 75 -4.67 18.98 1.67
C LYS E 75 -3.40 19.46 2.34
N ASP E 76 -2.34 18.68 2.16
CA ASP E 76 -1.03 18.92 2.78
C ASP E 76 -0.42 20.33 2.55
N GLU E 77 0.17 20.90 3.62
CA GLU E 77 0.87 22.19 3.56
C GLU E 77 2.31 22.05 4.01
N TYR E 78 3.22 22.62 3.22
CA TYR E 78 4.64 22.55 3.53
C TYR E 78 5.26 23.92 3.77
N ALA E 79 6.43 23.94 4.39
CA ALA E 79 7.10 25.20 4.67
C ALA E 79 8.56 24.96 5.04
N CYS E 80 9.36 26.00 4.96
CA CYS E 80 10.77 25.89 5.32
C CYS E 80 11.06 26.77 6.50
N ARG E 81 11.77 26.24 7.49
CA ARG E 81 12.09 27.00 8.69
C ARG E 81 13.60 27.09 8.94
N VAL E 82 14.08 28.33 8.99
CA VAL E 82 15.50 28.65 9.05
C VAL E 82 15.83 29.45 10.32
N ASN E 83 16.84 29.03 11.07
CA ASN E 83 17.42 29.90 12.09
C ASN E 83 18.85 30.26 11.70
N HIS E 84 19.29 31.45 12.10
CA HIS E 84 20.63 31.95 11.80
C HIS E 84 20.99 33.12 12.69
N VAL E 85 22.28 33.28 13.00
CA VAL E 85 22.72 34.40 13.85
C VAL E 85 21.93 35.69 13.59
N THR E 86 21.65 36.03 12.34
CA THR E 86 21.02 37.31 12.01
C THR E 86 19.48 37.37 12.11
N LEU E 87 18.85 36.36 12.69
CA LEU E 87 17.38 36.32 12.75
C LEU E 87 16.88 36.27 14.18
N SER E 88 16.08 37.27 14.53
CA SER E 88 15.38 37.35 15.83
C SER E 88 14.90 36.01 16.34
N GLN E 89 14.30 35.25 15.44
CA GLN E 89 13.66 33.97 15.78
C GLN E 89 13.41 33.24 14.47
N PRO E 90 13.25 31.89 14.52
CA PRO E 90 13.10 31.12 13.29
C PRO E 90 12.21 31.82 12.28
N LYS E 91 12.65 31.89 11.04
CA LYS E 91 11.81 32.41 9.98
C LYS E 91 11.25 31.22 9.24
N ILE E 92 9.97 31.28 8.90
CA ILE E 92 9.24 30.21 8.21
C ILE E 92 8.77 30.75 6.87
N VAL E 93 9.06 30.02 5.80
CA VAL E 93 8.55 30.39 4.49
C VAL E 93 7.66 29.29 3.96
N LYS E 94 6.49 29.70 3.47
CA LYS E 94 5.45 28.77 3.11
C LYS E 94 5.71 28.42 1.68
N TRP E 95 5.46 27.18 1.30
CA TRP E 95 5.67 26.77 -0.06
C TRP E 95 4.55 27.21 -0.97
N ASP E 96 4.77 28.30 -1.69
CA ASP E 96 3.83 28.71 -2.75
C ASP E 96 3.90 27.64 -3.84
N ARG E 97 2.75 27.06 -4.18
CA ARG E 97 2.62 26.08 -5.25
C ARG E 97 3.13 26.49 -6.66
N ASP E 98 3.05 27.78 -6.98
CA ASP E 98 3.27 28.27 -8.34
C ASP E 98 4.72 28.40 -8.74
N MET E 99 5.58 28.60 -7.75
CA MET E 99 6.92 29.12 -7.98
C MET E 99 8.00 28.07 -7.99
N HIS F 3 91.74 11.14 -15.48
CA HIS F 3 91.28 11.98 -16.63
C HIS F 3 90.64 13.22 -16.11
N LYS F 4 90.96 14.36 -16.73
CA LYS F 4 90.40 15.64 -16.30
C LYS F 4 88.90 15.78 -16.60
N SER F 5 88.42 15.17 -17.69
CA SER F 5 87.05 15.38 -18.16
C SER F 5 86.27 14.09 -18.17
N GLU F 6 85.17 14.06 -17.43
CA GLU F 6 84.33 12.86 -17.41
C GLU F 6 83.53 12.73 -18.71
N VAL F 7 83.05 13.84 -19.24
CA VAL F 7 82.29 13.78 -20.47
C VAL F 7 83.12 13.11 -21.56
N ALA F 8 84.40 13.47 -21.58
CA ALA F 8 85.36 12.94 -22.53
C ALA F 8 85.46 11.44 -22.39
N HIS F 9 85.78 10.99 -21.18
CA HIS F 9 85.97 9.57 -20.86
C HIS F 9 84.85 8.75 -21.40
N ARG F 10 83.62 9.11 -21.04
CA ARG F 10 82.46 8.29 -21.41
C ARG F 10 82.32 8.19 -22.91
N PHE F 11 82.35 9.35 -23.56
CA PHE F 11 82.22 9.42 -25.00
C PHE F 11 83.19 8.48 -25.69
N LYS F 12 84.44 8.52 -25.25
CA LYS F 12 85.46 7.64 -25.76
C LYS F 12 84.99 6.17 -25.57
N ASP F 13 84.73 5.81 -24.31
CA ASP F 13 84.43 4.41 -23.93
C ASP F 13 83.21 3.87 -24.62
N LEU F 14 82.13 4.63 -24.59
CA LEU F 14 80.86 4.12 -25.06
C LEU F 14 80.76 4.17 -26.58
N GLY F 15 81.57 5.04 -27.18
CA GLY F 15 81.45 5.33 -28.59
C GLY F 15 80.32 6.31 -28.84
N GLU F 16 80.36 6.98 -30.00
CA GLU F 16 79.42 8.07 -30.30
C GLU F 16 77.97 7.62 -30.33
N GLU F 17 77.68 6.50 -30.98
CA GLU F 17 76.27 6.16 -31.24
C GLU F 17 75.51 5.81 -29.97
N ASN F 18 76.18 5.10 -29.08
CA ASN F 18 75.62 4.72 -27.79
C ASN F 18 75.45 5.96 -26.91
N PHE F 19 76.46 6.82 -26.94
CA PHE F 19 76.47 8.07 -26.20
C PHE F 19 75.21 8.87 -26.50
N LYS F 20 75.02 9.17 -27.77
CA LYS F 20 73.87 9.95 -28.23
C LYS F 20 72.56 9.28 -27.82
N ALA F 21 72.51 7.96 -27.84
CA ALA F 21 71.32 7.27 -27.42
C ALA F 21 71.12 7.43 -25.91
N LEU F 22 72.15 7.18 -25.10
CA LEU F 22 72.02 7.26 -23.65
C LEU F 22 71.65 8.67 -23.21
N VAL F 23 72.28 9.67 -23.81
CA VAL F 23 71.92 11.06 -23.49
C VAL F 23 70.48 11.34 -23.84
N LEU F 24 70.00 10.86 -24.98
CA LEU F 24 68.57 11.04 -25.36
C LEU F 24 67.65 10.34 -24.37
N ILE F 25 68.07 9.17 -23.87
CA ILE F 25 67.31 8.47 -22.84
C ILE F 25 67.33 9.39 -21.64
N ALA F 26 68.52 9.82 -21.20
CA ALA F 26 68.62 10.70 -20.03
C ALA F 26 67.57 11.81 -20.05
N PHE F 27 67.50 12.58 -21.14
CA PHE F 27 66.59 13.72 -21.18
C PHE F 27 65.13 13.29 -21.24
N ALA F 28 64.84 12.27 -22.02
CA ALA F 28 63.51 11.70 -22.06
C ALA F 28 63.01 11.34 -20.65
N GLN F 29 63.83 10.63 -19.89
CA GLN F 29 63.43 10.20 -18.59
C GLN F 29 63.15 11.36 -17.65
N TYR F 30 63.94 12.43 -17.70
CA TYR F 30 63.68 13.61 -16.83
C TYR F 30 62.53 14.48 -17.36
N LEU F 31 62.61 14.88 -18.62
CA LEU F 31 61.62 15.76 -19.20
C LEU F 31 60.68 14.96 -20.08
N GLN F 32 59.65 14.41 -19.48
CA GLN F 32 58.80 13.45 -20.19
C GLN F 32 57.86 14.04 -21.27
N GLN F 33 57.70 15.36 -21.36
CA GLN F 33 56.69 15.96 -22.28
C GLN F 33 57.25 16.96 -23.29
N CYS F 34 58.47 17.45 -23.06
CA CYS F 34 59.25 18.16 -24.08
C CYS F 34 59.09 17.32 -25.36
N PRO F 35 58.61 17.94 -26.45
CA PRO F 35 58.52 17.27 -27.77
C PRO F 35 59.84 16.73 -28.27
N PHE F 36 59.76 15.73 -29.12
CA PHE F 36 60.94 14.99 -29.58
C PHE F 36 62.05 15.86 -30.18
N GLU F 37 61.65 16.82 -31.01
CA GLU F 37 62.60 17.60 -31.80
C GLU F 37 63.58 18.32 -30.86
N ASP F 38 63.02 18.81 -29.76
CA ASP F 38 63.72 19.57 -28.72
C ASP F 38 64.83 18.75 -28.07
N HIS F 39 64.50 17.53 -27.67
CA HIS F 39 65.47 16.60 -27.09
C HIS F 39 66.61 16.40 -28.03
N VAL F 40 66.30 16.24 -29.32
CA VAL F 40 67.34 16.03 -30.31
C VAL F 40 68.30 17.24 -30.38
N LYS F 41 67.77 18.46 -30.27
CA LYS F 41 68.66 19.65 -30.22
C LYS F 41 69.54 19.56 -28.99
N LEU F 42 68.91 19.31 -27.83
CA LEU F 42 69.62 19.17 -26.55
C LEU F 42 70.67 18.07 -26.62
N VAL F 43 70.30 16.90 -27.15
CA VAL F 43 71.27 15.80 -27.26
C VAL F 43 72.44 16.22 -28.15
N ASN F 44 72.11 16.85 -29.28
CA ASN F 44 73.11 17.22 -30.27
C ASN F 44 74.02 18.30 -29.74
N GLU F 45 73.48 19.20 -28.94
CA GLU F 45 74.29 20.19 -28.24
C GLU F 45 75.29 19.54 -27.29
N VAL F 46 74.79 18.65 -26.43
CA VAL F 46 75.62 17.95 -25.44
C VAL F 46 76.70 17.09 -26.13
N THR F 47 76.33 16.43 -27.24
CA THR F 47 77.28 15.63 -27.99
C THR F 47 78.39 16.53 -28.48
N GLU F 48 78.01 17.59 -29.18
CA GLU F 48 78.98 18.51 -29.81
C GLU F 48 79.91 19.16 -28.80
N PHE F 49 79.37 19.48 -27.63
CA PHE F 49 80.20 19.90 -26.53
C PHE F 49 81.22 18.81 -26.16
N ALA F 50 80.75 17.57 -26.08
CA ALA F 50 81.63 16.47 -25.71
C ALA F 50 82.78 16.34 -26.71
N LYS F 51 82.47 16.44 -28.00
CA LYS F 51 83.49 16.27 -29.05
C LYS F 51 84.66 17.23 -28.86
N THR F 52 84.36 18.39 -28.28
CA THR F 52 85.34 19.42 -28.05
C THR F 52 86.19 19.12 -26.80
N CYS F 53 85.86 18.08 -26.04
CA CYS F 53 86.69 17.66 -24.91
C CYS F 53 87.45 16.39 -25.25
N VAL F 54 86.87 15.55 -26.11
CA VAL F 54 87.60 14.46 -26.73
C VAL F 54 88.76 15.09 -27.50
N ALA F 55 88.52 16.26 -28.10
CA ALA F 55 89.57 17.08 -28.74
C ALA F 55 90.59 17.67 -27.74
N ASP F 56 90.14 18.55 -26.84
CA ASP F 56 91.03 19.11 -25.81
C ASP F 56 90.40 18.97 -24.41
N GLU F 57 90.94 18.07 -23.58
CA GLU F 57 90.39 17.76 -22.24
C GLU F 57 90.47 18.91 -21.21
N SER F 58 91.18 19.99 -21.54
CA SER F 58 91.27 21.14 -20.65
C SER F 58 90.41 22.30 -21.12
N ALA F 59 89.77 22.16 -22.28
CA ALA F 59 88.91 23.22 -22.87
C ALA F 59 87.81 23.70 -21.92
N GLU F 60 87.26 24.89 -22.22
CA GLU F 60 86.28 25.57 -21.34
C GLU F 60 85.12 24.66 -20.91
N ASN F 61 85.02 24.41 -19.61
CA ASN F 61 83.91 23.68 -18.99
C ASN F 61 83.99 22.14 -18.93
N CYS F 62 84.95 21.51 -19.61
CA CYS F 62 85.02 20.04 -19.65
C CYS F 62 85.31 19.38 -18.30
N ASP F 63 85.80 20.16 -17.35
CA ASP F 63 86.05 19.69 -15.99
C ASP F 63 84.78 19.34 -15.22
N LYS F 64 83.66 19.96 -15.59
CA LYS F 64 82.42 19.83 -14.82
C LYS F 64 81.89 18.40 -14.77
N SER F 65 81.13 18.12 -13.72
CA SER F 65 80.54 16.80 -13.54
C SER F 65 79.36 16.66 -14.49
N LEU F 66 78.99 15.42 -14.79
CA LEU F 66 77.90 15.13 -15.70
C LEU F 66 76.60 15.70 -15.16
N HIS F 67 76.44 15.70 -13.84
CA HIS F 67 75.23 16.24 -13.26
C HIS F 67 75.12 17.73 -13.48
N THR F 68 76.22 18.47 -13.26
CA THR F 68 76.19 19.90 -13.51
C THR F 68 75.82 20.20 -14.98
N LEU F 69 76.36 19.43 -15.91
CA LEU F 69 76.12 19.70 -17.34
C LEU F 69 74.69 19.37 -17.78
N PHE F 70 74.17 18.22 -17.35
CA PHE F 70 72.82 17.78 -17.69
C PHE F 70 71.81 18.64 -16.93
N GLY F 71 72.16 19.00 -15.70
CA GLY F 71 71.44 20.06 -14.98
C GLY F 71 71.39 21.41 -15.70
N ASP F 72 72.52 22.11 -15.77
CA ASP F 72 72.62 23.35 -16.53
C ASP F 72 71.66 23.33 -17.74
N LYS F 73 71.70 22.24 -18.49
CA LYS F 73 70.94 22.11 -19.73
C LYS F 73 69.43 21.96 -19.53
N LEU F 74 69.01 21.25 -18.49
CA LEU F 74 67.59 21.01 -18.25
C LEU F 74 66.86 22.27 -17.83
N CYS F 75 67.63 23.17 -17.22
CA CYS F 75 67.11 24.47 -16.81
C CYS F 75 67.07 25.46 -17.98
N THR F 76 67.59 25.08 -19.15
CA THR F 76 67.25 25.74 -20.42
C THR F 76 65.75 25.97 -20.58
N VAL F 77 64.97 24.89 -20.45
CA VAL F 77 63.52 24.96 -20.51
C VAL F 77 63.06 25.44 -19.13
N ALA F 78 62.82 26.76 -18.97
CA ALA F 78 62.40 27.37 -17.69
C ALA F 78 60.88 27.24 -17.42
N THR F 79 60.08 27.20 -18.52
CA THR F 79 58.60 27.01 -18.49
C THR F 79 58.22 25.91 -17.51
N LEU F 80 59.10 24.92 -17.41
CA LEU F 80 58.96 23.70 -16.59
C LEU F 80 57.69 23.66 -15.77
N ARG F 81 57.48 24.70 -14.96
CA ARG F 81 56.31 24.75 -14.06
C ARG F 81 55.00 24.63 -14.81
N GLU F 82 54.85 25.43 -15.86
CA GLU F 82 53.62 25.47 -16.64
C GLU F 82 53.35 24.12 -17.28
N THR F 83 54.40 23.41 -17.66
CA THR F 83 54.27 22.15 -18.38
C THR F 83 54.67 20.85 -17.57
N TYR F 84 55.29 21.02 -16.39
CA TYR F 84 55.72 19.87 -15.48
C TYR F 84 55.42 20.00 -13.95
N GLY F 85 55.46 21.21 -13.40
CA GLY F 85 55.06 21.39 -12.02
C GLY F 85 56.25 21.44 -11.11
N GLU F 86 56.15 20.82 -9.94
CA GLU F 86 57.18 20.98 -8.90
C GLU F 86 58.63 20.70 -9.36
N MET F 87 58.80 20.27 -10.61
CA MET F 87 60.10 20.21 -11.28
C MET F 87 60.86 21.55 -11.25
N ALA F 88 60.16 22.66 -11.50
CA ALA F 88 60.80 23.99 -11.63
C ALA F 88 61.51 24.38 -10.34
N ASP F 89 60.90 24.04 -9.22
CA ASP F 89 61.47 24.23 -7.90
C ASP F 89 62.91 23.77 -7.81
N CYS F 90 63.29 22.84 -8.70
CA CYS F 90 64.60 22.21 -8.65
C CYS F 90 65.64 23.08 -9.29
N CYS F 91 65.28 23.81 -10.34
CA CYS F 91 66.24 24.70 -10.97
C CYS F 91 66.72 25.80 -10.00
N ALA F 92 65.89 26.08 -8.99
CA ALA F 92 66.28 26.89 -7.83
C ALA F 92 67.58 26.44 -7.14
N LYS F 93 67.78 25.13 -7.00
CA LYS F 93 68.86 24.56 -6.17
C LYS F 93 70.17 24.38 -6.92
N GLN F 94 71.20 24.02 -6.15
CA GLN F 94 72.54 23.75 -6.67
C GLN F 94 72.93 22.32 -6.36
N GLU F 95 73.84 21.78 -7.18
CA GLU F 95 74.30 20.41 -7.03
C GLU F 95 74.89 20.26 -5.64
N PRO F 96 74.67 19.13 -4.97
CA PRO F 96 74.01 17.90 -5.37
C PRO F 96 72.50 17.81 -5.05
N GLU F 97 71.96 18.72 -4.23
CA GLU F 97 70.53 18.71 -3.85
C GLU F 97 69.64 18.77 -5.08
N ARG F 98 70.16 19.40 -6.13
CA ARG F 98 69.44 19.61 -7.38
C ARG F 98 69.09 18.30 -8.09
N ASN F 99 70.06 17.44 -8.30
CA ASN F 99 69.80 16.12 -8.89
C ASN F 99 68.84 15.22 -8.06
N GLU F 100 68.88 15.33 -6.73
CA GLU F 100 67.99 14.52 -5.85
C GLU F 100 66.57 14.96 -6.10
N CYS F 101 66.45 16.25 -6.40
CA CYS F 101 65.18 16.87 -6.65
C CYS F 101 64.63 16.30 -7.95
N PHE F 102 65.39 16.43 -9.03
CA PHE F 102 64.99 15.91 -10.32
C PHE F 102 64.59 14.45 -10.27
N LEU F 103 65.26 13.68 -9.42
CA LEU F 103 64.98 12.26 -9.24
C LEU F 103 63.66 11.97 -8.53
N GLN F 104 63.32 12.76 -7.50
CA GLN F 104 62.02 12.62 -6.85
C GLN F 104 60.87 12.95 -7.82
N HIS F 105 61.11 13.85 -8.75
CA HIS F 105 60.05 14.35 -9.63
C HIS F 105 60.10 13.74 -11.01
N LYS F 106 60.27 12.42 -11.04
CA LYS F 106 60.05 11.64 -12.24
C LYS F 106 58.83 10.83 -11.90
N ASP F 107 57.89 10.69 -12.85
CA ASP F 107 56.75 9.78 -12.66
C ASP F 107 56.01 10.15 -11.37
N ASP F 108 55.79 11.45 -11.19
CA ASP F 108 54.65 11.93 -10.40
C ASP F 108 53.45 11.63 -11.32
N ASN F 109 53.63 11.94 -12.62
CA ASN F 109 52.66 11.64 -13.66
C ASN F 109 53.06 10.36 -14.41
N PRO F 110 52.62 9.18 -13.94
CA PRO F 110 52.74 8.14 -14.94
C PRO F 110 51.84 8.56 -16.09
N ASN F 111 50.63 8.97 -15.71
CA ASN F 111 49.41 8.95 -16.55
C ASN F 111 49.46 9.92 -17.76
N LEU F 112 50.28 9.50 -18.72
CA LEU F 112 50.52 10.20 -19.97
C LEU F 112 49.84 9.45 -21.13
N PRO F 113 49.28 10.19 -22.11
CA PRO F 113 48.65 9.53 -23.26
C PRO F 113 49.26 8.18 -23.65
N ARG F 114 48.42 7.20 -24.00
CA ARG F 114 48.90 5.92 -24.54
C ARG F 114 49.46 6.12 -25.97
N LEU F 115 50.31 5.19 -26.42
CA LEU F 115 50.86 5.21 -27.79
C LEU F 115 49.99 4.35 -28.70
N VAL F 116 49.08 4.98 -29.42
CA VAL F 116 48.39 4.32 -30.54
C VAL F 116 49.47 4.06 -31.62
N ARG F 117 49.70 2.79 -31.93
CA ARG F 117 50.62 2.41 -33.01
C ARG F 117 50.15 2.94 -34.37
N PRO F 118 51.02 3.66 -35.10
CA PRO F 118 50.64 3.95 -36.47
C PRO F 118 50.40 2.66 -37.27
N GLU F 119 49.84 2.79 -38.45
CA GLU F 119 49.55 1.61 -39.26
C GLU F 119 50.84 1.05 -39.83
N VAL F 120 50.92 -0.27 -39.84
CA VAL F 120 52.13 -1.01 -40.11
C VAL F 120 52.86 -0.49 -41.37
N ASP F 121 52.10 -0.08 -42.39
CA ASP F 121 52.69 0.40 -43.64
C ASP F 121 53.29 1.78 -43.49
N VAL F 122 52.64 2.63 -42.72
CA VAL F 122 53.15 4.00 -42.51
C VAL F 122 54.46 3.91 -41.71
N MET F 123 54.54 2.92 -40.82
CA MET F 123 55.71 2.72 -40.00
C MET F 123 56.83 2.27 -40.91
N CYS F 124 56.56 1.27 -41.73
CA CYS F 124 57.56 0.75 -42.68
C CYS F 124 57.97 1.79 -43.76
N THR F 125 57.06 2.69 -44.12
CA THR F 125 57.40 3.90 -44.86
C THR F 125 58.52 4.62 -44.10
N ALA F 126 58.17 5.13 -42.91
CA ALA F 126 59.05 5.97 -42.10
C ALA F 126 60.41 5.33 -41.87
N PHE F 127 60.39 4.02 -41.67
CA PHE F 127 61.60 3.28 -41.33
C PHE F 127 62.57 3.24 -42.52
N HIS F 128 62.03 2.92 -43.69
CA HIS F 128 62.78 2.89 -44.94
C HIS F 128 63.29 4.28 -45.24
N ASP F 129 62.44 5.30 -45.04
CA ASP F 129 62.82 6.73 -45.23
C ASP F 129 63.87 7.21 -44.23
N ASN F 130 63.52 8.05 -43.25
CA ASN F 130 64.50 8.36 -42.21
C ASN F 130 64.55 7.30 -41.11
N GLU F 131 65.46 6.34 -41.30
CA GLU F 131 65.62 5.25 -40.36
C GLU F 131 66.23 5.74 -39.05
N GLU F 132 67.36 6.40 -39.16
CA GLU F 132 68.11 6.86 -38.00
C GLU F 132 67.19 7.51 -36.97
N THR F 133 66.26 8.32 -37.45
CA THR F 133 65.26 8.95 -36.59
C THR F 133 64.23 7.99 -36.03
N PHE F 134 63.49 7.30 -36.88
CA PHE F 134 62.47 6.34 -36.45
C PHE F 134 62.88 5.59 -35.18
N LEU F 135 64.13 5.12 -35.14
CA LEU F 135 64.66 4.44 -33.96
C LEU F 135 64.86 5.39 -32.77
N LYS F 136 65.35 6.60 -33.01
CA LYS F 136 65.40 7.60 -31.92
C LYS F 136 64.02 7.84 -31.31
N LYS F 137 62.99 7.93 -32.14
CA LYS F 137 61.63 8.13 -31.63
C LYS F 137 61.17 6.97 -30.73
N TYR F 138 61.57 5.76 -31.07
CA TYR F 138 61.30 4.59 -30.24
C TYR F 138 61.94 4.83 -28.87
N LEU F 139 63.26 5.05 -28.86
CA LEU F 139 64.00 5.36 -27.61
C LEU F 139 63.28 6.45 -26.78
N TYR F 140 62.91 7.53 -27.44
CA TYR F 140 62.25 8.65 -26.76
C TYR F 140 60.90 8.25 -26.21
N GLU F 141 60.07 7.61 -27.03
CA GLU F 141 58.72 7.24 -26.59
C GLU F 141 58.75 6.24 -25.42
N ILE F 142 59.59 5.22 -25.50
CA ILE F 142 59.69 4.26 -24.39
C ILE F 142 60.32 4.88 -23.12
N ALA F 143 61.42 5.60 -23.31
CA ALA F 143 62.14 6.18 -22.16
C ALA F 143 61.22 7.07 -21.35
N ARG F 144 60.42 7.87 -22.02
CA ARG F 144 59.66 8.88 -21.31
C ARG F 144 58.43 8.33 -20.64
N ARG F 145 58.00 7.13 -21.00
CA ARG F 145 56.95 6.50 -20.23
C ARG F 145 57.49 5.56 -19.15
N HIS F 146 58.80 5.39 -19.08
CA HIS F 146 59.37 4.51 -18.07
C HIS F 146 60.65 5.08 -17.53
N PRO F 147 60.53 6.14 -16.73
CA PRO F 147 61.70 6.94 -16.37
C PRO F 147 62.75 6.21 -15.55
N TYR F 148 62.47 4.98 -15.16
CA TYR F 148 63.43 4.18 -14.41
C TYR F 148 63.92 2.99 -15.22
N PHE F 149 63.42 2.88 -16.44
CA PHE F 149 63.88 1.86 -17.34
C PHE F 149 65.38 1.83 -17.40
N TYR F 150 65.91 0.61 -17.33
CA TYR F 150 67.36 0.34 -17.25
C TYR F 150 68.07 0.71 -18.57
N ALA F 151 68.71 1.88 -18.59
CA ALA F 151 69.19 2.47 -19.84
C ALA F 151 69.87 1.49 -20.79
N PRO F 152 70.89 0.77 -20.32
CA PRO F 152 71.57 -0.22 -21.15
C PRO F 152 70.73 -1.30 -21.80
N GLU F 153 69.73 -1.82 -21.10
CA GLU F 153 68.84 -2.77 -21.74
C GLU F 153 68.01 -2.07 -22.81
N LEU F 154 67.61 -0.82 -22.58
CA LEU F 154 66.79 -0.15 -23.58
C LEU F 154 67.54 -0.05 -24.91
N LEU F 155 68.87 0.12 -24.86
CA LEU F 155 69.66 0.13 -26.08
C LEU F 155 69.49 -1.15 -26.83
N PHE F 156 69.51 -2.28 -26.11
CA PHE F 156 69.29 -3.61 -26.69
C PHE F 156 67.87 -3.80 -27.25
N PHE F 157 66.86 -3.37 -26.50
CA PHE F 157 65.53 -3.33 -27.07
C PHE F 157 65.52 -2.53 -28.37
N ALA F 158 66.21 -1.39 -28.42
CA ALA F 158 66.27 -0.66 -29.69
C ALA F 158 66.87 -1.51 -30.83
N LYS F 159 67.87 -2.35 -30.56
CA LYS F 159 68.40 -3.21 -31.60
C LYS F 159 67.41 -4.25 -32.05
N ARG F 160 66.62 -4.78 -31.13
CA ARG F 160 65.56 -5.73 -31.48
C ARG F 160 64.48 -5.07 -32.33
N TYR F 161 64.03 -3.89 -31.94
CA TYR F 161 63.06 -3.15 -32.74
C TYR F 161 63.58 -3.10 -34.18
N LYS F 162 64.80 -2.58 -34.37
CA LYS F 162 65.38 -2.41 -35.71
C LYS F 162 65.42 -3.73 -36.48
N ALA F 163 65.92 -4.78 -35.81
CA ALA F 163 65.93 -6.14 -36.36
C ALA F 163 64.58 -6.58 -36.88
N ALA F 164 63.51 -6.28 -36.13
CA ALA F 164 62.15 -6.63 -36.54
C ALA F 164 61.73 -5.94 -37.83
N PHE F 165 61.99 -4.65 -37.95
CA PHE F 165 61.65 -3.91 -39.18
C PHE F 165 62.58 -4.29 -40.36
N THR F 166 63.85 -4.56 -40.08
CA THR F 166 64.79 -5.08 -41.09
C THR F 166 64.28 -6.41 -41.64
N GLU F 167 63.70 -7.22 -40.77
CA GLU F 167 63.26 -8.56 -41.11
C GLU F 167 61.83 -8.65 -41.66
N CYS F 168 61.04 -7.57 -41.61
CA CYS F 168 59.60 -7.67 -41.90
C CYS F 168 59.01 -6.69 -42.91
N CYS F 169 59.73 -5.64 -43.29
CA CYS F 169 59.13 -4.65 -44.19
C CYS F 169 59.26 -5.05 -45.62
N GLN F 170 59.90 -6.18 -45.89
CA GLN F 170 59.98 -6.73 -47.24
C GLN F 170 58.86 -7.73 -47.52
N ALA F 171 58.05 -8.05 -46.51
CA ALA F 171 57.00 -9.03 -46.65
C ALA F 171 55.71 -8.41 -47.17
N ALA F 172 54.90 -9.28 -47.76
CA ALA F 172 53.65 -8.90 -48.38
C ALA F 172 52.65 -8.55 -47.30
N ASP F 173 52.40 -9.51 -46.40
CA ASP F 173 51.60 -9.24 -45.19
C ASP F 173 52.52 -8.82 -44.04
N LYS F 174 52.77 -7.51 -43.96
CA LYS F 174 53.69 -6.97 -42.97
C LYS F 174 53.16 -7.12 -41.55
N ALA F 175 51.85 -6.89 -41.36
CA ALA F 175 51.22 -7.03 -40.04
C ALA F 175 51.42 -8.45 -39.47
N ALA F 176 51.08 -9.47 -40.24
CA ALA F 176 51.29 -10.87 -39.80
C ALA F 176 52.72 -11.12 -39.27
N CYS F 177 53.71 -10.47 -39.87
CA CYS F 177 55.12 -10.69 -39.56
C CYS F 177 55.53 -9.95 -38.32
N LEU F 178 55.20 -8.65 -38.34
CA LEU F 178 55.71 -7.69 -37.38
C LEU F 178 54.97 -7.69 -36.02
N LEU F 179 53.67 -7.39 -36.01
CA LEU F 179 52.93 -7.20 -34.74
C LEU F 179 53.21 -8.28 -33.68
N PRO F 180 53.34 -9.56 -34.07
CA PRO F 180 53.78 -10.54 -33.09
C PRO F 180 55.09 -10.18 -32.42
N LYS F 181 56.08 -9.77 -33.20
CA LYS F 181 57.39 -9.40 -32.66
C LYS F 181 57.36 -8.13 -31.82
N LEU F 182 56.65 -7.11 -32.29
CA LEU F 182 56.49 -5.88 -31.51
C LEU F 182 55.69 -6.12 -30.23
N ASP F 183 54.73 -7.04 -30.25
CA ASP F 183 53.92 -7.31 -29.07
C ASP F 183 54.67 -8.09 -28.00
N GLU F 184 55.55 -9.00 -28.41
CA GLU F 184 56.44 -9.68 -27.44
C GLU F 184 57.45 -8.71 -26.85
N LEU F 185 57.95 -7.84 -27.72
CA LEU F 185 58.95 -6.86 -27.38
C LEU F 185 58.38 -5.83 -26.44
N ARG F 186 57.11 -5.49 -26.62
CA ARG F 186 56.41 -4.61 -25.68
C ARG F 186 56.21 -5.30 -24.34
N ASP F 187 55.91 -6.59 -24.36
CA ASP F 187 55.65 -7.31 -23.14
C ASP F 187 56.93 -7.53 -22.34
N GLU F 188 58.01 -7.96 -22.99
CA GLU F 188 59.33 -8.00 -22.36
C GLU F 188 59.65 -6.66 -21.73
N GLY F 189 59.32 -5.59 -22.44
CA GLY F 189 59.66 -4.25 -22.00
C GLY F 189 58.97 -3.83 -20.74
N LYS F 190 57.68 -4.08 -20.68
CA LYS F 190 56.89 -3.67 -19.52
C LYS F 190 57.34 -4.46 -18.29
N ALA F 191 57.68 -5.73 -18.44
CA ALA F 191 58.19 -6.53 -17.32
C ALA F 191 59.56 -6.03 -16.85
N SER F 192 60.44 -5.71 -17.79
CA SER F 192 61.76 -5.17 -17.47
C SER F 192 61.66 -3.85 -16.68
N SER F 193 60.92 -2.89 -17.22
CA SER F 193 60.72 -1.63 -16.51
C SER F 193 60.31 -1.83 -15.04
N ALA F 194 59.43 -2.82 -14.81
CA ALA F 194 58.86 -3.08 -13.50
C ALA F 194 59.89 -3.69 -12.60
N LYS F 195 60.62 -4.70 -13.07
CA LYS F 195 61.70 -5.32 -12.25
C LYS F 195 62.74 -4.28 -11.85
N GLN F 196 63.00 -3.31 -12.73
CA GLN F 196 63.98 -2.27 -12.48
C GLN F 196 63.51 -1.25 -11.46
N ARG F 197 62.23 -0.89 -11.51
CA ARG F 197 61.66 0.04 -10.53
C ARG F 197 61.70 -0.53 -9.11
N LEU F 198 61.56 -1.85 -8.97
CA LEU F 198 61.76 -2.52 -7.68
C LEU F 198 63.24 -2.50 -7.30
N LYS F 199 64.11 -2.77 -8.24
CA LYS F 199 65.52 -2.60 -7.95
C LYS F 199 65.87 -1.19 -7.39
N CYS F 200 65.38 -0.10 -7.99
CA CYS F 200 65.72 1.24 -7.54
C CYS F 200 65.03 1.58 -6.23
N ALA F 201 63.81 1.07 -6.04
CA ALA F 201 63.09 1.30 -4.78
C ALA F 201 63.94 0.67 -3.71
N SER F 202 64.27 -0.59 -3.94
CA SER F 202 65.09 -1.30 -3.01
C SER F 202 66.27 -0.41 -2.59
N LEU F 203 67.08 0.01 -3.56
CA LEU F 203 68.27 0.82 -3.26
C LEU F 203 67.96 2.16 -2.57
N GLN F 204 67.14 2.99 -3.21
CA GLN F 204 66.80 4.29 -2.63
C GLN F 204 66.11 4.23 -1.27
N LYS F 205 64.95 3.58 -1.19
CA LYS F 205 64.11 3.65 -0.01
C LYS F 205 64.48 2.64 1.05
N PHE F 206 65.14 1.54 0.71
CA PHE F 206 65.46 0.51 1.74
C PHE F 206 66.93 0.30 2.06
N GLY F 207 67.83 0.87 1.26
CA GLY F 207 69.26 0.74 1.53
C GLY F 207 69.99 -0.31 0.73
N GLU F 208 71.31 -0.12 0.67
CA GLU F 208 72.22 -1.01 -0.04
C GLU F 208 72.16 -2.44 0.54
N ARG F 209 72.14 -2.54 1.87
CA ARG F 209 71.96 -3.81 2.53
C ARG F 209 70.83 -4.65 1.95
N ALA F 210 69.69 -4.02 1.60
CA ALA F 210 68.51 -4.78 1.17
C ALA F 210 68.72 -5.32 -0.20
N PHE F 211 69.28 -4.51 -1.07
CA PHE F 211 69.53 -4.92 -2.44
C PHE F 211 70.61 -5.96 -2.45
N LYS F 212 71.67 -5.77 -1.68
CA LYS F 212 72.76 -6.77 -1.70
C LYS F 212 72.25 -8.17 -1.34
N ALA F 213 71.40 -8.24 -0.34
CA ALA F 213 70.76 -9.49 0.04
C ALA F 213 70.01 -10.11 -1.14
N TRP F 214 69.27 -9.28 -1.85
CA TRP F 214 68.56 -9.78 -2.97
C TRP F 214 69.52 -10.33 -3.99
N ALA F 215 70.51 -9.54 -4.37
CA ALA F 215 71.45 -9.92 -5.39
C ALA F 215 72.21 -11.19 -5.04
N VAL F 216 72.55 -11.36 -3.77
CA VAL F 216 73.29 -12.55 -3.35
C VAL F 216 72.43 -13.76 -3.52
N ALA F 217 71.17 -13.66 -3.10
CA ALA F 217 70.19 -14.75 -3.24
C ALA F 217 70.04 -15.11 -4.70
N ARG F 218 69.99 -14.08 -5.52
CA ARG F 218 69.65 -14.26 -6.89
C ARG F 218 70.79 -14.83 -7.68
N LEU F 219 71.97 -14.27 -7.50
CA LEU F 219 73.15 -14.75 -8.23
C LEU F 219 73.53 -16.16 -7.78
N SER F 220 73.35 -16.46 -6.50
CA SER F 220 73.68 -17.80 -6.01
C SER F 220 72.80 -18.91 -6.59
N GLN F 221 71.58 -18.57 -6.98
CA GLN F 221 70.71 -19.52 -7.67
C GLN F 221 71.28 -19.87 -9.05
N ARG F 222 71.87 -18.88 -9.70
CA ARG F 222 72.29 -18.97 -11.11
C ARG F 222 73.68 -19.51 -11.26
N PHE F 223 74.46 -19.38 -10.20
CA PHE F 223 75.89 -19.67 -10.23
C PHE F 223 76.27 -20.53 -9.06
N PRO F 224 75.53 -21.62 -8.83
CA PRO F 224 75.64 -22.35 -7.61
C PRO F 224 76.97 -22.96 -7.39
N LYS F 225 77.82 -23.00 -8.42
CA LYS F 225 79.17 -23.51 -8.18
C LYS F 225 80.21 -22.43 -7.83
N ALA F 226 79.86 -21.17 -7.99
CA ALA F 226 80.77 -20.11 -7.61
C ALA F 226 80.88 -20.06 -6.12
N GLU F 227 82.09 -19.76 -5.68
CA GLU F 227 82.36 -19.59 -4.27
C GLU F 227 81.77 -18.31 -3.72
N PHE F 228 81.39 -18.33 -2.44
CA PHE F 228 80.86 -17.15 -1.79
C PHE F 228 81.71 -15.91 -2.05
N ALA F 229 83.03 -16.07 -2.04
CA ALA F 229 83.94 -14.95 -2.30
C ALA F 229 83.63 -14.32 -3.63
N GLU F 230 83.34 -15.14 -4.62
CA GLU F 230 83.12 -14.65 -5.98
C GLU F 230 81.76 -14.04 -6.13
N VAL F 231 80.74 -14.62 -5.50
CA VAL F 231 79.39 -14.07 -5.60
C VAL F 231 79.36 -12.62 -5.02
N SER F 232 80.21 -12.37 -4.01
CA SER F 232 80.30 -11.05 -3.38
C SER F 232 80.82 -10.00 -4.32
N LYS F 233 81.94 -10.29 -4.96
CA LYS F 233 82.56 -9.34 -5.89
C LYS F 233 81.56 -9.01 -6.97
N LEU F 234 80.85 -10.02 -7.44
CA LEU F 234 79.78 -9.78 -8.40
C LEU F 234 78.66 -8.95 -7.73
N VAL F 235 78.22 -9.30 -6.53
CA VAL F 235 77.16 -8.53 -5.89
C VAL F 235 77.56 -7.06 -5.72
N THR F 236 78.84 -6.81 -5.43
CA THR F 236 79.35 -5.43 -5.26
C THR F 236 79.36 -4.68 -6.55
N ASP F 237 79.74 -5.38 -7.62
CA ASP F 237 79.78 -4.81 -8.97
C ASP F 237 78.39 -4.49 -9.43
N LEU F 238 77.48 -5.43 -9.24
CA LEU F 238 76.09 -5.22 -9.59
C LEU F 238 75.47 -4.06 -8.81
N THR F 239 75.87 -3.91 -7.56
CA THR F 239 75.35 -2.79 -6.79
C THR F 239 75.81 -1.46 -7.32
N LYS F 240 77.08 -1.36 -7.72
CA LYS F 240 77.60 -0.10 -8.28
C LYS F 240 76.82 0.26 -9.55
N VAL F 241 76.59 -0.75 -10.40
CA VAL F 241 75.92 -0.56 -11.68
C VAL F 241 74.54 -0.03 -11.45
N HIS F 242 73.75 -0.70 -10.64
CA HIS F 242 72.40 -0.26 -10.44
C HIS F 242 72.27 1.00 -9.66
N THR F 243 73.13 1.19 -8.65
CA THR F 243 73.12 2.47 -7.94
C THR F 243 73.27 3.58 -8.93
N GLU F 244 74.17 3.37 -9.89
CA GLU F 244 74.41 4.37 -10.89
C GLU F 244 73.22 4.64 -11.84
N CYS F 245 72.55 3.65 -12.45
CA CYS F 245 71.43 4.04 -13.33
C CYS F 245 70.19 4.45 -12.52
N CYS F 246 70.11 4.07 -11.27
CA CYS F 246 69.01 4.53 -10.45
C CYS F 246 69.17 6.02 -10.08
N HIS F 247 70.41 6.48 -9.93
CA HIS F 247 70.68 7.93 -9.69
C HIS F 247 70.75 8.75 -10.96
N GLY F 248 70.43 8.14 -12.10
CA GLY F 248 70.49 8.84 -13.37
C GLY F 248 71.83 8.90 -14.06
N ASP F 249 72.90 8.37 -13.48
CA ASP F 249 74.21 8.41 -14.16
C ASP F 249 74.31 7.37 -15.28
N LEU F 250 73.55 7.60 -16.34
CA LEU F 250 73.34 6.59 -17.35
C LEU F 250 74.64 6.31 -18.07
N LEU F 251 75.38 7.36 -18.40
CA LEU F 251 76.65 7.20 -19.10
C LEU F 251 77.62 6.39 -18.26
N GLU F 252 77.75 6.70 -16.98
CA GLU F 252 78.65 5.92 -16.14
C GLU F 252 78.20 4.48 -15.97
N CYS F 253 76.90 4.25 -15.91
CA CYS F 253 76.45 2.91 -15.56
C CYS F 253 76.49 1.98 -16.75
N ALA F 254 76.31 2.53 -17.94
CA ALA F 254 76.39 1.73 -19.15
C ALA F 254 77.84 1.25 -19.29
N ASP F 255 78.78 2.14 -19.04
CA ASP F 255 80.19 1.80 -19.14
C ASP F 255 80.48 0.69 -18.17
N ASP F 256 80.16 0.93 -16.91
CA ASP F 256 80.48 -0.02 -15.82
C ASP F 256 79.82 -1.39 -16.06
N ARG F 257 78.62 -1.39 -16.65
CA ARG F 257 77.96 -2.63 -16.97
C ARG F 257 78.72 -3.39 -18.02
N ALA F 258 79.21 -2.67 -19.02
CA ALA F 258 80.07 -3.23 -20.09
C ALA F 258 81.31 -3.94 -19.49
N ASP F 259 82.01 -3.25 -18.60
CA ASP F 259 83.14 -3.81 -17.88
C ASP F 259 82.79 -5.05 -17.04
N LEU F 260 81.62 -5.08 -16.42
CA LEU F 260 81.18 -6.22 -15.62
C LEU F 260 80.96 -7.43 -16.52
N ALA F 261 80.31 -7.22 -17.65
CA ALA F 261 80.10 -8.30 -18.59
C ALA F 261 81.49 -8.81 -19.00
N LYS F 262 82.42 -7.88 -19.19
CA LYS F 262 83.77 -8.25 -19.62
C LYS F 262 84.48 -9.02 -18.54
N TYR F 263 84.28 -8.64 -17.29
CA TYR F 263 84.90 -9.36 -16.20
C TYR F 263 84.32 -10.75 -16.14
N ILE F 264 83.02 -10.87 -16.40
CA ILE F 264 82.33 -12.15 -16.22
C ILE F 264 82.91 -13.11 -17.20
N CYS F 265 83.11 -12.66 -18.42
CA CYS F 265 83.61 -13.53 -19.49
C CYS F 265 85.07 -13.94 -19.31
N GLU F 266 85.90 -13.00 -18.96
CA GLU F 266 87.25 -13.29 -18.55
C GLU F 266 87.38 -14.31 -17.37
N ASN F 267 86.37 -14.44 -16.52
CA ASN F 267 86.47 -15.34 -15.36
C ASN F 267 85.41 -16.39 -15.30
N GLN F 268 84.99 -16.78 -16.48
CA GLN F 268 83.96 -17.76 -16.66
C GLN F 268 84.07 -19.00 -15.76
N ASP F 269 85.30 -19.44 -15.56
CA ASP F 269 85.62 -20.69 -14.85
C ASP F 269 85.23 -20.65 -13.40
N SER F 270 85.46 -19.51 -12.77
CA SER F 270 85.05 -19.36 -11.38
C SER F 270 83.58 -18.94 -11.17
N ILE F 271 82.78 -18.89 -12.25
CA ILE F 271 81.38 -18.48 -12.18
C ILE F 271 80.39 -19.49 -12.74
N SER F 272 80.48 -19.86 -14.00
CA SER F 272 79.47 -20.80 -14.56
C SER F 272 79.92 -21.41 -15.86
N SER F 273 79.62 -22.69 -16.02
CA SER F 273 79.89 -23.37 -17.28
C SER F 273 78.89 -22.96 -18.37
N LYS F 274 77.75 -22.39 -17.99
CA LYS F 274 76.72 -22.07 -18.98
C LYS F 274 76.95 -20.71 -19.68
N LEU F 275 78.15 -20.16 -19.58
CA LEU F 275 78.41 -18.83 -20.10
C LEU F 275 79.15 -18.80 -21.41
N LYS F 276 79.49 -19.97 -21.96
CA LYS F 276 80.37 -20.01 -23.12
C LYS F 276 79.74 -19.33 -24.33
N GLU F 277 78.51 -19.72 -24.63
CA GLU F 277 77.78 -19.16 -25.76
C GLU F 277 77.61 -17.66 -25.62
N CYS F 278 77.19 -17.21 -24.45
CA CYS F 278 76.93 -15.80 -24.22
C CYS F 278 78.13 -14.91 -24.40
N CYS F 279 79.30 -15.40 -24.08
CA CYS F 279 80.48 -14.55 -24.07
C CYS F 279 81.05 -14.27 -25.46
N GLU F 280 80.48 -14.92 -26.47
CA GLU F 280 80.92 -14.73 -27.85
C GLU F 280 80.00 -13.81 -28.62
N LYS F 281 79.20 -13.00 -27.94
CA LYS F 281 78.24 -12.14 -28.62
C LYS F 281 78.62 -10.66 -28.57
N PRO F 282 77.91 -9.82 -29.35
CA PRO F 282 78.30 -8.39 -29.44
C PRO F 282 77.95 -7.61 -28.17
N LEU F 283 78.66 -6.52 -27.90
CA LEU F 283 78.57 -5.80 -26.61
C LEU F 283 77.19 -5.88 -25.98
N LEU F 284 76.16 -5.53 -26.75
CA LEU F 284 74.80 -5.35 -26.19
C LEU F 284 74.06 -6.63 -25.88
N GLU F 285 74.40 -7.70 -26.57
CA GLU F 285 73.69 -8.97 -26.44
C GLU F 285 74.40 -9.87 -25.44
N LYS F 286 75.71 -9.64 -25.26
CA LYS F 286 76.49 -10.20 -24.15
C LYS F 286 75.79 -10.01 -22.84
N SER F 287 75.59 -8.75 -22.47
CA SER F 287 75.04 -8.43 -21.16
C SER F 287 73.62 -8.97 -20.97
N HIS F 288 72.83 -8.97 -22.05
CA HIS F 288 71.45 -9.46 -21.99
C HIS F 288 71.46 -10.94 -21.82
N CYS F 289 72.25 -11.64 -22.62
CA CYS F 289 72.42 -13.08 -22.50
C CYS F 289 72.77 -13.52 -21.06
N ILE F 290 73.81 -12.90 -20.51
CA ILE F 290 74.31 -13.20 -19.18
C ILE F 290 73.27 -12.87 -18.13
N ALA F 291 72.45 -11.84 -18.39
CA ALA F 291 71.37 -11.48 -17.48
C ALA F 291 70.30 -12.54 -17.52
N GLU F 292 70.20 -13.23 -18.64
CA GLU F 292 69.06 -14.09 -18.95
C GLU F 292 69.39 -15.61 -18.92
N VAL F 293 70.67 -15.98 -18.84
CA VAL F 293 71.08 -17.37 -19.05
C VAL F 293 70.63 -18.31 -17.95
N GLU F 294 70.68 -19.59 -18.29
CA GLU F 294 70.29 -20.73 -17.50
C GLU F 294 71.20 -20.98 -16.28
N ASN F 295 70.60 -21.47 -15.19
CA ASN F 295 71.37 -21.76 -13.98
C ASN F 295 72.39 -22.84 -14.24
N ASP F 296 73.56 -22.77 -13.64
CA ASP F 296 74.51 -23.87 -13.67
C ASP F 296 73.96 -25.02 -12.83
N GLU F 297 74.39 -26.25 -13.11
CA GLU F 297 73.94 -27.41 -12.30
C GLU F 297 74.66 -27.35 -10.98
N MET F 298 74.00 -27.75 -9.90
CA MET F 298 74.55 -27.55 -8.54
C MET F 298 75.51 -28.65 -8.14
N PRO F 299 76.44 -28.36 -7.23
CA PRO F 299 77.50 -29.32 -6.94
C PRO F 299 77.00 -30.64 -6.39
N ALA F 300 77.80 -31.69 -6.54
CA ALA F 300 77.51 -32.93 -5.84
C ALA F 300 77.81 -32.74 -4.36
N ASP F 301 77.12 -33.49 -3.52
CA ASP F 301 77.51 -33.67 -2.10
C ASP F 301 77.61 -32.42 -1.21
N LEU F 302 76.71 -31.48 -1.35
CA LEU F 302 76.72 -30.34 -0.46
C LEU F 302 76.25 -30.83 0.88
N PRO F 303 76.91 -30.42 1.95
CA PRO F 303 76.44 -30.78 3.25
C PRO F 303 75.13 -30.10 3.59
N SER F 304 74.37 -30.63 4.53
CA SER F 304 73.14 -29.99 4.98
C SER F 304 73.30 -28.56 5.49
N LEU F 305 72.30 -27.74 5.21
CA LEU F 305 72.27 -26.37 5.73
C LEU F 305 72.41 -26.32 7.24
N ALA F 306 71.96 -27.38 7.94
CA ALA F 306 72.18 -27.49 9.38
C ALA F 306 73.67 -27.40 9.79
N ALA F 307 74.59 -27.98 9.01
CA ALA F 307 76.02 -27.93 9.35
C ALA F 307 76.41 -26.57 9.87
N ASP F 308 76.39 -25.60 8.98
CA ASP F 308 76.95 -24.31 9.28
C ASP F 308 76.07 -23.44 10.12
N PHE F 309 74.77 -23.66 10.02
CA PHE F 309 73.86 -22.67 10.58
C PHE F 309 73.09 -23.11 11.82
N VAL F 310 73.21 -24.38 12.20
CA VAL F 310 72.61 -24.89 13.42
C VAL F 310 73.59 -25.79 14.20
N GLU F 311 74.19 -26.78 13.54
CA GLU F 311 75.04 -27.73 14.25
C GLU F 311 76.36 -27.14 14.69
N SER F 312 77.04 -26.42 13.81
CA SER F 312 78.34 -25.81 14.14
C SER F 312 78.33 -25.08 15.48
N LYS F 313 79.42 -25.19 16.24
CA LYS F 313 79.49 -24.49 17.51
C LYS F 313 79.99 -23.06 17.32
N ASP F 314 80.12 -22.60 16.07
CA ASP F 314 80.54 -21.21 15.79
C ASP F 314 79.41 -20.30 15.33
N VAL F 315 78.18 -20.78 15.33
CA VAL F 315 77.10 -19.96 14.83
C VAL F 315 77.20 -18.56 15.48
N CYS F 316 76.93 -18.45 16.78
CA CYS F 316 76.85 -17.12 17.37
C CYS F 316 78.15 -16.32 17.26
N LYS F 317 79.29 -16.99 17.32
CA LYS F 317 80.53 -16.30 17.10
C LYS F 317 80.49 -15.48 15.78
N ASN F 318 80.24 -16.16 14.67
CA ASN F 318 80.31 -15.56 13.34
C ASN F 318 79.24 -14.51 13.17
N TYR F 319 78.05 -14.80 13.71
CA TYR F 319 76.96 -13.83 13.68
C TYR F 319 77.35 -12.54 14.38
N ALA F 320 78.03 -12.68 15.51
CA ALA F 320 78.50 -11.52 16.26
C ALA F 320 79.57 -10.81 15.48
N GLU F 321 80.48 -11.56 14.86
CA GLU F 321 81.62 -10.98 14.13
C GLU F 321 81.27 -10.32 12.77
N ALA F 322 80.18 -10.69 12.12
CA ALA F 322 79.94 -10.17 10.78
C ALA F 322 78.52 -10.40 10.31
N LYS F 323 77.56 -9.86 11.06
CA LYS F 323 76.13 -10.10 10.78
C LYS F 323 75.83 -10.16 9.30
N ASP F 324 76.19 -9.10 8.58
CA ASP F 324 75.78 -9.00 7.17
C ASP F 324 76.49 -9.99 6.26
N VAL F 325 77.73 -10.31 6.55
CA VAL F 325 78.43 -11.34 5.82
C VAL F 325 77.83 -12.72 6.11
N PHE F 326 77.68 -13.04 7.39
CA PHE F 326 77.17 -14.36 7.79
C PHE F 326 75.85 -14.63 7.14
N LEU F 327 74.92 -13.71 7.30
CA LEU F 327 73.60 -13.85 6.71
C LEU F 327 73.69 -13.93 5.21
N GLY F 328 74.68 -13.28 4.61
CA GLY F 328 74.93 -13.42 3.17
C GLY F 328 75.30 -14.85 2.85
N MET F 329 76.15 -15.42 3.69
CA MET F 329 76.50 -16.80 3.51
C MET F 329 75.23 -17.64 3.55
N PHE F 330 74.37 -17.39 4.54
CA PHE F 330 73.09 -18.08 4.61
C PHE F 330 72.31 -18.04 3.30
N LEU F 331 72.06 -16.84 2.77
CA LEU F 331 71.33 -16.74 1.50
C LEU F 331 72.11 -17.49 0.43
N TYR F 332 73.42 -17.28 0.34
CA TYR F 332 74.18 -18.00 -0.67
C TYR F 332 73.97 -19.53 -0.58
N GLU F 333 74.16 -20.10 0.60
CA GLU F 333 74.00 -21.54 0.79
C GLU F 333 72.59 -21.99 0.55
N TYR F 334 71.62 -21.26 1.07
CA TYR F 334 70.22 -21.61 0.82
C TYR F 334 69.86 -21.48 -0.65
N ALA F 335 70.07 -20.28 -1.19
CA ALA F 335 69.93 -19.99 -2.63
C ALA F 335 70.54 -21.11 -3.53
N ARG F 336 71.82 -21.42 -3.43
CA ARG F 336 72.37 -22.38 -4.39
C ARG F 336 71.70 -23.76 -4.36
N ARG F 337 71.14 -24.13 -3.20
CA ARG F 337 70.41 -25.40 -3.01
C ARG F 337 68.97 -25.40 -3.55
N HIS F 338 68.45 -24.25 -3.93
CA HIS F 338 67.01 -24.10 -4.19
C HIS F 338 66.69 -23.09 -5.28
N PRO F 339 67.08 -23.40 -6.55
CA PRO F 339 66.69 -22.49 -7.64
C PRO F 339 65.19 -22.40 -7.81
N ASP F 340 64.46 -23.45 -7.42
CA ASP F 340 63.01 -23.46 -7.46
C ASP F 340 62.35 -22.32 -6.63
N TYR F 341 62.80 -22.07 -5.39
CA TYR F 341 62.19 -21.03 -4.54
C TYR F 341 62.36 -19.61 -5.15
N SER F 342 61.46 -18.69 -4.82
CA SER F 342 61.59 -17.31 -5.27
C SER F 342 62.56 -16.56 -4.37
N VAL F 343 63.22 -15.54 -4.90
CA VAL F 343 64.15 -14.82 -4.09
C VAL F 343 63.41 -14.16 -2.91
N VAL F 344 62.28 -13.51 -3.16
CA VAL F 344 61.49 -12.92 -2.05
C VAL F 344 61.40 -13.92 -0.88
N LEU F 345 61.05 -15.16 -1.18
CA LEU F 345 60.85 -16.15 -0.13
C LEU F 345 62.13 -16.43 0.64
N LEU F 346 63.27 -16.48 -0.06
CA LEU F 346 64.56 -16.77 0.58
C LEU F 346 64.95 -15.67 1.55
N LEU F 347 64.66 -14.43 1.16
CA LEU F 347 64.94 -13.28 1.99
C LEU F 347 64.06 -13.34 3.23
N ARG F 348 62.81 -13.75 3.08
CA ARG F 348 61.95 -13.90 4.27
C ARG F 348 62.54 -14.90 5.23
N LEU F 349 63.03 -15.99 4.67
CA LEU F 349 63.66 -17.05 5.46
C LEU F 349 64.90 -16.52 6.17
N ALA F 350 65.73 -15.77 5.46
CA ALA F 350 66.90 -15.19 6.08
C ALA F 350 66.50 -14.21 7.22
N LYS F 351 65.39 -13.53 7.04
CA LYS F 351 64.87 -12.58 8.02
C LYS F 351 64.52 -13.33 9.29
N THR F 352 63.79 -14.44 9.16
CA THR F 352 63.40 -15.22 10.29
C THR F 352 64.63 -15.81 10.98
N TYR F 353 65.62 -16.21 10.18
CA TYR F 353 66.87 -16.76 10.72
C TYR F 353 67.53 -15.75 11.59
N GLU F 354 67.70 -14.56 11.07
CA GLU F 354 68.28 -13.45 11.82
C GLU F 354 67.49 -13.06 13.10
N THR F 355 66.18 -12.82 12.99
CA THR F 355 65.38 -12.64 14.20
C THR F 355 65.75 -13.71 15.21
N THR F 356 65.73 -14.96 14.76
CA THR F 356 66.02 -16.08 15.63
C THR F 356 67.41 -15.96 16.25
N LEU F 357 68.45 -15.78 15.45
CA LEU F 357 69.78 -15.68 16.05
C LEU F 357 69.87 -14.50 17.03
N GLU F 358 69.31 -13.37 16.64
CA GLU F 358 69.27 -12.14 17.47
C GLU F 358 68.80 -12.51 18.86
N LYS F 359 67.64 -13.15 18.96
CA LYS F 359 67.09 -13.58 20.23
C LYS F 359 67.88 -14.70 20.90
N CYS F 360 68.41 -15.62 20.12
CA CYS F 360 68.91 -16.85 20.69
C CYS F 360 70.29 -16.72 21.20
N CYS F 361 71.13 -15.97 20.51
CA CYS F 361 72.47 -15.73 21.01
C CYS F 361 72.48 -14.96 22.34
N ALA F 362 71.38 -14.27 22.66
CA ALA F 362 71.23 -13.65 23.96
C ALA F 362 70.81 -14.68 24.99
N ALA F 363 70.37 -15.86 24.57
CA ALA F 363 69.87 -16.93 25.47
C ALA F 363 70.94 -17.63 26.33
N ALA F 364 70.51 -18.30 27.39
CA ALA F 364 71.40 -19.01 28.30
C ALA F 364 72.15 -20.07 27.54
N ASP F 365 71.41 -20.92 26.84
CA ASP F 365 71.98 -21.91 25.89
C ASP F 365 71.53 -21.58 24.47
N PRO F 366 72.39 -20.88 23.70
CA PRO F 366 71.92 -20.49 22.37
C PRO F 366 71.56 -21.69 21.44
N HIS F 367 72.39 -22.74 21.37
CA HIS F 367 72.10 -23.93 20.52
C HIS F 367 70.77 -24.54 20.75
N GLU F 368 70.45 -24.78 22.01
CA GLU F 368 69.16 -25.25 22.41
C GLU F 368 68.05 -24.38 21.83
N CYS F 369 68.21 -23.07 22.01
CA CYS F 369 67.23 -22.10 21.53
C CYS F 369 66.96 -22.22 20.01
N TYR F 370 67.98 -22.29 19.16
CA TYR F 370 67.75 -22.31 17.72
C TYR F 370 67.81 -23.66 16.99
N ALA F 371 68.00 -24.77 17.71
CA ALA F 371 68.02 -26.13 17.10
C ALA F 371 66.89 -26.36 16.06
N LYS F 372 65.69 -25.84 16.38
CA LYS F 372 64.49 -26.06 15.57
C LYS F 372 64.15 -24.86 14.69
N VAL F 373 65.16 -24.12 14.28
CA VAL F 373 64.88 -22.94 13.49
C VAL F 373 64.23 -23.30 12.17
N PHE F 374 64.51 -24.50 11.67
CA PHE F 374 64.02 -24.85 10.36
C PHE F 374 62.54 -25.14 10.37
N ASP F 375 61.97 -25.39 11.55
CA ASP F 375 60.51 -25.49 11.71
C ASP F 375 59.86 -24.20 11.33
N GLU F 376 60.46 -23.08 11.74
CA GLU F 376 59.87 -21.78 11.51
C GLU F 376 59.72 -21.51 10.03
N PHE F 377 60.56 -22.13 9.20
CA PHE F 377 60.42 -21.92 7.76
C PHE F 377 59.27 -22.69 7.13
N LYS F 378 58.78 -23.78 7.73
CA LYS F 378 57.65 -24.51 7.12
C LYS F 378 56.44 -23.58 6.85
N PRO F 379 55.94 -22.90 7.88
CA PRO F 379 54.84 -22.00 7.57
C PRO F 379 55.17 -20.93 6.54
N LEU F 380 56.42 -20.47 6.46
CA LEU F 380 56.72 -19.43 5.48
C LEU F 380 56.74 -19.96 4.05
N VAL F 381 56.83 -21.27 3.89
CA VAL F 381 56.73 -21.86 2.54
C VAL F 381 55.28 -22.24 2.20
N GLU F 382 54.59 -22.93 3.10
CA GLU F 382 53.22 -23.36 2.85
C GLU F 382 52.30 -22.21 2.48
N GLU F 383 52.28 -21.16 3.30
CA GLU F 383 51.33 -20.05 3.10
C GLU F 383 51.31 -19.50 1.65
N PRO F 384 52.48 -19.24 1.07
CA PRO F 384 52.44 -18.87 -0.33
C PRO F 384 51.91 -19.98 -1.28
N GLN F 385 52.35 -21.24 -1.11
CA GLN F 385 51.80 -22.34 -1.94
C GLN F 385 50.30 -22.47 -1.84
N ASN F 386 49.75 -22.31 -0.64
CA ASN F 386 48.30 -22.37 -0.46
C ASN F 386 47.56 -21.25 -1.12
N LEU F 387 48.15 -20.07 -1.09
CA LEU F 387 47.48 -18.90 -1.64
C LEU F 387 47.45 -19.01 -3.16
N ILE F 388 48.58 -19.31 -3.77
CA ILE F 388 48.64 -19.48 -5.21
C ILE F 388 47.69 -20.64 -5.65
N LYS F 389 47.65 -21.71 -4.87
CA LYS F 389 46.77 -22.86 -5.16
C LYS F 389 45.30 -22.48 -5.18
N GLN F 390 44.87 -21.71 -4.18
CA GLN F 390 43.49 -21.25 -4.10
C GLN F 390 43.19 -20.28 -5.22
N ASN F 391 44.15 -19.41 -5.49
CA ASN F 391 43.93 -18.39 -6.50
C ASN F 391 43.92 -18.96 -7.91
N CYS F 392 44.66 -20.05 -8.17
CA CYS F 392 44.58 -20.72 -9.48
C CYS F 392 43.32 -21.55 -9.66
N GLU F 393 42.79 -22.09 -8.58
CA GLU F 393 41.48 -22.76 -8.61
C GLU F 393 40.38 -21.77 -8.93
N LEU F 394 40.48 -20.60 -8.33
CA LEU F 394 39.48 -19.55 -8.51
C LEU F 394 39.51 -18.97 -9.93
N PHE F 395 40.71 -18.90 -10.50
CA PHE F 395 40.87 -18.36 -11.83
C PHE F 395 40.36 -19.31 -12.91
N GLU F 396 40.40 -20.62 -12.68
CA GLU F 396 39.84 -21.58 -13.64
C GLU F 396 38.35 -21.59 -13.49
N GLN F 397 37.90 -21.73 -12.26
CA GLN F 397 36.48 -21.83 -11.96
C GLN F 397 35.71 -20.55 -12.38
N LEU F 398 36.42 -19.45 -12.61
CA LEU F 398 35.76 -18.21 -13.06
C LEU F 398 36.52 -17.59 -14.22
N GLY F 399 35.98 -16.56 -14.85
CA GLY F 399 36.69 -15.90 -15.93
C GLY F 399 38.02 -15.24 -15.55
N GLU F 400 38.73 -14.70 -16.54
CA GLU F 400 39.76 -13.72 -16.27
C GLU F 400 39.03 -12.49 -15.77
N TYR F 401 37.83 -12.24 -16.32
CA TYR F 401 37.01 -11.14 -15.85
C TYR F 401 36.48 -11.41 -14.46
N LYS F 402 35.69 -12.46 -14.30
CA LYS F 402 35.07 -12.73 -12.99
C LYS F 402 36.09 -12.89 -11.86
N PHE F 403 37.31 -13.27 -12.21
CA PHE F 403 38.43 -13.32 -11.28
C PHE F 403 38.83 -11.94 -10.78
N GLN F 404 39.04 -11.01 -11.73
CA GLN F 404 39.41 -9.64 -11.36
C GLN F 404 38.40 -9.06 -10.41
N ASN F 405 37.13 -9.28 -10.71
CA ASN F 405 36.09 -8.81 -9.82
C ASN F 405 36.25 -9.37 -8.40
N ALA F 406 36.69 -10.62 -8.30
CA ALA F 406 36.90 -11.23 -6.99
C ALA F 406 38.00 -10.48 -6.29
N LEU F 407 39.08 -10.15 -7.01
CA LEU F 407 40.20 -9.41 -6.42
C LEU F 407 39.84 -7.96 -6.10
N LEU F 408 39.14 -7.31 -7.02
CA LEU F 408 38.69 -5.94 -6.85
C LEU F 408 37.85 -5.81 -5.59
N VAL F 409 36.90 -6.72 -5.38
CA VAL F 409 36.14 -6.73 -4.15
C VAL F 409 37.05 -7.03 -2.95
N ARG F 410 38.02 -7.91 -3.11
CA ARG F 410 38.94 -8.26 -2.02
C ARG F 410 39.75 -7.06 -1.59
N TYR F 411 40.40 -6.40 -2.55
CA TYR F 411 41.26 -5.26 -2.23
C TYR F 411 40.48 -4.02 -1.83
N THR F 412 39.31 -3.78 -2.41
CA THR F 412 38.51 -2.65 -1.99
C THR F 412 38.10 -2.77 -0.51
N LYS F 413 37.84 -4.00 -0.04
CA LYS F 413 37.54 -4.20 1.38
C LYS F 413 38.75 -3.97 2.28
N LYS F 414 39.97 -4.21 1.79
CA LYS F 414 41.17 -4.03 2.63
C LYS F 414 41.58 -2.56 2.65
N VAL F 415 41.29 -1.86 1.56
CA VAL F 415 41.98 -0.62 1.28
C VAL F 415 41.05 0.44 0.61
N PRO F 416 39.79 0.57 1.09
CA PRO F 416 38.69 1.35 0.46
C PRO F 416 38.95 2.86 0.38
N GLN F 417 39.96 3.27 1.10
CA GLN F 417 40.42 4.65 1.22
C GLN F 417 41.05 4.99 -0.18
N VAL F 418 41.56 3.98 -0.90
CA VAL F 418 42.19 4.21 -2.20
C VAL F 418 41.11 4.55 -3.23
N SER F 419 41.46 5.32 -4.25
CA SER F 419 40.45 5.89 -5.17
C SER F 419 39.91 4.82 -6.11
N THR F 420 38.66 4.98 -6.56
CA THR F 420 38.06 3.94 -7.37
C THR F 420 38.90 3.59 -8.61
N PRO F 421 39.38 4.60 -9.36
CA PRO F 421 40.16 4.23 -10.54
C PRO F 421 41.46 3.57 -10.17
N THR F 422 42.09 3.95 -9.07
CA THR F 422 43.32 3.30 -8.65
C THR F 422 43.07 1.83 -8.29
N LEU F 423 41.91 1.57 -7.67
CA LEU F 423 41.54 0.20 -7.26
C LEU F 423 41.29 -0.68 -8.46
N VAL F 424 40.49 -0.20 -9.40
CA VAL F 424 40.22 -0.95 -10.60
C VAL F 424 41.48 -1.41 -11.26
N GLU F 425 42.46 -0.52 -11.38
CA GLU F 425 43.71 -0.81 -12.09
C GLU F 425 44.60 -1.80 -11.37
N VAL F 426 44.86 -1.55 -10.11
CA VAL F 426 45.63 -2.47 -9.29
C VAL F 426 45.06 -3.89 -9.33
N SER F 427 43.76 -4.04 -9.33
CA SER F 427 43.17 -5.32 -9.50
C SER F 427 43.47 -5.91 -10.85
N ARG F 428 43.16 -5.22 -11.91
CA ARG F 428 43.52 -5.70 -13.24
C ARG F 428 44.94 -6.27 -13.29
N ASN F 429 45.90 -5.65 -12.62
CA ASN F 429 47.29 -6.11 -12.64
C ASN F 429 47.51 -7.34 -11.75
N LEU F 430 47.02 -7.30 -10.52
CA LEU F 430 47.02 -8.49 -9.65
C LEU F 430 46.32 -9.66 -10.38
N GLY F 431 45.13 -9.43 -10.89
CA GLY F 431 44.47 -10.40 -11.74
C GLY F 431 45.34 -11.04 -12.81
N LYS F 432 46.26 -10.28 -13.40
CA LYS F 432 47.13 -10.86 -14.43
C LYS F 432 48.02 -11.96 -13.92
N VAL F 433 48.00 -12.23 -12.62
CA VAL F 433 48.74 -13.36 -12.08
C VAL F 433 48.09 -14.70 -12.41
N GLY F 434 46.83 -14.70 -12.83
CA GLY F 434 46.20 -15.91 -13.31
C GLY F 434 46.76 -16.27 -14.66
N SER F 435 46.67 -15.33 -15.60
CA SER F 435 47.21 -15.51 -16.94
C SER F 435 48.66 -15.93 -16.88
N LYS F 436 49.47 -15.23 -16.09
CA LYS F 436 50.92 -15.44 -16.14
C LYS F 436 51.32 -16.74 -15.48
N CYS F 437 50.84 -17.01 -14.29
CA CYS F 437 51.41 -18.12 -13.53
C CYS F 437 50.68 -19.46 -13.54
N CYS F 438 49.35 -19.49 -13.56
CA CYS F 438 48.65 -20.77 -13.44
C CYS F 438 48.90 -21.74 -14.62
N LYS F 439 49.35 -21.20 -15.75
CA LYS F 439 49.89 -21.98 -16.87
C LYS F 439 50.99 -22.92 -16.44
N HIS F 440 52.00 -22.36 -15.80
CA HIS F 440 53.22 -23.07 -15.36
C HIS F 440 52.86 -24.27 -14.51
N PRO F 441 53.78 -25.23 -14.37
CA PRO F 441 53.47 -26.42 -13.56
C PRO F 441 53.71 -26.27 -12.06
N GLU F 442 52.84 -26.87 -11.24
CA GLU F 442 52.99 -26.94 -9.77
C GLU F 442 54.26 -26.29 -9.19
N ALA F 443 55.41 -26.94 -9.38
CA ALA F 443 56.67 -26.51 -8.76
C ALA F 443 56.96 -25.06 -9.01
N LYS F 444 56.64 -24.58 -10.21
CA LYS F 444 57.09 -23.26 -10.66
C LYS F 444 56.10 -22.11 -10.43
N ARG F 445 54.89 -22.42 -9.94
CA ARG F 445 53.83 -21.43 -9.80
C ARG F 445 54.08 -20.38 -8.74
N MET F 446 54.14 -20.78 -7.47
CA MET F 446 54.40 -19.83 -6.41
C MET F 446 55.53 -18.83 -6.74
N PRO F 447 56.70 -19.28 -7.23
CA PRO F 447 57.79 -18.31 -7.47
C PRO F 447 57.50 -17.28 -8.54
N CYS F 448 56.86 -17.71 -9.61
CA CYS F 448 56.37 -16.80 -10.64
C CYS F 448 55.41 -15.79 -10.02
N ALA F 449 54.45 -16.31 -9.27
CA ALA F 449 53.43 -15.53 -8.59
C ALA F 449 54.03 -14.47 -7.66
N GLU F 450 54.91 -14.91 -6.79
CA GLU F 450 55.48 -14.01 -5.80
C GLU F 450 56.37 -12.97 -6.44
N ASP F 451 57.14 -13.35 -7.45
CA ASP F 451 57.97 -12.39 -8.12
C ASP F 451 57.08 -11.34 -8.74
N TYR F 452 56.05 -11.77 -9.46
CA TYR F 452 55.20 -10.85 -10.18
C TYR F 452 54.38 -9.95 -9.22
N LEU F 453 53.74 -10.57 -8.24
CA LEU F 453 53.01 -9.80 -7.24
C LEU F 453 53.95 -8.74 -6.62
N SER F 454 55.13 -9.15 -6.19
CA SER F 454 55.99 -8.19 -5.51
C SER F 454 56.29 -6.96 -6.40
N VAL F 455 56.34 -7.16 -7.72
CA VAL F 455 56.56 -6.04 -8.65
C VAL F 455 55.32 -5.16 -8.78
N VAL F 456 54.16 -5.77 -8.93
CA VAL F 456 52.90 -5.03 -9.02
C VAL F 456 52.68 -4.21 -7.76
N LEU F 457 52.89 -4.79 -6.59
CA LEU F 457 52.68 -4.05 -5.36
C LEU F 457 53.66 -2.88 -5.23
N ASN F 458 54.89 -3.07 -5.68
CA ASN F 458 55.91 -2.02 -5.51
C ASN F 458 55.49 -0.81 -6.30
N GLN F 459 54.81 -1.07 -7.41
CA GLN F 459 54.31 0.00 -8.26
C GLN F 459 53.32 0.84 -7.46
N LEU F 460 52.41 0.14 -6.80
CA LEU F 460 51.42 0.74 -5.94
C LEU F 460 52.10 1.56 -4.86
N CYS F 461 53.12 0.98 -4.24
CA CYS F 461 53.81 1.66 -3.13
C CYS F 461 54.59 2.90 -3.54
N VAL F 462 55.27 2.84 -4.67
CA VAL F 462 56.07 3.95 -5.13
C VAL F 462 55.17 5.14 -5.43
N LEU F 463 54.03 4.88 -6.03
CA LEU F 463 53.08 5.96 -6.31
C LEU F 463 52.31 6.41 -5.06
N HIS F 464 51.98 5.49 -4.17
CA HIS F 464 51.22 5.85 -2.99
C HIS F 464 52.01 6.75 -2.07
N GLU F 465 53.32 6.55 -2.02
CA GLU F 465 54.17 7.32 -1.15
C GLU F 465 54.13 8.81 -1.52
N LYS F 466 53.94 9.12 -2.79
CA LYS F 466 53.85 10.54 -3.22
C LYS F 466 52.45 11.11 -3.05
N THR F 467 51.44 10.27 -2.96
CA THR F 467 50.08 10.76 -2.73
C THR F 467 49.29 9.87 -1.71
N PRO F 468 49.74 9.84 -0.45
CA PRO F 468 49.22 8.98 0.59
C PRO F 468 47.74 9.20 0.88
N VAL F 469 46.98 8.13 0.94
CA VAL F 469 45.56 8.24 1.18
C VAL F 469 45.08 7.13 2.14
N SER F 470 45.82 6.02 2.24
CA SER F 470 45.54 4.93 3.18
C SER F 470 46.72 4.59 4.07
N ASP F 471 46.47 4.58 5.37
CA ASP F 471 47.51 4.31 6.37
C ASP F 471 47.95 2.91 6.23
N ARG F 472 46.99 2.03 5.97
CA ARG F 472 47.25 0.61 5.78
C ARG F 472 48.18 0.35 4.60
N VAL F 473 48.02 1.05 3.49
CA VAL F 473 48.99 0.93 2.40
C VAL F 473 50.38 1.40 2.87
N THR F 474 50.45 2.55 3.52
CA THR F 474 51.73 3.06 4.00
C THR F 474 52.43 2.02 4.89
N LYS F 475 51.67 1.40 5.79
CA LYS F 475 52.26 0.43 6.72
C LYS F 475 52.83 -0.77 5.98
N CYS F 476 52.04 -1.39 5.13
CA CYS F 476 52.51 -2.54 4.41
C CYS F 476 53.67 -2.26 3.52
N CYS F 477 53.68 -1.07 2.94
CA CYS F 477 54.69 -0.67 1.98
C CYS F 477 55.96 -0.38 2.72
N THR F 478 55.85 0.06 3.97
CA THR F 478 56.98 0.62 4.72
C THR F 478 57.71 -0.38 5.60
N GLU F 479 56.94 -1.16 6.35
CA GLU F 479 57.41 -1.99 7.44
C GLU F 479 58.54 -2.86 6.98
N SER F 480 58.26 -3.66 5.95
CA SER F 480 59.27 -4.54 5.36
C SER F 480 59.02 -4.66 3.88
N LEU F 481 60.08 -4.46 3.12
CA LEU F 481 60.06 -4.70 1.69
C LEU F 481 59.75 -6.15 1.42
N VAL F 482 60.37 -7.02 2.17
CA VAL F 482 60.34 -8.40 1.76
C VAL F 482 59.01 -9.05 2.16
N ASN F 483 58.32 -8.46 3.16
CA ASN F 483 57.02 -8.97 3.58
C ASN F 483 55.83 -8.21 3.02
N ARG F 484 55.94 -7.50 1.89
CA ARG F 484 54.76 -6.75 1.43
C ARG F 484 53.61 -7.73 1.18
N ARG F 485 53.81 -8.67 0.26
CA ARG F 485 52.68 -9.48 -0.20
C ARG F 485 51.84 -10.08 0.97
N PRO F 486 52.50 -10.76 1.94
CA PRO F 486 51.79 -11.35 3.08
C PRO F 486 51.10 -10.32 3.94
N CYS F 487 51.65 -9.12 4.01
CA CYS F 487 51.00 -8.05 4.75
C CYS F 487 49.66 -7.71 4.13
N PHE F 488 49.66 -7.49 2.83
CA PHE F 488 48.41 -7.20 2.13
C PHE F 488 47.43 -8.35 2.24
N SER F 489 47.92 -9.58 2.11
CA SER F 489 47.05 -10.74 2.21
C SER F 489 46.47 -10.82 3.59
N ALA F 490 47.25 -10.45 4.58
CA ALA F 490 46.82 -10.55 5.97
C ALA F 490 45.69 -9.58 6.30
N LEU F 491 45.51 -8.54 5.49
CA LEU F 491 44.63 -7.44 5.85
C LEU F 491 43.18 -7.88 5.81
N GLU F 492 42.44 -7.49 6.85
CA GLU F 492 41.04 -7.85 6.92
C GLU F 492 40.19 -6.71 6.38
N VAL F 493 38.87 -6.82 6.50
CA VAL F 493 37.97 -5.70 6.16
C VAL F 493 38.26 -4.49 7.02
N ASP F 494 38.30 -3.34 6.40
CA ASP F 494 38.66 -2.09 7.06
C ASP F 494 37.42 -1.53 7.72
N GLU F 495 37.34 -1.70 9.03
CA GLU F 495 36.16 -1.25 9.76
C GLU F 495 36.29 0.21 10.22
N THR F 496 37.46 0.80 10.02
CA THR F 496 37.68 2.23 10.20
C THR F 496 36.93 3.08 9.18
N TYR F 497 36.77 2.57 7.97
CA TYR F 497 36.19 3.33 6.85
C TYR F 497 34.77 3.75 7.19
N VAL F 498 34.43 4.98 6.85
CA VAL F 498 33.10 5.48 7.07
C VAL F 498 32.40 5.35 5.71
N PRO F 499 31.48 4.36 5.57
CA PRO F 499 30.87 4.06 4.27
C PRO F 499 30.23 5.25 3.56
N LYS F 500 30.45 5.34 2.26
CA LYS F 500 29.67 6.25 1.43
C LYS F 500 28.19 5.99 1.69
N GLU F 501 27.38 7.03 1.58
CA GLU F 501 25.96 6.90 1.81
C GLU F 501 25.24 7.04 0.53
N PHE F 502 24.04 6.47 0.47
CA PHE F 502 23.24 6.54 -0.75
C PHE F 502 22.44 7.81 -0.84
N ASN F 503 22.04 8.15 -2.06
CA ASN F 503 21.03 9.19 -2.30
C ASN F 503 20.39 8.95 -3.65
N ALA F 504 19.44 9.81 -4.04
CA ALA F 504 18.71 9.62 -5.29
C ALA F 504 19.65 9.67 -6.50
N GLU F 505 20.68 10.49 -6.37
CA GLU F 505 21.54 10.86 -7.48
C GLU F 505 22.73 9.89 -7.63
N THR F 506 22.84 8.91 -6.70
CA THR F 506 23.98 7.97 -6.66
C THR F 506 24.21 7.25 -7.99
N PHE F 507 23.12 6.87 -8.67
CA PHE F 507 23.19 6.23 -9.97
C PHE F 507 22.63 7.19 -11.02
N THR F 508 23.39 8.23 -11.33
CA THR F 508 23.03 9.22 -12.33
C THR F 508 23.87 9.02 -13.58
N PHE F 509 23.20 8.66 -14.65
CA PHE F 509 23.83 8.43 -15.95
C PHE F 509 23.02 9.10 -17.04
N HIS F 510 23.69 9.87 -17.89
CA HIS F 510 23.06 10.40 -19.10
C HIS F 510 23.23 9.33 -20.16
N ALA F 511 22.45 9.42 -21.24
CA ALA F 511 22.34 8.32 -22.22
C ALA F 511 23.56 8.10 -23.09
N ASP F 512 24.66 8.79 -22.81
CA ASP F 512 25.92 8.60 -23.54
C ASP F 512 26.62 7.25 -23.29
N ILE F 513 26.13 6.44 -22.35
CA ILE F 513 26.72 5.11 -22.03
C ILE F 513 26.45 4.00 -23.08
N CYS F 514 25.45 4.17 -23.95
CA CYS F 514 25.12 3.12 -24.91
C CYS F 514 25.97 3.18 -26.17
N THR F 515 26.75 4.26 -26.34
CA THR F 515 27.81 4.32 -27.37
C THR F 515 28.90 3.34 -27.03
N LEU F 516 28.99 2.98 -25.75
CA LEU F 516 30.20 2.36 -25.22
C LEU F 516 30.42 0.98 -25.80
N SER F 517 31.70 0.68 -26.04
CA SER F 517 32.11 -0.66 -26.50
C SER F 517 31.84 -1.67 -25.39
N GLU F 518 32.38 -2.88 -25.53
CA GLU F 518 32.27 -3.84 -24.43
C GLU F 518 33.43 -3.57 -23.49
N LYS F 519 34.65 -3.60 -24.00
CA LYS F 519 35.82 -3.27 -23.17
C LYS F 519 35.48 -2.05 -22.29
N GLU F 520 34.90 -1.02 -22.90
CA GLU F 520 34.52 0.19 -22.16
C GLU F 520 33.46 -0.08 -21.10
N ARG F 521 32.39 -0.77 -21.47
CA ARG F 521 31.29 -1.05 -20.55
C ARG F 521 31.65 -2.03 -19.42
N GLN F 522 32.73 -2.79 -19.57
CA GLN F 522 33.16 -3.71 -18.51
C GLN F 522 33.95 -2.94 -17.46
N ILE F 523 34.74 -1.97 -17.90
CA ILE F 523 35.46 -1.12 -16.96
C ILE F 523 34.44 -0.35 -16.12
N LYS F 524 33.32 0.02 -16.70
CA LYS F 524 32.29 0.73 -15.95
C LYS F 524 31.64 -0.15 -14.91
N LYS F 525 31.42 -1.42 -15.24
CA LYS F 525 30.83 -2.34 -14.30
C LYS F 525 31.76 -2.47 -13.13
N GLN F 526 33.04 -2.66 -13.42
CA GLN F 526 34.07 -2.79 -12.38
C GLN F 526 34.07 -1.54 -11.46
N THR F 527 33.87 -0.35 -12.04
CA THR F 527 33.69 0.87 -11.25
C THR F 527 32.48 0.75 -10.34
N ALA F 528 31.34 0.36 -10.88
CA ALA F 528 30.13 0.28 -10.06
C ALA F 528 30.31 -0.71 -8.90
N LEU F 529 31.03 -1.79 -9.17
CA LEU F 529 31.29 -2.81 -8.17
C LEU F 529 32.05 -2.21 -7.04
N VAL F 530 33.16 -1.55 -7.36
CA VAL F 530 33.98 -0.92 -6.31
C VAL F 530 33.15 0.03 -5.46
N GLU F 531 32.30 0.80 -6.14
CA GLU F 531 31.51 1.78 -5.43
C GLU F 531 30.52 1.10 -4.51
N LEU F 532 29.90 -0.02 -4.92
CA LEU F 532 28.99 -0.72 -4.02
C LEU F 532 29.71 -1.15 -2.74
N VAL F 533 30.90 -1.74 -2.86
CA VAL F 533 31.65 -2.13 -1.67
C VAL F 533 31.86 -0.92 -0.76
N LYS F 534 32.14 0.24 -1.35
CA LYS F 534 32.41 1.44 -0.59
C LYS F 534 31.15 1.90 0.15
N HIS F 535 30.00 1.47 -0.36
CA HIS F 535 28.75 1.72 0.36
C HIS F 535 28.51 0.77 1.49
N LYS F 536 29.06 -0.44 1.42
CA LYS F 536 28.94 -1.37 2.55
C LYS F 536 30.04 -2.45 2.52
N PRO F 537 31.16 -2.19 3.18
CA PRO F 537 32.30 -3.09 3.01
C PRO F 537 32.10 -4.54 3.45
N LYS F 538 31.33 -4.76 4.52
CA LYS F 538 30.98 -6.13 4.96
C LYS F 538 29.99 -6.87 4.03
N ALA F 539 29.64 -6.31 2.88
CA ALA F 539 28.69 -7.00 1.99
C ALA F 539 29.24 -8.33 1.57
N THR F 540 28.37 -9.33 1.60
CA THR F 540 28.69 -10.72 1.29
C THR F 540 28.59 -10.91 -0.21
N LYS F 541 29.21 -11.96 -0.73
CA LYS F 541 29.22 -12.13 -2.19
C LYS F 541 27.80 -12.22 -2.75
N GLU F 542 26.88 -12.70 -1.93
CA GLU F 542 25.47 -12.84 -2.32
C GLU F 542 24.85 -11.49 -2.64
N GLN F 543 24.76 -10.65 -1.62
CA GLN F 543 24.21 -9.32 -1.79
C GLN F 543 24.91 -8.63 -2.96
N LEU F 544 26.24 -8.62 -2.96
CA LEU F 544 27.00 -7.90 -4.00
C LEU F 544 26.56 -8.28 -5.40
N LYS F 545 26.47 -9.57 -5.68
CA LYS F 545 26.11 -9.98 -7.04
C LYS F 545 24.59 -9.77 -7.32
N ALA F 546 23.78 -9.67 -6.26
CA ALA F 546 22.37 -9.25 -6.39
C ALA F 546 22.28 -7.80 -6.96
N VAL F 547 22.80 -6.84 -6.20
CA VAL F 547 22.81 -5.41 -6.56
C VAL F 547 23.50 -5.16 -7.91
N MET F 548 24.43 -6.03 -8.25
CA MET F 548 25.19 -5.87 -9.46
C MET F 548 24.40 -6.39 -10.64
N ASP F 549 23.50 -7.34 -10.40
CA ASP F 549 22.63 -7.82 -11.48
C ASP F 549 21.58 -6.76 -11.72
N ASP F 550 21.00 -6.23 -10.64
CA ASP F 550 20.08 -5.08 -10.71
C ASP F 550 20.65 -3.97 -11.57
N PHE F 551 21.92 -3.66 -11.33
CA PHE F 551 22.63 -2.65 -12.09
C PHE F 551 22.59 -3.00 -13.56
N ALA F 552 23.06 -4.17 -13.94
CA ALA F 552 23.12 -4.50 -15.38
C ALA F 552 21.72 -4.59 -15.99
N ALA F 553 20.71 -4.93 -15.17
CA ALA F 553 19.28 -4.93 -15.56
C ALA F 553 18.85 -3.53 -16.01
N PHE F 554 19.05 -2.60 -15.08
CA PHE F 554 18.94 -1.16 -15.33
C PHE F 554 19.59 -0.71 -16.65
N VAL F 555 20.89 -0.85 -16.81
CA VAL F 555 21.56 -0.37 -18.03
C VAL F 555 20.94 -0.96 -19.29
N GLU F 556 20.81 -2.30 -19.35
CA GLU F 556 20.20 -2.96 -20.54
C GLU F 556 18.84 -2.37 -20.82
N LYS F 557 18.01 -2.27 -19.78
CA LYS F 557 16.65 -1.71 -19.87
C LYS F 557 16.59 -0.30 -20.48
N CYS F 558 17.36 0.64 -19.94
CA CYS F 558 17.22 2.04 -20.31
C CYS F 558 17.79 2.37 -21.70
N CYS F 559 18.87 1.72 -22.11
CA CYS F 559 19.36 1.89 -23.48
C CYS F 559 18.35 1.35 -24.50
N LYS F 560 17.51 0.44 -24.06
CA LYS F 560 16.44 -0.10 -24.88
C LYS F 560 15.12 0.51 -24.43
N ALA F 561 14.96 1.78 -24.76
CA ALA F 561 13.68 2.47 -24.64
C ALA F 561 13.69 3.61 -25.65
N ASP F 562 12.51 3.98 -26.12
CA ASP F 562 12.32 5.26 -26.81
C ASP F 562 12.44 6.26 -25.69
N ASP F 563 12.99 7.44 -25.96
CA ASP F 563 13.19 8.43 -24.90
C ASP F 563 14.03 7.78 -23.80
N LYS F 564 15.34 7.81 -24.00
CA LYS F 564 16.25 7.18 -23.06
C LYS F 564 16.21 7.87 -21.70
N GLU F 565 16.39 9.19 -21.68
CA GLU F 565 16.60 9.87 -20.40
C GLU F 565 15.42 9.92 -19.43
N THR F 566 14.21 9.56 -19.88
CA THR F 566 13.07 9.38 -18.96
C THR F 566 13.42 8.23 -18.02
N CYS F 567 13.93 7.15 -18.62
CA CYS F 567 14.26 5.93 -17.87
C CYS F 567 15.30 6.22 -16.80
N PHE F 568 16.45 6.74 -17.22
CA PHE F 568 17.54 7.01 -16.30
C PHE F 568 17.02 7.91 -15.19
N ALA F 569 16.37 9.01 -15.57
CA ALA F 569 15.81 9.97 -14.63
C ALA F 569 14.84 9.32 -13.64
N GLU F 570 13.99 8.44 -14.16
CA GLU F 570 12.91 7.84 -13.39
C GLU F 570 13.33 6.58 -12.65
N GLU F 571 14.15 5.74 -13.30
CA GLU F 571 14.60 4.46 -12.70
C GLU F 571 15.87 4.62 -11.84
N GLY F 572 16.61 5.70 -12.05
CA GLY F 572 17.86 5.94 -11.34
C GLY F 572 17.75 5.90 -9.83
N LYS F 573 16.58 6.24 -9.30
CA LYS F 573 16.33 6.25 -7.84
C LYS F 573 15.82 4.90 -7.38
N LYS F 574 15.27 4.13 -8.32
CA LYS F 574 14.62 2.87 -8.01
C LYS F 574 15.66 1.78 -7.89
N LEU F 575 16.69 1.86 -8.73
CA LEU F 575 17.92 1.09 -8.53
C LEU F 575 18.63 1.39 -7.19
N VAL F 576 18.54 2.62 -6.70
CA VAL F 576 19.05 2.95 -5.36
C VAL F 576 18.21 2.32 -4.25
N ALA F 577 16.89 2.49 -4.33
CA ALA F 577 15.91 1.88 -3.38
C ALA F 577 16.12 0.39 -3.32
N ALA F 578 16.19 -0.23 -4.51
CA ALA F 578 16.49 -1.66 -4.66
C ALA F 578 17.75 -2.05 -3.87
N SER F 579 18.84 -1.34 -4.15
CA SER F 579 20.16 -1.67 -3.61
C SER F 579 20.28 -1.58 -2.10
N GLN F 580 19.58 -0.65 -1.49
CA GLN F 580 19.58 -0.54 -0.03
C GLN F 580 18.93 -1.76 0.64
N ALA F 581 17.80 -2.19 0.09
CA ALA F 581 17.12 -3.38 0.57
C ALA F 581 18.08 -4.56 0.45
N ALA F 582 18.61 -4.78 -0.75
CA ALA F 582 19.53 -5.87 -1.02
C ALA F 582 20.86 -5.78 -0.26
N LEU F 583 21.10 -4.72 0.50
CA LEU F 583 22.34 -4.61 1.28
C LEU F 583 22.11 -4.52 2.78
N GLY F 584 20.89 -4.22 3.21
CA GLY F 584 20.63 -3.86 4.61
C GLY F 584 20.30 -2.37 4.67
N LEU F 585 21.18 -1.57 4.09
CA LEU F 585 21.00 -0.12 3.92
C LEU F 585 22.30 0.49 3.38
N HIS G 1 -44.37 -27.28 26.28
CA HIS G 1 -45.55 -28.14 26.53
C HIS G 1 -46.78 -27.79 25.71
N LEU G 2 -47.01 -26.51 25.43
CA LEU G 2 -48.20 -26.05 24.66
C LEU G 2 -47.97 -26.14 23.15
N SER G 3 -49.05 -25.86 22.40
CA SER G 3 -49.14 -26.20 20.97
C SER G 3 -49.98 -25.21 20.16
N LEU G 4 -49.52 -24.92 18.94
CA LEU G 4 -50.19 -24.03 18.03
C LEU G 4 -51.01 -24.90 17.12
N LEU G 5 -52.31 -24.67 17.08
CA LEU G 5 -53.20 -25.50 16.26
C LEU G 5 -54.22 -24.67 15.54
N TYR G 6 -54.35 -24.89 14.24
CA TYR G 6 -55.33 -24.21 13.44
C TYR G 6 -56.52 -25.14 13.21
N HIS G 7 -57.74 -24.60 13.29
CA HIS G 7 -58.96 -25.35 13.14
C HIS G 7 -59.65 -24.92 11.86
N LEU G 8 -59.24 -25.51 10.75
CA LEU G 8 -59.80 -25.13 9.48
C LEU G 8 -61.14 -25.85 9.27
N THR G 9 -62.12 -25.13 8.73
CA THR G 9 -63.43 -25.70 8.40
C THR G 9 -63.94 -25.11 7.10
N ALA G 10 -64.40 -25.95 6.18
CA ALA G 10 -65.03 -25.49 4.97
C ALA G 10 -66.32 -26.26 4.79
N VAL G 11 -67.35 -25.61 4.25
CA VAL G 11 -68.65 -26.27 4.01
C VAL G 11 -69.10 -25.99 2.60
N SER G 12 -69.81 -26.96 2.00
CA SER G 12 -70.05 -26.97 0.55
C SER G 12 -71.21 -26.10 0.16
N SER G 13 -72.12 -25.81 1.08
CA SER G 13 -73.19 -24.85 0.82
C SER G 13 -73.57 -24.19 2.14
N PRO G 14 -73.05 -22.99 2.35
CA PRO G 14 -73.26 -22.28 3.61
C PRO G 14 -74.54 -21.44 3.65
N ALA G 15 -75.27 -21.51 4.76
CA ALA G 15 -76.39 -20.59 5.05
C ALA G 15 -75.99 -19.17 4.56
N PRO G 16 -76.84 -18.51 3.73
CA PRO G 16 -76.29 -17.33 3.04
C PRO G 16 -75.95 -16.16 4.01
N GLY G 17 -74.89 -15.42 3.66
CA GLY G 17 -74.22 -14.51 4.59
C GLY G 17 -73.24 -15.18 5.56
N THR G 18 -73.31 -16.52 5.71
CA THR G 18 -72.26 -17.32 6.38
C THR G 18 -71.07 -17.53 5.50
N PRO G 19 -69.88 -17.66 6.10
CA PRO G 19 -68.70 -17.95 5.30
C PRO G 19 -68.63 -19.40 4.82
N ALA G 20 -68.09 -19.56 3.63
CA ALA G 20 -67.79 -20.87 3.09
C ALA G 20 -66.69 -21.61 3.84
N PHE G 21 -65.73 -20.84 4.35
CA PHE G 21 -64.52 -21.39 5.00
C PHE G 21 -64.08 -20.49 6.15
N TRP G 22 -63.58 -21.09 7.23
CA TRP G 22 -63.10 -20.28 8.36
C TRP G 22 -62.15 -21.01 9.26
N VAL G 23 -61.30 -20.26 9.93
CA VAL G 23 -60.23 -20.82 10.67
C VAL G 23 -60.16 -20.21 12.05
N SER G 24 -59.87 -21.01 13.06
CA SER G 24 -59.57 -20.51 14.41
C SER G 24 -58.18 -21.02 14.83
N GLY G 25 -57.31 -20.11 15.27
CA GLY G 25 -55.94 -20.47 15.65
C GLY G 25 -55.79 -20.45 17.16
N TRP G 26 -55.13 -21.45 17.71
CA TRP G 26 -55.10 -21.62 19.16
C TRP G 26 -53.73 -21.81 19.66
N LEU G 27 -53.47 -21.18 20.80
CA LEU G 27 -52.26 -21.40 21.55
C LEU G 27 -52.72 -22.00 22.84
N GLY G 28 -52.41 -23.28 23.06
CA GLY G 28 -52.96 -24.02 24.18
C GLY G 28 -54.45 -23.90 24.01
N PRO G 29 -55.19 -23.67 25.09
CA PRO G 29 -56.62 -23.48 25.03
C PRO G 29 -57.10 -22.03 24.79
N GLN G 30 -56.20 -21.14 24.33
CA GLN G 30 -56.56 -19.73 24.06
C GLN G 30 -56.66 -19.48 22.58
N GLN G 31 -57.72 -18.83 22.13
CA GLN G 31 -57.83 -18.52 20.74
C GLN G 31 -57.08 -17.24 20.45
N TYR G 32 -55.98 -17.29 19.69
CA TYR G 32 -55.28 -16.06 19.32
C TYR G 32 -55.70 -15.53 17.98
N LEU G 33 -56.15 -16.37 17.08
CA LEU G 33 -56.33 -15.97 15.67
C LEU G 33 -57.74 -16.31 15.21
N SER G 34 -58.15 -15.61 14.16
CA SER G 34 -59.46 -15.78 13.59
C SER G 34 -59.49 -15.30 12.14
N TYR G 35 -60.07 -16.11 11.26
CA TYR G 35 -60.07 -15.87 9.80
C TYR G 35 -61.34 -16.41 9.19
N ASN G 36 -61.87 -15.77 8.15
CA ASN G 36 -62.92 -16.40 7.34
C ASN G 36 -63.00 -15.92 5.88
N SER G 37 -63.69 -16.70 5.04
CA SER G 37 -63.69 -16.46 3.60
C SER G 37 -64.36 -15.16 3.19
N LEU G 38 -65.22 -14.59 4.04
CA LEU G 38 -65.92 -13.35 3.67
C LEU G 38 -65.00 -12.17 3.82
N ARG G 39 -64.47 -12.01 5.01
CA ARG G 39 -63.60 -10.89 5.32
C ARG G 39 -62.24 -11.06 4.61
N GLY G 40 -61.73 -12.28 4.53
CA GLY G 40 -60.49 -12.54 3.77
C GLY G 40 -59.19 -12.23 4.49
N GLU G 41 -59.27 -11.91 5.78
CA GLU G 41 -58.10 -11.48 6.56
C GLU G 41 -57.96 -12.20 7.90
N ALA G 42 -56.71 -12.50 8.28
CA ALA G 42 -56.43 -13.08 9.59
C ALA G 42 -56.38 -11.97 10.64
N GLU G 43 -57.14 -12.11 11.74
CA GLU G 43 -57.18 -11.10 12.80
C GLU G 43 -56.84 -11.72 14.12
N PRO G 44 -56.19 -10.97 15.02
CA PRO G 44 -56.01 -11.44 16.37
C PRO G 44 -57.30 -11.36 17.17
N CYS G 45 -57.47 -12.36 18.03
CA CYS G 45 -58.62 -12.51 18.89
C CYS G 45 -58.19 -12.19 20.32
N GLY G 46 -59.09 -11.57 21.08
CA GLY G 46 -58.90 -11.41 22.54
C GLY G 46 -57.69 -10.59 23.04
N ALA G 47 -56.96 -11.12 24.02
CA ALA G 47 -55.83 -10.40 24.59
C ALA G 47 -54.70 -10.32 23.60
N TRP G 48 -54.82 -11.07 22.52
CA TRP G 48 -53.74 -11.10 21.58
C TRP G 48 -53.74 -9.92 20.68
N VAL G 49 -54.71 -9.02 20.80
CA VAL G 49 -54.60 -7.78 20.09
C VAL G 49 -53.44 -6.97 20.69
N TRP G 50 -53.21 -7.15 22.00
CA TRP G 50 -52.24 -6.34 22.73
C TRP G 50 -50.89 -6.97 22.77
N GLU G 51 -50.72 -8.08 22.07
CA GLU G 51 -49.43 -8.74 21.98
C GLU G 51 -48.38 -7.82 21.38
N ASN G 52 -47.22 -7.80 21.99
CA ASN G 52 -46.08 -7.09 21.43
C ASN G 52 -45.62 -7.85 20.19
N GLN G 53 -46.27 -7.62 19.05
CA GLN G 53 -45.99 -8.42 17.86
C GLN G 53 -45.24 -7.63 16.79
N VAL G 54 -44.50 -8.32 15.92
CA VAL G 54 -43.75 -7.71 14.81
C VAL G 54 -44.62 -7.38 13.58
N SER G 55 -44.21 -6.39 12.82
CA SER G 55 -44.85 -6.13 11.55
C SER G 55 -44.74 -7.33 10.63
N TRP G 56 -45.77 -7.51 9.81
CA TRP G 56 -45.85 -8.57 8.81
C TRP G 56 -46.16 -9.92 9.39
N TYR G 57 -46.25 -10.04 10.71
CA TYR G 57 -46.62 -11.30 11.29
C TYR G 57 -48.01 -11.65 10.80
N TRP G 58 -48.93 -10.71 10.96
CA TRP G 58 -50.32 -11.00 10.69
C TRP G 58 -50.61 -11.18 9.26
N GLU G 59 -49.92 -10.46 8.39
CA GLU G 59 -50.26 -10.58 6.97
C GLU G 59 -49.54 -11.78 6.36
N LYS G 60 -48.51 -12.28 7.04
CA LYS G 60 -47.99 -13.65 6.77
C LYS G 60 -49.06 -14.71 7.12
N GLU G 61 -49.69 -14.59 8.29
CA GLU G 61 -50.80 -15.47 8.63
C GLU G 61 -51.85 -15.42 7.52
N THR G 62 -52.28 -14.22 7.14
CA THR G 62 -53.33 -14.10 6.15
C THR G 62 -52.94 -14.80 4.90
N THR G 63 -51.73 -14.51 4.41
CA THR G 63 -51.26 -15.08 3.15
C THR G 63 -51.38 -16.59 3.15
N ASP G 64 -51.00 -17.20 4.29
CA ASP G 64 -50.97 -18.69 4.42
C ASP G 64 -52.37 -19.26 4.44
N LEU G 65 -53.27 -18.60 5.14
CA LEU G 65 -54.58 -19.13 5.29
C LEU G 65 -55.40 -18.99 4.03
N ARG G 66 -54.98 -18.10 3.12
CA ARG G 66 -55.68 -17.93 1.82
C ARG G 66 -55.36 -19.11 0.89
N ILE G 67 -54.12 -19.58 0.93
CA ILE G 67 -53.75 -20.78 0.23
C ILE G 67 -54.57 -21.90 0.81
N LYS G 68 -54.76 -21.95 2.11
CA LYS G 68 -55.62 -22.97 2.67
C LYS G 68 -57.08 -22.84 2.19
N GLU G 69 -57.64 -21.65 2.22
CA GLU G 69 -58.98 -21.45 1.66
C GLU G 69 -59.12 -22.04 0.26
N LYS G 70 -58.19 -21.71 -0.64
CA LYS G 70 -58.26 -22.20 -2.02
C LYS G 70 -58.25 -23.73 -2.05
N LEU G 71 -57.27 -24.33 -1.39
CA LEU G 71 -57.20 -25.77 -1.26
C LEU G 71 -58.51 -26.41 -0.78
N PHE G 72 -59.11 -25.85 0.25
CA PHE G 72 -60.31 -26.46 0.81
C PHE G 72 -61.51 -26.36 -0.11
N LEU G 73 -61.68 -25.22 -0.77
CA LEU G 73 -62.83 -25.03 -1.67
C LEU G 73 -62.64 -25.81 -2.96
N GLU G 74 -61.38 -26.10 -3.27
CA GLU G 74 -61.04 -27.01 -4.35
C GLU G 74 -61.40 -28.45 -4.03
N ALA G 75 -61.38 -28.82 -2.75
CA ALA G 75 -61.56 -30.23 -2.40
C ALA G 75 -62.94 -30.67 -2.85
N PHE G 76 -63.95 -29.82 -2.69
CA PHE G 76 -65.32 -30.21 -3.08
C PHE G 76 -65.50 -30.46 -4.60
N LYS G 77 -64.69 -29.85 -5.45
CA LYS G 77 -64.72 -30.21 -6.88
C LYS G 77 -64.27 -31.63 -7.03
N ALA G 78 -63.14 -31.95 -6.43
CA ALA G 78 -62.61 -33.32 -6.43
C ALA G 78 -63.65 -34.36 -6.00
N LEU G 79 -64.52 -34.04 -5.05
CA LEU G 79 -65.43 -35.04 -4.52
C LEU G 79 -66.65 -35.30 -5.40
N GLY G 80 -67.20 -34.29 -6.07
CA GLY G 80 -68.22 -34.57 -7.09
C GLY G 80 -69.64 -34.94 -6.67
N GLY G 81 -69.87 -36.11 -6.07
CA GLY G 81 -71.22 -36.57 -5.64
C GLY G 81 -72.10 -35.52 -4.94
N LYS G 82 -73.28 -35.90 -4.45
CA LYS G 82 -74.25 -34.90 -3.96
C LYS G 82 -74.03 -34.39 -2.54
N GLY G 83 -74.22 -35.28 -1.57
CA GLY G 83 -74.51 -34.92 -0.17
C GLY G 83 -73.64 -33.79 0.29
N PRO G 84 -74.21 -32.80 1.02
CA PRO G 84 -73.39 -31.66 1.47
C PRO G 84 -72.10 -32.17 2.11
N TYR G 85 -71.07 -31.35 2.12
CA TYR G 85 -69.84 -31.78 2.76
C TYR G 85 -69.40 -30.82 3.86
N THR G 86 -68.63 -31.35 4.80
CA THR G 86 -67.93 -30.52 5.75
C THR G 86 -66.54 -31.07 5.77
N LEU G 87 -65.57 -30.23 5.41
CA LEU G 87 -64.17 -30.65 5.41
C LEU G 87 -63.47 -29.93 6.52
N GLN G 88 -62.84 -30.68 7.41
CA GLN G 88 -62.18 -30.11 8.55
C GLN G 88 -60.70 -30.47 8.53
N GLY G 89 -59.87 -29.58 9.05
CA GLY G 89 -58.45 -29.88 9.25
C GLY G 89 -57.92 -29.39 10.58
N LEU G 90 -57.02 -30.16 11.17
CA LEU G 90 -56.34 -29.80 12.39
C LEU G 90 -54.88 -29.80 12.00
N LEU G 91 -54.27 -28.62 12.00
CA LEU G 91 -52.88 -28.49 11.57
C LEU G 91 -52.16 -27.74 12.64
N GLY G 92 -50.93 -28.11 12.92
CA GLY G 92 -50.20 -27.43 13.96
C GLY G 92 -48.91 -28.11 14.32
N CYS G 93 -48.40 -27.77 15.49
CA CYS G 93 -47.12 -28.29 15.97
C CYS G 93 -47.01 -28.05 17.47
N GLU G 94 -46.15 -28.82 18.10
CA GLU G 94 -45.92 -28.73 19.52
C GLU G 94 -44.44 -28.84 19.70
N LEU G 95 -43.91 -28.15 20.71
CA LEU G 95 -42.47 -28.17 20.95
C LEU G 95 -42.00 -29.48 21.59
N GLY G 96 -40.82 -29.94 21.19
CA GLY G 96 -40.21 -31.18 21.69
C GLY G 96 -38.79 -31.02 22.27
N PRO G 97 -38.36 -32.02 23.04
CA PRO G 97 -37.08 -32.00 23.73
C PRO G 97 -36.05 -31.00 23.19
N ASP G 98 -35.50 -31.27 22.01
CA ASP G 98 -34.19 -30.72 21.62
C ASP G 98 -34.26 -29.45 20.75
N ASN G 99 -35.02 -28.45 21.19
CA ASN G 99 -35.39 -27.32 20.31
C ASN G 99 -35.98 -27.93 19.01
N THR G 100 -36.99 -28.80 19.16
CA THR G 100 -37.60 -29.58 18.05
C THR G 100 -39.13 -29.43 18.01
N SER G 101 -39.71 -29.32 16.81
CA SER G 101 -41.15 -29.26 16.65
C SER G 101 -41.69 -30.66 16.38
N VAL G 102 -42.92 -30.92 16.78
CA VAL G 102 -43.66 -32.14 16.36
C VAL G 102 -44.93 -31.72 15.66
N PRO G 103 -45.06 -32.01 14.36
CA PRO G 103 -46.20 -31.52 13.59
C PRO G 103 -47.43 -32.43 13.60
N THR G 104 -48.59 -31.84 13.30
CA THR G 104 -49.87 -32.55 13.18
C THR G 104 -50.56 -32.07 11.93
N ALA G 105 -51.19 -32.99 11.22
CA ALA G 105 -51.89 -32.65 10.02
C ALA G 105 -52.91 -33.70 9.73
N LYS G 106 -54.07 -33.59 10.34
CA LYS G 106 -55.13 -34.56 10.05
C LYS G 106 -56.39 -33.86 9.56
N PHE G 107 -57.24 -34.58 8.84
CA PHE G 107 -58.45 -34.00 8.30
C PHE G 107 -59.62 -34.94 8.44
N ALA G 108 -60.83 -34.40 8.47
CA ALA G 108 -62.02 -35.21 8.55
C ALA G 108 -62.99 -34.77 7.53
N LEU G 109 -63.70 -35.73 6.92
CA LEU G 109 -64.83 -35.42 6.02
C LEU G 109 -66.17 -35.75 6.68
N ASN G 110 -67.12 -34.83 6.61
CA ASN G 110 -68.37 -35.00 7.34
C ASN G 110 -68.21 -35.58 8.72
N GLY G 111 -67.25 -35.08 9.46
CA GLY G 111 -67.05 -35.53 10.82
C GLY G 111 -66.36 -36.87 11.07
N GLU G 112 -65.68 -37.44 10.09
CA GLU G 112 -64.89 -38.64 10.38
C GLU G 112 -63.49 -38.48 9.86
N GLU G 113 -62.49 -38.85 10.65
CA GLU G 113 -61.11 -38.69 10.18
C GLU G 113 -60.95 -39.52 8.94
N PHE G 114 -60.28 -38.99 7.93
CA PHE G 114 -60.16 -39.73 6.65
C PHE G 114 -58.90 -39.53 5.86
N MET G 115 -58.04 -38.65 6.34
CA MET G 115 -56.97 -38.14 5.54
C MET G 115 -55.95 -37.43 6.44
N ASN G 116 -54.72 -37.41 5.98
CA ASN G 116 -53.59 -36.93 6.78
C ASN G 116 -52.48 -36.44 5.86
N PHE G 117 -51.50 -35.73 6.38
CA PHE G 117 -50.37 -35.28 5.56
C PHE G 117 -49.06 -35.84 6.12
N ASP G 118 -48.44 -36.78 5.42
CA ASP G 118 -47.15 -37.37 5.81
C ASP G 118 -45.95 -36.45 5.55
N LEU G 119 -45.40 -35.85 6.61
CA LEU G 119 -44.31 -34.90 6.45
C LEU G 119 -43.02 -35.49 5.93
N LYS G 120 -42.87 -36.80 5.97
CA LYS G 120 -41.66 -37.42 5.45
C LYS G 120 -41.74 -37.46 3.91
N GLN G 121 -42.75 -38.14 3.36
CA GLN G 121 -42.94 -38.17 1.89
C GLN G 121 -43.45 -36.84 1.29
N GLY G 122 -43.95 -35.93 2.10
CA GLY G 122 -44.51 -34.70 1.55
C GLY G 122 -45.77 -34.94 0.75
N THR G 123 -46.63 -35.84 1.23
CA THR G 123 -47.81 -36.28 0.49
C THR G 123 -48.99 -36.43 1.43
N TRP G 124 -50.20 -36.19 0.92
CA TRP G 124 -51.40 -36.43 1.67
C TRP G 124 -51.70 -37.86 1.45
N GLY G 125 -52.44 -38.46 2.38
CA GLY G 125 -52.72 -39.88 2.36
C GLY G 125 -54.05 -40.18 3.03
N GLY G 126 -54.46 -41.45 3.01
CA GLY G 126 -55.83 -41.85 3.38
C GLY G 126 -56.34 -42.70 2.26
N ASP G 127 -57.23 -43.63 2.54
CA ASP G 127 -57.48 -44.59 1.49
C ASP G 127 -58.90 -44.83 1.13
N TRP G 128 -59.79 -44.12 1.80
CA TRP G 128 -61.15 -43.93 1.35
C TRP G 128 -61.18 -43.32 -0.05
N PRO G 129 -62.21 -43.62 -0.85
CA PRO G 129 -62.15 -43.04 -2.18
C PRO G 129 -62.15 -41.52 -2.11
N GLU G 130 -62.88 -40.97 -1.16
CA GLU G 130 -62.99 -39.51 -1.04
C GLU G 130 -61.61 -38.92 -0.74
N ALA G 131 -60.83 -39.60 0.09
CA ALA G 131 -59.52 -39.13 0.43
C ALA G 131 -58.60 -39.30 -0.74
N LEU G 132 -58.78 -40.32 -1.55
CA LEU G 132 -57.89 -40.49 -2.72
C LEU G 132 -58.12 -39.38 -3.72
N ALA G 133 -59.35 -38.91 -3.80
CA ALA G 133 -59.77 -37.91 -4.75
C ALA G 133 -59.18 -36.54 -4.39
N ILE G 134 -59.41 -36.12 -3.14
CA ILE G 134 -58.88 -34.86 -2.60
C ILE G 134 -57.38 -34.89 -2.55
N SER G 135 -56.84 -35.99 -2.07
CA SER G 135 -55.40 -36.15 -2.02
C SER G 135 -54.76 -35.90 -3.40
N GLN G 136 -55.38 -36.41 -4.44
CA GLN G 136 -54.84 -36.30 -5.78
C GLN G 136 -54.92 -34.89 -6.28
N ARG G 137 -56.03 -34.21 -5.98
CA ARG G 137 -56.25 -32.84 -6.50
C ARG G 137 -55.28 -31.87 -5.91
N TRP G 138 -55.00 -32.04 -4.63
CA TRP G 138 -53.97 -31.26 -3.95
C TRP G 138 -52.57 -31.63 -4.41
N GLN G 139 -52.23 -32.91 -4.54
CA GLN G 139 -50.87 -33.28 -4.90
C GLN G 139 -50.42 -32.76 -6.29
N GLN G 140 -51.35 -32.42 -7.16
CA GLN G 140 -51.03 -31.89 -8.50
C GLN G 140 -51.48 -30.43 -8.63
N GLN G 141 -50.67 -29.52 -8.09
CA GLN G 141 -51.01 -28.11 -7.87
C GLN G 141 -49.79 -27.20 -7.78
N ASP G 142 -50.03 -25.92 -7.59
CA ASP G 142 -48.97 -24.92 -7.44
C ASP G 142 -48.02 -25.28 -6.29
N LYS G 143 -47.42 -26.46 -6.41
CA LYS G 143 -46.56 -26.95 -5.39
C LYS G 143 -47.23 -26.88 -4.03
N ALA G 144 -48.50 -27.30 -3.94
CA ALA G 144 -49.23 -27.24 -2.67
C ALA G 144 -48.50 -28.04 -1.59
N ALA G 145 -48.00 -29.22 -1.95
CA ALA G 145 -47.22 -30.04 -1.04
C ALA G 145 -46.05 -29.26 -0.40
N ASN G 146 -45.29 -28.51 -1.18
CA ASN G 146 -44.21 -27.71 -0.61
C ASN G 146 -44.62 -26.68 0.42
N LYS G 147 -45.71 -25.97 0.13
CA LYS G 147 -46.19 -24.99 1.07
C LYS G 147 -46.72 -25.62 2.37
N GLU G 148 -47.37 -26.79 2.30
CA GLU G 148 -47.80 -27.54 3.53
C GLU G 148 -46.58 -27.96 4.29
N LEU G 149 -45.53 -28.36 3.59
CA LEU G 149 -44.29 -28.64 4.28
C LEU G 149 -43.76 -27.41 5.04
N THR G 150 -43.63 -26.27 4.37
CA THR G 150 -43.12 -25.05 5.00
C THR G 150 -44.03 -24.56 6.16
N PHE G 151 -45.32 -24.62 5.93
CA PHE G 151 -46.27 -24.22 6.95
C PHE G 151 -46.13 -25.00 8.24
N LEU G 152 -45.76 -26.27 8.15
CA LEU G 152 -45.79 -27.16 9.32
C LEU G 152 -44.42 -27.34 9.89
N LEU G 153 -43.41 -27.33 9.02
CA LEU G 153 -42.05 -27.56 9.48
C LEU G 153 -41.29 -26.28 9.74
N PHE G 154 -41.77 -25.19 9.17
CA PHE G 154 -41.06 -23.95 9.34
C PHE G 154 -41.86 -22.86 9.99
N SER G 155 -43.00 -22.51 9.39
CA SER G 155 -43.74 -21.34 9.85
C SER G 155 -44.34 -21.57 11.22
N CYS G 156 -44.98 -22.72 11.37
CA CYS G 156 -45.72 -23.04 12.59
C CYS G 156 -44.83 -23.01 13.79
N PRO G 157 -43.70 -23.74 13.77
CA PRO G 157 -42.86 -23.68 14.95
C PRO G 157 -42.14 -22.35 15.17
N HIS G 158 -41.80 -21.61 14.12
CA HIS G 158 -41.28 -20.26 14.31
C HIS G 158 -42.30 -19.37 14.96
N ARG G 159 -43.56 -19.50 14.59
CA ARG G 159 -44.61 -18.71 15.26
C ARG G 159 -44.69 -19.11 16.74
N LEU G 160 -44.69 -20.40 17.00
CA LEU G 160 -45.00 -20.89 18.34
C LEU G 160 -43.96 -20.35 19.30
N ARG G 161 -42.69 -20.40 18.91
CA ARG G 161 -41.65 -19.83 19.73
C ARG G 161 -41.88 -18.35 19.94
N GLU G 162 -42.26 -17.63 18.89
CA GLU G 162 -42.44 -16.20 19.03
C GLU G 162 -43.56 -15.85 19.99
N HIS G 163 -44.64 -16.61 19.99
CA HIS G 163 -45.74 -16.30 20.90
C HIS G 163 -45.42 -16.62 22.34
N LEU G 164 -44.61 -17.65 22.58
CA LEU G 164 -44.19 -18.00 23.95
C LEU G 164 -43.35 -16.88 24.55
N GLU G 165 -42.41 -16.32 23.78
CA GLU G 165 -41.61 -15.19 24.27
C GLU G 165 -42.53 -14.01 24.52
N ARG G 166 -43.20 -13.55 23.48
CA ARG G 166 -43.89 -12.27 23.50
C ARG G 166 -45.23 -12.32 24.19
N GLY G 167 -45.69 -13.50 24.55
CA GLY G 167 -47.00 -13.64 25.19
C GLY G 167 -47.04 -14.46 26.47
N ARG G 168 -45.92 -14.61 27.18
CA ARG G 168 -45.95 -15.25 28.48
C ARG G 168 -47.11 -14.70 29.28
N GLY G 169 -47.24 -13.37 29.29
CA GLY G 169 -48.25 -12.69 30.09
C GLY G 169 -49.58 -13.39 30.05
N ASN G 170 -50.05 -13.68 28.84
CA ASN G 170 -51.31 -14.38 28.67
C ASN G 170 -51.19 -15.86 29.04
N LEU G 171 -50.16 -16.53 28.54
CA LEU G 171 -50.10 -17.97 28.68
C LEU G 171 -49.94 -18.42 30.13
N GLU G 172 -49.24 -17.62 30.94
CA GLU G 172 -48.95 -18.00 32.33
C GLU G 172 -49.99 -17.44 33.32
N TRP G 173 -50.96 -16.67 32.82
CA TRP G 173 -52.12 -16.25 33.60
C TRP G 173 -52.64 -17.35 34.48
N LYS G 174 -53.05 -16.98 35.69
CA LYS G 174 -53.63 -17.89 36.71
C LYS G 174 -54.82 -17.21 37.43
N GLU G 175 -55.97 -17.87 37.40
CA GLU G 175 -57.17 -17.37 38.08
C GLU G 175 -57.83 -18.55 38.81
N PRO G 176 -57.83 -18.52 40.17
CA PRO G 176 -58.43 -19.62 40.91
C PRO G 176 -59.95 -19.49 40.89
N PRO G 177 -60.68 -20.58 41.08
CA PRO G 177 -62.13 -20.59 40.95
C PRO G 177 -62.85 -20.08 42.16
N SER G 178 -64.02 -19.46 41.98
CA SER G 178 -64.96 -19.29 43.10
C SER G 178 -65.75 -20.58 43.21
N MET G 179 -65.90 -21.12 44.42
CA MET G 179 -66.51 -22.44 44.60
C MET G 179 -67.83 -22.32 45.35
N ARG G 180 -68.81 -23.14 44.97
CA ARG G 180 -70.09 -23.25 45.68
C ARG G 180 -70.50 -24.69 45.67
N LEU G 181 -70.96 -25.17 46.82
CA LEU G 181 -71.47 -26.53 46.96
C LEU G 181 -72.89 -26.44 47.52
N LYS G 182 -73.86 -26.99 46.82
CA LYS G 182 -75.27 -26.85 47.20
C LYS G 182 -76.10 -28.14 47.09
N ALA G 183 -77.14 -28.23 47.92
CA ALA G 183 -77.97 -29.44 48.10
C ALA G 183 -79.39 -29.27 47.54
N ARG G 184 -79.83 -30.18 46.66
CA ARG G 184 -81.04 -29.95 45.83
C ARG G 184 -82.04 -31.12 45.86
N PRO G 185 -83.06 -31.08 46.74
CA PRO G 185 -84.00 -32.21 46.92
C PRO G 185 -84.44 -32.79 45.58
N SER G 186 -84.31 -34.10 45.36
CA SER G 186 -84.63 -34.69 44.04
C SER G 186 -85.84 -35.65 43.96
N SER G 187 -85.77 -36.89 44.45
CA SER G 187 -86.95 -37.78 44.33
C SER G 187 -87.39 -38.23 45.75
N PRO G 188 -87.81 -39.49 45.97
CA PRO G 188 -88.16 -39.91 47.33
C PRO G 188 -87.14 -39.59 48.46
N GLY G 189 -86.29 -40.55 48.83
CA GLY G 189 -85.31 -40.36 49.92
C GLY G 189 -83.91 -39.96 49.44
N PHE G 190 -83.85 -39.19 48.36
CA PHE G 190 -82.60 -38.79 47.74
C PHE G 190 -82.50 -37.25 47.60
N SER G 191 -81.33 -36.82 47.15
CA SER G 191 -80.99 -35.41 47.00
C SER G 191 -79.69 -35.30 46.13
N VAL G 192 -79.52 -34.19 45.40
CA VAL G 192 -78.35 -34.01 44.52
C VAL G 192 -77.41 -32.92 45.06
N LEU G 193 -76.14 -33.29 45.25
CA LEU G 193 -75.11 -32.33 45.59
C LEU G 193 -74.37 -31.85 44.36
N THR G 194 -74.19 -30.55 44.24
CA THR G 194 -73.55 -30.00 43.06
C THR G 194 -72.46 -29.05 43.46
N CYS G 195 -71.24 -29.46 43.14
CA CYS G 195 -70.07 -28.64 43.38
C CYS G 195 -69.78 -27.91 42.09
N SER G 196 -69.54 -26.61 42.19
CA SER G 196 -69.42 -25.77 41.01
C SER G 196 -68.20 -24.89 41.11
N ALA G 197 -67.41 -24.84 40.04
CA ALA G 197 -66.25 -23.95 39.95
C ALA G 197 -66.52 -22.86 38.91
N PHE G 198 -66.41 -21.59 39.31
CA PHE G 198 -66.69 -20.46 38.42
C PHE G 198 -65.43 -19.70 38.11
N SER G 199 -65.31 -19.27 36.86
CA SER G 199 -64.17 -18.43 36.37
C SER G 199 -62.79 -18.87 36.80
N PHE G 200 -62.24 -19.88 36.14
CA PHE G 200 -60.86 -20.30 36.44
C PHE G 200 -60.04 -20.42 35.18
N TYR G 201 -58.75 -20.20 35.28
CA TYR G 201 -57.83 -20.52 34.22
C TYR G 201 -56.60 -20.95 34.94
N PRO G 202 -55.84 -21.92 34.40
CA PRO G 202 -56.05 -22.76 33.19
C PRO G 202 -57.20 -23.73 33.33
N PRO G 203 -57.52 -24.49 32.29
CA PRO G 203 -58.72 -25.29 32.39
C PRO G 203 -58.57 -26.63 33.13
N GLU G 204 -57.34 -27.04 33.41
CA GLU G 204 -57.11 -28.28 34.19
C GLU G 204 -57.64 -28.07 35.59
N LEU G 205 -58.53 -28.94 36.05
CA LEU G 205 -59.16 -28.79 37.36
C LEU G 205 -59.89 -30.08 37.71
N GLN G 206 -59.73 -30.61 38.92
CA GLN G 206 -60.48 -31.80 39.33
C GLN G 206 -61.44 -31.47 40.48
N LEU G 207 -62.62 -32.07 40.43
CA LEU G 207 -63.58 -32.01 41.52
C LEU G 207 -63.75 -33.43 42.05
N ARG G 208 -63.77 -33.56 43.36
CA ARG G 208 -63.90 -34.83 44.04
C ARG G 208 -64.89 -34.70 45.20
N PHE G 209 -65.56 -35.78 45.58
CA PHE G 209 -66.42 -35.79 46.76
C PHE G 209 -65.91 -36.67 47.87
N LEU G 210 -65.89 -36.12 49.07
CA LEU G 210 -65.58 -36.88 50.27
C LEU G 210 -66.85 -36.97 51.12
N ARG G 211 -66.98 -38.07 51.87
CA ARG G 211 -68.10 -38.27 52.80
C ARG G 211 -67.55 -38.72 54.14
N ASN G 212 -67.37 -37.76 55.03
CA ASN G 212 -66.63 -37.96 56.26
C ASN G 212 -65.25 -38.43 55.90
N GLY G 213 -64.57 -37.67 55.07
CA GLY G 213 -63.13 -37.90 54.81
C GLY G 213 -62.74 -39.06 53.92
N LEU G 214 -63.74 -39.86 53.50
CA LEU G 214 -63.52 -40.99 52.61
C LEU G 214 -64.17 -40.72 51.26
N ALA G 215 -63.57 -41.18 50.17
CA ALA G 215 -64.07 -40.90 48.82
C ALA G 215 -65.47 -41.43 48.57
N ALA G 216 -66.31 -40.57 47.98
CA ALA G 216 -67.59 -40.97 47.40
C ALA G 216 -67.55 -40.91 45.86
N GLY G 217 -66.33 -40.86 45.31
CA GLY G 217 -66.09 -40.90 43.87
C GLY G 217 -66.24 -39.55 43.22
N THR G 218 -66.72 -39.56 41.98
CA THR G 218 -67.37 -38.40 41.39
C THR G 218 -68.61 -38.95 40.76
N GLY G 219 -69.55 -38.05 40.54
CA GLY G 219 -70.68 -38.35 39.70
C GLY G 219 -70.41 -37.62 38.41
N GLN G 220 -71.48 -37.21 37.74
CA GLN G 220 -71.44 -36.50 36.47
C GLN G 220 -70.62 -35.20 36.60
N GLY G 221 -69.54 -35.12 35.80
CA GLY G 221 -68.75 -33.90 35.64
C GLY G 221 -69.18 -33.16 34.37
N ASP G 222 -69.01 -31.84 34.38
CA ASP G 222 -69.42 -31.00 33.27
C ASP G 222 -68.48 -29.85 33.25
N PHE G 223 -68.16 -29.41 32.06
CA PHE G 223 -67.05 -28.55 31.90
C PHE G 223 -67.39 -27.64 30.74
N GLY G 224 -67.01 -26.37 30.83
CA GLY G 224 -67.31 -25.41 29.76
C GLY G 224 -66.51 -24.11 29.79
N PRO G 225 -66.70 -23.21 28.79
CA PRO G 225 -66.01 -21.92 28.76
C PRO G 225 -66.89 -20.72 29.06
N ASN G 226 -66.32 -19.68 29.66
CA ASN G 226 -66.99 -18.40 29.80
C ASN G 226 -66.55 -17.45 28.67
N SER G 227 -67.29 -16.36 28.51
CA SER G 227 -67.04 -15.39 27.45
C SER G 227 -65.61 -14.88 27.34
N ASP G 228 -64.84 -15.01 28.40
CA ASP G 228 -63.58 -14.28 28.53
C ASP G 228 -62.33 -15.16 28.53
N GLY G 229 -62.46 -16.40 28.05
CA GLY G 229 -61.33 -17.35 28.02
C GLY G 229 -61.19 -18.16 29.30
N SER G 230 -61.82 -17.71 30.37
CA SER G 230 -61.90 -18.48 31.60
C SER G 230 -62.79 -19.71 31.43
N PHE G 231 -62.91 -20.50 32.50
CA PHE G 231 -63.69 -21.72 32.44
C PHE G 231 -64.63 -21.90 33.62
N HIS G 232 -65.53 -22.85 33.42
CA HIS G 232 -66.53 -23.24 34.37
C HIS G 232 -66.57 -24.74 34.50
N ALA G 233 -66.74 -25.26 35.70
CA ALA G 233 -66.91 -26.72 35.88
C ALA G 233 -67.90 -27.05 36.98
N SER G 234 -68.55 -28.20 36.88
CA SER G 234 -69.43 -28.63 37.96
C SER G 234 -69.46 -30.15 38.03
N SER G 235 -69.64 -30.71 39.22
CA SER G 235 -69.82 -32.16 39.38
C SER G 235 -70.97 -32.44 40.32
N SER G 236 -71.74 -33.48 40.03
CA SER G 236 -72.97 -33.75 40.78
C SER G 236 -73.09 -35.19 41.31
N LEU G 237 -73.68 -35.35 42.50
CA LEU G 237 -73.72 -36.63 43.19
C LEU G 237 -75.06 -36.87 43.85
N THR G 238 -75.63 -38.05 43.66
CA THR G 238 -76.85 -38.47 44.37
C THR G 238 -76.52 -38.80 45.81
N VAL G 239 -77.44 -38.54 46.74
CA VAL G 239 -77.10 -38.66 48.16
C VAL G 239 -78.34 -38.74 49.07
N LYS G 240 -78.35 -39.69 50.02
CA LYS G 240 -79.44 -39.85 51.02
C LYS G 240 -79.88 -38.52 51.65
N SER G 241 -81.17 -38.19 51.55
CA SER G 241 -81.68 -36.95 52.16
C SER G 241 -81.42 -36.92 53.67
N GLY G 242 -81.09 -35.75 54.21
CA GLY G 242 -80.70 -35.63 55.61
C GLY G 242 -79.27 -36.00 55.92
N ASP G 243 -78.61 -36.73 55.01
CA ASP G 243 -77.18 -37.08 55.17
C ASP G 243 -76.24 -36.08 54.45
N GLU G 244 -76.77 -34.90 54.12
CA GLU G 244 -76.07 -33.98 53.23
C GLU G 244 -74.89 -33.29 53.89
N HIS G 245 -75.04 -32.89 55.15
CA HIS G 245 -74.02 -32.05 55.80
C HIS G 245 -72.79 -32.86 56.17
N HIS G 246 -72.79 -34.14 55.81
CA HIS G 246 -71.63 -35.01 55.98
C HIS G 246 -70.66 -34.93 54.83
N TYR G 247 -71.13 -34.57 53.64
CA TYR G 247 -70.28 -34.47 52.44
C TYR G 247 -69.61 -33.13 52.30
N CYS G 248 -68.35 -33.14 51.89
CA CYS G 248 -67.73 -31.95 51.37
C CYS G 248 -67.18 -32.25 49.97
N CYS G 249 -66.51 -31.27 49.36
CA CYS G 249 -66.05 -31.35 47.96
C CYS G 249 -64.66 -30.76 47.88
N ILE G 250 -63.71 -31.48 47.27
CA ILE G 250 -62.30 -31.01 47.20
C ILE G 250 -61.94 -30.65 45.77
N VAL G 251 -61.22 -29.54 45.61
CA VAL G 251 -60.88 -29.03 44.29
C VAL G 251 -59.38 -28.77 44.10
N GLN G 252 -58.79 -29.41 43.09
CA GLN G 252 -57.38 -29.20 42.73
C GLN G 252 -57.32 -28.23 41.56
N HIS G 253 -56.32 -27.35 41.54
CA HIS G 253 -56.16 -26.43 40.43
C HIS G 253 -54.91 -25.61 40.55
N ALA G 254 -54.12 -25.56 39.49
CA ALA G 254 -52.85 -24.80 39.45
C ALA G 254 -52.87 -23.41 40.11
N GLY G 255 -54.02 -22.74 40.11
CA GLY G 255 -54.15 -21.40 40.76
C GLY G 255 -54.44 -21.37 42.27
N LEU G 256 -54.28 -22.50 42.94
CA LEU G 256 -54.49 -22.62 44.38
C LEU G 256 -53.22 -23.23 45.03
N ALA G 257 -52.67 -22.54 46.05
CA ALA G 257 -51.43 -22.99 46.73
C ALA G 257 -51.58 -24.44 47.21
N GLN G 258 -52.77 -24.80 47.72
CA GLN G 258 -53.10 -26.20 48.04
C GLN G 258 -54.58 -26.47 47.79
N PRO G 259 -54.94 -27.74 47.57
CA PRO G 259 -56.32 -28.17 47.30
C PRO G 259 -57.30 -27.57 48.29
N LEU G 260 -58.48 -27.19 47.82
CA LEU G 260 -59.44 -26.47 48.66
C LEU G 260 -60.57 -27.40 49.09
N ARG G 261 -60.80 -27.46 50.39
CA ARG G 261 -61.91 -28.23 50.95
C ARG G 261 -63.07 -27.28 50.96
N VAL G 262 -64.17 -27.66 50.32
CA VAL G 262 -65.33 -26.79 50.13
C VAL G 262 -66.56 -27.32 50.85
N GLU G 263 -66.93 -26.63 51.94
CA GLU G 263 -68.06 -27.02 52.79
C GLU G 263 -69.40 -26.67 52.14
N LEU G 264 -70.50 -27.14 52.73
CA LEU G 264 -71.86 -26.93 52.18
C LEU G 264 -72.60 -25.62 52.69
N ILE H 1 -70.68 -38.81 11.97
CA ILE H 1 -71.40 -38.43 10.71
C ILE H 1 -72.67 -37.63 10.95
N GLN H 2 -73.30 -37.75 12.13
CA GLN H 2 -74.40 -36.85 12.57
C GLN H 2 -74.62 -36.94 14.07
N ARG H 3 -74.23 -35.91 14.79
CA ARG H 3 -74.16 -35.95 16.26
C ARG H 3 -75.09 -34.93 16.91
N THR H 4 -75.60 -35.30 18.06
CA THR H 4 -76.62 -34.50 18.69
C THR H 4 -76.03 -33.60 19.78
N PRO H 5 -76.51 -32.36 19.91
CA PRO H 5 -75.84 -31.41 20.81
C PRO H 5 -75.97 -31.71 22.30
N LYS H 6 -75.00 -31.19 23.06
CA LYS H 6 -75.00 -31.23 24.50
C LYS H 6 -75.11 -29.79 24.96
N ILE H 7 -76.17 -29.50 25.70
CA ILE H 7 -76.49 -28.15 26.13
C ILE H 7 -76.24 -27.94 27.61
N GLN H 8 -75.26 -27.11 27.97
CA GLN H 8 -75.06 -26.65 29.38
C GLN H 8 -75.44 -25.18 29.54
N VAL H 9 -76.13 -24.83 30.64
CA VAL H 9 -76.41 -23.40 31.00
C VAL H 9 -75.86 -23.08 32.37
N TYR H 10 -75.09 -22.03 32.47
CA TYR H 10 -74.42 -21.66 33.71
C TYR H 10 -74.10 -20.17 33.69
N SER H 11 -74.07 -19.54 34.85
CA SER H 11 -73.67 -18.15 34.93
C SER H 11 -72.17 -18.12 35.02
N ARG H 12 -71.60 -16.99 34.68
CA ARG H 12 -70.15 -16.90 34.63
C ARG H 12 -69.59 -16.86 36.02
N HIS H 13 -70.25 -16.07 36.87
CA HIS H 13 -69.96 -15.92 38.30
C HIS H 13 -71.06 -16.47 39.13
N PRO H 14 -70.77 -16.82 40.39
CA PRO H 14 -71.86 -17.38 41.20
C PRO H 14 -73.01 -16.39 41.28
N ALA H 15 -74.24 -16.90 41.15
CA ALA H 15 -75.44 -16.08 41.02
C ALA H 15 -75.68 -15.31 42.29
N GLU H 16 -75.69 -13.98 42.22
CA GLU H 16 -76.17 -13.15 43.33
C GLU H 16 -77.23 -12.16 42.83
N ASN H 17 -78.44 -12.27 43.37
CA ASN H 17 -79.56 -11.43 42.95
C ASN H 17 -79.22 -9.96 43.06
N GLY H 18 -79.55 -9.20 42.01
CA GLY H 18 -79.30 -7.76 41.98
C GLY H 18 -77.90 -7.33 41.57
N LYS H 19 -76.95 -8.26 41.52
CA LYS H 19 -75.59 -7.94 41.04
C LYS H 19 -75.37 -8.44 39.59
N SER H 20 -74.63 -7.64 38.82
CA SER H 20 -74.43 -7.91 37.40
C SER H 20 -73.54 -9.12 37.12
N ASN H 21 -73.90 -9.86 36.08
CA ASN H 21 -73.29 -11.15 35.76
C ASN H 21 -73.39 -11.40 34.26
N PHE H 22 -73.01 -12.59 33.82
CA PHE H 22 -73.25 -13.08 32.46
C PHE H 22 -73.89 -14.45 32.56
N LEU H 23 -74.83 -14.71 31.66
CA LEU H 23 -75.39 -16.03 31.54
C LEU H 23 -74.78 -16.65 30.28
N ASN H 24 -74.21 -17.85 30.41
CA ASN H 24 -73.68 -18.57 29.26
C ASN H 24 -74.61 -19.72 28.89
N CYS H 25 -74.66 -20.01 27.59
CA CYS H 25 -75.22 -21.25 27.08
C CYS H 25 -74.16 -21.86 26.16
N TYR H 26 -73.81 -23.11 26.43
CA TYR H 26 -72.71 -23.79 25.78
C TYR H 26 -73.16 -25.05 25.06
N VAL H 27 -73.45 -24.90 23.76
CA VAL H 27 -73.85 -26.02 22.89
C VAL H 27 -72.57 -26.68 22.34
N SER H 28 -72.48 -28.00 22.46
CA SER H 28 -71.20 -28.70 22.19
C SER H 28 -71.39 -30.14 21.73
N GLY H 29 -70.40 -30.65 20.99
CA GLY H 29 -70.39 -32.05 20.57
C GLY H 29 -71.30 -32.43 19.43
N PHE H 30 -71.64 -31.45 18.59
CA PHE H 30 -72.61 -31.66 17.53
C PHE H 30 -71.98 -31.62 16.14
N HIS H 31 -72.71 -32.21 15.18
CA HIS H 31 -72.29 -32.29 13.80
C HIS H 31 -73.52 -32.54 12.99
N PRO H 32 -73.72 -31.80 11.91
CA PRO H 32 -72.91 -30.77 11.29
C PRO H 32 -73.11 -29.38 11.92
N SER H 33 -72.48 -28.37 11.33
CA SER H 33 -72.26 -27.07 11.97
C SER H 33 -73.44 -26.15 12.13
N ASP H 34 -74.52 -26.34 11.38
CA ASP H 34 -75.69 -25.45 11.49
C ASP H 34 -76.43 -25.65 12.80
N ILE H 35 -76.68 -24.56 13.50
CA ILE H 35 -77.35 -24.65 14.77
C ILE H 35 -78.05 -23.31 15.08
N GLU H 36 -79.24 -23.34 15.67
CA GLU H 36 -79.93 -22.12 16.11
C GLU H 36 -80.01 -22.15 17.61
N VAL H 37 -79.41 -21.16 18.27
CA VAL H 37 -79.38 -21.12 19.72
C VAL H 37 -79.96 -19.78 20.16
N ASP H 38 -81.01 -19.84 20.97
CA ASP H 38 -81.66 -18.65 21.51
C ASP H 38 -81.70 -18.73 23.02
N LEU H 39 -81.37 -17.61 23.67
CA LEU H 39 -81.46 -17.50 25.12
C LEU H 39 -82.87 -16.99 25.47
N LEU H 40 -83.48 -17.55 26.51
CA LEU H 40 -84.83 -17.16 26.94
C LEU H 40 -84.84 -16.49 28.31
N LYS H 41 -85.45 -15.29 28.41
CA LYS H 41 -85.88 -14.71 29.69
C LYS H 41 -87.38 -14.92 29.86
N ASN H 42 -87.74 -15.63 30.94
CA ASN H 42 -89.14 -15.90 31.24
C ASN H 42 -89.89 -16.33 30.00
N GLY H 43 -89.36 -17.35 29.33
CA GLY H 43 -90.02 -17.93 28.19
C GLY H 43 -89.86 -17.17 26.88
N GLU H 44 -89.43 -15.90 26.90
CA GLU H 44 -89.27 -15.16 25.65
C GLU H 44 -87.84 -14.65 25.37
N ARG H 45 -87.47 -14.66 24.09
CA ARG H 45 -86.07 -14.49 23.68
C ARG H 45 -85.44 -13.15 23.94
N ILE H 46 -84.19 -13.13 24.38
CA ILE H 46 -83.41 -11.87 24.56
C ILE H 46 -82.71 -11.45 23.25
N GLU H 47 -82.57 -10.15 23.02
CA GLU H 47 -82.02 -9.69 21.74
C GLU H 47 -80.60 -9.12 21.86
N LYS H 48 -80.09 -8.93 23.08
CA LYS H 48 -78.69 -8.51 23.25
C LYS H 48 -77.72 -9.69 23.51
N VAL H 49 -77.97 -10.80 22.82
CA VAL H 49 -77.22 -12.03 22.96
C VAL H 49 -76.01 -12.00 22.03
N GLU H 50 -74.80 -11.96 22.59
CA GLU H 50 -73.56 -12.12 21.78
C GLU H 50 -73.10 -13.58 21.78
N HIS H 51 -72.22 -13.96 20.86
CA HIS H 51 -71.79 -15.36 20.78
C HIS H 51 -70.47 -15.51 20.15
N SER H 52 -69.77 -16.56 20.55
CA SER H 52 -68.39 -16.80 20.11
C SER H 52 -68.26 -17.43 18.74
N ASP H 53 -67.01 -17.52 18.30
CA ASP H 53 -66.70 -18.19 17.03
C ASP H 53 -67.12 -19.66 17.04
N LEU H 54 -67.69 -20.13 15.93
CA LEU H 54 -67.93 -21.55 15.73
C LEU H 54 -66.60 -22.30 15.65
N SER H 55 -66.38 -23.21 16.60
CA SER H 55 -65.11 -23.99 16.64
C SER H 55 -65.35 -25.49 16.85
N PHE H 56 -64.28 -26.30 16.83
CA PHE H 56 -64.40 -27.72 17.03
C PHE H 56 -63.31 -28.35 17.87
N SER H 57 -63.57 -29.56 18.35
CA SER H 57 -62.72 -30.22 19.32
C SER H 57 -61.89 -31.34 18.71
N LYS H 58 -60.96 -31.86 19.51
CA LYS H 58 -60.15 -33.02 19.16
C LYS H 58 -60.95 -34.09 18.41
N ASP H 59 -62.19 -34.37 18.83
CA ASP H 59 -62.97 -35.40 18.13
C ASP H 59 -63.77 -34.90 16.91
N TRP H 60 -63.41 -33.73 16.42
CA TRP H 60 -64.09 -33.06 15.32
C TRP H 60 -65.47 -32.52 15.57
N SER H 61 -66.06 -32.75 16.71
CA SER H 61 -67.40 -32.24 16.89
C SER H 61 -67.34 -30.74 17.16
N PHE H 62 -68.34 -30.01 16.65
CA PHE H 62 -68.40 -28.56 16.81
C PHE H 62 -68.95 -28.14 18.16
N TYR H 63 -68.66 -26.88 18.52
CA TYR H 63 -69.13 -26.26 19.75
C TYR H 63 -69.17 -24.74 19.65
N LEU H 64 -69.87 -24.13 20.58
CA LEU H 64 -70.31 -22.75 20.44
C LEU H 64 -70.75 -22.20 21.79
N LEU H 65 -70.39 -20.95 22.07
CA LEU H 65 -70.81 -20.28 23.30
C LEU H 65 -71.71 -19.11 22.98
N TYR H 66 -72.96 -19.15 23.43
CA TYR H 66 -73.82 -17.96 23.42
C TYR H 66 -73.87 -17.40 24.81
N TYR H 67 -73.89 -16.09 24.93
CA TYR H 67 -73.84 -15.46 26.25
C TYR H 67 -74.42 -14.06 26.23
N THR H 68 -75.03 -13.70 27.34
CA THR H 68 -75.67 -12.41 27.50
C THR H 68 -75.26 -11.86 28.85
N GLU H 69 -75.14 -10.54 28.95
CA GLU H 69 -75.03 -9.88 30.25
C GLU H 69 -76.43 -9.80 30.85
N PHE H 70 -76.51 -9.86 32.17
CA PHE H 70 -77.80 -9.88 32.83
C PHE H 70 -77.61 -9.71 34.33
N THR H 71 -78.66 -9.21 34.98
CA THR H 71 -78.68 -9.14 36.42
C THR H 71 -79.84 -9.99 36.94
N PRO H 72 -79.51 -11.15 37.51
CA PRO H 72 -80.56 -12.06 37.93
C PRO H 72 -81.37 -11.44 39.03
N THR H 73 -82.64 -11.79 39.09
CA THR H 73 -83.47 -11.44 40.23
C THR H 73 -84.09 -12.74 40.69
N GLU H 74 -84.66 -12.75 41.89
CA GLU H 74 -85.19 -13.99 42.45
C GLU H 74 -86.30 -14.57 41.57
N LYS H 75 -87.12 -13.68 41.01
CA LYS H 75 -88.34 -14.09 40.29
C LYS H 75 -88.05 -14.64 38.91
N ASP H 76 -87.16 -13.97 38.21
CA ASP H 76 -86.79 -14.30 36.83
C ASP H 76 -86.33 -15.76 36.58
N GLU H 77 -86.80 -16.34 35.47
CA GLU H 77 -86.39 -17.67 35.04
C GLU H 77 -85.78 -17.65 33.64
N TYR H 78 -84.63 -18.31 33.48
CA TYR H 78 -83.95 -18.33 32.19
C TYR H 78 -83.86 -19.73 31.61
N ALA H 79 -83.57 -19.82 30.33
CA ALA H 79 -83.43 -21.12 29.66
C ALA H 79 -82.74 -20.97 28.31
N CYS H 80 -82.20 -22.07 27.79
CA CYS H 80 -81.53 -22.04 26.50
C CYS H 80 -82.28 -22.92 25.53
N ARG H 81 -82.51 -22.40 24.31
CA ARG H 81 -83.25 -23.16 23.32
C ARG H 81 -82.44 -23.35 22.05
N VAL H 82 -82.24 -24.62 21.70
CA VAL H 82 -81.40 -25.04 20.56
C VAL H 82 -82.21 -25.80 19.50
N ASN H 83 -82.06 -25.44 18.23
CA ASN H 83 -82.50 -26.31 17.14
C ASN H 83 -81.29 -26.80 16.33
N HIS H 84 -81.40 -27.99 15.78
CA HIS H 84 -80.32 -28.61 15.01
C HIS H 84 -80.83 -29.78 14.20
N VAL H 85 -80.21 -30.03 13.04
CA VAL H 85 -80.67 -31.10 12.15
C VAL H 85 -81.08 -32.36 12.92
N THR H 86 -80.37 -32.74 13.98
CA THR H 86 -80.67 -33.97 14.74
C THR H 86 -81.78 -33.90 15.81
N LEU H 87 -82.53 -32.81 15.87
CA LEU H 87 -83.56 -32.65 16.91
C LEU H 87 -84.96 -32.51 16.35
N SER H 88 -85.83 -33.43 16.77
CA SER H 88 -87.27 -33.43 16.43
C SER H 88 -87.86 -32.03 16.43
N GLN H 89 -87.52 -31.28 17.47
CA GLN H 89 -88.08 -29.96 17.67
C GLN H 89 -87.21 -29.25 18.70
N PRO H 90 -87.24 -27.90 18.73
CA PRO H 90 -86.36 -27.16 19.64
C PRO H 90 -86.25 -27.83 21.00
N LYS H 91 -85.02 -27.99 21.49
CA LYS H 91 -84.83 -28.49 22.83
C LYS H 91 -84.56 -27.29 23.71
N ILE H 92 -85.17 -27.28 24.90
CA ILE H 92 -85.04 -26.19 25.88
C ILE H 92 -84.38 -26.72 27.15
N VAL H 93 -83.35 -26.03 27.62
CA VAL H 93 -82.70 -26.39 28.87
C VAL H 93 -82.82 -25.25 29.86
N LYS H 94 -83.24 -25.58 31.08
CA LYS H 94 -83.57 -24.58 32.07
C LYS H 94 -82.30 -24.32 32.83
N TRP H 95 -82.07 -23.07 33.21
CA TRP H 95 -80.88 -22.73 33.93
C TRP H 95 -80.98 -23.11 35.38
N ASP H 96 -80.40 -24.24 35.74
CA ASP H 96 -80.25 -24.60 37.15
C ASP H 96 -79.30 -23.59 37.79
N ARG H 97 -79.76 -22.93 38.84
CA ARG H 97 -78.96 -21.97 39.60
C ARG H 97 -77.62 -22.47 40.16
N ASP H 98 -77.54 -23.75 40.49
CA ASP H 98 -76.42 -24.32 41.25
C ASP H 98 -75.17 -24.59 40.43
N MET H 99 -75.35 -24.83 39.14
CA MET H 99 -74.34 -25.47 38.30
C MET H 99 -73.52 -24.50 37.46
N HIS I 3 -10.70 -15.55 -20.38
CA HIS I 3 -10.15 -16.63 -19.52
C HIS I 3 -11.20 -17.71 -19.23
N LYS I 4 -10.76 -18.97 -19.23
CA LYS I 4 -11.64 -20.16 -19.08
C LYS I 4 -12.42 -20.17 -17.77
N SER I 5 -11.86 -19.57 -16.73
CA SER I 5 -12.44 -19.66 -15.38
C SER I 5 -12.83 -18.30 -14.85
N GLU I 6 -14.11 -18.13 -14.50
CA GLU I 6 -14.58 -16.85 -13.95
C GLU I 6 -14.13 -16.68 -12.50
N VAL I 7 -14.16 -17.74 -11.71
CA VAL I 7 -13.72 -17.62 -10.33
C VAL I 7 -12.28 -17.10 -10.30
N ALA I 8 -11.46 -17.60 -11.24
CA ALA I 8 -10.06 -17.20 -11.38
C ALA I 8 -9.95 -15.68 -11.66
N HIS I 9 -10.61 -15.23 -12.73
CA HIS I 9 -10.63 -13.84 -13.14
C HIS I 9 -10.90 -12.90 -12.01
N ARG I 10 -12.00 -13.12 -11.30
CA ARG I 10 -12.41 -12.19 -10.24
C ARG I 10 -11.38 -12.12 -9.14
N PHE I 11 -10.97 -13.29 -8.65
CA PHE I 11 -9.95 -13.39 -7.61
C PHE I 11 -8.71 -12.56 -7.93
N LYS I 12 -8.22 -12.74 -9.17
CA LYS I 12 -7.09 -11.96 -9.68
C LYS I 12 -7.38 -10.46 -9.56
N ASP I 13 -8.47 -10.03 -10.20
CA ASP I 13 -8.87 -8.62 -10.30
C ASP I 13 -9.11 -7.96 -8.96
N LEU I 14 -9.91 -8.60 -8.12
CA LEU I 14 -10.35 -7.98 -6.88
C LEU I 14 -9.28 -8.08 -5.79
N GLY I 15 -8.38 -9.05 -5.95
CA GLY I 15 -7.43 -9.37 -4.90
C GLY I 15 -8.07 -10.24 -3.84
N GLU I 16 -7.26 -10.95 -3.06
CA GLU I 16 -7.74 -11.93 -2.10
C GLU I 16 -8.64 -11.35 -1.02
N GLU I 17 -8.25 -10.23 -0.44
CA GLU I 17 -8.94 -9.76 0.76
C GLU I 17 -10.36 -9.29 0.48
N ASN I 18 -10.54 -8.60 -0.65
CA ASN I 18 -11.83 -8.15 -1.10
C ASN I 18 -12.72 -9.34 -1.50
N PHE I 19 -12.10 -10.29 -2.20
CA PHE I 19 -12.76 -11.52 -2.62
C PHE I 19 -13.43 -12.23 -1.46
N LYS I 20 -12.64 -12.54 -0.44
CA LYS I 20 -13.12 -13.22 0.76
C LYS I 20 -14.24 -12.42 1.41
N ALA I 21 -14.14 -11.10 1.39
CA ALA I 21 -15.16 -10.27 1.99
C ALA I 21 -16.44 -10.35 1.16
N LEU I 22 -16.33 -10.18 -0.15
CA LEU I 22 -17.50 -10.21 -1.02
C LEU I 22 -18.21 -11.57 -0.99
N VAL I 23 -17.45 -12.65 -1.01
CA VAL I 23 -18.03 -13.97 -0.89
C VAL I 23 -18.79 -14.10 0.45
N LEU I 24 -18.19 -13.60 1.53
CA LEU I 24 -18.83 -13.68 2.85
C LEU I 24 -20.12 -12.87 2.83
N ILE I 25 -20.10 -11.73 2.13
CA ILE I 25 -21.30 -10.94 1.99
C ILE I 25 -22.28 -11.80 1.24
N ALA I 26 -21.87 -12.32 0.09
CA ALA I 26 -22.78 -13.17 -0.71
C ALA I 26 -23.55 -14.16 0.15
N PHE I 27 -22.86 -14.97 0.94
CA PHE I 27 -23.54 -16.02 1.71
C PHE I 27 -24.42 -15.44 2.80
N ALA I 28 -23.92 -14.43 3.49
CA ALA I 28 -24.71 -13.75 4.51
C ALA I 28 -26.05 -13.29 3.93
N GLN I 29 -26.00 -12.64 2.78
CA GLN I 29 -27.20 -12.09 2.20
C GLN I 29 -28.20 -13.20 1.86
N TYR I 30 -27.74 -14.35 1.36
CA TYR I 30 -28.67 -15.47 1.02
C TYR I 30 -29.12 -16.26 2.27
N LEU I 31 -28.16 -16.71 3.07
CA LEU I 31 -28.45 -17.50 4.22
C LEU I 31 -28.34 -16.63 5.44
N GLN I 32 -29.42 -15.95 5.78
CA GLN I 32 -29.35 -14.95 6.85
C GLN I 32 -29.24 -15.47 8.31
N GLN I 33 -29.39 -16.77 8.56
CA GLN I 33 -29.42 -17.31 9.94
C GLN I 33 -28.40 -18.42 10.26
N CYS I 34 -27.81 -19.02 9.21
CA CYS I 34 -26.60 -19.82 9.33
C CYS I 34 -25.67 -19.02 10.27
N PRO I 35 -25.21 -19.61 11.41
CA PRO I 35 -24.22 -19.00 12.30
C PRO I 35 -22.92 -18.59 11.61
N PHE I 36 -22.25 -17.61 12.18
CA PHE I 36 -21.06 -17.02 11.57
C PHE I 36 -19.96 -18.02 11.20
N GLU I 37 -19.69 -18.95 12.08
CA GLU I 37 -18.54 -19.85 11.95
C GLU I 37 -18.68 -20.64 10.63
N ASP I 38 -19.92 -21.04 10.34
CA ASP I 38 -20.29 -21.83 9.15
C ASP I 38 -20.00 -21.11 7.84
N HIS I 39 -20.43 -19.85 7.76
CA HIS I 39 -20.12 -19.00 6.62
C HIS I 39 -18.64 -18.95 6.39
N VAL I 40 -17.87 -18.79 7.46
CA VAL I 40 -16.42 -18.70 7.32
C VAL I 40 -15.86 -19.99 6.69
N LYS I 41 -16.39 -21.15 7.08
CA LYS I 41 -15.94 -22.41 6.48
C LYS I 41 -16.27 -22.39 5.00
N LEU I 42 -17.52 -22.04 4.69
CA LEU I 42 -17.98 -21.93 3.30
C LEU I 42 -17.15 -20.94 2.51
N VAL I 43 -16.89 -19.76 3.08
CA VAL I 43 -16.10 -18.74 2.38
C VAL I 43 -14.70 -19.28 2.14
N ASN I 44 -14.13 -19.92 3.16
CA ASN I 44 -12.76 -20.41 3.09
C ASN I 44 -12.65 -21.57 2.11
N GLU I 45 -13.71 -22.39 2.03
CA GLU I 45 -13.78 -23.45 1.01
C GLU I 45 -13.76 -22.88 -0.40
N VAL I 46 -14.65 -21.91 -0.66
CA VAL I 46 -14.76 -21.27 -1.97
C VAL I 46 -13.46 -20.55 -2.34
N THR I 47 -12.83 -19.88 -1.38
CA THR I 47 -11.55 -19.21 -1.63
C THR I 47 -10.54 -20.23 -2.09
N GLU I 48 -10.38 -21.28 -1.29
CA GLU I 48 -9.33 -22.29 -1.51
C GLU I 48 -9.53 -23.01 -2.83
N PHE I 49 -10.79 -23.23 -3.19
CA PHE I 49 -11.11 -23.71 -4.52
C PHE I 49 -10.63 -22.72 -5.59
N ALA I 50 -10.89 -21.44 -5.37
CA ALA I 50 -10.49 -20.42 -6.31
C ALA I 50 -8.96 -20.42 -6.51
N LYS I 51 -8.21 -20.50 -5.42
CA LYS I 51 -6.74 -20.47 -5.50
C LYS I 51 -6.19 -21.57 -6.43
N THR I 52 -6.92 -22.67 -6.50
CA THR I 52 -6.54 -23.80 -7.34
C THR I 52 -6.91 -23.59 -8.82
N CYS I 53 -7.60 -22.50 -9.14
CA CYS I 53 -7.85 -22.11 -10.53
C CYS I 53 -6.98 -20.94 -10.96
N VAL I 54 -6.64 -20.07 -10.02
CA VAL I 54 -5.60 -19.08 -10.25
C VAL I 54 -4.32 -19.84 -10.57
N ALA I 55 -4.14 -21.00 -9.92
CA ALA I 55 -3.04 -21.95 -10.22
C ALA I 55 -3.17 -22.62 -11.60
N ASP I 56 -4.22 -23.42 -11.81
CA ASP I 56 -4.47 -24.04 -13.13
C ASP I 56 -5.93 -23.80 -13.58
N GLU I 57 -6.11 -22.94 -14.58
CA GLU I 57 -7.44 -22.52 -15.08
C GLU I 57 -8.26 -23.64 -15.74
N SER I 58 -7.65 -24.80 -16.00
CA SER I 58 -8.37 -25.92 -16.58
C SER I 58 -8.68 -27.01 -15.56
N ALA I 59 -8.21 -26.84 -14.30
CA ALA I 59 -8.43 -27.83 -13.22
C ALA I 59 -9.90 -28.14 -13.00
N GLU I 60 -10.16 -29.26 -12.32
CA GLU I 60 -11.51 -29.81 -12.12
C GLU I 60 -12.54 -28.79 -11.63
N ASN I 61 -13.56 -28.49 -12.45
CA ASN I 61 -14.68 -27.63 -12.08
C ASN I 61 -14.54 -26.11 -12.26
N CYS I 62 -13.33 -25.61 -12.55
CA CYS I 62 -13.12 -24.15 -12.64
C CYS I 62 -13.87 -23.46 -13.79
N ASP I 63 -14.34 -24.26 -14.74
CA ASP I 63 -15.14 -23.76 -15.86
C ASP I 63 -16.52 -23.25 -15.43
N LYS I 64 -17.02 -23.76 -14.32
CA LYS I 64 -18.41 -23.51 -13.91
C LYS I 64 -18.68 -22.05 -13.62
N SER I 65 -19.95 -21.66 -13.77
CA SER I 65 -20.35 -20.29 -13.52
C SER I 65 -20.41 -20.07 -12.01
N LEU I 66 -20.32 -18.80 -11.61
CA LEU I 66 -20.33 -18.43 -10.21
C LEU I 66 -21.66 -18.83 -9.59
N HIS I 67 -22.73 -18.76 -10.35
CA HIS I 67 -24.03 -19.17 -9.82
C HIS I 67 -24.08 -20.65 -9.51
N THR I 68 -23.60 -21.50 -10.42
CA THR I 68 -23.54 -22.94 -10.16
C THR I 68 -22.72 -23.23 -8.89
N LEU I 69 -21.60 -22.56 -8.72
CA LEU I 69 -20.71 -22.84 -7.57
C LEU I 69 -21.27 -22.39 -6.23
N PHE I 70 -21.81 -21.17 -6.20
CA PHE I 70 -22.42 -20.60 -4.99
C PHE I 70 -23.74 -21.34 -4.69
N GLY I 71 -24.48 -21.69 -5.75
CA GLY I 71 -25.59 -22.64 -5.62
C GLY I 71 -25.20 -23.99 -5.03
N ASP I 72 -24.48 -24.80 -5.80
CA ASP I 72 -23.97 -26.07 -5.28
C ASP I 72 -23.69 -26.00 -3.78
N LYS I 73 -23.00 -24.94 -3.37
CA LYS I 73 -22.54 -24.77 -1.98
C LYS I 73 -23.66 -24.43 -0.98
N LEU I 74 -24.64 -23.65 -1.40
CA LEU I 74 -25.75 -23.26 -0.51
C LEU I 74 -26.66 -24.43 -0.19
N CYS I 75 -26.71 -25.38 -1.12
CA CYS I 75 -27.47 -26.61 -0.94
C CYS I 75 -26.71 -27.63 -0.07
N THR I 76 -25.46 -27.35 0.30
CA THR I 76 -24.80 -28.02 1.43
C THR I 76 -25.71 -28.10 2.65
N VAL I 77 -26.22 -26.95 3.09
CA VAL I 77 -27.16 -26.89 4.21
C VAL I 77 -28.55 -27.27 3.64
N ALA I 78 -28.94 -28.55 3.77
CA ALA I 78 -30.24 -29.07 3.23
C ALA I 78 -31.42 -28.80 4.17
N THR I 79 -31.12 -28.79 5.49
CA THR I 79 -32.08 -28.49 6.59
C THR I 79 -32.91 -27.24 6.23
N LEU I 80 -32.31 -26.33 5.46
CA LEU I 80 -32.90 -25.06 4.97
C LEU I 80 -34.36 -24.86 5.37
N ARG I 81 -35.21 -25.82 5.03
CA ARG I 81 -36.64 -25.72 5.31
C ARG I 81 -36.92 -25.51 6.79
N GLU I 82 -36.31 -26.35 7.63
CA GLU I 82 -36.56 -26.30 9.06
C GLU I 82 -36.11 -24.97 9.64
N THR I 83 -35.07 -24.36 9.05
CA THR I 83 -34.49 -23.11 9.57
C THR I 83 -34.71 -21.85 8.67
N TYR I 84 -35.20 -22.01 7.43
CA TYR I 84 -35.49 -20.88 6.47
C TYR I 84 -36.87 -20.91 5.71
N GLY I 85 -37.38 -22.09 5.39
CA GLY I 85 -38.70 -22.17 4.76
C GLY I 85 -38.60 -22.31 3.26
N GLU I 86 -39.48 -21.64 2.52
CA GLU I 86 -39.60 -21.87 1.07
C GLU I 86 -38.28 -21.75 0.29
N MET I 87 -37.20 -21.39 0.97
CA MET I 87 -35.83 -21.48 0.42
C MET I 87 -35.48 -22.89 -0.09
N ALA I 88 -35.86 -23.93 0.66
CA ALA I 88 -35.49 -25.32 0.36
C ALA I 88 -36.02 -25.73 -1.00
N ASP I 89 -37.23 -25.28 -1.31
CA ASP I 89 -37.85 -25.49 -2.62
C ASP I 89 -36.91 -25.17 -3.78
N CYS I 90 -35.91 -24.32 -3.52
CA CYS I 90 -35.02 -23.83 -4.57
C CYS I 90 -33.97 -24.83 -4.88
N CYS I 91 -33.49 -25.56 -3.87
CA CYS I 91 -32.47 -26.55 -4.13
C CYS I 91 -32.99 -27.65 -5.06
N ALA I 92 -34.32 -27.80 -5.10
CA ALA I 92 -35.01 -28.63 -6.10
C ALA I 92 -34.64 -28.29 -7.56
N LYS I 93 -34.48 -27.00 -7.86
CA LYS I 93 -34.33 -26.53 -9.25
C LYS I 93 -32.88 -26.52 -9.74
N GLN I 94 -32.74 -26.25 -11.03
CA GLN I 94 -31.45 -26.14 -11.69
C GLN I 94 -31.27 -24.76 -12.26
N GLU I 95 -30.01 -24.35 -12.43
CA GLU I 95 -29.69 -23.04 -12.99
C GLU I 95 -30.30 -22.92 -14.36
N PRO I 96 -30.81 -21.74 -14.72
CA PRO I 96 -30.85 -20.46 -14.03
C PRO I 96 -32.08 -20.18 -13.12
N GLU I 97 -33.13 -21.01 -13.21
CA GLU I 97 -34.37 -20.83 -12.39
C GLU I 97 -34.04 -20.82 -10.89
N ARG I 98 -32.97 -21.53 -10.54
CA ARG I 98 -32.54 -21.71 -9.17
C ARG I 98 -32.12 -20.40 -8.51
N ASN I 99 -31.24 -19.64 -9.15
CA ASN I 99 -30.82 -18.34 -8.63
C ASN I 99 -31.99 -17.32 -8.53
N GLU I 100 -32.97 -17.40 -9.43
CA GLU I 100 -34.13 -16.45 -9.39
C GLU I 100 -34.92 -16.74 -8.14
N CYS I 101 -34.92 -18.02 -7.79
CA CYS I 101 -35.62 -18.50 -6.63
C CYS I 101 -34.95 -17.91 -5.40
N PHE I 102 -33.66 -18.17 -5.25
CA PHE I 102 -32.91 -17.65 -4.12
C PHE I 102 -33.06 -16.15 -3.93
N LEU I 103 -33.18 -15.42 -5.04
CA LEU I 103 -33.35 -13.98 -5.03
C LEU I 103 -34.71 -13.53 -4.53
N GLN I 104 -35.77 -14.26 -4.88
CA GLN I 104 -37.11 -13.96 -4.36
C GLN I 104 -37.17 -14.19 -2.86
N HIS I 105 -36.39 -15.16 -2.37
CA HIS I 105 -36.44 -15.56 -0.97
C HIS I 105 -35.31 -15.02 -0.15
N LYS I 106 -35.05 -13.73 -0.34
CA LYS I 106 -34.24 -12.96 0.57
C LYS I 106 -35.23 -12.03 1.23
N ASP I 107 -35.13 -11.83 2.53
CA ASP I 107 -35.94 -10.81 3.22
C ASP I 107 -37.43 -11.07 2.96
N ASP I 108 -37.82 -12.34 3.09
CA ASP I 108 -39.18 -12.70 3.44
C ASP I 108 -39.24 -12.33 4.92
N ASN I 109 -38.17 -12.71 5.65
CA ASN I 109 -37.98 -12.36 7.04
C ASN I 109 -37.07 -11.13 7.14
N PRO I 110 -37.64 -9.91 7.11
CA PRO I 110 -36.74 -8.91 7.65
C PRO I 110 -36.52 -9.28 9.11
N ASN I 111 -37.63 -9.56 9.78
CA ASN I 111 -37.80 -9.48 11.25
C ASN I 111 -36.95 -10.50 12.04
N LEU I 112 -35.65 -10.20 12.05
CA LEU I 112 -34.62 -10.98 12.69
C LEU I 112 -34.14 -10.27 13.97
N PRO I 113 -33.81 -11.03 15.03
CA PRO I 113 -33.30 -10.39 16.25
C PRO I 113 -32.53 -9.08 16.04
N ARG I 114 -32.75 -8.09 16.91
CA ARG I 114 -31.97 -6.85 16.90
C ARG I 114 -30.54 -7.09 17.40
N LEU I 115 -29.61 -6.19 17.04
CA LEU I 115 -28.21 -6.28 17.48
C LEU I 115 -28.00 -5.41 18.71
N VAL I 116 -28.07 -6.01 19.88
CA VAL I 116 -27.61 -5.34 21.10
C VAL I 116 -26.08 -5.22 20.94
N ARG I 117 -25.57 -3.99 20.89
CA ARG I 117 -24.13 -3.73 20.91
C ARG I 117 -23.48 -4.28 22.19
N PRO I 118 -22.45 -5.12 22.05
CA PRO I 118 -21.70 -5.44 23.26
C PRO I 118 -21.14 -4.18 23.93
N GLU I 119 -20.65 -4.30 25.15
CA GLU I 119 -20.13 -3.15 25.85
C GLU I 119 -18.79 -2.73 25.24
N VAL I 120 -18.61 -1.42 25.14
CA VAL I 120 -17.53 -0.83 24.37
C VAL I 120 -16.17 -1.47 24.71
N ASP I 121 -15.96 -1.84 25.96
CA ASP I 121 -14.69 -2.43 26.39
C ASP I 121 -14.51 -3.86 25.90
N VAL I 122 -15.61 -4.62 25.91
CA VAL I 122 -15.56 -6.02 25.44
C VAL I 122 -15.28 -6.02 23.93
N MET I 123 -15.80 -5.01 23.23
CA MET I 123 -15.60 -4.87 21.80
C MET I 123 -14.14 -4.56 21.53
N CYS I 124 -13.60 -3.57 22.25
CA CYS I 124 -12.19 -3.19 22.11
C CYS I 124 -11.21 -4.30 22.56
N THR I 125 -11.62 -5.12 23.53
CA THR I 125 -10.95 -6.40 23.81
C THR I 125 -10.85 -7.19 22.51
N ALA I 126 -12.00 -7.63 22.00
CA ALA I 126 -12.10 -8.49 20.84
C ALA I 126 -11.32 -7.96 19.63
N PHE I 127 -11.36 -6.65 19.45
CA PHE I 127 -10.77 -6.01 18.29
C PHE I 127 -9.25 -6.10 18.35
N HIS I 128 -8.70 -5.79 19.53
CA HIS I 128 -7.27 -5.89 19.78
C HIS I 128 -6.86 -7.34 19.63
N ASP I 129 -7.66 -8.28 20.19
CA ASP I 129 -7.38 -9.74 20.12
C ASP I 129 -7.48 -10.27 18.69
N ASN I 130 -8.52 -11.03 18.35
CA ASN I 130 -8.68 -11.39 16.94
C ASN I 130 -9.36 -10.28 16.12
N GLU I 131 -8.53 -9.42 15.53
CA GLU I 131 -9.02 -8.31 14.75
C GLU I 131 -9.65 -8.78 13.45
N GLU I 132 -8.88 -9.57 12.71
CA GLU I 132 -9.29 -10.03 11.39
C GLU I 132 -10.73 -10.53 11.43
N THR I 133 -11.06 -11.28 12.48
CA THR I 133 -12.42 -11.76 12.66
C THR I 133 -13.42 -10.67 13.00
N PHE I 134 -13.19 -9.97 14.09
CA PHE I 134 -14.11 -8.89 14.51
C PHE I 134 -14.71 -8.13 13.33
N LEU I 135 -13.87 -7.79 12.36
CA LEU I 135 -14.34 -7.11 11.15
C LEU I 135 -15.17 -8.02 10.26
N LYS I 136 -14.80 -9.29 10.11
CA LYS I 136 -15.65 -10.22 9.39
C LYS I 136 -17.05 -10.30 10.03
N LYS I 137 -17.13 -10.31 11.36
CA LYS I 137 -18.43 -10.36 12.04
C LYS I 137 -19.28 -9.13 11.74
N TYR I 138 -18.64 -7.97 11.61
CA TYR I 138 -19.34 -6.77 11.19
C TYR I 138 -19.96 -7.00 9.81
N LEU I 139 -19.12 -7.35 8.81
CA LEU I 139 -19.60 -7.68 7.45
C LEU I 139 -20.78 -8.66 7.48
N TYR I 140 -20.64 -9.73 8.26
CA TYR I 140 -21.70 -10.75 8.37
C TYR I 140 -22.97 -10.19 9.01
N GLU I 141 -22.84 -9.50 10.13
CA GLU I 141 -24.02 -8.98 10.84
C GLU I 141 -24.78 -7.96 9.99
N ILE I 142 -24.07 -7.04 9.36
CA ILE I 142 -24.75 -6.06 8.52
C ILE I 142 -25.32 -6.70 7.25
N ALA I 143 -24.54 -7.54 6.58
CA ALA I 143 -24.97 -8.12 5.31
C ALA I 143 -26.26 -8.89 5.48
N ARG I 144 -26.37 -9.63 6.57
CA ARG I 144 -27.50 -10.52 6.73
C ARG I 144 -28.75 -9.81 7.15
N ARG I 145 -28.65 -8.59 7.65
CA ARG I 145 -29.85 -7.84 7.90
C ARG I 145 -30.22 -6.92 6.74
N HIS I 146 -29.39 -6.89 5.70
CA HIS I 146 -29.67 -6.01 4.57
C HIS I 146 -29.30 -6.67 3.28
N PRO I 147 -30.10 -7.66 2.85
CA PRO I 147 -29.65 -8.58 1.82
C PRO I 147 -29.50 -7.95 0.49
N TYR I 148 -29.83 -6.68 0.38
CA TYR I 148 -29.68 -5.95 -0.88
C TYR I 148 -28.65 -4.84 -0.77
N PHE I 149 -28.04 -4.72 0.40
CA PHE I 149 -26.98 -3.78 0.60
C PHE I 149 -25.92 -3.89 -0.49
N TYR I 150 -25.51 -2.73 -1.00
CA TYR I 150 -24.63 -2.58 -2.14
C TYR I 150 -23.23 -3.06 -1.75
N ALA I 151 -22.93 -4.29 -2.14
CA ALA I 151 -21.74 -4.97 -1.69
C ALA I 151 -20.46 -4.10 -1.62
N PRO I 152 -20.06 -3.47 -2.73
CA PRO I 152 -18.87 -2.61 -2.76
C PRO I 152 -18.83 -1.48 -1.75
N GLU I 153 -19.96 -0.83 -1.49
CA GLU I 153 -19.97 0.18 -0.43
C GLU I 153 -19.77 -0.48 0.92
N LEU I 154 -20.33 -1.66 1.13
CA LEU I 154 -20.21 -2.29 2.45
C LEU I 154 -18.75 -2.55 2.78
N LEU I 155 -17.95 -2.87 1.77
CA LEU I 155 -16.52 -3.01 1.96
C LEU I 155 -15.93 -1.73 2.53
N PHE I 156 -16.34 -0.59 1.98
CA PHE I 156 -15.90 0.74 2.44
C PHE I 156 -16.39 1.07 3.85
N PHE I 157 -17.66 0.78 4.14
CA PHE I 157 -18.12 0.87 5.52
C PHE I 157 -17.22 0.02 6.42
N ALA I 158 -16.84 -1.16 6.00
CA ALA I 158 -15.97 -1.98 6.85
C ALA I 158 -14.65 -1.26 7.14
N LYS I 159 -14.09 -0.54 6.16
CA LYS I 159 -12.87 0.22 6.41
C LYS I 159 -13.08 1.37 7.40
N ARG I 160 -14.25 2.00 7.35
CA ARG I 160 -14.62 3.03 8.34
C ARG I 160 -14.82 2.47 9.77
N TYR I 161 -15.53 1.35 9.90
CA TYR I 161 -15.62 0.65 11.18
C TYR I 161 -14.21 0.48 11.76
N LYS I 162 -13.31 -0.17 11.00
CA LYS I 162 -11.95 -0.45 11.49
C LYS I 162 -11.24 0.83 11.92
N ALA I 163 -11.29 1.85 11.06
CA ALA I 163 -10.74 3.16 11.37
C ALA I 163 -11.21 3.71 12.73
N ALA I 164 -12.51 3.55 13.05
CA ALA I 164 -13.08 4.01 14.34
C ALA I 164 -12.45 3.30 15.53
N PHE I 165 -12.32 1.99 15.45
CA PHE I 165 -11.68 1.24 16.52
C PHE I 165 -10.15 1.49 16.61
N THR I 166 -9.49 1.64 15.46
CA THR I 166 -8.06 2.00 15.43
C THR I 166 -7.85 3.33 16.13
N GLU I 167 -8.81 4.23 15.95
CA GLU I 167 -8.71 5.59 16.44
C GLU I 167 -9.21 5.77 17.88
N CYS I 168 -9.89 4.78 18.46
CA CYS I 168 -10.62 5.00 19.72
C CYS I 168 -10.35 4.02 20.87
N CYS I 169 -9.70 2.89 20.62
CA CYS I 169 -9.53 1.92 21.72
C CYS I 169 -8.33 2.22 22.56
N GLN I 170 -7.60 3.27 22.21
CA GLN I 170 -6.47 3.71 23.01
C GLN I 170 -6.90 4.75 24.04
N ALA I 171 -8.16 5.20 23.96
CA ALA I 171 -8.64 6.29 24.77
C ALA I 171 -9.16 5.79 26.12
N ALA I 172 -9.12 6.70 27.10
CA ALA I 172 -9.52 6.40 28.45
C ALA I 172 -11.03 6.23 28.46
N ASP I 173 -11.76 7.25 28.00
CA ASP I 173 -13.23 7.14 27.80
C ASP I 173 -13.53 6.70 26.37
N LYS I 174 -13.59 5.38 26.18
CA LYS I 174 -13.79 4.79 24.86
C LYS I 174 -15.18 5.06 24.30
N ALA I 175 -16.20 4.99 25.17
CA ALA I 175 -17.57 5.27 24.75
C ALA I 175 -17.67 6.67 24.14
N ALA I 176 -17.23 7.68 24.86
CA ALA I 176 -17.29 9.04 24.35
C ALA I 176 -16.80 9.16 22.93
N CYS I 177 -15.74 8.41 22.62
CA CYS I 177 -15.01 8.54 21.37
C CYS I 177 -15.75 7.82 20.28
N LEU I 178 -16.07 6.58 20.59
CA LEU I 178 -16.56 5.62 19.62
C LEU I 178 -18.06 5.76 19.26
N LEU I 179 -18.95 5.58 20.25
CA LEU I 179 -20.41 5.50 19.97
C LEU I 179 -20.94 6.62 19.01
N PRO I 180 -20.46 7.85 19.13
CA PRO I 180 -20.80 8.80 18.10
C PRO I 180 -20.46 8.35 16.69
N LYS I 181 -19.26 7.81 16.49
CA LYS I 181 -18.80 7.37 15.16
C LYS I 181 -19.55 6.15 14.68
N LEU I 182 -19.79 5.19 15.57
CA LEU I 182 -20.57 4.03 15.21
C LEU I 182 -22.03 4.40 14.92
N ASP I 183 -22.57 5.41 15.62
CA ASP I 183 -23.97 5.79 15.43
C ASP I 183 -24.18 6.53 14.13
N GLU I 184 -23.20 7.34 13.71
CA GLU I 184 -23.27 7.97 12.38
C GLU I 184 -23.12 6.94 11.27
N LEU I 185 -22.23 5.98 11.50
CA LEU I 185 -21.92 4.92 10.56
C LEU I 185 -23.09 4.00 10.39
N ARG I 186 -23.84 3.79 11.47
CA ARG I 186 -25.09 3.03 11.42
C ARG I 186 -26.16 3.79 10.67
N ASP I 187 -26.21 5.11 10.85
CA ASP I 187 -27.23 5.91 10.19
C ASP I 187 -26.98 6.04 8.69
N GLU I 188 -25.73 6.32 8.31
CA GLU I 188 -25.32 6.27 6.89
C GLU I 188 -25.67 4.95 6.28
N GLY I 189 -25.47 3.88 7.04
CA GLY I 189 -25.71 2.54 6.55
C GLY I 189 -27.15 2.26 6.24
N LYS I 190 -28.02 2.62 7.16
CA LYS I 190 -29.43 2.31 6.97
C LYS I 190 -29.98 3.09 5.78
N ALA I 191 -29.54 4.34 5.58
CA ALA I 191 -30.00 5.13 4.41
C ALA I 191 -29.47 4.53 3.11
N SER I 192 -28.21 4.11 3.09
CA SER I 192 -27.63 3.43 1.92
C SER I 192 -28.43 2.17 1.56
N SER I 193 -28.63 1.27 2.51
CA SER I 193 -29.35 0.05 2.22
C SER I 193 -30.68 0.34 1.54
N ALA I 194 -31.34 1.40 2.01
CA ALA I 194 -32.67 1.76 1.55
C ALA I 194 -32.63 2.30 0.15
N LYS I 195 -31.72 3.23 -0.15
CA LYS I 195 -31.56 3.75 -1.52
C LYS I 195 -31.27 2.63 -2.52
N GLN I 196 -30.51 1.62 -2.08
CA GLN I 196 -30.16 0.50 -2.91
C GLN I 196 -31.34 -0.42 -3.18
N ARG I 197 -32.18 -0.65 -2.17
CA ARG I 197 -33.36 -1.50 -2.32
C ARG I 197 -34.35 -0.92 -3.32
N LEU I 198 -34.44 0.41 -3.37
CA LEU I 198 -35.24 1.09 -4.39
C LEU I 198 -34.58 0.94 -5.74
N LYS I 199 -33.26 1.09 -5.81
CA LYS I 199 -32.56 0.79 -7.06
C LYS I 199 -32.89 -0.63 -7.62
N CYS I 200 -32.85 -1.67 -6.80
CA CYS I 200 -33.11 -3.01 -7.28
C CYS I 200 -34.58 -3.25 -7.58
N ALA I 201 -35.46 -2.63 -6.81
CA ALA I 201 -36.92 -2.75 -7.07
C ALA I 201 -37.14 -2.14 -8.42
N SER I 202 -36.64 -0.93 -8.60
CA SER I 202 -36.74 -0.26 -9.89
C SER I 202 -36.32 -1.21 -11.03
N LEU I 203 -35.10 -1.75 -10.98
CA LEU I 203 -34.63 -2.69 -11.99
C LEU I 203 -35.48 -3.96 -12.14
N GLN I 204 -35.62 -4.73 -11.06
CA GLN I 204 -36.39 -5.97 -11.11
C GLN I 204 -37.86 -5.81 -11.47
N LYS I 205 -38.61 -5.06 -10.69
CA LYS I 205 -40.06 -5.01 -10.84
C LYS I 205 -40.53 -4.00 -11.88
N PHE I 206 -39.76 -2.96 -12.20
CA PHE I 206 -40.23 -1.93 -13.16
C PHE I 206 -39.47 -1.82 -14.51
N GLY I 207 -38.34 -2.50 -14.62
CA GLY I 207 -37.62 -2.53 -15.88
C GLY I 207 -36.45 -1.59 -15.97
N GLU I 208 -35.59 -1.90 -16.92
CA GLU I 208 -34.37 -1.14 -17.20
C GLU I 208 -34.72 0.30 -17.59
N ARG I 209 -35.71 0.46 -18.43
CA ARG I 209 -36.21 1.77 -18.79
C ARG I 209 -36.41 2.69 -17.57
N ALA I 210 -36.96 2.17 -16.47
CA ALA I 210 -37.33 3.00 -15.33
C ALA I 210 -36.09 3.48 -14.62
N PHE I 211 -35.16 2.58 -14.43
CA PHE I 211 -33.93 2.90 -13.76
C PHE I 211 -33.11 3.83 -14.64
N LYS I 212 -33.01 3.57 -15.94
CA LYS I 212 -32.21 4.44 -16.79
C LYS I 212 -32.67 5.90 -16.71
N ALA I 213 -33.98 6.10 -16.72
CA ALA I 213 -34.56 7.44 -16.58
C ALA I 213 -34.10 8.08 -15.24
N TRP I 214 -34.12 7.29 -14.17
CA TRP I 214 -33.65 7.81 -12.91
C TRP I 214 -32.18 8.21 -12.98
N ALA I 215 -31.34 7.31 -13.47
CA ALA I 215 -29.89 7.55 -13.58
C ALA I 215 -29.56 8.76 -14.41
N VAL I 216 -30.29 8.96 -15.50
CA VAL I 216 -30.01 10.11 -16.37
C VAL I 216 -30.36 11.39 -15.65
N ALA I 217 -31.51 11.40 -14.96
CA ALA I 217 -31.92 12.57 -14.16
C ALA I 217 -30.85 12.85 -13.15
N ARG I 218 -30.35 11.79 -12.54
CA ARG I 218 -29.55 11.93 -11.37
C ARG I 218 -28.17 12.37 -11.75
N LEU I 219 -27.59 11.72 -12.74
CA LEU I 219 -26.25 12.08 -13.15
C LEU I 219 -26.22 13.47 -13.77
N SER I 220 -27.27 13.85 -14.49
CA SER I 220 -27.32 15.18 -15.11
C SER I 220 -27.36 16.33 -14.10
N GLN I 221 -27.86 16.06 -12.90
CA GLN I 221 -27.81 17.04 -11.84
C GLN I 221 -26.38 17.28 -11.38
N ARG I 222 -25.59 16.22 -11.35
CA ARG I 222 -24.23 16.23 -10.78
C ARG I 222 -23.17 16.64 -11.75
N PHE I 223 -23.49 16.48 -13.03
CA PHE I 223 -22.54 16.66 -14.10
C PHE I 223 -23.15 17.52 -15.17
N PRO I 224 -23.75 18.64 -14.76
CA PRO I 224 -24.48 19.47 -15.68
C PRO I 224 -23.72 19.97 -16.89
N LYS I 225 -22.39 19.90 -16.90
CA LYS I 225 -21.66 20.31 -18.09
C LYS I 225 -21.35 19.17 -19.05
N ALA I 226 -21.60 17.94 -18.64
CA ALA I 226 -21.38 16.82 -19.51
C ALA I 226 -22.44 16.80 -20.57
N GLU I 227 -22.02 16.42 -21.75
CA GLU I 227 -22.92 16.30 -22.88
C GLU I 227 -23.84 15.11 -22.72
N PHE I 228 -25.04 15.21 -23.28
CA PHE I 228 -25.96 14.10 -23.26
C PHE I 228 -25.33 12.77 -23.69
N ALA I 229 -24.48 12.81 -24.72
CA ALA I 229 -23.81 11.60 -25.23
C ALA I 229 -23.01 10.93 -24.10
N GLU I 230 -22.38 11.74 -23.25
CA GLU I 230 -21.56 11.22 -22.16
C GLU I 230 -22.39 10.73 -21.00
N VAL I 231 -23.47 11.44 -20.67
CA VAL I 231 -24.32 11.01 -19.53
C VAL I 231 -24.95 9.61 -19.83
N SER I 232 -25.19 9.31 -21.12
CA SER I 232 -25.72 8.00 -21.53
C SER I 232 -24.75 6.87 -21.25
N LYS I 233 -23.52 7.03 -21.70
CA LYS I 233 -22.49 6.00 -21.52
C LYS I 233 -22.34 5.70 -20.05
N LEU I 234 -22.35 6.75 -19.25
CA LEU I 234 -22.33 6.56 -17.82
C LEU I 234 -23.63 5.86 -17.39
N VAL I 235 -24.79 6.30 -17.86
CA VAL I 235 -26.04 5.65 -17.42
C VAL I 235 -26.03 4.15 -17.76
N THR I 236 -25.45 3.80 -18.91
CA THR I 236 -25.38 2.41 -19.33
C THR I 236 -24.45 1.63 -18.44
N ASP I 237 -23.33 2.26 -18.06
CA ASP I 237 -22.32 1.63 -17.19
C ASP I 237 -22.89 1.41 -15.80
N LEU I 238 -23.56 2.43 -15.27
CA LEU I 238 -24.24 2.35 -14.00
C LEU I 238 -25.33 1.26 -14.03
N THR I 239 -26.00 1.09 -15.16
CA THR I 239 -27.03 0.05 -15.24
C THR I 239 -26.45 -1.35 -15.14
N LYS I 240 -25.35 -1.58 -15.82
CA LYS I 240 -24.70 -2.88 -15.74
C LYS I 240 -24.31 -3.20 -14.29
N VAL I 241 -23.71 -2.21 -13.62
CA VAL I 241 -23.18 -2.38 -12.29
C VAL I 241 -24.30 -2.75 -11.38
N HIS I 242 -25.35 -1.96 -11.34
CA HIS I 242 -26.44 -2.25 -10.42
C HIS I 242 -27.27 -3.45 -10.76
N THR I 243 -27.50 -3.68 -12.05
CA THR I 243 -28.10 -4.94 -12.45
C THR I 243 -27.34 -6.11 -11.86
N GLU I 244 -26.03 -6.04 -11.91
CA GLU I 244 -25.21 -7.09 -11.37
C GLU I 244 -25.29 -7.26 -9.85
N CYS I 245 -25.18 -6.23 -9.01
CA CYS I 245 -25.27 -6.53 -7.54
C CYS I 245 -26.72 -6.77 -7.10
N CYS I 246 -27.68 -6.35 -7.89
CA CYS I 246 -29.06 -6.69 -7.59
C CYS I 246 -29.36 -8.19 -7.87
N HIS I 247 -28.72 -8.77 -8.89
CA HIS I 247 -28.86 -10.22 -9.18
C HIS I 247 -27.94 -11.09 -8.35
N GLY I 248 -27.25 -10.50 -7.38
CA GLY I 248 -26.32 -11.25 -6.57
C GLY I 248 -24.92 -11.47 -7.11
N ASP I 249 -24.61 -11.02 -8.32
CA ASP I 249 -23.25 -11.21 -8.85
C ASP I 249 -22.27 -10.21 -8.23
N LEU I 250 -22.03 -10.39 -6.94
CA LEU I 250 -21.29 -9.41 -6.18
C LEU I 250 -19.84 -9.29 -6.69
N LEU I 251 -19.22 -10.42 -6.99
CA LEU I 251 -17.84 -10.42 -7.48
C LEU I 251 -17.76 -9.66 -8.79
N GLU I 252 -18.68 -9.94 -9.71
CA GLU I 252 -18.62 -9.25 -11.00
C GLU I 252 -18.89 -7.76 -10.86
N CYS I 253 -19.77 -7.39 -9.94
CA CYS I 253 -20.20 -6.01 -9.92
C CYS I 253 -19.19 -5.14 -9.22
N ALA I 254 -18.46 -5.71 -8.28
CA ALA I 254 -17.41 -4.99 -7.61
C ALA I 254 -16.30 -4.66 -8.60
N ASP I 255 -15.96 -5.65 -9.41
CA ASP I 255 -14.96 -5.46 -10.45
C ASP I 255 -15.39 -4.34 -11.37
N ASP I 256 -16.59 -4.49 -11.93
CA ASP I 256 -17.11 -3.55 -12.94
C ASP I 256 -17.23 -2.13 -12.37
N ARG I 257 -17.54 -2.01 -11.08
CA ARG I 257 -17.59 -0.72 -10.45
C ARG I 257 -16.23 -0.09 -10.40
N ALA I 258 -15.22 -0.88 -10.07
CA ALA I 258 -13.81 -0.43 -10.07
C ALA I 258 -13.42 0.15 -11.44
N ASP I 259 -13.73 -0.59 -12.50
CA ASP I 259 -13.48 -0.14 -13.86
C ASP I 259 -14.22 1.16 -14.21
N LEU I 260 -15.44 1.32 -13.71
CA LEU I 260 -16.20 2.52 -13.96
C LEU I 260 -15.55 3.71 -13.29
N ALA I 261 -15.11 3.53 -12.05
CA ALA I 261 -14.41 4.60 -11.35
C ALA I 261 -13.16 4.95 -12.18
N LYS I 262 -12.51 3.93 -12.72
CA LYS I 262 -11.32 4.15 -13.53
C LYS I 262 -11.67 4.87 -14.84
N TYR I 263 -12.80 4.54 -15.46
CA TYR I 263 -13.23 5.23 -16.67
C TYR I 263 -13.54 6.69 -16.34
N ILE I 264 -14.15 6.92 -15.18
CA ILE I 264 -14.57 8.26 -14.84
C ILE I 264 -13.34 9.12 -14.70
N CYS I 265 -12.30 8.61 -14.04
CA CYS I 265 -11.08 9.39 -13.82
C CYS I 265 -10.29 9.69 -15.09
N GLU I 266 -10.14 8.67 -15.92
CA GLU I 266 -9.55 8.85 -17.25
C GLU I 266 -10.28 9.87 -18.12
N ASN I 267 -11.56 10.13 -17.89
CA ASN I 267 -12.32 11.06 -18.74
C ASN I 267 -12.94 12.22 -17.97
N GLN I 268 -12.25 12.59 -16.93
CA GLN I 268 -12.66 13.67 -16.06
C GLN I 268 -13.17 14.93 -16.79
N ASP I 269 -12.48 15.27 -17.87
CA ASP I 269 -12.69 16.52 -18.59
C ASP I 269 -14.06 16.59 -19.24
N SER I 270 -14.52 15.47 -19.76
CA SER I 270 -15.85 15.45 -20.37
C SER I 270 -16.96 15.18 -19.36
N ILE I 271 -16.66 15.15 -18.07
CA ILE I 271 -17.66 14.86 -17.01
C ILE I 271 -17.76 15.93 -15.95
N SER I 272 -16.70 16.26 -15.22
CA SER I 272 -16.83 17.26 -14.14
C SER I 272 -15.48 17.77 -13.70
N SER I 273 -15.42 19.07 -13.41
CA SER I 273 -14.23 19.66 -12.81
C SER I 273 -14.09 19.28 -11.32
N LYS I 274 -15.16 18.82 -10.67
CA LYS I 274 -15.10 18.56 -9.24
C LYS I 274 -14.54 17.16 -8.92
N LEU I 275 -13.89 16.52 -9.90
CA LEU I 275 -13.43 15.14 -9.71
C LEU I 275 -11.96 15.01 -9.47
N LYS I 276 -11.22 16.11 -9.44
CA LYS I 276 -9.77 16.05 -9.37
C LYS I 276 -9.28 15.38 -8.07
N GLU I 277 -9.77 15.86 -6.94
CA GLU I 277 -9.40 15.33 -5.63
C GLU I 277 -9.72 13.87 -5.53
N CYS I 278 -10.93 13.50 -5.92
CA CYS I 278 -11.40 12.13 -5.80
C CYS I 278 -10.57 11.11 -6.55
N CYS I 279 -10.03 11.50 -7.68
CA CYS I 279 -9.38 10.55 -8.56
C CYS I 279 -7.99 10.14 -8.10
N GLU I 280 -7.49 10.79 -7.06
CA GLU I 280 -6.17 10.52 -6.51
C GLU I 280 -6.22 9.64 -5.26
N LYS I 281 -7.31 8.93 -5.05
CA LYS I 281 -7.46 8.13 -3.82
C LYS I 281 -7.34 6.61 -4.09
N PRO I 282 -7.24 5.79 -3.01
CA PRO I 282 -7.21 4.32 -3.13
C PRO I 282 -8.52 3.67 -3.61
N LEU I 283 -8.42 2.51 -4.26
CA LEU I 283 -9.56 1.86 -4.95
C LEU I 283 -10.92 2.12 -4.28
N LEU I 284 -11.01 1.85 -2.98
CA LEU I 284 -12.31 1.85 -2.26
C LEU I 284 -12.88 3.25 -1.98
N GLU I 285 -12.00 4.24 -1.87
CA GLU I 285 -12.41 5.59 -1.46
C GLU I 285 -12.62 6.47 -2.70
N LYS I 286 -11.95 6.12 -3.80
CA LYS I 286 -12.26 6.64 -5.14
C LYS I 286 -13.73 6.57 -5.41
N SER I 287 -14.27 5.35 -5.43
CA SER I 287 -15.66 5.15 -5.82
C SER I 287 -16.64 5.85 -4.86
N HIS I 288 -16.30 5.90 -3.57
CA HIS I 288 -17.17 6.50 -2.58
C HIS I 288 -17.15 7.98 -2.78
N CYS I 289 -15.95 8.53 -2.94
CA CYS I 289 -15.80 9.95 -3.21
C CYS I 289 -16.64 10.41 -4.43
N ILE I 290 -16.47 9.72 -5.56
CA ILE I 290 -17.15 10.01 -6.81
C ILE I 290 -18.65 9.83 -6.66
N ALA I 291 -19.06 8.90 -5.80
CA ALA I 291 -20.47 8.65 -5.56
C ALA I 291 -21.04 9.80 -4.75
N GLU I 292 -20.17 10.47 -3.99
CA GLU I 292 -20.57 11.44 -2.98
C GLU I 292 -20.19 12.91 -3.31
N VAL I 293 -19.42 13.14 -4.36
CA VAL I 293 -18.88 14.47 -4.61
C VAL I 293 -19.93 15.47 -5.08
N GLU I 294 -19.55 16.73 -4.99
CA GLU I 294 -20.38 17.90 -5.22
C GLU I 294 -20.74 18.14 -6.69
N ASN I 295 -21.92 18.68 -6.94
CA ASN I 295 -22.35 18.97 -8.32
C ASN I 295 -21.41 19.97 -8.97
N ASP I 296 -21.14 19.80 -10.26
CA ASP I 296 -20.38 20.81 -11.01
C ASP I 296 -21.26 22.04 -11.16
N GLU I 297 -20.66 23.20 -11.36
CA GLU I 297 -21.47 24.43 -11.57
C GLU I 297 -22.06 24.37 -12.96
N MET I 298 -23.29 24.86 -13.13
CA MET I 298 -23.99 24.69 -14.42
C MET I 298 -23.56 25.72 -15.45
N PRO I 299 -23.69 25.39 -16.74
CA PRO I 299 -23.19 26.29 -17.76
C PRO I 299 -23.84 27.66 -17.83
N ALA I 300 -23.18 28.51 -18.62
CA ALA I 300 -23.44 29.94 -18.80
C ALA I 300 -24.86 30.23 -19.21
N ASP I 301 -25.18 29.91 -20.45
CA ASP I 301 -26.31 30.59 -21.07
C ASP I 301 -27.21 29.60 -21.71
N LEU I 302 -27.77 28.73 -20.88
CA LEU I 302 -28.57 27.66 -21.42
C LEU I 302 -29.86 28.26 -21.90
N PRO I 303 -30.31 27.86 -23.07
CA PRO I 303 -31.56 28.37 -23.58
C PRO I 303 -32.71 27.78 -22.78
N SER I 304 -33.85 28.41 -22.79
CA SER I 304 -35.04 27.88 -22.15
C SER I 304 -35.43 26.49 -22.59
N LEU I 305 -35.94 25.72 -21.63
CA LEU I 305 -36.43 24.38 -21.91
C LEU I 305 -37.49 24.40 -23.03
N ALA I 306 -38.21 25.52 -23.17
CA ALA I 306 -39.17 25.66 -24.27
C ALA I 306 -38.53 25.49 -25.67
N ALA I 307 -37.29 25.96 -25.88
CA ALA I 307 -36.62 25.84 -27.20
C ALA I 307 -36.86 24.44 -27.79
N ASP I 308 -36.29 23.43 -27.15
CA ASP I 308 -36.24 22.08 -27.74
C ASP I 308 -37.53 21.32 -27.58
N PHE I 309 -38.29 21.63 -26.56
CA PHE I 309 -39.41 20.76 -26.20
C PHE I 309 -40.80 21.32 -26.43
N VAL I 310 -40.91 22.59 -26.81
CA VAL I 310 -42.17 23.20 -27.15
C VAL I 310 -42.06 24.05 -28.43
N GLU I 311 -41.10 24.96 -28.50
CA GLU I 311 -41.01 25.87 -29.66
C GLU I 311 -40.50 25.20 -30.93
N SER I 312 -39.46 24.39 -30.83
CA SER I 312 -38.92 23.68 -32.01
C SER I 312 -39.99 23.01 -32.86
N LYS I 313 -39.85 23.07 -34.18
CA LYS I 313 -40.82 22.40 -35.05
C LYS I 313 -40.44 20.95 -35.28
N ASP I 314 -39.46 20.43 -34.55
CA ASP I 314 -39.12 18.99 -34.62
C ASP I 314 -39.61 18.14 -33.44
N VAL I 315 -40.38 18.71 -32.52
CA VAL I 315 -40.79 17.93 -31.32
C VAL I 315 -41.31 16.57 -31.77
N CYS I 316 -42.47 16.51 -32.42
CA CYS I 316 -43.06 15.21 -32.72
C CYS I 316 -42.20 14.33 -33.59
N LYS I 317 -41.46 14.93 -34.52
CA LYS I 317 -40.54 14.13 -35.31
C LYS I 317 -39.65 13.27 -34.40
N ASN I 318 -38.91 13.92 -33.50
CA ASN I 318 -37.92 13.25 -32.65
C ASN I 318 -38.57 12.28 -31.70
N TYR I 319 -39.72 12.69 -31.18
CA TYR I 319 -40.49 11.80 -30.29
C TYR I 319 -40.86 10.52 -31.00
N ALA I 320 -41.24 10.64 -32.28
CA ALA I 320 -41.61 9.49 -33.10
C ALA I 320 -40.40 8.65 -33.36
N GLU I 321 -39.26 9.29 -33.64
CA GLU I 321 -38.02 8.56 -33.97
C GLU I 321 -37.27 7.89 -32.82
N ALA I 322 -37.46 8.34 -31.58
CA ALA I 322 -36.63 7.82 -30.51
C ALA I 322 -37.19 8.11 -29.14
N LYS I 323 -38.43 7.69 -28.89
CA LYS I 323 -39.13 8.05 -27.64
C LYS I 323 -38.20 8.06 -26.45
N ASP I 324 -37.51 6.95 -26.22
CA ASP I 324 -36.72 6.82 -24.99
C ASP I 324 -35.48 7.71 -24.97
N VAL I 325 -34.87 7.93 -26.12
CA VAL I 325 -33.77 8.89 -26.22
C VAL I 325 -34.25 10.32 -26.01
N PHE I 326 -35.30 10.71 -26.74
CA PHE I 326 -35.84 12.08 -26.63
C PHE I 326 -36.17 12.43 -25.20
N LEU I 327 -36.96 11.57 -24.57
CA LEU I 327 -37.35 11.82 -23.20
C LEU I 327 -36.15 11.84 -22.31
N GLY I 328 -35.13 11.08 -22.64
CA GLY I 328 -33.88 11.14 -21.88
C GLY I 328 -33.29 12.53 -22.00
N MET I 329 -33.31 13.06 -23.21
CA MET I 329 -32.81 14.39 -23.42
C MET I 329 -33.59 15.32 -22.53
N PHE I 330 -34.91 15.18 -22.50
CA PHE I 330 -35.74 15.98 -21.58
C PHE I 330 -35.26 15.94 -20.13
N LEU I 331 -35.13 14.75 -19.56
CA LEU I 331 -34.63 14.65 -18.19
C LEU I 331 -33.25 15.30 -18.11
N TYR I 332 -32.36 14.99 -19.05
CA TYR I 332 -31.02 15.59 -19.00
C TYR I 332 -31.10 17.12 -18.96
N GLU I 333 -31.81 17.72 -19.90
CA GLU I 333 -31.96 19.19 -19.93
C GLU I 333 -32.68 19.74 -18.71
N TYR I 334 -33.75 19.10 -18.27
CA TYR I 334 -34.42 19.56 -17.07
C TYR I 334 -33.53 19.40 -15.86
N ALA I 335 -33.06 18.17 -15.65
CA ALA I 335 -32.11 17.84 -14.55
C ALA I 335 -30.96 18.85 -14.45
N ARG I 336 -30.18 19.08 -15.50
CA ARG I 336 -29.00 19.95 -15.33
C ARG I 336 -29.34 21.38 -14.91
N ARG I 337 -30.53 21.85 -15.27
CA ARG I 337 -31.05 23.17 -14.86
C ARG I 337 -31.59 23.25 -13.40
N HIS I 338 -31.72 22.12 -12.72
CA HIS I 338 -32.45 22.09 -11.47
C HIS I 338 -31.90 21.07 -10.47
N PRO I 339 -30.70 21.27 -9.96
CA PRO I 339 -30.20 20.35 -8.94
C PRO I 339 -31.03 20.40 -7.66
N ASP I 340 -31.69 21.52 -7.40
CA ASP I 340 -32.60 21.65 -6.26
C ASP I 340 -33.75 20.62 -6.28
N TYR I 341 -34.42 20.40 -7.42
CA TYR I 341 -35.58 19.48 -7.49
C TYR I 341 -35.15 18.03 -7.17
N SER I 342 -36.08 17.23 -6.65
CA SER I 342 -35.79 15.81 -6.39
C SER I 342 -35.90 15.03 -7.68
N VAL I 343 -35.18 13.92 -7.79
CA VAL I 343 -35.26 13.14 -9.02
C VAL I 343 -36.68 12.61 -9.21
N VAL I 344 -37.28 12.07 -8.17
CA VAL I 344 -38.66 11.61 -8.25
C VAL I 344 -39.50 12.66 -8.99
N LEU I 345 -39.39 13.92 -8.60
CA LEU I 345 -40.25 14.97 -9.17
C LEU I 345 -39.98 15.18 -10.65
N LEU I 346 -38.71 15.10 -11.05
CA LEU I 346 -38.30 15.27 -12.47
C LEU I 346 -38.88 14.17 -13.36
N LEU I 347 -38.89 12.95 -12.83
CA LEU I 347 -39.46 11.79 -13.51
C LEU I 347 -40.96 11.96 -13.64
N ARG I 348 -41.63 12.49 -12.62
CA ARG I 348 -43.04 12.78 -12.78
C ARG I 348 -43.29 13.76 -13.92
N LEU I 349 -42.44 14.77 -13.99
CA LEU I 349 -42.56 15.80 -14.99
C LEU I 349 -42.36 15.18 -16.36
N ALA I 350 -41.34 14.33 -16.49
CA ALA I 350 -41.11 13.67 -17.78
C ALA I 350 -42.31 12.79 -18.18
N LYS I 351 -42.96 12.19 -17.18
CA LYS I 351 -44.12 11.35 -17.38
C LYS I 351 -45.28 12.17 -17.98
N THR I 352 -45.55 13.32 -17.37
CA THR I 352 -46.58 14.20 -17.88
C THR I 352 -46.25 14.69 -19.28
N TYR I 353 -44.97 14.96 -19.52
CA TYR I 353 -44.53 15.44 -20.83
C TYR I 353 -44.87 14.41 -21.87
N GLU I 354 -44.47 13.19 -21.60
CA GLU I 354 -44.74 12.08 -22.50
C GLU I 354 -46.26 11.83 -22.72
N THR I 355 -47.04 11.71 -21.65
CA THR I 355 -48.50 11.63 -21.82
C THR I 355 -48.93 12.68 -22.80
N THR I 356 -48.50 13.92 -22.55
CA THR I 356 -48.88 15.05 -23.37
C THR I 356 -48.47 14.82 -24.81
N LEU I 357 -47.19 14.52 -25.08
CA LEU I 357 -46.78 14.33 -26.48
C LEU I 357 -47.56 13.20 -27.13
N GLU I 358 -47.71 12.09 -26.40
CA GLU I 358 -48.47 10.94 -26.86
C GLU I 358 -49.81 11.39 -27.45
N LYS I 359 -50.59 12.13 -26.66
CA LYS I 359 -51.89 12.63 -27.09
C LYS I 359 -51.78 13.72 -28.16
N CYS I 360 -50.76 14.55 -28.07
CA CYS I 360 -50.76 15.76 -28.90
C CYS I 360 -50.25 15.55 -30.27
N CYS I 361 -49.25 14.69 -30.43
CA CYS I 361 -48.76 14.35 -31.76
C CYS I 361 -49.84 13.63 -32.60
N ALA I 362 -50.85 13.07 -31.93
CA ALA I 362 -51.99 12.51 -32.63
C ALA I 362 -52.97 13.59 -33.05
N ALA I 363 -52.85 14.80 -32.51
CA ALA I 363 -53.77 15.94 -32.79
C ALA I 363 -53.61 16.57 -34.19
N ALA I 364 -54.64 17.30 -34.62
CA ALA I 364 -54.66 17.98 -35.91
C ALA I 364 -53.51 18.96 -36.00
N ASP I 365 -53.40 19.85 -35.02
CA ASP I 365 -52.24 20.75 -34.86
C ASP I 365 -51.48 20.41 -33.56
N PRO I 366 -50.38 19.63 -33.67
CA PRO I 366 -49.75 19.19 -32.42
C PRO I 366 -49.18 20.36 -31.57
N HIS I 367 -48.51 21.35 -32.18
CA HIS I 367 -47.96 22.52 -31.44
C HIS I 367 -48.99 23.25 -30.63
N GLU I 368 -50.11 23.58 -31.24
CA GLU I 368 -51.21 24.17 -30.55
C GLU I 368 -51.57 23.36 -29.30
N CYS I 369 -51.72 22.05 -29.48
CA CYS I 369 -52.07 21.13 -28.41
C CYS I 369 -51.10 21.22 -27.22
N TYR I 370 -49.78 21.18 -27.43
CA TYR I 370 -48.86 21.17 -26.30
C TYR I 370 -48.19 22.49 -25.90
N ALA I 371 -48.53 23.60 -26.56
CA ALA I 371 -47.89 24.91 -26.26
C ALA I 371 -47.84 25.22 -24.75
N LYS I 372 -48.89 24.83 -24.03
CA LYS I 372 -49.03 25.09 -22.61
C LYS I 372 -48.69 23.89 -21.72
N VAL I 373 -47.76 23.06 -22.18
CA VAL I 373 -47.40 21.88 -21.40
C VAL I 373 -46.79 22.25 -20.07
N PHE I 374 -46.14 23.41 -19.99
CA PHE I 374 -45.42 23.76 -18.77
C PHE I 374 -46.38 24.21 -17.71
N ASP I 375 -47.61 24.53 -18.07
CA ASP I 375 -48.67 24.75 -17.08
C ASP I 375 -48.92 23.51 -16.27
N GLU I 376 -48.94 22.36 -16.94
CA GLU I 376 -49.25 21.09 -16.29
C GLU I 376 -48.24 20.77 -15.20
N PHE I 377 -47.02 21.27 -15.32
CA PHE I 377 -46.04 21.05 -14.26
C PHE I 377 -46.26 21.89 -13.00
N LYS I 378 -46.96 23.03 -13.08
CA LYS I 378 -47.16 23.85 -11.86
C LYS I 378 -47.81 23.04 -10.73
N PRO I 379 -48.99 22.46 -10.98
CA PRO I 379 -49.53 21.63 -9.92
C PRO I 379 -48.62 20.48 -9.47
N LEU I 380 -47.79 19.91 -10.33
CA LEU I 380 -46.92 18.80 -9.87
C LEU I 380 -45.80 19.30 -8.99
N VAL I 381 -45.51 20.59 -9.02
CA VAL I 381 -44.52 21.15 -8.09
C VAL I 381 -45.16 21.65 -6.78
N GLU I 382 -46.24 22.44 -6.88
CA GLU I 382 -46.90 22.98 -5.69
C GLU I 382 -47.31 21.90 -4.69
N GLU I 383 -48.02 20.87 -5.18
CA GLU I 383 -48.57 19.85 -4.29
C GLU I 383 -47.55 19.27 -3.32
N PRO I 384 -46.36 18.88 -3.80
CA PRO I 384 -45.36 18.46 -2.84
C PRO I 384 -44.89 19.57 -1.88
N GLN I 385 -44.62 20.76 -2.39
CA GLN I 385 -44.27 21.88 -1.48
C GLN I 385 -45.33 22.15 -0.40
N ASN I 386 -46.61 22.10 -0.76
CA ASN I 386 -47.71 22.32 0.20
C ASN I 386 -47.80 21.25 1.23
N LEU I 387 -47.52 20.02 0.84
CA LEU I 387 -47.64 18.90 1.75
C LEU I 387 -46.52 18.95 2.76
N ILE I 388 -45.28 19.11 2.29
CA ILE I 388 -44.15 19.22 3.20
C ILE I 388 -44.31 20.44 4.13
N LYS I 389 -44.84 21.56 3.59
CA LYS I 389 -45.09 22.77 4.39
C LYS I 389 -46.08 22.55 5.53
N GLN I 390 -47.19 21.87 5.24
CA GLN I 390 -48.19 21.56 6.24
C GLN I 390 -47.62 20.59 7.23
N ASN I 391 -46.89 19.61 6.72
CA ASN I 391 -46.37 18.58 7.59
C ASN I 391 -45.26 19.07 8.52
N CYS I 392 -44.48 20.06 8.10
CA CYS I 392 -43.49 20.65 9.01
C CYS I 392 -44.11 21.58 10.04
N GLU I 393 -45.20 22.24 9.68
CA GLU I 393 -45.94 23.06 10.64
C GLU I 393 -46.56 22.17 11.72
N LEU I 394 -47.06 21.03 11.31
CA LEU I 394 -47.69 20.07 12.22
C LEU I 394 -46.67 19.44 13.17
N PHE I 395 -45.46 19.22 12.66
CA PHE I 395 -44.40 18.60 13.44
C PHE I 395 -43.86 19.55 14.51
N GLU I 396 -43.88 20.86 14.26
CA GLU I 396 -43.42 21.82 15.26
C GLU I 396 -44.52 21.97 16.28
N GLN I 397 -45.72 22.23 15.80
CA GLN I 397 -46.87 22.47 16.65
C GLN I 397 -47.18 21.27 17.55
N LEU I 398 -46.65 20.09 17.23
CA LEU I 398 -46.87 18.89 18.07
C LEU I 398 -45.56 18.15 18.28
N GLY I 399 -45.54 17.16 19.15
CA GLY I 399 -44.30 16.39 19.35
C GLY I 399 -43.77 15.62 18.14
N GLU I 400 -42.61 14.97 18.27
CA GLU I 400 -42.23 13.88 17.38
C GLU I 400 -43.21 12.76 17.65
N TYR I 401 -43.63 12.60 18.91
CA TYR I 401 -44.63 11.61 19.27
C TYR I 401 -45.98 12.00 18.73
N LYS I 402 -46.50 13.14 19.18
CA LYS I 402 -47.87 13.52 18.78
C LYS I 402 -48.04 13.61 17.27
N PHE I 403 -46.94 13.87 16.57
CA PHE I 403 -46.90 13.86 15.10
C PHE I 403 -47.15 12.47 14.51
N GLN I 404 -46.39 11.49 15.02
CA GLN I 404 -46.58 10.11 14.58
C GLN I 404 -48.01 9.66 14.75
N ASN I 405 -48.61 9.99 15.89
CA ASN I 405 -49.99 9.68 16.08
C ASN I 405 -50.88 10.28 15.00
N ALA I 406 -50.51 11.48 14.52
CA ALA I 406 -51.27 12.14 13.47
C ALA I 406 -51.18 11.32 12.22
N LEU I 407 -49.99 10.85 11.91
CA LEU I 407 -49.80 10.04 10.72
C LEU I 407 -50.44 8.65 10.86
N LEU I 408 -50.26 8.03 12.01
CA LEU I 408 -50.79 6.71 12.28
C LEU I 408 -52.29 6.69 12.06
N VAL I 409 -52.98 7.70 12.60
CA VAL I 409 -54.40 7.81 12.35
C VAL I 409 -54.65 8.06 10.87
N ARG I 410 -53.82 8.86 10.21
CA ARG I 410 -54.04 9.17 8.81
C ARG I 410 -53.95 7.91 7.95
N TYR I 411 -52.85 7.16 8.12
CA TYR I 411 -52.61 5.97 7.30
C TYR I 411 -53.54 4.82 7.69
N THR I 412 -53.90 4.67 8.96
CA THR I 412 -54.85 3.64 9.32
C THR I 412 -56.21 3.86 8.64
N LYS I 413 -56.61 5.10 8.46
CA LYS I 413 -57.85 5.39 7.74
C LYS I 413 -57.77 5.09 6.24
N LYS I 414 -56.59 5.21 5.65
CA LYS I 414 -56.45 4.94 4.20
C LYS I 414 -56.30 3.45 3.95
N VAL I 415 -55.74 2.73 4.90
CA VAL I 415 -55.21 1.41 4.62
C VAL I 415 -55.42 0.42 5.80
N PRO I 416 -56.63 0.43 6.44
CA PRO I 416 -56.95 -0.24 7.73
C PRO I 416 -56.87 -1.74 7.67
N GLN I 417 -56.79 -2.23 6.45
CA GLN I 417 -56.68 -3.65 6.15
C GLN I 417 -55.26 -4.09 6.59
N VAL I 418 -54.29 -3.17 6.66
CA VAL I 418 -52.92 -3.50 7.08
C VAL I 418 -52.91 -3.81 8.57
N SER I 419 -51.98 -4.66 9.01
CA SER I 419 -51.99 -5.16 10.39
C SER I 419 -51.50 -4.12 11.38
N THR I 420 -52.01 -4.19 12.61
CA THR I 420 -51.74 -3.11 13.55
C THR I 420 -50.24 -2.89 13.76
N PRO I 421 -49.48 -3.94 13.98
CA PRO I 421 -48.06 -3.71 14.14
C PRO I 421 -47.38 -3.17 12.88
N THR I 422 -47.83 -3.57 11.70
CA THR I 422 -47.27 -3.02 10.47
C THR I 422 -47.56 -1.52 10.36
N LEU I 423 -48.75 -1.12 10.81
CA LEU I 423 -49.18 0.29 10.73
C LEU I 423 -48.35 1.12 11.67
N VAL I 424 -48.22 0.68 12.91
CA VAL I 424 -47.43 1.39 13.89
C VAL I 424 -46.07 1.73 13.34
N GLU I 425 -45.43 0.74 12.71
CA GLU I 425 -44.04 0.86 12.23
C GLU I 425 -43.89 1.80 11.05
N VAL I 426 -44.71 1.59 10.04
CA VAL I 426 -44.73 2.48 8.90
C VAL I 426 -44.94 3.93 9.28
N SER I 427 -45.78 4.19 10.26
CA SER I 427 -45.90 5.53 10.77
C SER I 427 -44.63 6.03 11.39
N ARG I 428 -44.10 5.33 12.37
CA ARG I 428 -42.82 5.72 12.93
C ARG I 428 -41.77 6.15 11.89
N ASN I 429 -41.71 5.47 10.75
CA ASN I 429 -40.74 5.79 9.70
C ASN I 429 -41.14 7.01 8.89
N LEU I 430 -42.39 7.06 8.44
CA LEU I 430 -42.92 8.29 7.83
C LEU I 430 -42.67 9.48 8.79
N GLY I 431 -43.10 9.34 10.04
CA GLY I 431 -42.85 10.34 11.04
C GLY I 431 -41.43 10.85 11.10
N LYS I 432 -40.45 9.98 10.84
CA LYS I 432 -39.06 10.42 10.82
C LYS I 432 -38.76 11.47 9.77
N VAL I 433 -39.72 11.78 8.91
CA VAL I 433 -39.52 12.85 7.91
C VAL I 433 -39.55 14.22 8.57
N GLY I 434 -40.04 14.31 9.81
CA GLY I 434 -40.00 15.56 10.54
C GLY I 434 -38.60 15.80 11.00
N SER I 435 -38.05 14.84 11.72
CA SER I 435 -36.69 14.93 12.19
C SER I 435 -35.72 15.20 11.06
N LYS I 436 -35.85 14.47 9.95
CA LYS I 436 -34.85 14.55 8.89
C LYS I 436 -34.94 15.83 8.11
N CYS I 437 -36.13 16.20 7.68
CA CYS I 437 -36.23 17.26 6.68
C CYS I 437 -36.57 18.66 7.19
N CYS I 438 -37.42 18.81 8.20
CA CYS I 438 -37.85 20.17 8.61
C CYS I 438 -36.73 21.07 9.19
N LYS I 439 -35.63 20.44 9.63
CA LYS I 439 -34.36 21.11 9.91
C LYS I 439 -33.88 21.96 8.76
N HIS I 440 -33.74 21.33 7.59
CA HIS I 440 -33.21 21.96 6.36
C HIS I 440 -34.00 23.23 6.03
N PRO I 441 -33.41 24.13 5.24
CA PRO I 441 -34.11 25.36 4.86
C PRO I 441 -35.08 25.22 3.68
N GLU I 442 -36.21 25.94 3.75
CA GLU I 442 -37.20 26.06 2.64
C GLU I 442 -36.86 25.32 1.33
N ALA I 443 -35.90 25.87 0.58
CA ALA I 443 -35.57 25.35 -0.75
C ALA I 443 -35.31 23.86 -0.75
N LYS I 444 -34.66 23.36 0.30
CA LYS I 444 -34.16 22.00 0.32
C LYS I 444 -35.09 20.94 0.96
N ARG I 445 -36.22 21.37 1.53
CA ARG I 445 -37.11 20.49 2.27
C ARG I 445 -37.81 19.46 1.41
N MET I 446 -38.68 19.91 0.51
CA MET I 446 -39.42 18.98 -0.36
C MET I 446 -38.52 17.87 -0.93
N PRO I 447 -37.34 18.19 -1.49
CA PRO I 447 -36.54 17.11 -2.12
C PRO I 447 -36.03 16.07 -1.15
N CYS I 448 -35.61 16.52 0.02
CA CYS I 448 -35.25 15.62 1.11
C CYS I 448 -36.44 14.71 1.46
N ALA I 449 -37.59 15.35 1.66
CA ALA I 449 -38.82 14.68 2.00
C ALA I 449 -39.18 13.63 0.99
N GLU I 450 -39.23 14.02 -0.27
CA GLU I 450 -39.69 13.11 -1.32
C GLU I 450 -38.73 11.98 -1.51
N ASP I 451 -37.45 12.25 -1.45
CA ASP I 451 -36.50 11.18 -1.58
C ASP I 451 -36.72 10.19 -0.47
N TYR I 452 -36.81 10.69 0.76
CA TYR I 452 -36.91 9.81 1.91
C TYR I 452 -38.23 9.04 1.92
N LEU I 453 -39.34 9.75 1.72
CA LEU I 453 -40.62 9.10 1.64
C LEU I 453 -40.57 7.99 0.58
N SER I 454 -40.09 8.30 -0.61
CA SER I 454 -40.11 7.30 -1.68
C SER I 454 -39.34 6.03 -1.29
N VAL I 455 -38.31 6.17 -0.46
CA VAL I 455 -37.58 5.00 0.04
C VAL I 455 -38.35 4.22 1.12
N VAL I 456 -38.93 4.94 2.08
CA VAL I 456 -39.80 4.33 3.10
C VAL I 456 -41.00 3.59 2.48
N LEU I 457 -41.68 4.20 1.54
CA LEU I 457 -42.79 3.52 0.90
C LEU I 457 -42.35 2.26 0.09
N ASN I 458 -41.19 2.31 -0.54
CA ASN I 458 -40.72 1.16 -1.33
C ASN I 458 -40.47 -0.04 -0.45
N GLN I 459 -40.08 0.24 0.78
CA GLN I 459 -39.91 -0.80 1.78
C GLN I 459 -41.25 -1.52 2.01
N LEU I 460 -42.28 -0.70 2.25
CA LEU I 460 -43.61 -1.16 2.44
C LEU I 460 -44.06 -1.98 1.23
N CYS I 461 -43.80 -1.48 0.02
CA CYS I 461 -44.25 -2.18 -1.19
C CYS I 461 -43.54 -3.51 -1.45
N VAL I 462 -42.23 -3.57 -1.22
CA VAL I 462 -41.45 -4.78 -1.44
C VAL I 462 -41.95 -5.88 -0.52
N LEU I 463 -42.24 -5.53 0.72
CA LEU I 463 -42.76 -6.52 1.65
C LEU I 463 -44.24 -6.83 1.42
N HIS I 464 -45.02 -5.84 1.05
CA HIS I 464 -46.45 -6.08 0.84
C HIS I 464 -46.71 -7.00 -0.32
N GLU I 465 -45.87 -6.93 -1.34
CA GLU I 465 -46.02 -7.77 -2.52
C GLU I 465 -45.94 -9.26 -2.16
N LYS I 466 -45.15 -9.61 -1.16
CA LYS I 466 -45.01 -11.01 -0.77
C LYS I 466 -46.11 -11.44 0.16
N THR I 467 -46.74 -10.50 0.83
CA THR I 467 -47.84 -10.85 1.72
C THR I 467 -49.02 -9.83 1.61
N PRO I 468 -49.68 -9.81 0.45
CA PRO I 468 -50.72 -8.87 0.13
C PRO I 468 -51.90 -8.93 1.06
N VAL I 469 -52.38 -7.78 1.53
CA VAL I 469 -53.49 -7.74 2.45
C VAL I 469 -54.43 -6.61 2.11
N SER I 470 -53.93 -5.55 1.46
CA SER I 470 -54.77 -4.43 0.99
C SER I 470 -54.62 -4.19 -0.51
N ASP I 471 -55.76 -4.10 -1.19
CA ASP I 471 -55.79 -3.87 -2.64
C ASP I 471 -55.28 -2.50 -2.94
N ARG I 472 -55.66 -1.55 -2.11
CA ARG I 472 -55.18 -0.18 -2.24
C ARG I 472 -53.67 -0.05 -2.18
N VAL I 473 -53.03 -0.76 -1.27
CA VAL I 473 -51.55 -0.78 -1.25
C VAL I 473 -51.00 -1.34 -2.58
N THR I 474 -51.56 -2.46 -3.01
CA THR I 474 -51.11 -3.09 -4.25
C THR I 474 -51.23 -2.08 -5.39
N LYS I 475 -52.35 -1.36 -5.44
CA LYS I 475 -52.58 -0.44 -6.53
C LYS I 475 -51.53 0.66 -6.52
N CYS I 476 -51.34 1.32 -5.39
CA CYS I 476 -50.40 2.42 -5.31
C CYS I 476 -49.00 2.02 -5.57
N CYS I 477 -48.68 0.80 -5.14
CA CYS I 477 -47.34 0.27 -5.27
C CYS I 477 -47.08 -0.10 -6.71
N THR I 478 -48.11 -0.49 -7.44
CA THR I 478 -47.99 -1.11 -8.75
C THR I 478 -48.11 -0.16 -9.90
N GLU I 479 -49.11 0.71 -9.85
CA GLU I 479 -49.55 1.55 -10.98
C GLU I 479 -48.40 2.32 -11.56
N SER I 480 -47.72 3.08 -10.71
CA SER I 480 -46.54 3.83 -11.10
C SER I 480 -45.59 3.89 -9.94
N LEU I 481 -44.34 3.56 -10.25
CA LEU I 481 -43.25 3.76 -9.32
C LEU I 481 -43.11 5.22 -8.95
N VAL I 482 -43.18 6.06 -9.95
CA VAL I 482 -42.77 7.41 -9.71
C VAL I 482 -43.88 8.16 -8.99
N ASN I 483 -45.13 7.70 -9.12
CA ASN I 483 -46.24 8.34 -8.43
C ASN I 483 -46.68 7.67 -7.14
N ARG I 484 -45.83 6.91 -6.45
CA ARG I 484 -46.33 6.27 -5.23
C ARG I 484 -46.79 7.35 -4.25
N ARG I 485 -45.87 8.22 -3.84
CA ARG I 485 -46.19 9.10 -2.73
C ARG I 485 -47.55 9.83 -2.88
N PRO I 486 -47.79 10.49 -4.05
CA PRO I 486 -49.04 11.19 -4.29
C PRO I 486 -50.24 10.27 -4.31
N CYS I 487 -50.04 9.03 -4.71
CA CYS I 487 -51.13 8.05 -4.69
C CYS I 487 -51.59 7.81 -3.25
N PHE I 488 -50.62 7.55 -2.37
CA PHE I 488 -50.95 7.35 -1.00
C PHE I 488 -51.56 8.60 -0.38
N SER I 489 -51.02 9.75 -0.71
CA SER I 489 -51.58 10.99 -0.17
C SER I 489 -53.00 11.20 -0.66
N ALA I 490 -53.25 10.79 -1.89
CA ALA I 490 -54.54 10.99 -2.51
C ALA I 490 -55.64 10.20 -1.83
N LEU I 491 -55.26 9.16 -1.09
CA LEU I 491 -56.21 8.17 -0.65
C LEU I 491 -57.11 8.74 0.41
N GLU I 492 -58.40 8.48 0.29
CA GLU I 492 -59.35 8.95 1.25
C GLU I 492 -59.63 7.87 2.28
N VAL I 493 -60.59 8.12 3.17
CA VAL I 493 -61.02 7.13 4.15
C VAL I 493 -61.58 5.94 3.43
N ASP I 494 -61.19 4.75 3.87
CA ASP I 494 -61.59 3.50 3.24
C ASP I 494 -62.95 3.06 3.78
N GLU I 495 -63.99 3.29 2.98
CA GLU I 495 -65.34 2.95 3.41
C GLU I 495 -65.73 1.50 3.05
N THR I 496 -64.87 0.81 2.31
CA THR I 496 -64.99 -0.62 2.08
C THR I 496 -64.78 -1.45 3.33
N TYR I 497 -63.93 -0.97 4.22
CA TYR I 497 -63.55 -1.72 5.43
C TYR I 497 -64.78 -2.01 6.30
N VAL I 498 -64.87 -3.20 6.82
CA VAL I 498 -65.95 -3.53 7.69
C VAL I 498 -65.36 -3.35 9.08
N PRO I 499 -65.77 -2.29 9.79
CA PRO I 499 -65.23 -2.03 11.13
C PRO I 499 -65.25 -3.20 12.14
N LYS I 500 -64.15 -3.37 12.87
CA LYS I 500 -64.13 -4.23 14.04
C LYS I 500 -65.30 -3.81 14.94
N GLU I 501 -65.87 -4.77 15.64
CA GLU I 501 -66.97 -4.49 16.54
C GLU I 501 -66.50 -4.58 17.95
N PHE I 502 -67.20 -3.91 18.86
CA PHE I 502 -66.82 -3.96 20.28
C PHE I 502 -67.43 -5.14 21.00
N ASN I 503 -66.81 -5.51 22.12
CA ASN I 503 -67.36 -6.48 23.06
C ASN I 503 -66.74 -6.23 24.42
N ALA I 504 -67.12 -7.03 25.42
CA ALA I 504 -66.65 -6.83 26.79
C ALA I 504 -65.13 -7.00 26.89
N GLU I 505 -64.64 -7.92 26.07
CA GLU I 505 -63.27 -8.41 26.18
C GLU I 505 -62.30 -7.55 25.33
N THR I 506 -62.82 -6.57 24.59
CA THR I 506 -62.01 -5.71 23.68
C THR I 506 -60.80 -5.04 24.36
N PHE I 507 -60.98 -4.61 25.62
CA PHE I 507 -59.89 -4.05 26.41
C PHE I 507 -59.58 -5.00 27.56
N THR I 508 -58.94 -6.12 27.22
CA THR I 508 -58.50 -7.11 28.20
C THR I 508 -56.99 -7.05 28.41
N PHE I 509 -56.60 -6.68 29.63
CA PHE I 509 -55.20 -6.55 30.04
C PHE I 509 -54.98 -7.18 31.43
N HIS I 510 -53.95 -8.04 31.52
CA HIS I 510 -53.49 -8.53 32.81
C HIS I 510 -52.51 -7.50 33.33
N ALA I 511 -52.22 -7.54 34.63
CA ALA I 511 -51.47 -6.47 35.29
C ALA I 511 -49.98 -6.42 34.95
N ASP I 512 -49.54 -7.19 33.95
CA ASP I 512 -48.14 -7.16 33.48
C ASP I 512 -47.73 -5.87 32.76
N ILE I 513 -48.69 -4.98 32.48
CA ILE I 513 -48.40 -3.71 31.77
C ILE I 513 -47.69 -2.64 32.61
N CYS I 514 -47.73 -2.75 33.94
CA CYS I 514 -47.14 -1.70 34.78
C CYS I 514 -45.64 -1.89 34.98
N THR I 515 -45.10 -3.03 34.56
CA THR I 515 -43.65 -3.23 34.47
C THR I 515 -43.07 -2.35 33.39
N LEU I 516 -43.94 -1.96 32.45
CA LEU I 516 -43.48 -1.42 31.18
C LEU I 516 -42.79 -0.09 31.31
N SER I 517 -41.74 0.07 30.51
CA SER I 517 -41.00 1.33 30.44
C SER I 517 -41.90 2.40 29.83
N GLU I 518 -41.34 3.55 29.47
CA GLU I 518 -42.13 4.56 28.79
C GLU I 518 -42.09 4.21 27.32
N LYS I 519 -40.90 4.10 26.75
CA LYS I 519 -40.76 3.68 25.35
C LYS I 519 -41.76 2.53 25.07
N GLU I 520 -41.80 1.54 25.96
CA GLU I 520 -42.71 0.40 25.81
C GLU I 520 -44.18 0.83 25.87
N ARG I 521 -44.54 1.61 26.89
CA ARG I 521 -45.95 2.03 27.08
C ARG I 521 -46.46 3.00 26.04
N GLN I 522 -45.56 3.63 25.28
CA GLN I 522 -45.97 4.53 24.20
C GLN I 522 -46.31 3.73 22.96
N ILE I 523 -45.55 2.67 22.70
CA ILE I 523 -45.85 1.79 21.59
C ILE I 523 -47.22 1.14 21.82
N LYS I 524 -47.57 0.87 23.08
CA LYS I 524 -48.89 0.31 23.38
C LYS I 524 -50.03 1.29 23.16
N LYS I 525 -49.80 2.55 23.47
CA LYS I 525 -50.81 3.57 23.23
C LYS I 525 -51.05 3.67 21.73
N GLN I 526 -49.96 3.72 20.97
CA GLN I 526 -50.02 3.76 19.49
C GLN I 526 -50.82 2.56 18.93
N THR I 527 -50.63 1.37 19.52
CA THR I 527 -51.46 0.23 19.20
C THR I 527 -52.93 0.51 19.50
N ALA I 528 -53.25 0.99 20.69
CA ALA I 528 -54.67 1.21 21.03
C ALA I 528 -55.31 2.23 20.10
N LEU I 529 -54.52 3.21 19.69
CA LEU I 529 -54.98 4.25 18.77
C LEU I 529 -55.38 3.61 17.47
N VAL I 530 -54.48 2.82 16.89
CA VAL I 530 -54.76 2.16 15.61
C VAL I 530 -56.06 1.35 15.72
N GLU I 531 -56.19 0.66 16.83
CA GLU I 531 -57.35 -0.22 17.04
C GLU I 531 -58.63 0.58 17.15
N LEU I 532 -58.62 1.73 17.81
CA LEU I 532 -59.83 2.54 17.87
C LEU I 532 -60.27 2.92 16.46
N VAL I 533 -59.33 3.38 15.62
CA VAL I 533 -59.71 3.77 14.27
C VAL I 533 -60.33 2.60 13.52
N LYS I 534 -59.81 1.40 13.77
CA LYS I 534 -60.33 0.21 13.14
C LYS I 534 -61.77 -0.11 13.61
N HIS I 535 -62.12 0.39 14.80
CA HIS I 535 -63.50 0.29 15.24
C HIS I 535 -64.41 1.33 14.66
N LYS I 536 -63.88 2.48 14.23
CA LYS I 536 -64.71 3.46 13.52
C LYS I 536 -63.84 4.40 12.68
N PRO I 537 -63.63 4.08 11.41
CA PRO I 537 -62.67 4.85 10.64
C PRO I 537 -62.99 6.34 10.46
N LYS I 538 -64.26 6.69 10.32
CA LYS I 538 -64.66 8.08 10.19
C LYS I 538 -64.55 8.88 11.49
N ALA I 539 -63.98 8.29 12.55
CA ALA I 539 -63.85 9.00 13.82
C ALA I 539 -63.03 10.28 13.65
N THR I 540 -63.55 11.36 14.21
CA THR I 540 -62.99 12.70 14.11
C THR I 540 -61.91 12.86 15.16
N LYS I 541 -60.99 13.81 14.98
CA LYS I 541 -59.89 13.93 15.93
C LYS I 541 -60.39 14.15 17.36
N GLU I 542 -61.57 14.75 17.48
CA GLU I 542 -62.18 15.02 18.76
C GLU I 542 -62.49 13.73 19.50
N GLN I 543 -63.40 12.96 18.94
CA GLN I 543 -63.78 11.68 19.53
C GLN I 543 -62.50 10.87 19.83
N LEU I 544 -61.62 10.72 18.85
CA LEU I 544 -60.42 9.91 19.02
C LEU I 544 -59.65 10.28 20.25
N LYS I 545 -59.36 11.57 20.44
CA LYS I 545 -58.55 11.96 21.60
C LYS I 545 -59.37 11.90 22.93
N ALA I 546 -60.70 11.92 22.84
CA ALA I 546 -61.56 11.60 24.00
C ALA I 546 -61.34 10.16 24.51
N VAL I 547 -61.68 9.18 23.65
CA VAL I 547 -61.55 7.75 23.95
C VAL I 547 -60.13 7.37 24.32
N MET I 548 -59.16 8.12 23.80
CA MET I 548 -57.76 7.84 24.06
C MET I 548 -57.35 8.39 25.41
N ASP I 549 -58.03 9.43 25.88
CA ASP I 549 -57.79 9.95 27.23
C ASP I 549 -58.40 8.96 28.22
N ASP I 550 -59.64 8.55 27.95
CA ASP I 550 -60.30 7.50 28.73
C ASP I 550 -59.39 6.30 28.91
N PHE I 551 -58.75 5.89 27.82
CA PHE I 551 -57.82 4.78 27.84
C PHE I 551 -56.71 5.08 28.84
N ALA I 552 -56.00 6.19 28.70
CA ALA I 552 -54.87 6.46 29.60
C ALA I 552 -55.33 6.66 31.05
N ALA I 553 -56.58 7.12 31.24
CA ALA I 553 -57.23 7.23 32.58
C ALA I 553 -57.34 5.87 33.25
N PHE I 554 -57.98 4.95 32.54
CA PHE I 554 -58.00 3.51 32.84
C PHE I 554 -56.63 2.95 33.26
N VAL I 555 -55.63 2.96 32.37
CA VAL I 555 -54.32 2.37 32.70
C VAL I 555 -53.72 2.99 33.97
N GLU I 556 -53.64 4.31 34.05
CA GLU I 556 -53.10 4.99 35.28
C GLU I 556 -53.85 4.51 36.52
N LYS I 557 -55.19 4.53 36.44
CA LYS I 557 -56.05 4.09 37.54
C LYS I 557 -55.76 2.68 38.04
N CYS I 558 -55.73 1.70 37.14
CA CYS I 558 -55.68 0.29 37.56
C CYS I 558 -54.31 -0.15 38.06
N CYS I 559 -53.23 0.37 37.50
CA CYS I 559 -51.90 0.11 38.06
C CYS I 559 -51.76 0.71 39.47
N LYS I 560 -52.58 1.72 39.77
CA LYS I 560 -52.62 2.33 41.08
C LYS I 560 -53.88 1.87 41.81
N ALA I 561 -53.87 0.62 42.22
CA ALA I 561 -54.85 0.09 43.13
C ALA I 561 -54.21 -1.10 43.84
N ASP I 562 -54.66 -1.38 45.06
CA ASP I 562 -54.39 -2.66 45.72
C ASP I 562 -55.25 -3.63 44.94
N ASP I 563 -54.78 -4.86 44.77
CA ASP I 563 -55.51 -5.83 43.95
C ASP I 563 -55.71 -5.22 42.56
N LYS I 564 -54.70 -5.38 41.71
CA LYS I 564 -54.74 -4.81 40.37
C LYS I 564 -55.83 -5.45 39.54
N GLU I 565 -55.85 -6.78 39.46
CA GLU I 565 -56.71 -7.43 38.49
C GLU I 565 -58.21 -7.36 38.73
N THR I 566 -58.65 -6.89 39.90
CA THR I 566 -60.07 -6.56 40.11
C THR I 566 -60.45 -5.42 39.18
N CYS I 567 -59.59 -4.40 39.15
CA CYS I 567 -59.81 -3.20 38.35
C CYS I 567 -59.95 -3.55 36.87
N PHE I 568 -58.91 -4.19 36.31
CA PHE I 568 -58.91 -4.53 34.92
C PHE I 568 -60.16 -5.33 34.58
N ALA I 569 -60.39 -6.38 35.36
CA ALA I 569 -61.54 -7.24 35.17
C ALA I 569 -62.85 -6.46 35.22
N GLU I 570 -62.95 -5.52 36.16
CA GLU I 570 -64.20 -4.82 36.44
C GLU I 570 -64.36 -3.57 35.59
N GLU I 571 -63.28 -2.84 35.38
CA GLU I 571 -63.30 -1.59 34.59
C GLU I 571 -63.11 -1.83 33.07
N GLY I 572 -62.55 -2.97 32.71
CA GLY I 572 -62.31 -3.31 31.31
C GLY I 572 -63.50 -3.19 30.38
N LYS I 573 -64.70 -3.41 30.93
CA LYS I 573 -65.94 -3.36 30.13
C LYS I 573 -66.51 -1.95 30.14
N LYS I 574 -66.11 -1.17 31.14
CA LYS I 574 -66.67 0.15 31.35
C LYS I 574 -65.97 1.13 30.44
N LEU I 575 -64.67 0.92 30.24
CA LEU I 575 -63.93 1.61 29.17
C LEU I 575 -64.49 1.29 27.78
N VAL I 576 -65.03 0.09 27.59
CA VAL I 576 -65.71 -0.23 26.33
C VAL I 576 -67.05 0.53 26.18
N ALA I 577 -67.87 0.48 27.23
CA ALA I 577 -69.15 1.19 27.27
C ALA I 577 -68.91 2.68 27.03
N ALA I 578 -67.93 3.23 27.73
CA ALA I 578 -67.50 4.61 27.55
C ALA I 578 -67.24 4.94 26.08
N SER I 579 -66.36 4.12 25.48
CA SER I 579 -65.84 4.36 24.14
C SER I 579 -66.89 4.31 23.03
N GLN I 580 -67.90 3.48 23.19
CA GLN I 580 -69.01 3.47 22.23
C GLN I 580 -69.81 4.78 22.24
N ALA I 581 -70.07 5.31 23.43
CA ALA I 581 -70.72 6.61 23.60
C ALA I 581 -69.89 7.66 22.87
N ALA I 582 -68.62 7.75 23.27
CA ALA I 582 -67.68 8.71 22.70
C ALA I 582 -67.40 8.50 21.21
N LEU I 583 -67.94 7.45 20.58
CA LEU I 583 -67.74 7.26 19.14
C LEU I 583 -69.05 7.26 18.33
N GLY I 584 -70.19 7.12 18.98
CA GLY I 584 -71.46 6.88 18.26
C GLY I 584 -71.91 5.44 18.49
N LEU I 585 -71.02 4.50 18.22
CA LEU I 585 -71.16 3.06 18.56
C LEU I 585 -70.00 2.31 17.89
N HIS J 1 32.45 -52.54 -20.49
CA HIS J 1 31.49 -53.61 -20.08
C HIS J 1 30.10 -53.39 -20.62
N LEU J 2 29.75 -52.12 -20.82
CA LEU J 2 28.51 -51.76 -21.52
C LEU J 2 28.71 -51.85 -23.04
N SER J 3 27.62 -51.59 -23.77
CA SER J 3 27.54 -51.91 -25.21
C SER J 3 26.69 -50.92 -26.03
N LEU J 4 27.16 -50.62 -27.24
CA LEU J 4 26.47 -49.74 -28.18
C LEU J 4 25.66 -50.64 -29.10
N LEU J 5 24.34 -50.44 -29.14
CA LEU J 5 23.46 -51.27 -29.96
C LEU J 5 22.44 -50.43 -30.67
N TYR J 6 22.33 -50.65 -31.98
CA TYR J 6 21.35 -49.95 -32.79
C TYR J 6 20.17 -50.89 -33.03
N HIS J 7 18.97 -50.35 -32.94
CA HIS J 7 17.73 -51.11 -33.12
C HIS J 7 17.06 -50.67 -34.39
N LEU J 8 17.50 -51.27 -35.51
CA LEU J 8 16.96 -50.90 -36.80
C LEU J 8 15.64 -51.63 -37.04
N THR J 9 14.64 -50.92 -37.58
CA THR J 9 13.34 -51.50 -37.89
C THR J 9 12.86 -50.90 -39.18
N ALA J 10 12.40 -51.73 -40.11
CA ALA J 10 11.73 -51.26 -41.31
C ALA J 10 10.44 -52.05 -41.49
N VAL J 11 9.40 -51.41 -42.03
CA VAL J 11 8.10 -52.09 -42.27
C VAL J 11 7.63 -51.80 -43.69
N SER J 12 6.91 -52.77 -44.27
CA SER J 12 6.68 -52.79 -45.71
C SER J 12 5.50 -51.94 -46.08
N SER J 13 4.61 -51.66 -45.13
CA SER J 13 3.53 -50.70 -45.38
C SER J 13 3.17 -50.03 -44.07
N PRO J 14 3.66 -48.82 -43.89
CA PRO J 14 3.46 -48.13 -42.63
C PRO J 14 2.20 -47.28 -42.57
N ALA J 15 1.49 -47.34 -41.43
CA ALA J 15 0.38 -46.43 -41.14
C ALA J 15 0.72 -45.03 -41.64
N PRO J 16 -0.17 -44.38 -42.42
CA PRO J 16 0.33 -43.20 -43.14
C PRO J 16 0.70 -42.05 -42.18
N GLY J 17 1.73 -41.30 -42.57
CA GLY J 17 2.41 -40.37 -41.67
C GLY J 17 3.42 -41.02 -40.72
N THR J 18 3.38 -42.36 -40.59
CA THR J 18 4.43 -43.14 -39.91
C THR J 18 5.63 -43.37 -40.79
N PRO J 19 6.83 -43.46 -40.19
CA PRO J 19 8.02 -43.77 -40.99
C PRO J 19 8.12 -45.22 -41.46
N ALA J 20 8.65 -45.39 -42.66
CA ALA J 20 8.91 -46.70 -43.21
C ALA J 20 10.03 -47.43 -42.45
N PHE J 21 11.00 -46.65 -41.95
CA PHE J 21 12.21 -47.18 -41.30
C PHE J 21 12.68 -46.29 -40.14
N TRP J 22 13.17 -46.88 -39.06
CA TRP J 22 13.63 -46.07 -37.93
C TRP J 22 14.58 -46.78 -37.02
N VAL J 23 15.41 -46.02 -36.34
CA VAL J 23 16.49 -46.58 -35.59
C VAL J 23 16.54 -45.96 -34.21
N SER J 24 16.83 -46.78 -33.20
CA SER J 24 17.10 -46.27 -31.85
C SER J 24 18.51 -46.75 -31.44
N GLY J 25 19.37 -45.83 -30.97
CA GLY J 25 20.73 -46.20 -30.57
C GLY J 25 20.87 -46.19 -29.07
N TRP J 26 21.52 -47.20 -28.51
CA TRP J 26 21.56 -47.36 -27.08
C TRP J 26 22.94 -47.53 -26.57
N LEU J 27 23.20 -46.91 -25.42
CA LEU J 27 24.41 -47.12 -24.65
C LEU J 27 23.95 -47.75 -23.37
N GLY J 28 24.26 -49.02 -23.16
CA GLY J 28 23.70 -49.76 -22.04
C GLY J 28 22.22 -49.66 -22.22
N PRO J 29 21.49 -49.48 -21.12
CA PRO J 29 20.06 -49.26 -21.20
C PRO J 29 19.58 -47.79 -21.43
N GLN J 30 20.46 -46.88 -21.87
CA GLN J 30 20.10 -45.49 -22.14
C GLN J 30 20.02 -45.24 -23.64
N GLN J 31 18.96 -44.59 -24.09
CA GLN J 31 18.86 -44.30 -25.49
C GLN J 31 19.61 -43.00 -25.77
N TYR J 32 20.67 -43.05 -26.53
CA TYR J 32 21.37 -41.81 -26.90
C TYR J 32 20.98 -41.28 -28.26
N LEU J 33 20.56 -42.13 -29.17
CA LEU J 33 20.35 -41.72 -30.56
C LEU J 33 18.94 -42.09 -31.04
N SER J 34 18.53 -41.39 -32.09
CA SER J 34 17.22 -41.56 -32.66
C SER J 34 17.22 -41.09 -34.11
N TYR J 35 16.62 -41.90 -34.99
CA TYR J 35 16.59 -41.65 -36.44
C TYR J 35 15.33 -42.21 -37.06
N ASN J 36 14.80 -41.58 -38.10
CA ASN J 36 13.76 -42.22 -38.92
C ASN J 36 13.68 -41.74 -40.39
N SER J 37 12.99 -42.49 -41.22
CA SER J 37 12.97 -42.25 -42.67
C SER J 37 12.30 -40.95 -43.09
N LEU J 38 11.44 -40.37 -42.25
CA LEU J 38 10.72 -39.15 -42.60
C LEU J 38 11.63 -37.97 -42.45
N ARG J 39 12.16 -37.80 -41.26
CA ARG J 39 13.02 -36.69 -40.95
C ARG J 39 14.39 -36.85 -41.65
N GLY J 40 14.91 -38.07 -41.73
CA GLY J 40 16.16 -38.34 -42.46
C GLY J 40 17.45 -38.03 -41.73
N GLU J 41 17.39 -37.72 -40.43
CA GLU J 41 18.54 -37.23 -39.67
C GLU J 41 18.70 -37.90 -38.31
N ALA J 42 19.94 -38.22 -37.94
CA ALA J 42 20.23 -38.82 -36.63
C ALA J 42 20.28 -37.72 -35.59
N GLU J 43 19.53 -37.85 -34.50
CA GLU J 43 19.47 -36.85 -33.46
C GLU J 43 19.82 -37.47 -32.13
N PRO J 44 20.42 -36.69 -31.22
CA PRO J 44 20.61 -37.15 -29.84
C PRO J 44 19.33 -37.08 -29.03
N CYS J 45 19.16 -38.09 -28.19
CA CYS J 45 18.01 -38.27 -27.33
C CYS J 45 18.46 -37.93 -25.90
N GLY J 46 17.56 -37.31 -25.14
CA GLY J 46 17.74 -37.16 -23.69
C GLY J 46 18.92 -36.31 -23.21
N ALA J 47 19.64 -36.79 -22.21
CA ALA J 47 20.74 -36.05 -21.64
C ALA J 47 21.92 -36.01 -22.63
N TRP J 48 21.81 -36.77 -23.70
CA TRP J 48 22.88 -36.80 -24.65
C TRP J 48 22.88 -35.62 -25.57
N VAL J 49 21.89 -34.74 -25.47
CA VAL J 49 22.00 -33.49 -26.19
C VAL J 49 23.15 -32.69 -25.60
N TRP J 50 23.40 -32.85 -24.30
CA TRP J 50 24.36 -32.02 -23.58
C TRP J 50 25.71 -32.65 -23.51
N GLU J 51 25.89 -33.76 -24.20
CA GLU J 51 27.18 -34.40 -24.27
C GLU J 51 28.23 -33.48 -24.88
N ASN J 52 29.39 -33.46 -24.25
CA ASN J 52 30.52 -32.77 -24.80
C ASN J 52 30.98 -33.55 -26.02
N GLN J 53 30.36 -33.32 -27.17
CA GLN J 53 30.69 -34.13 -28.37
C GLN J 53 31.45 -33.35 -29.44
N VAL J 54 32.19 -34.06 -30.29
CA VAL J 54 32.96 -33.43 -31.41
C VAL J 54 32.07 -33.08 -32.62
N SER J 55 32.50 -32.10 -33.39
CA SER J 55 31.86 -31.83 -34.67
C SER J 55 31.95 -33.04 -35.63
N TRP J 56 30.91 -33.20 -36.45
CA TRP J 56 30.81 -34.26 -37.43
C TRP J 56 30.50 -35.62 -36.84
N TYR J 57 30.40 -35.72 -35.52
CA TYR J 57 30.05 -37.01 -34.94
C TYR J 57 28.64 -37.34 -35.42
N TRP J 58 27.72 -36.40 -35.28
CA TRP J 58 26.34 -36.69 -35.52
C TRP J 58 26.02 -36.87 -36.93
N GLU J 59 26.70 -36.15 -37.79
CA GLU J 59 26.36 -36.27 -39.20
C GLU J 59 27.10 -37.48 -39.82
N LYS J 60 28.14 -37.99 -39.14
CA LYS J 60 28.65 -39.35 -39.41
C LYS J 60 27.59 -40.40 -39.06
N GLU J 61 26.97 -40.29 -37.89
CA GLU J 61 25.85 -41.16 -37.56
C GLU J 61 24.80 -41.11 -38.65
N THR J 62 24.36 -39.91 -39.02
CA THR J 62 23.31 -39.79 -40.03
C THR J 62 23.73 -40.51 -41.30
N THR J 63 24.95 -40.22 -41.76
CA THR J 63 25.42 -40.79 -43.02
C THR J 63 25.28 -42.32 -43.02
N ASP J 64 25.63 -42.94 -41.88
CA ASP J 64 25.69 -44.40 -41.77
C ASP J 64 24.32 -44.99 -41.76
N LEU J 65 23.43 -44.33 -41.06
CA LEU J 65 22.10 -44.85 -40.93
C LEU J 65 21.29 -44.70 -42.21
N ARG J 66 21.71 -43.82 -43.12
CA ARG J 66 21.01 -43.67 -44.42
C ARG J 66 21.34 -44.84 -45.36
N ILE J 67 22.59 -45.30 -45.28
CA ILE J 67 22.98 -46.49 -45.97
C ILE J 67 22.13 -47.62 -45.43
N LYS J 68 21.94 -47.67 -44.11
CA LYS J 68 21.09 -48.71 -43.56
C LYS J 68 19.65 -48.59 -44.07
N GLU J 69 19.09 -47.39 -44.07
CA GLU J 69 17.75 -47.19 -44.62
C GLU J 69 17.62 -47.80 -46.02
N LYS J 70 18.56 -47.47 -46.90
CA LYS J 70 18.50 -47.96 -48.29
C LYS J 70 18.51 -49.50 -48.31
N LEU J 71 19.49 -50.09 -47.64
CA LEU J 71 19.55 -51.53 -47.52
C LEU J 71 18.26 -52.17 -47.04
N PHE J 72 17.65 -51.62 -46.02
CA PHE J 72 16.44 -52.22 -45.45
C PHE J 72 15.24 -52.13 -46.37
N LEU J 73 15.06 -50.98 -47.03
CA LEU J 73 13.91 -50.80 -47.93
C LEU J 73 14.12 -51.62 -49.20
N GLU J 74 15.38 -51.90 -49.53
CA GLU J 74 15.72 -52.78 -50.62
C GLU J 74 15.35 -54.22 -50.30
N ALA J 75 15.36 -54.59 -49.03
CA ALA J 75 15.19 -56.00 -48.69
C ALA J 75 13.81 -56.44 -49.12
N PHE J 76 12.80 -55.60 -48.96
CA PHE J 76 11.45 -56.02 -49.35
C PHE J 76 11.25 -56.26 -50.86
N LYS J 77 12.05 -55.63 -51.71
CA LYS J 77 12.00 -55.97 -53.14
C LYS J 77 12.46 -57.40 -53.30
N ALA J 78 13.61 -57.72 -52.72
CA ALA J 78 14.13 -59.08 -52.75
C ALA J 78 13.11 -60.14 -52.30
N LEU J 79 12.25 -59.83 -51.34
CA LEU J 79 11.35 -60.84 -50.80
C LEU J 79 10.11 -61.10 -51.68
N GLY J 80 9.56 -60.09 -52.32
CA GLY J 80 8.55 -60.36 -53.33
C GLY J 80 7.13 -60.74 -52.88
N GLY J 81 6.94 -61.92 -52.28
CA GLY J 81 5.58 -62.38 -51.87
C GLY J 81 4.70 -61.32 -51.17
N LYS J 82 3.50 -61.67 -50.72
CA LYS J 82 2.53 -60.65 -50.27
C LYS J 82 2.70 -60.16 -48.84
N GLY J 83 2.47 -61.07 -47.89
CA GLY J 83 2.20 -60.73 -46.50
C GLY J 83 3.09 -59.63 -46.00
N PRO J 84 2.53 -58.64 -45.27
CA PRO J 84 3.36 -57.52 -44.79
C PRO J 84 4.65 -58.02 -44.16
N TYR J 85 5.69 -57.20 -44.15
CA TYR J 85 6.92 -57.60 -43.51
C TYR J 85 7.37 -56.65 -42.43
N THR J 86 8.13 -57.17 -41.49
CA THR J 86 8.84 -56.32 -40.56
C THR J 86 10.25 -56.88 -40.53
N LEU J 87 11.21 -56.03 -40.86
CA LEU J 87 12.61 -56.45 -40.83
C LEU J 87 13.28 -55.72 -39.71
N GLN J 88 13.92 -56.45 -38.81
CA GLN J 88 14.59 -55.89 -37.69
C GLN J 88 16.06 -56.26 -37.71
N GLY J 89 16.88 -55.34 -37.20
CA GLY J 89 18.31 -55.62 -37.01
C GLY J 89 18.85 -55.12 -35.69
N LEU J 90 19.75 -55.88 -35.11
CA LEU J 90 20.41 -55.53 -33.89
C LEU J 90 21.85 -55.53 -34.27
N LEU J 91 22.45 -54.36 -34.27
CA LEU J 91 23.83 -54.21 -34.69
C LEU J 91 24.54 -53.45 -33.61
N GLY J 92 25.78 -53.80 -33.32
CA GLY J 92 26.51 -53.11 -32.26
C GLY J 92 27.80 -53.77 -31.90
N CYS J 93 28.32 -53.43 -30.73
CA CYS J 93 29.57 -53.97 -30.24
C CYS J 93 29.68 -53.73 -28.73
N GLU J 94 30.52 -54.51 -28.08
CA GLU J 94 30.76 -54.42 -26.66
C GLU J 94 32.24 -54.52 -26.47
N LEU J 95 32.77 -53.83 -25.46
CA LEU J 95 34.21 -53.84 -25.24
C LEU J 95 34.66 -55.18 -24.59
N GLY J 96 35.85 -55.63 -25.00
CA GLY J 96 36.47 -56.86 -24.50
C GLY J 96 37.89 -56.71 -23.92
N PRO J 97 38.34 -57.72 -23.15
CA PRO J 97 39.60 -57.70 -22.46
C PRO J 97 40.62 -56.69 -23.00
N ASP J 98 41.16 -56.95 -24.18
CA ASP J 98 42.47 -56.41 -24.59
C ASP J 98 42.41 -55.14 -25.45
N ASN J 99 41.66 -54.14 -25.00
CA ASN J 99 41.29 -53.00 -25.86
C ASN J 99 40.70 -53.59 -27.18
N THR J 100 39.69 -54.45 -27.00
CA THR J 100 39.09 -55.21 -28.12
C THR J 100 37.55 -55.08 -28.16
N SER J 101 36.99 -54.98 -29.36
CA SER J 101 35.53 -54.93 -29.53
C SER J 101 35.00 -56.31 -29.82
N VAL J 102 33.77 -56.57 -29.44
CA VAL J 102 33.06 -57.79 -29.82
C VAL J 102 31.77 -57.39 -30.51
N PRO J 103 31.66 -57.67 -31.83
CA PRO J 103 30.50 -57.20 -32.59
C PRO J 103 29.28 -58.10 -32.59
N THR J 104 28.12 -57.52 -32.90
CA THR J 104 26.85 -58.23 -33.04
C THR J 104 26.20 -57.77 -34.31
N ALA J 105 25.61 -58.70 -35.03
CA ALA J 105 24.94 -58.38 -36.23
C ALA J 105 23.88 -59.44 -36.49
N LYS J 106 22.71 -59.32 -35.89
CA LYS J 106 21.66 -60.28 -36.16
C LYS J 106 20.38 -59.58 -36.65
N PHE J 107 19.54 -60.31 -37.37
CA PHE J 107 18.32 -59.72 -37.94
C PHE J 107 17.16 -60.67 -37.81
N ALA J 108 15.94 -60.13 -37.78
CA ALA J 108 14.74 -60.97 -37.69
C ALA J 108 13.73 -60.52 -38.69
N LEU J 109 13.05 -61.48 -39.32
CA LEU J 109 11.95 -61.19 -40.25
C LEU J 109 10.61 -61.52 -39.59
N ASN J 110 9.66 -60.61 -39.68
CA ASN J 110 8.41 -60.77 -38.94
C ASN J 110 8.59 -61.34 -37.54
N GLY J 111 9.54 -60.82 -36.80
CA GLY J 111 9.72 -61.28 -35.43
C GLY J 111 10.42 -62.61 -35.18
N GLU J 112 11.12 -63.17 -36.17
CA GLU J 112 11.91 -64.37 -35.89
C GLU J 112 13.32 -64.19 -36.40
N GLU J 113 14.32 -64.54 -35.60
CA GLU J 113 15.68 -64.39 -36.07
C GLU J 113 15.82 -65.22 -37.33
N PHE J 114 16.50 -64.71 -38.35
CA PHE J 114 16.65 -65.48 -39.58
C PHE J 114 17.94 -65.30 -40.36
N MET J 115 18.79 -64.41 -39.89
CA MET J 115 19.86 -63.89 -40.69
C MET J 115 20.85 -63.14 -39.80
N ASN J 116 22.08 -63.11 -40.26
CA ASN J 116 23.19 -62.64 -39.46
C ASN J 116 24.29 -62.15 -40.38
N PHE J 117 25.27 -61.43 -39.84
CA PHE J 117 26.41 -60.97 -40.63
C PHE J 117 27.72 -61.51 -40.05
N ASP J 118 28.36 -62.44 -40.77
CA ASP J 118 29.64 -63.05 -40.37
C ASP J 118 30.82 -62.12 -40.64
N LEU J 119 31.35 -61.51 -39.59
CA LEU J 119 32.45 -60.57 -39.72
C LEU J 119 33.74 -61.15 -40.24
N LYS J 120 33.90 -62.48 -40.18
CA LYS J 120 35.09 -63.11 -40.69
C LYS J 120 35.01 -63.13 -42.23
N GLN J 121 34.03 -63.82 -42.79
CA GLN J 121 33.86 -63.87 -44.26
C GLN J 121 33.37 -62.53 -44.89
N GLY J 122 32.87 -61.62 -44.09
CA GLY J 122 32.29 -60.40 -44.65
C GLY J 122 31.02 -60.64 -45.46
N THR J 123 30.16 -61.51 -44.97
CA THR J 123 29.00 -61.96 -45.71
C THR J 123 27.82 -62.13 -44.79
N TRP J 124 26.62 -61.92 -45.31
CA TRP J 124 25.42 -62.16 -44.55
C TRP J 124 25.10 -63.57 -44.79
N GLY J 125 24.35 -64.16 -43.87
CA GLY J 125 24.08 -65.59 -43.90
C GLY J 125 22.76 -65.91 -43.24
N GLY J 126 22.38 -67.19 -43.25
CA GLY J 126 21.03 -67.60 -42.88
C GLY J 126 20.52 -68.47 -43.99
N ASP J 127 19.64 -69.42 -43.71
CA ASP J 127 19.36 -70.37 -44.77
C ASP J 127 17.92 -70.62 -45.08
N TRP J 128 17.04 -69.92 -44.41
CA TRP J 128 15.70 -69.71 -44.90
C TRP J 128 15.68 -69.12 -46.31
N PRO J 129 14.65 -69.43 -47.13
CA PRO J 129 14.69 -68.83 -48.44
C PRO J 129 14.71 -67.31 -48.37
N GLU J 130 13.96 -66.73 -47.43
CA GLU J 130 13.87 -65.28 -47.31
C GLU J 130 15.27 -64.70 -47.02
N ALA J 131 16.04 -65.38 -46.18
CA ALA J 131 17.35 -64.91 -45.83
C ALA J 131 18.28 -65.08 -47.00
N LEU J 132 18.09 -66.10 -47.82
CA LEU J 132 18.97 -66.26 -48.98
C LEU J 132 18.75 -65.17 -49.97
N ALA J 133 17.52 -64.71 -50.06
CA ALA J 133 17.13 -63.70 -51.03
C ALA J 133 17.74 -62.34 -50.66
N ILE J 134 17.48 -61.91 -49.41
CA ILE J 134 17.97 -60.64 -48.89
C ILE J 134 19.48 -60.67 -48.86
N SER J 135 20.03 -61.76 -48.38
CA SER J 135 21.47 -61.92 -48.30
C SER J 135 22.13 -61.68 -49.65
N GLN J 136 21.52 -62.20 -50.70
CA GLN J 136 22.04 -62.06 -52.03
C GLN J 136 21.94 -60.62 -52.51
N ARG J 137 20.81 -59.96 -52.24
CA ARG J 137 20.58 -58.60 -52.76
C ARG J 137 21.55 -57.62 -52.18
N TRP J 138 21.84 -57.78 -50.89
CA TRP J 138 22.84 -56.98 -50.22
C TRP J 138 24.24 -57.34 -50.69
N GLN J 139 24.59 -58.61 -50.78
CA GLN J 139 25.97 -58.96 -51.13
C GLN J 139 26.43 -58.44 -52.50
N GLN J 140 25.49 -58.11 -53.39
CA GLN J 140 25.82 -57.60 -54.73
C GLN J 140 25.35 -56.17 -54.85
N GLN J 141 26.14 -55.26 -54.29
CA GLN J 141 25.80 -53.85 -54.08
C GLN J 141 27.03 -52.95 -53.97
N ASP J 142 26.77 -51.66 -53.80
CA ASP J 142 27.85 -50.67 -53.68
C ASP J 142 28.78 -51.02 -52.52
N LYS J 143 29.37 -52.20 -52.62
CA LYS J 143 30.23 -52.69 -51.59
C LYS J 143 29.54 -52.61 -50.23
N ALA J 144 28.26 -53.02 -50.15
CA ALA J 144 27.53 -52.96 -48.88
C ALA J 144 28.26 -53.75 -47.80
N ALA J 145 28.77 -54.93 -48.15
CA ALA J 145 29.57 -55.74 -47.22
C ALA J 145 30.72 -54.96 -46.58
N ASN J 146 31.47 -54.19 -47.37
CA ASN J 146 32.55 -53.38 -46.78
C ASN J 146 32.11 -52.37 -45.76
N LYS J 147 31.02 -51.68 -46.06
CA LYS J 147 30.50 -50.69 -45.13
C LYS J 147 29.97 -51.31 -43.84
N GLU J 148 29.33 -52.49 -43.92
CA GLU J 148 28.91 -53.23 -42.70
C GLU J 148 30.15 -53.65 -41.93
N LEU J 149 31.21 -54.06 -42.62
CA LEU J 149 32.44 -54.33 -41.91
C LEU J 149 32.92 -53.08 -41.13
N THR J 150 33.03 -51.94 -41.81
CA THR J 150 33.54 -50.72 -41.17
C THR J 150 32.65 -50.27 -40.02
N PHE J 151 31.35 -50.34 -40.26
CA PHE J 151 30.39 -49.93 -39.25
C PHE J 151 30.52 -50.71 -37.96
N LEU J 152 30.89 -51.97 -38.06
CA LEU J 152 30.92 -52.85 -36.90
C LEU J 152 32.30 -53.06 -36.33
N LEU J 153 33.31 -53.05 -37.18
CA LEU J 153 34.66 -53.27 -36.72
C LEU J 153 35.41 -51.97 -36.47
N PHE J 154 34.93 -50.86 -37.04
CA PHE J 154 35.62 -49.61 -36.86
C PHE J 154 34.81 -48.52 -36.21
N SER J 155 33.69 -48.16 -36.81
CA SER J 155 32.92 -47.02 -36.34
C SER J 155 32.32 -47.25 -34.97
N CYS J 156 31.68 -48.40 -34.84
CA CYS J 156 30.95 -48.73 -33.62
C CYS J 156 31.86 -48.67 -32.40
N PRO J 157 32.98 -49.40 -32.42
CA PRO J 157 33.81 -49.36 -31.22
C PRO J 157 34.49 -48.02 -31.00
N HIS J 158 34.82 -47.28 -32.06
CA HIS J 158 35.34 -45.92 -31.85
C HIS J 158 34.33 -45.04 -31.19
N ARG J 159 33.06 -45.18 -31.57
CA ARG J 159 32.01 -44.40 -30.92
C ARG J 159 31.92 -44.79 -29.44
N LEU J 160 31.91 -46.09 -29.19
CA LEU J 160 31.63 -46.58 -27.84
C LEU J 160 32.67 -46.05 -26.87
N ARG J 161 33.93 -46.11 -27.24
CA ARG J 161 34.98 -45.52 -26.41
C ARG J 161 34.75 -44.04 -26.21
N GLU J 162 34.36 -43.32 -27.26
CA GLU J 162 34.20 -41.87 -27.14
C GLU J 162 33.08 -41.53 -26.19
N HIS J 163 32.01 -42.29 -26.19
CA HIS J 163 30.91 -41.99 -25.27
C HIS J 163 31.23 -42.29 -23.83
N LEU J 164 32.04 -43.32 -23.59
CA LEU J 164 32.45 -43.65 -22.24
C LEU J 164 33.28 -42.52 -21.63
N GLU J 165 34.21 -41.96 -22.41
CA GLU J 165 35.00 -40.83 -21.93
C GLU J 165 34.10 -39.64 -21.70
N ARG J 166 33.43 -39.20 -22.73
CA ARG J 166 32.74 -37.93 -22.72
C ARG J 166 31.37 -37.98 -22.06
N GLY J 167 30.91 -39.17 -21.69
CA GLY J 167 29.61 -39.30 -21.03
C GLY J 167 29.59 -40.12 -19.75
N ARG J 168 30.71 -40.25 -19.03
CA ARG J 168 30.67 -40.86 -17.71
C ARG J 168 29.50 -40.31 -16.90
N GLY J 169 29.37 -38.98 -16.90
CA GLY J 169 28.33 -38.31 -16.09
C GLY J 169 26.99 -39.02 -16.14
N ASN J 170 26.54 -39.31 -17.35
CA ASN J 170 25.28 -40.02 -17.55
C ASN J 170 25.41 -41.49 -17.18
N LEU J 171 26.44 -42.15 -17.65
CA LEU J 171 26.50 -43.58 -17.49
C LEU J 171 26.66 -44.01 -16.03
N GLU J 172 27.37 -43.22 -15.25
CA GLU J 172 27.66 -43.61 -13.87
C GLU J 172 26.62 -43.07 -12.89
N TRP J 173 25.65 -42.31 -13.40
CA TRP J 173 24.48 -41.90 -12.61
C TRP J 173 23.96 -43.02 -11.75
N LYS J 174 23.54 -42.67 -10.54
CA LYS J 174 22.98 -43.60 -9.54
C LYS J 174 21.77 -42.93 -8.86
N GLU J 175 20.61 -43.60 -8.88
CA GLU J 175 19.42 -43.12 -8.20
C GLU J 175 18.79 -44.31 -7.46
N PRO J 176 18.80 -44.31 -6.11
CA PRO J 176 18.20 -45.40 -5.37
C PRO J 176 16.70 -45.27 -5.38
N PRO J 177 15.98 -46.38 -5.20
CA PRO J 177 14.54 -46.39 -5.34
C PRO J 177 13.81 -45.88 -4.13
N SER J 178 12.63 -45.28 -4.31
CA SER J 178 11.68 -45.11 -3.20
C SER J 178 10.90 -46.39 -3.08
N MET J 179 10.77 -46.92 -1.88
CA MET J 179 10.16 -48.24 -1.68
C MET J 179 8.84 -48.12 -0.94
N ARG J 180 7.85 -48.93 -1.31
CA ARG J 180 6.56 -49.05 -0.61
C ARG J 180 6.14 -50.49 -0.61
N LEU J 181 5.70 -50.99 0.54
CA LEU J 181 5.20 -52.36 0.70
C LEU J 181 3.80 -52.29 1.24
N LYS J 182 2.82 -52.84 0.53
CA LYS J 182 1.40 -52.69 0.91
C LYS J 182 0.58 -53.98 0.78
N ALA J 183 -0.49 -54.06 1.60
CA ALA J 183 -1.29 -55.28 1.81
C ALA J 183 -2.71 -55.15 1.24
N ARG J 184 -3.13 -56.06 0.38
CA ARG J 184 -4.33 -55.85 -0.45
C ARG J 184 -5.32 -57.03 -0.44
N PRO J 185 -6.35 -56.98 0.43
CA PRO J 185 -7.28 -58.14 0.58
C PRO J 185 -7.70 -58.72 -0.77
N SER J 186 -7.54 -60.03 -0.98
CA SER J 186 -7.84 -60.61 -2.30
C SER J 186 -8.99 -61.61 -2.28
N SER J 187 -8.79 -62.73 -1.57
CA SER J 187 -9.60 -63.94 -1.73
C SER J 187 -10.42 -64.29 -0.47
N PRO J 188 -10.87 -65.56 -0.32
CA PRO J 188 -11.29 -66.03 1.00
C PRO J 188 -10.33 -65.68 2.16
N GLY J 189 -9.44 -66.59 2.53
CA GLY J 189 -8.49 -66.36 3.63
C GLY J 189 -7.11 -65.91 3.16
N PHE J 190 -7.07 -65.13 2.08
CA PHE J 190 -5.81 -64.72 1.46
C PHE J 190 -5.72 -63.19 1.32
N SER J 191 -4.55 -62.73 0.88
CA SER J 191 -4.22 -61.31 0.72
C SER J 191 -2.91 -61.18 -0.13
N VAL J 192 -2.75 -60.08 -0.87
CA VAL J 192 -1.60 -59.88 -1.74
C VAL J 192 -0.67 -58.79 -1.19
N LEU J 193 0.58 -59.16 -0.99
CA LEU J 193 1.61 -58.19 -0.64
C LEU J 193 2.34 -57.72 -1.87
N THR J 194 2.53 -56.41 -2.00
CA THR J 194 3.19 -55.87 -3.16
C THR J 194 4.28 -54.91 -2.74
N CYS J 195 5.49 -55.31 -3.05
CA CYS J 195 6.64 -54.47 -2.84
C CYS J 195 6.92 -53.74 -4.14
N SER J 196 7.17 -52.44 -4.05
CA SER J 196 7.27 -51.61 -5.23
C SER J 196 8.49 -50.73 -5.15
N ALA J 197 9.27 -50.68 -6.22
CA ALA J 197 10.43 -49.80 -6.32
C ALA J 197 10.13 -48.71 -7.35
N PHE J 198 10.24 -47.44 -6.95
CA PHE J 198 9.97 -46.32 -7.86
C PHE J 198 11.24 -45.55 -8.18
N SER J 199 11.35 -45.12 -9.42
CA SER J 199 12.46 -44.25 -9.91
C SER J 199 13.84 -44.65 -9.49
N PHE J 200 14.41 -45.66 -10.14
CA PHE J 200 15.78 -46.07 -9.84
C PHE J 200 16.59 -46.19 -11.10
N TYR J 201 17.89 -45.96 -10.98
CA TYR J 201 18.81 -46.29 -12.04
C TYR J 201 20.05 -46.71 -11.32
N PRO J 202 20.82 -47.67 -11.87
CA PRO J 202 20.61 -48.53 -13.07
C PRO J 202 19.48 -49.52 -12.91
N PRO J 203 19.17 -50.29 -13.95
CA PRO J 203 17.93 -51.09 -13.87
C PRO J 203 18.09 -52.43 -13.14
N GLU J 204 19.32 -52.85 -12.87
CA GLU J 204 19.55 -54.08 -12.07
C GLU J 204 19.03 -53.85 -10.66
N LEU J 205 18.15 -54.73 -10.20
CA LEU J 205 17.52 -54.59 -8.88
C LEU J 205 16.77 -55.87 -8.54
N GLN J 206 16.93 -56.38 -7.32
CA GLN J 206 16.20 -57.58 -6.89
C GLN J 206 15.25 -57.26 -5.76
N LEU J 207 14.08 -57.87 -5.80
CA LEU J 207 13.14 -57.84 -4.71
C LEU J 207 12.97 -59.25 -4.17
N ARG J 208 12.93 -59.38 -2.84
CA ARG J 208 12.81 -60.65 -2.16
C ARG J 208 11.83 -60.50 -1.01
N PHE J 209 11.19 -61.59 -0.62
CA PHE J 209 10.33 -61.60 0.58
C PHE J 209 10.83 -62.47 1.71
N LEU J 210 10.85 -61.91 2.89
CA LEU J 210 11.13 -62.66 4.09
C LEU J 210 9.88 -62.76 4.94
N ARG J 211 9.74 -63.86 5.68
CA ARG J 211 8.62 -64.07 6.60
C ARG J 211 9.16 -64.50 7.95
N ASN J 212 9.32 -63.54 8.85
CA ASN J 212 10.04 -63.76 10.09
C ASN J 212 11.45 -64.20 9.73
N GLY J 213 12.12 -63.43 8.89
CA GLY J 213 13.56 -63.63 8.65
C GLY J 213 13.98 -64.78 7.75
N LEU J 214 13.02 -65.59 7.32
CA LEU J 214 13.25 -66.75 6.44
C LEU J 214 12.58 -66.51 5.08
N ALA J 215 13.18 -67.00 4.00
CA ALA J 215 12.69 -66.70 2.66
C ALA J 215 11.27 -67.22 2.41
N ALA J 216 10.44 -66.35 1.81
CA ALA J 216 9.15 -66.75 1.24
C ALA J 216 9.20 -66.72 -0.32
N GLY J 217 10.42 -66.68 -0.85
CA GLY J 217 10.69 -66.71 -2.29
C GLY J 217 10.54 -65.35 -2.93
N THR J 218 10.10 -65.36 -4.18
CA THR J 218 9.43 -64.21 -4.77
C THR J 218 8.19 -64.75 -5.41
N GLY J 219 7.24 -63.86 -5.64
CA GLY J 219 6.14 -64.18 -6.50
C GLY J 219 6.39 -63.44 -7.80
N GLN J 220 5.30 -63.06 -8.47
CA GLN J 220 5.33 -62.35 -9.75
C GLN J 220 6.13 -61.04 -9.63
N GLY J 221 7.19 -60.95 -10.43
CA GLY J 221 7.97 -59.72 -10.62
C GLY J 221 7.52 -58.98 -11.88
N ASP J 222 7.68 -57.66 -11.88
CA ASP J 222 7.25 -56.82 -12.98
C ASP J 222 8.17 -55.66 -13.01
N PHE J 223 8.46 -55.20 -14.20
CA PHE J 223 9.58 -54.32 -14.36
C PHE J 223 9.23 -53.40 -15.52
N GLY J 224 9.62 -52.14 -15.43
CA GLY J 224 9.34 -51.18 -16.50
C GLY J 224 10.12 -49.87 -16.47
N PRO J 225 9.98 -49.02 -17.49
CA PRO J 225 10.68 -47.73 -17.52
C PRO J 225 9.80 -46.54 -17.23
N ASN J 226 10.38 -45.49 -16.66
CA ASN J 226 9.70 -44.20 -16.53
C ASN J 226 10.13 -43.25 -17.65
N SER J 227 9.37 -42.17 -17.82
CA SER J 227 9.62 -41.20 -18.90
C SER J 227 11.05 -40.69 -18.99
N ASP J 228 11.82 -40.81 -17.93
CA ASP J 228 13.07 -40.08 -17.80
C ASP J 228 14.33 -40.94 -17.80
N GLY J 229 14.22 -42.18 -18.27
CA GLY J 229 15.35 -43.14 -18.26
C GLY J 229 15.50 -43.96 -16.98
N SER J 230 14.85 -43.50 -15.90
CA SER J 230 14.76 -44.28 -14.66
C SER J 230 13.86 -45.49 -14.83
N PHE J 231 13.73 -46.27 -13.77
CA PHE J 231 12.95 -47.50 -13.82
C PHE J 231 12.00 -47.70 -12.64
N HIS J 232 11.10 -48.65 -12.85
CA HIS J 232 10.11 -49.05 -11.89
C HIS J 232 10.07 -50.55 -11.77
N ALA J 233 9.91 -51.08 -10.57
CA ALA J 233 9.76 -52.54 -10.39
C ALA J 233 8.79 -52.89 -9.25
N SER J 234 8.14 -54.03 -9.35
CA SER J 234 7.27 -54.48 -8.27
C SER J 234 7.27 -55.99 -8.21
N SER J 235 7.08 -56.55 -7.02
CA SER J 235 6.93 -58.00 -6.86
C SER J 235 5.78 -58.29 -5.91
N SER J 236 5.00 -59.33 -6.21
CA SER J 236 3.77 -59.60 -5.46
C SER J 236 3.68 -61.05 -4.93
N LEU J 237 3.08 -61.21 -3.75
CA LEU J 237 3.05 -62.50 -3.06
C LEU J 237 1.70 -62.74 -2.39
N THR J 238 1.13 -63.93 -2.62
CA THR J 238 -0.10 -64.34 -1.91
C THR J 238 0.24 -64.72 -0.45
N VAL J 239 -0.68 -64.47 0.49
CA VAL J 239 -0.35 -64.59 1.90
C VAL J 239 -1.59 -64.65 2.80
N LYS J 240 -1.60 -65.58 3.77
CA LYS J 240 -2.68 -65.73 4.77
C LYS J 240 -3.12 -64.38 5.38
N SER J 241 -4.41 -64.07 5.26
CA SER J 241 -4.95 -62.84 5.86
C SER J 241 -4.71 -62.80 7.37
N GLY J 242 -4.39 -61.62 7.91
CA GLY J 242 -4.02 -61.50 9.31
C GLY J 242 -2.59 -61.87 9.64
N ASP J 243 -1.91 -62.59 8.74
CA ASP J 243 -0.49 -62.91 8.91
C ASP J 243 0.44 -61.92 8.17
N GLU J 244 -0.09 -60.74 7.84
CA GLU J 244 0.59 -59.81 6.95
C GLU J 244 1.77 -59.12 7.60
N HIS J 245 1.64 -58.68 8.85
CA HIS J 245 2.66 -57.84 9.48
C HIS J 245 3.88 -58.63 9.85
N HIS J 246 3.88 -59.92 9.51
CA HIS J 246 5.03 -60.79 9.71
C HIS J 246 6.02 -60.73 8.56
N TYR J 247 5.54 -60.40 7.36
CA TYR J 247 6.41 -60.30 6.18
C TYR J 247 7.05 -58.96 6.01
N CYS J 248 8.32 -58.95 5.63
CA CYS J 248 8.95 -57.74 5.12
C CYS J 248 9.51 -58.05 3.74
N CYS J 249 10.18 -57.06 3.12
CA CYS J 249 10.65 -57.15 1.74
C CYS J 249 12.05 -56.55 1.66
N ILE J 250 13.00 -57.27 1.05
CA ILE J 250 14.39 -56.79 0.96
C ILE J 250 14.73 -56.43 -0.47
N VAL J 251 15.44 -55.30 -0.64
CA VAL J 251 15.78 -54.81 -1.98
C VAL J 251 17.28 -54.54 -2.15
N GLN J 252 17.89 -55.17 -3.15
CA GLN J 252 19.31 -54.96 -3.52
C GLN J 252 19.37 -54.02 -4.69
N HIS J 253 20.38 -53.16 -4.72
CA HIS J 253 20.55 -52.23 -5.82
C HIS J 253 21.80 -51.42 -5.69
N ALA J 254 22.59 -51.38 -6.75
CA ALA J 254 23.86 -50.59 -6.78
C ALA J 254 23.81 -49.18 -6.14
N GLY J 255 22.65 -48.53 -6.14
CA GLY J 255 22.50 -47.19 -5.51
C GLY J 255 22.23 -47.15 -4.02
N LEU J 256 22.42 -48.29 -3.34
CA LEU J 256 22.19 -48.40 -1.89
C LEU J 256 23.45 -49.01 -1.23
N ALA J 257 24.02 -48.32 -0.21
CA ALA J 257 25.27 -48.76 0.44
C ALA J 257 25.13 -50.20 0.94
N GLN J 258 23.93 -50.55 1.44
CA GLN J 258 23.59 -51.95 1.77
C GLN J 258 22.11 -52.20 1.52
N PRO J 259 21.75 -53.48 1.33
CA PRO J 259 20.37 -53.90 1.05
C PRO J 259 19.39 -53.30 2.02
N LEU J 260 18.21 -52.94 1.57
CA LEU J 260 17.25 -52.23 2.42
C LEU J 260 16.14 -53.16 2.85
N ARG J 261 15.90 -53.22 4.16
CA ARG J 261 14.78 -53.98 4.70
C ARG J 261 13.62 -53.03 4.70
N VAL J 262 12.53 -53.43 4.06
CA VAL J 262 11.38 -52.57 3.86
C VAL J 262 10.14 -53.08 4.58
N GLU J 263 9.77 -52.39 5.65
CA GLU J 263 8.62 -52.77 6.49
C GLU J 263 7.27 -52.44 5.84
N LEU J 264 6.17 -52.93 6.42
CA LEU J 264 4.83 -52.77 5.84
C LEU J 264 4.07 -51.52 6.37
N ILE K 1 6.13 -64.48 -34.16
CA ILE K 1 5.45 -64.27 -35.47
C ILE K 1 4.14 -63.53 -35.32
N GLN K 2 3.50 -63.59 -34.16
CA GLN K 2 2.41 -62.68 -33.75
C GLN K 2 2.18 -62.78 -32.24
N ARG K 3 2.54 -61.74 -31.50
CA ARG K 3 2.58 -61.78 -30.03
C ARG K 3 1.65 -60.77 -29.37
N THR K 4 1.12 -61.14 -28.22
CA THR K 4 0.11 -60.34 -27.58
C THR K 4 0.72 -59.46 -26.48
N PRO K 5 0.21 -58.22 -26.34
CA PRO K 5 0.91 -57.29 -25.45
C PRO K 5 0.80 -57.61 -23.97
N LYS K 6 1.76 -57.07 -23.21
CA LYS K 6 1.74 -57.09 -21.78
C LYS K 6 1.63 -55.65 -21.32
N ILE K 7 0.57 -55.37 -20.57
CA ILE K 7 0.26 -54.01 -20.15
C ILE K 7 0.51 -53.81 -18.66
N GLN K 8 1.51 -53.00 -18.29
CA GLN K 8 1.69 -52.55 -16.90
C GLN K 8 1.27 -51.08 -16.73
N VAL K 9 0.59 -50.74 -15.63
CA VAL K 9 0.33 -49.33 -15.27
C VAL K 9 0.87 -49.02 -13.88
N TYR K 10 1.64 -47.93 -13.79
CA TYR K 10 2.27 -47.57 -12.53
C TYR K 10 2.57 -46.07 -12.56
N SER K 11 2.58 -45.44 -11.40
CA SER K 11 2.98 -44.04 -11.30
C SER K 11 4.49 -44.00 -11.22
N ARG K 12 5.06 -42.86 -11.55
CA ARG K 12 6.49 -42.76 -11.57
C ARG K 12 7.07 -42.73 -10.19
N HIS K 13 6.39 -41.97 -9.32
CA HIS K 13 6.71 -41.85 -7.92
C HIS K 13 5.61 -42.43 -7.10
N PRO K 14 5.91 -42.78 -5.84
CA PRO K 14 4.81 -43.34 -5.06
C PRO K 14 3.65 -42.37 -4.99
N ALA K 15 2.43 -42.88 -5.12
CA ALA K 15 1.22 -42.06 -5.22
C ALA K 15 0.96 -41.32 -3.93
N GLU K 16 0.94 -39.99 -3.97
CA GLU K 16 0.45 -39.19 -2.83
C GLU K 16 -0.60 -38.19 -3.31
N ASN K 17 -1.82 -38.33 -2.77
CA ASN K 17 -2.95 -37.48 -3.18
C ASN K 17 -2.62 -36.01 -3.06
N GLY K 18 -2.95 -35.25 -4.10
CA GLY K 18 -2.71 -33.81 -4.08
C GLY K 18 -1.32 -33.36 -4.48
N LYS K 19 -0.36 -34.28 -4.56
CA LYS K 19 0.99 -33.96 -5.05
C LYS K 19 1.21 -34.41 -6.52
N SER K 20 1.95 -33.60 -7.28
CA SER K 20 2.16 -33.85 -8.71
C SER K 20 3.06 -35.04 -9.03
N ASN K 21 2.70 -35.78 -10.08
CA ASN K 21 3.32 -37.05 -10.39
C ASN K 21 3.23 -37.29 -11.90
N PHE K 22 3.63 -38.48 -12.34
CA PHE K 22 3.39 -38.95 -13.71
C PHE K 22 2.75 -40.32 -13.63
N LEU K 23 1.81 -40.59 -14.52
CA LEU K 23 1.26 -41.92 -14.66
C LEU K 23 1.87 -42.52 -15.93
N ASN K 24 2.45 -43.72 -15.82
CA ASN K 24 2.98 -44.43 -16.97
C ASN K 24 2.03 -45.58 -17.34
N CYS K 25 1.97 -45.86 -18.64
CA CYS K 25 1.45 -47.12 -19.17
C CYS K 25 2.54 -47.71 -20.08
N TYR K 26 2.91 -48.97 -19.81
CA TYR K 26 4.02 -49.64 -20.47
C TYR K 26 3.58 -50.91 -21.21
N VAL K 27 3.28 -50.75 -22.50
CA VAL K 27 2.89 -51.86 -23.36
C VAL K 27 4.15 -52.52 -23.93
N SER K 28 4.24 -53.85 -23.83
CA SER K 28 5.51 -54.53 -24.09
C SER K 28 5.33 -55.98 -24.55
N GLY K 29 6.32 -56.49 -25.29
CA GLY K 29 6.35 -57.89 -25.69
C GLY K 29 5.43 -58.28 -26.85
N PHE K 30 5.08 -57.29 -27.67
CA PHE K 30 4.12 -57.49 -28.74
C PHE K 30 4.75 -57.45 -30.12
N HIS K 31 4.01 -58.02 -31.07
CA HIS K 31 4.45 -58.11 -32.46
C HIS K 31 3.23 -58.36 -33.27
N PRO K 32 3.04 -57.63 -34.37
CA PRO K 32 3.83 -56.60 -34.98
C PRO K 32 3.63 -55.21 -34.35
N SER K 33 4.27 -54.20 -34.92
CA SER K 33 4.48 -52.90 -34.29
C SER K 33 3.29 -51.96 -34.15
N ASP K 34 2.23 -52.16 -34.92
CA ASP K 34 1.05 -51.29 -34.80
C ASP K 34 0.27 -51.48 -33.51
N ILE K 35 0.00 -50.40 -32.80
CA ILE K 35 -0.67 -50.49 -31.51
C ILE K 35 -1.37 -49.15 -31.20
N GLU K 36 -2.54 -49.18 -30.58
CA GLU K 36 -3.22 -47.96 -30.13
C GLU K 36 -3.29 -47.98 -28.63
N VAL K 37 -2.70 -46.99 -27.97
CA VAL K 37 -2.69 -46.93 -26.52
C VAL K 37 -3.28 -45.60 -26.10
N ASP K 38 -4.32 -45.67 -25.28
CA ASP K 38 -4.98 -44.49 -24.71
C ASP K 38 -5.02 -44.58 -23.20
N LEU K 39 -4.69 -43.47 -22.56
CA LEU K 39 -4.79 -43.36 -21.12
C LEU K 39 -6.19 -42.85 -20.76
N LEU K 40 -6.81 -43.41 -19.74
CA LEU K 40 -8.17 -43.03 -19.31
C LEU K 40 -8.18 -42.37 -17.92
N LYS K 41 -8.77 -41.17 -17.82
CA LYS K 41 -9.19 -40.61 -16.51
C LYS K 41 -10.69 -40.84 -16.36
N ASN K 42 -11.07 -41.56 -15.30
CA ASN K 42 -12.48 -41.83 -14.99
C ASN K 42 -13.24 -42.21 -16.26
N GLY K 43 -12.72 -43.21 -16.96
CA GLY K 43 -13.40 -43.72 -18.14
C GLY K 43 -13.23 -42.90 -19.42
N GLU K 44 -12.75 -41.67 -19.35
CA GLU K 44 -12.57 -40.89 -20.59
C GLU K 44 -11.13 -40.46 -20.86
N ARG K 45 -10.76 -40.44 -22.13
CA ARG K 45 -9.34 -40.34 -22.54
C ARG K 45 -8.71 -38.96 -22.28
N ILE K 46 -7.46 -38.95 -21.84
CA ILE K 46 -6.70 -37.70 -21.62
C ILE K 46 -6.03 -37.26 -22.91
N GLU K 47 -5.90 -35.95 -23.11
CA GLU K 47 -5.35 -35.47 -24.39
C GLU K 47 -3.92 -34.92 -24.28
N LYS K 48 -3.39 -34.76 -23.05
CA LYS K 48 -1.98 -34.32 -22.89
C LYS K 48 -1.01 -35.51 -22.64
N VAL K 49 -1.27 -36.60 -23.35
CA VAL K 49 -0.50 -37.83 -23.21
C VAL K 49 0.69 -37.82 -24.14
N GLU K 50 1.89 -37.79 -23.59
CA GLU K 50 3.11 -37.96 -24.39
C GLU K 50 3.55 -39.43 -24.41
N HIS K 51 4.42 -39.81 -25.33
CA HIS K 51 4.84 -41.20 -25.45
C HIS K 51 6.17 -41.35 -26.09
N SER K 52 6.88 -42.41 -25.71
CA SER K 52 8.27 -42.63 -26.16
C SER K 52 8.40 -43.23 -27.54
N ASP K 53 9.64 -43.32 -28.01
CA ASP K 53 9.95 -44.00 -29.27
C ASP K 53 9.57 -45.48 -29.25
N LEU K 54 9.00 -45.96 -30.35
CA LEU K 54 8.77 -47.39 -30.55
C LEU K 54 10.12 -48.12 -30.61
N SER K 55 10.35 -49.04 -29.67
CA SER K 55 11.61 -49.79 -29.62
C SER K 55 11.37 -51.30 -29.41
N PHE K 56 12.45 -52.08 -29.41
CA PHE K 56 12.34 -53.53 -29.21
C PHE K 56 13.42 -54.15 -28.35
N SER K 57 13.16 -55.35 -27.87
CA SER K 57 14.02 -56.02 -26.90
C SER K 57 14.84 -57.13 -27.51
N LYS K 58 15.77 -57.64 -26.70
CA LYS K 58 16.56 -58.80 -27.06
C LYS K 58 15.76 -59.83 -27.83
N ASP K 59 14.51 -60.11 -27.44
CA ASP K 59 13.77 -61.16 -28.14
C ASP K 59 12.96 -60.66 -29.35
N TRP K 60 13.33 -59.48 -29.83
CA TRP K 60 12.66 -58.82 -30.94
C TRP K 60 11.27 -58.31 -30.72
N SER K 61 10.68 -58.57 -29.57
CA SER K 61 9.34 -58.06 -29.39
C SER K 61 9.40 -56.57 -29.11
N PHE K 62 8.41 -55.84 -29.61
CA PHE K 62 8.35 -54.39 -29.45
C PHE K 62 7.82 -53.98 -28.09
N TYR K 63 8.10 -52.71 -27.75
CA TYR K 63 7.61 -52.07 -26.52
C TYR K 63 7.54 -50.55 -26.62
N LEU K 64 6.83 -49.94 -25.69
CA LEU K 64 6.39 -48.57 -25.83
C LEU K 64 5.95 -48.03 -24.47
N LEU K 65 6.31 -46.78 -24.17
CA LEU K 65 5.87 -46.12 -22.93
C LEU K 65 4.96 -44.93 -23.25
N TYR K 66 3.70 -44.98 -22.78
CA TYR K 66 2.84 -43.80 -22.81
C TYR K 66 2.78 -43.25 -21.41
N TYR K 67 2.77 -41.93 -21.27
CA TYR K 67 2.81 -41.32 -19.96
C TYR K 67 2.23 -39.92 -19.96
N THR K 68 1.62 -39.55 -18.84
CA THR K 68 0.99 -38.25 -18.67
C THR K 68 1.36 -37.72 -17.30
N GLU K 69 1.49 -36.40 -17.19
CA GLU K 69 1.59 -35.76 -15.88
C GLU K 69 0.19 -35.68 -15.29
N PHE K 70 0.10 -35.73 -13.97
CA PHE K 70 -1.18 -35.76 -13.30
C PHE K 70 -1.00 -35.61 -11.81
N THR K 71 -2.04 -35.15 -11.15
CA THR K 71 -2.07 -35.11 -9.70
C THR K 71 -3.23 -35.98 -9.20
N PRO K 72 -2.90 -37.15 -8.65
CA PRO K 72 -3.95 -38.06 -8.23
C PRO K 72 -4.76 -37.46 -7.11
N THR K 73 -6.02 -37.82 -7.06
CA THR K 73 -6.84 -37.47 -5.93
C THR K 73 -7.47 -38.78 -5.48
N GLU K 74 -8.03 -38.79 -4.28
CA GLU K 74 -8.58 -40.01 -3.71
C GLU K 74 -9.69 -40.58 -4.58
N LYS K 75 -10.49 -39.71 -5.16
CA LYS K 75 -11.70 -40.10 -5.89
C LYS K 75 -11.40 -40.67 -7.28
N ASP K 76 -10.50 -39.98 -7.98
CA ASP K 76 -10.15 -40.30 -9.37
C ASP K 76 -9.68 -41.75 -9.64
N GLU K 77 -10.14 -42.32 -10.75
CA GLU K 77 -9.73 -43.65 -11.21
C GLU K 77 -9.12 -43.60 -12.60
N TYR K 78 -7.97 -44.23 -12.77
CA TYR K 78 -7.28 -44.24 -14.05
C TYR K 78 -7.19 -45.65 -14.63
N ALA K 79 -6.90 -45.73 -15.91
CA ALA K 79 -6.75 -47.03 -16.59
C ALA K 79 -6.05 -46.87 -17.93
N CYS K 80 -5.53 -47.95 -18.48
CA CYS K 80 -4.85 -47.92 -19.77
C CYS K 80 -5.61 -48.77 -20.74
N ARG K 81 -5.86 -48.24 -21.93
CA ARG K 81 -6.59 -48.99 -22.95
C ARG K 81 -5.80 -49.18 -24.25
N VAL K 82 -5.60 -50.45 -24.60
CA VAL K 82 -4.72 -50.87 -25.69
C VAL K 82 -5.50 -51.66 -26.76
N ASN K 83 -5.36 -51.30 -28.04
CA ASN K 83 -5.82 -52.17 -29.14
C ASN K 83 -4.60 -52.63 -29.96
N HIS K 84 -4.70 -53.83 -30.52
CA HIS K 84 -3.61 -54.46 -31.28
C HIS K 84 -4.12 -55.63 -32.09
N VAL K 85 -3.49 -55.89 -33.24
CA VAL K 85 -3.93 -56.97 -34.13
C VAL K 85 -4.35 -58.21 -33.35
N THR K 86 -3.62 -58.58 -32.29
CA THR K 86 -3.91 -59.81 -31.54
C THR K 86 -5.04 -59.75 -30.47
N LEU K 87 -5.79 -58.65 -30.40
CA LEU K 87 -6.80 -58.49 -29.34
C LEU K 87 -8.21 -58.34 -29.92
N SER K 88 -9.08 -59.27 -29.53
CA SER K 88 -10.51 -59.27 -29.89
C SER K 88 -11.11 -57.89 -29.86
N GLN K 89 -10.78 -57.14 -28.82
CA GLN K 89 -11.36 -55.83 -28.59
C GLN K 89 -10.48 -55.13 -27.58
N PRO K 90 -10.49 -53.78 -27.56
CA PRO K 90 -9.62 -53.04 -26.65
C PRO K 90 -9.51 -53.71 -25.28
N LYS K 91 -8.30 -53.87 -24.78
CA LYS K 91 -8.12 -54.35 -23.43
C LYS K 91 -7.87 -53.14 -22.57
N ILE K 92 -8.48 -53.14 -21.38
CA ILE K 92 -8.37 -52.05 -20.41
C ILE K 92 -7.72 -52.60 -19.13
N VAL K 93 -6.68 -51.92 -18.66
CA VAL K 93 -6.04 -52.29 -17.40
C VAL K 93 -6.17 -51.15 -16.42
N LYS K 94 -6.59 -51.48 -15.20
CA LYS K 94 -6.90 -50.49 -14.20
C LYS K 94 -5.63 -50.25 -13.44
N TRP K 95 -5.42 -49.01 -13.03
CA TRP K 95 -4.20 -48.66 -12.30
C TRP K 95 -4.28 -49.05 -10.86
N ASP K 96 -3.68 -50.18 -10.51
CA ASP K 96 -3.55 -50.55 -9.10
C ASP K 96 -2.62 -49.55 -8.44
N ARG K 97 -3.09 -48.91 -7.39
CA ARG K 97 -2.31 -47.94 -6.60
C ARG K 97 -0.96 -48.42 -6.02
N ASP K 98 -0.87 -49.72 -5.70
CA ASP K 98 0.27 -50.28 -4.96
C ASP K 98 1.52 -50.51 -5.79
N MET K 99 1.33 -50.73 -7.08
CA MET K 99 2.35 -51.34 -7.93
C MET K 99 3.15 -50.35 -8.77
N HIS L 3 66.00 -41.45 -66.95
CA HIS L 3 66.42 -42.31 -65.81
C HIS L 3 65.44 -43.45 -65.61
N LYS L 4 65.96 -44.65 -65.39
CA LYS L 4 65.12 -45.83 -65.21
C LYS L 4 64.32 -45.83 -63.90
N SER L 5 64.87 -45.23 -62.84
CA SER L 5 64.28 -45.31 -61.50
C SER L 5 63.88 -43.96 -60.98
N GLU L 6 62.61 -43.78 -60.64
CA GLU L 6 62.14 -42.50 -60.08
C GLU L 6 62.59 -42.35 -58.62
N VAL L 7 62.57 -43.42 -57.85
CA VAL L 7 63.01 -43.29 -56.46
C VAL L 7 64.43 -42.76 -56.42
N ALA L 8 65.25 -43.26 -57.34
CA ALA L 8 66.65 -42.87 -57.44
C ALA L 8 66.74 -41.38 -57.70
N HIS L 9 66.08 -40.93 -58.77
CA HIS L 9 66.10 -39.52 -59.20
C HIS L 9 65.83 -38.58 -58.06
N ARG L 10 64.72 -38.79 -57.35
CA ARG L 10 64.30 -37.87 -56.29
C ARG L 10 65.33 -37.83 -55.19
N PHE L 11 65.73 -39.00 -54.71
CA PHE L 11 66.73 -39.10 -53.66
C PHE L 11 67.97 -38.28 -53.97
N LYS L 12 68.46 -38.43 -55.21
CA LYS L 12 69.60 -37.66 -55.70
C LYS L 12 69.32 -36.18 -55.57
N ASP L 13 68.23 -35.74 -56.21
CA ASP L 13 67.86 -34.31 -56.30
C ASP L 13 67.62 -33.67 -54.94
N LEU L 14 66.83 -34.32 -54.12
CA LEU L 14 66.35 -33.71 -52.89
C LEU L 14 67.40 -33.80 -51.81
N GLY L 15 68.30 -34.77 -51.97
CA GLY L 15 69.26 -35.10 -50.92
C GLY L 15 68.62 -35.97 -49.86
N GLU L 16 69.43 -36.69 -49.10
CA GLU L 16 68.93 -37.69 -48.17
C GLU L 16 68.02 -37.10 -47.08
N GLU L 17 68.43 -35.99 -46.49
CA GLU L 17 67.72 -35.53 -45.29
C GLU L 17 66.30 -35.04 -45.57
N ASN L 18 66.13 -34.34 -46.69
CA ASN L 18 64.83 -33.86 -47.15
C ASN L 18 63.94 -35.05 -47.57
N PHE L 19 64.55 -36.01 -48.25
CA PHE L 19 63.88 -37.24 -48.67
C PHE L 19 63.20 -37.93 -47.49
N LYS L 20 63.99 -38.24 -46.48
CA LYS L 20 63.51 -38.94 -45.30
C LYS L 20 62.40 -38.15 -44.66
N ALA L 21 62.51 -36.83 -44.69
CA ALA L 21 61.45 -36.01 -44.11
C ALA L 21 60.19 -36.11 -44.93
N LEU L 22 60.32 -35.92 -46.24
CA LEU L 22 59.16 -35.94 -47.10
C LEU L 22 58.43 -37.28 -47.06
N VAL L 23 59.19 -38.36 -47.07
CA VAL L 23 58.59 -39.67 -46.94
C VAL L 23 57.84 -39.78 -45.63
N LEU L 24 58.43 -39.30 -44.54
CA LEU L 24 57.78 -39.39 -43.22
C LEU L 24 56.52 -38.59 -43.24
N ILE L 25 56.55 -37.47 -43.93
CA ILE L 25 55.32 -36.68 -44.11
C ILE L 25 54.35 -37.56 -44.86
N ALA L 26 54.77 -38.09 -46.01
CA ALA L 26 53.88 -38.88 -46.82
C ALA L 26 53.08 -39.84 -45.95
N PHE L 27 53.76 -40.65 -45.16
CA PHE L 27 53.09 -41.71 -44.41
C PHE L 27 52.20 -41.15 -43.31
N ALA L 28 52.69 -40.13 -42.61
CA ALA L 28 51.87 -39.46 -41.60
C ALA L 28 50.55 -39.01 -42.20
N GLN L 29 50.61 -38.36 -43.36
CA GLN L 29 49.41 -37.82 -43.97
C GLN L 29 48.39 -38.93 -44.34
N TYR L 30 48.86 -40.07 -44.84
CA TYR L 30 47.95 -41.19 -45.16
C TYR L 30 47.49 -41.97 -43.92
N LEU L 31 48.45 -42.43 -43.11
CA LEU L 31 48.15 -43.24 -41.94
C LEU L 31 48.25 -42.39 -40.69
N GLN L 32 47.16 -41.70 -40.36
CA GLN L 32 47.21 -40.69 -39.31
C GLN L 32 47.32 -41.20 -37.86
N GLN L 33 47.17 -42.51 -37.61
CA GLN L 33 47.13 -43.03 -36.22
C GLN L 33 48.16 -44.14 -35.90
N CYS L 34 48.75 -44.73 -36.93
CA CYS L 34 49.96 -45.54 -36.79
C CYS L 34 50.88 -44.74 -35.85
N PRO L 35 51.30 -45.32 -34.71
CA PRO L 35 52.28 -44.71 -33.81
C PRO L 35 53.58 -44.32 -34.50
N PHE L 36 54.25 -43.35 -33.92
CA PHE L 36 55.44 -42.76 -34.53
C PHE L 36 56.54 -43.78 -34.91
N GLU L 37 56.79 -44.71 -34.02
CA GLU L 37 57.95 -45.61 -34.14
C GLU L 37 57.85 -46.38 -35.45
N ASP L 38 56.61 -46.76 -35.75
CA ASP L 38 56.24 -47.56 -36.94
C ASP L 38 56.56 -46.83 -38.25
N HIS L 39 56.14 -45.58 -38.33
CA HIS L 39 56.46 -44.73 -39.47
C HIS L 39 57.93 -44.67 -39.69
N VAL L 40 58.68 -44.53 -38.60
CA VAL L 40 60.13 -44.44 -38.73
C VAL L 40 60.68 -45.73 -39.36
N LYS L 41 60.14 -46.89 -38.98
CA LYS L 41 60.60 -48.15 -39.59
C LYS L 41 60.28 -48.12 -41.08
N LEU L 42 59.04 -47.77 -41.39
CA LEU L 42 58.58 -47.65 -42.79
C LEU L 42 59.43 -46.66 -43.57
N VAL L 43 59.69 -45.48 -43.00
CA VAL L 43 60.49 -44.48 -43.69
C VAL L 43 61.88 -45.02 -43.94
N ASN L 44 62.44 -45.64 -42.91
CA ASN L 44 63.80 -46.15 -42.98
C ASN L 44 63.92 -47.31 -43.97
N GLU L 45 62.88 -48.12 -44.06
CA GLU L 45 62.82 -49.17 -45.08
C GLU L 45 62.84 -48.58 -46.49
N VAL L 46 61.96 -47.61 -46.76
CA VAL L 46 61.86 -46.96 -48.09
C VAL L 46 63.16 -46.24 -48.45
N THR L 47 63.78 -45.58 -47.47
CA THR L 47 65.06 -44.93 -47.71
C THR L 47 66.08 -45.94 -48.17
N GLU L 48 66.25 -46.98 -47.36
CA GLU L 48 67.28 -47.99 -47.57
C GLU L 48 67.08 -48.71 -48.90
N PHE L 49 65.83 -48.92 -49.28
CA PHE L 49 65.51 -49.40 -50.61
C PHE L 49 66.02 -48.42 -51.67
N ALA L 50 65.78 -47.13 -51.43
CA ALA L 50 66.20 -46.11 -52.37
C ALA L 50 67.71 -46.14 -52.56
N LYS L 51 68.46 -46.23 -51.47
CA LYS L 51 69.92 -46.22 -51.54
C LYS L 51 70.48 -47.31 -52.47
N THR L 52 69.74 -48.41 -52.56
CA THR L 52 70.11 -49.53 -53.40
C THR L 52 69.77 -49.31 -54.89
N CYS L 53 69.08 -48.20 -55.21
CA CYS L 53 68.82 -47.82 -56.60
C CYS L 53 69.71 -46.65 -57.01
N VAL L 54 70.04 -45.78 -56.05
CA VAL L 54 71.09 -44.79 -56.25
C VAL L 54 72.36 -45.57 -56.57
N ALA L 55 72.55 -46.74 -55.92
CA ALA L 55 73.65 -47.67 -56.23
C ALA L 55 73.50 -48.33 -57.62
N ASP L 56 72.46 -49.13 -57.84
CA ASP L 56 72.22 -49.75 -59.16
C ASP L 56 70.77 -49.51 -59.63
N GLU L 57 70.61 -48.64 -60.63
CA GLU L 57 69.28 -48.23 -61.14
C GLU L 57 68.46 -49.34 -61.83
N SER L 58 69.07 -50.49 -62.09
CA SER L 58 68.35 -51.61 -62.68
C SER L 58 68.03 -52.70 -61.67
N ALA L 59 68.48 -52.54 -60.42
CA ALA L 59 68.25 -53.52 -59.34
C ALA L 59 66.78 -53.85 -59.15
N GLU L 60 66.50 -54.99 -58.49
CA GLU L 60 65.12 -55.52 -58.32
C GLU L 60 64.12 -54.49 -57.80
N ASN L 61 63.10 -54.18 -58.62
CA ASN L 61 61.98 -53.32 -58.25
C ASN L 61 62.13 -51.79 -58.44
N CYS L 62 63.34 -51.29 -58.71
CA CYS L 62 63.57 -49.83 -58.77
C CYS L 62 62.84 -49.14 -59.92
N ASP L 63 62.37 -49.93 -60.88
CA ASP L 63 61.59 -49.41 -61.99
C ASP L 63 60.18 -48.95 -61.60
N LYS L 64 59.67 -49.44 -60.49
CA LYS L 64 58.28 -49.17 -60.07
C LYS L 64 58.03 -47.69 -59.79
N SER L 65 56.77 -47.29 -59.94
CA SER L 65 56.38 -45.92 -59.68
C SER L 65 56.32 -45.71 -58.17
N LEU L 66 56.42 -44.44 -57.77
CA LEU L 66 56.39 -44.07 -56.36
C LEU L 66 55.07 -44.49 -55.73
N HIS L 67 53.99 -44.41 -56.49
CA HIS L 67 52.69 -44.84 -55.96
C HIS L 67 52.63 -46.32 -55.67
N THR L 68 53.13 -47.16 -56.58
CA THR L 68 53.18 -48.59 -56.31
C THR L 68 54.00 -48.88 -55.03
N LEU L 69 55.13 -48.20 -54.85
CA LEU L 69 56.02 -48.50 -53.72
C LEU L 69 55.47 -48.06 -52.37
N PHE L 70 54.92 -46.85 -52.34
CA PHE L 70 54.28 -46.30 -51.15
C PHE L 70 52.97 -47.05 -50.86
N GLY L 71 52.23 -47.39 -51.91
CA GLY L 71 51.11 -48.34 -51.79
C GLY L 71 51.51 -49.70 -51.21
N ASP L 72 52.25 -50.49 -51.97
CA ASP L 72 52.76 -51.77 -51.47
C ASP L 72 53.03 -51.70 -49.97
N LYS L 73 53.71 -50.63 -49.55
CA LYS L 73 54.15 -50.48 -48.17
C LYS L 73 53.03 -50.18 -47.18
N LEU L 74 52.04 -49.40 -47.60
CA LEU L 74 50.92 -49.02 -46.70
C LEU L 74 50.00 -50.19 -46.41
N CYS L 75 49.97 -51.13 -47.34
CA CYS L 75 49.22 -52.36 -47.17
C CYS L 75 49.97 -53.40 -46.32
N THR L 76 51.22 -53.11 -45.94
CA THR L 76 51.88 -53.79 -44.82
C THR L 76 50.97 -53.88 -43.59
N VAL L 77 50.46 -52.73 -43.14
CA VAL L 77 49.51 -52.68 -42.03
C VAL L 77 48.13 -53.05 -42.60
N ALA L 78 47.72 -54.32 -42.48
CA ALA L 78 46.41 -54.79 -43.01
C ALA L 78 45.24 -54.50 -42.04
N THR L 79 45.55 -54.45 -40.72
CA THR L 79 44.55 -54.13 -39.64
C THR L 79 43.69 -52.96 -40.03
N LEU L 80 44.32 -52.05 -40.79
CA LEU L 80 43.73 -50.78 -41.26
C LEU L 80 42.27 -50.58 -40.84
N ARG L 81 41.42 -51.55 -41.19
CA ARG L 81 40.00 -51.45 -40.92
C ARG L 81 39.72 -51.24 -39.45
N GLU L 82 40.32 -52.07 -38.62
CA GLU L 82 40.07 -52.03 -37.18
C GLU L 82 40.50 -50.69 -36.61
N THR L 83 41.54 -50.10 -37.18
CA THR L 83 42.11 -48.85 -36.65
C THR L 83 41.89 -47.58 -37.55
N TYR L 84 41.41 -47.73 -38.80
CA TYR L 84 41.12 -46.60 -39.76
C TYR L 84 39.77 -46.63 -40.52
N GLY L 85 39.27 -47.80 -40.86
CA GLY L 85 37.96 -47.89 -41.50
C GLY L 85 38.06 -48.01 -42.98
N GLU L 86 37.19 -47.35 -43.72
CA GLU L 86 37.08 -47.58 -45.17
C GLU L 86 38.40 -47.47 -45.96
N MET L 87 39.49 -47.13 -45.27
CA MET L 87 40.86 -47.21 -45.81
C MET L 87 41.21 -48.62 -46.32
N ALA L 88 40.83 -49.65 -45.57
CA ALA L 88 41.19 -51.04 -45.88
C ALA L 88 40.67 -51.47 -47.24
N ASP L 89 39.45 -51.02 -47.56
CA ASP L 89 38.83 -51.21 -48.87
C ASP L 89 39.78 -50.89 -50.01
N CYS L 90 40.78 -50.04 -49.74
CA CYS L 90 41.68 -49.57 -50.79
C CYS L 90 42.76 -50.57 -51.09
N CYS L 91 43.23 -51.29 -50.08
CA CYS L 91 44.25 -52.30 -50.34
C CYS L 91 43.72 -53.41 -51.27
N ALA L 92 42.40 -53.56 -51.32
CA ALA L 92 41.72 -54.38 -52.33
C ALA L 92 42.10 -54.03 -53.79
N LYS L 93 42.26 -52.74 -54.10
CA LYS L 93 42.41 -52.27 -55.47
C LYS L 93 43.86 -52.27 -55.96
N GLN L 94 44.01 -51.97 -57.25
CA GLN L 94 45.30 -51.83 -57.90
C GLN L 94 45.47 -50.43 -58.46
N GLU L 95 46.72 -50.01 -58.61
CA GLU L 95 47.04 -48.69 -59.16
C GLU L 95 46.40 -48.58 -60.53
N PRO L 96 45.88 -47.39 -60.88
CA PRO L 96 45.86 -46.11 -60.19
C PRO L 96 44.63 -45.87 -59.30
N GLU L 97 43.59 -46.69 -59.40
CA GLU L 97 42.37 -46.53 -58.60
C GLU L 97 42.69 -46.52 -57.10
N ARG L 98 43.76 -47.22 -56.76
CA ARG L 98 44.17 -47.41 -55.38
C ARG L 98 44.58 -46.11 -54.71
N ASN L 99 45.45 -45.35 -55.35
CA ASN L 99 45.86 -44.05 -54.83
C ASN L 99 44.71 -43.04 -54.72
N GLU L 100 43.71 -43.10 -55.62
CA GLU L 100 42.56 -42.18 -55.60
C GLU L 100 41.77 -42.48 -54.35
N CYS L 101 41.78 -43.76 -53.99
CA CYS L 101 41.08 -44.26 -52.84
C CYS L 101 41.74 -43.66 -51.61
N PHE L 102 43.03 -43.92 -51.45
CA PHE L 102 43.77 -43.40 -50.31
C PHE L 102 43.60 -41.90 -50.14
N LEU L 103 43.47 -41.18 -51.25
CA LEU L 103 43.28 -39.72 -51.24
C LEU L 103 41.92 -39.28 -50.76
N GLN L 104 40.86 -40.02 -51.12
CA GLN L 104 39.52 -39.74 -50.60
C GLN L 104 39.45 -39.96 -49.10
N HIS L 105 40.25 -40.92 -48.61
CA HIS L 105 40.18 -41.32 -47.20
C HIS L 105 41.31 -40.76 -46.38
N LYS L 106 41.57 -39.48 -46.57
CA LYS L 106 42.36 -38.70 -45.65
C LYS L 106 41.37 -37.77 -45.01
N ASP L 107 41.46 -37.59 -43.69
CA ASP L 107 40.63 -36.56 -43.02
C ASP L 107 39.14 -36.81 -43.31
N ASP L 108 38.74 -38.07 -43.18
CA ASP L 108 37.38 -38.42 -42.83
C ASP L 108 37.30 -38.03 -41.36
N ASN L 109 38.35 -38.42 -40.62
CA ASN L 109 38.51 -38.04 -39.23
C ASN L 109 39.46 -36.85 -39.11
N PRO L 110 38.93 -35.60 -39.12
CA PRO L 110 39.87 -34.61 -38.61
C PRO L 110 40.07 -34.98 -37.16
N ASN L 111 38.94 -35.22 -36.49
CA ASN L 111 38.77 -35.12 -35.03
C ASN L 111 39.58 -36.18 -34.23
N LEU L 112 40.89 -35.94 -34.23
CA LEU L 112 41.88 -36.75 -33.54
C LEU L 112 42.33 -35.97 -32.29
N PRO L 113 42.58 -36.68 -31.17
CA PRO L 113 43.05 -35.98 -29.96
C PRO L 113 43.88 -34.71 -30.22
N ARG L 114 43.66 -33.66 -29.42
CA ARG L 114 44.48 -32.45 -29.49
C ARG L 114 45.88 -32.73 -28.92
N LEU L 115 46.86 -31.91 -29.28
CA LEU L 115 48.24 -32.05 -28.77
C LEU L 115 48.42 -31.20 -27.51
N VAL L 116 48.31 -31.83 -26.34
CA VAL L 116 48.74 -31.19 -25.09
C VAL L 116 50.27 -31.07 -25.20
N ARG L 117 50.77 -29.83 -25.20
CA ARG L 117 52.20 -29.57 -25.17
C ARG L 117 52.81 -30.14 -23.90
N PRO L 118 53.86 -30.97 -24.04
CA PRO L 118 54.61 -31.28 -22.82
C PRO L 118 55.15 -30.01 -22.14
N GLU L 119 55.64 -30.15 -20.91
CA GLU L 119 56.16 -28.98 -20.19
C GLU L 119 57.49 -28.54 -20.79
N VAL L 120 57.67 -27.23 -20.88
CA VAL L 120 58.77 -26.64 -21.64
C VAL L 120 60.11 -27.30 -21.33
N ASP L 121 60.30 -27.68 -20.06
CA ASP L 121 61.58 -28.26 -19.62
C ASP L 121 61.75 -29.67 -20.14
N VAL L 122 60.66 -30.43 -20.14
CA VAL L 122 60.73 -31.83 -20.62
C VAL L 122 61.02 -31.82 -22.13
N MET L 123 60.51 -30.79 -22.81
CA MET L 123 60.72 -30.63 -24.25
C MET L 123 62.17 -30.32 -24.49
N CYS L 124 62.70 -29.34 -23.74
CA CYS L 124 64.11 -28.97 -23.85
C CYS L 124 65.08 -30.08 -23.40
N THR L 125 64.65 -30.93 -22.45
CA THR L 125 65.32 -32.20 -22.17
C THR L 125 65.44 -32.98 -23.49
N ALA L 126 64.28 -33.40 -24.00
CA ALA L 126 64.19 -34.29 -25.16
C ALA L 126 65.00 -33.75 -26.36
N PHE L 127 64.97 -32.43 -26.52
CA PHE L 127 65.60 -31.78 -27.67
C PHE L 127 67.12 -31.87 -27.59
N HIS L 128 67.64 -31.57 -26.41
CA HIS L 128 69.07 -31.68 -26.14
C HIS L 128 69.46 -33.14 -26.28
N ASP L 129 68.66 -34.07 -25.75
CA ASP L 129 68.94 -35.54 -25.81
C ASP L 129 68.86 -36.06 -27.23
N ASN L 130 67.82 -36.81 -27.59
CA ASN L 130 67.68 -37.15 -29.00
C ASN L 130 67.02 -36.04 -29.81
N GLU L 131 67.86 -35.19 -30.40
CA GLU L 131 67.40 -34.07 -31.19
C GLU L 131 66.79 -34.55 -32.50
N GLU L 132 67.57 -35.33 -33.23
CA GLU L 132 67.17 -35.79 -34.56
C GLU L 132 65.74 -36.30 -34.54
N THR L 133 65.39 -37.04 -33.51
CA THR L 133 64.03 -37.52 -33.34
C THR L 133 63.02 -36.42 -33.01
N PHE L 134 63.21 -35.73 -31.90
CA PHE L 134 62.31 -34.66 -31.48
C PHE L 134 61.72 -33.91 -32.68
N LEU L 135 62.57 -33.56 -33.63
CA LEU L 135 62.11 -32.87 -34.84
C LEU L 135 61.28 -33.77 -35.75
N LYS L 136 61.66 -35.05 -35.90
CA LYS L 136 60.81 -35.97 -36.64
C LYS L 136 59.43 -36.04 -36.02
N LYS L 137 59.34 -36.06 -34.69
CA LYS L 137 58.04 -36.11 -34.00
C LYS L 137 57.17 -34.87 -34.30
N TYR L 138 57.81 -33.71 -34.43
CA TYR L 138 57.12 -32.51 -34.87
C TYR L 138 56.51 -32.74 -36.23
N LEU L 139 57.36 -33.10 -37.21
CA LEU L 139 56.89 -33.41 -38.57
C LEU L 139 55.72 -34.38 -38.55
N TYR L 140 55.86 -35.46 -37.79
CA TYR L 140 54.81 -36.48 -37.72
C TYR L 140 53.53 -35.94 -37.10
N GLU L 141 53.64 -35.25 -35.96
CA GLU L 141 52.46 -34.73 -35.26
C GLU L 141 51.72 -33.71 -36.11
N ILE L 142 52.43 -32.79 -36.74
CA ILE L 142 51.78 -31.80 -37.58
C ILE L 142 51.21 -32.41 -38.87
N ALA L 143 52.00 -33.24 -39.53
CA ALA L 143 51.59 -33.85 -40.80
C ALA L 143 50.30 -34.64 -40.64
N ARG L 144 50.18 -35.39 -39.55
CA ARG L 144 49.06 -36.26 -39.42
C ARG L 144 47.78 -35.56 -39.01
N ARG L 145 47.87 -34.35 -38.50
CA ARG L 145 46.66 -33.59 -38.26
C ARG L 145 46.29 -32.68 -39.42
N HIS L 146 47.13 -32.65 -40.46
CA HIS L 146 46.87 -31.77 -41.60
C HIS L 146 47.26 -32.44 -42.86
N PRO L 147 46.49 -33.43 -43.27
CA PRO L 147 46.94 -34.33 -44.32
C PRO L 147 47.10 -33.68 -45.66
N TYR L 148 46.77 -32.39 -45.77
CA TYR L 148 46.92 -31.69 -47.02
C TYR L 148 47.94 -30.57 -46.89
N PHE L 149 48.54 -30.45 -45.73
CA PHE L 149 49.60 -29.51 -45.52
C PHE L 149 50.71 -29.61 -46.59
N TYR L 150 51.12 -28.44 -47.07
CA TYR L 150 52.03 -28.30 -48.23
C TYR L 150 53.42 -28.76 -47.88
N ALA L 151 53.75 -29.99 -48.28
CA ALA L 151 54.92 -30.68 -47.77
C ALA L 151 56.17 -29.81 -47.67
N PRO L 152 56.56 -29.17 -48.78
CA PRO L 152 57.75 -28.34 -48.79
C PRO L 152 57.78 -27.22 -47.76
N GLU L 153 56.66 -26.57 -47.51
CA GLU L 153 56.64 -25.55 -46.48
C GLU L 153 56.82 -26.21 -45.12
N LEU L 154 56.27 -27.39 -44.91
CA LEU L 154 56.38 -28.02 -43.60
C LEU L 154 57.82 -28.29 -43.27
N LEU L 155 58.64 -28.59 -44.28
CA LEU L 155 60.09 -28.73 -44.06
C LEU L 155 60.68 -27.46 -43.48
N PHE L 156 60.27 -26.31 -44.03
CA PHE L 156 60.70 -24.99 -43.56
C PHE L 156 60.17 -24.67 -42.14
N PHE L 157 58.91 -24.96 -41.87
CA PHE L 157 58.45 -24.87 -40.51
C PHE L 157 59.31 -25.73 -39.60
N ALA L 158 59.68 -26.94 -40.00
CA ALA L 158 60.57 -27.76 -39.14
C ALA L 158 61.89 -27.03 -38.86
N LYS L 159 62.43 -26.28 -39.81
CA LYS L 159 63.65 -25.52 -39.53
C LYS L 159 63.41 -24.40 -38.52
N ARG L 160 62.24 -23.78 -38.60
CA ARG L 160 61.88 -22.74 -37.61
C ARG L 160 61.69 -23.31 -36.22
N TYR L 161 60.98 -24.41 -36.10
CA TYR L 161 60.84 -25.11 -34.81
C TYR L 161 62.24 -25.31 -34.21
N LYS L 162 63.15 -25.95 -34.95
CA LYS L 162 64.49 -26.23 -34.44
C LYS L 162 65.17 -24.94 -34.00
N ALA L 163 65.11 -23.93 -34.85
CA ALA L 163 65.62 -22.60 -34.55
C ALA L 163 65.16 -22.04 -33.19
N ALA L 164 63.88 -22.22 -32.88
CA ALA L 164 63.29 -21.76 -31.62
C ALA L 164 63.90 -22.47 -30.41
N PHE L 165 64.05 -23.77 -30.48
CA PHE L 165 64.68 -24.52 -29.40
C PHE L 165 66.19 -24.27 -29.30
N THR L 166 66.86 -24.12 -30.44
CA THR L 166 68.28 -23.74 -30.46
C THR L 166 68.48 -22.40 -29.76
N GLU L 167 67.53 -21.51 -29.94
CA GLU L 167 67.60 -20.14 -29.44
C GLU L 167 67.07 -19.96 -28.01
N CYS L 168 66.39 -20.96 -27.45
CA CYS L 168 65.66 -20.78 -26.18
C CYS L 168 65.91 -21.76 -25.03
N CYS L 169 66.56 -22.89 -25.28
CA CYS L 169 66.75 -23.87 -24.18
C CYS L 169 67.96 -23.55 -23.32
N GLN L 170 68.69 -22.50 -23.67
CA GLN L 170 69.79 -22.03 -22.85
C GLN L 170 69.34 -20.95 -21.86
N ALA L 171 68.07 -20.56 -21.90
CA ALA L 171 67.53 -19.51 -21.03
C ALA L 171 67.09 -20.05 -19.70
N ALA L 172 67.08 -19.17 -18.71
CA ALA L 172 66.62 -19.48 -17.39
C ALA L 172 65.13 -19.68 -17.43
N ASP L 173 64.40 -18.65 -17.87
CA ASP L 173 62.94 -18.75 -18.08
C ASP L 173 62.67 -19.15 -19.51
N LYS L 174 62.65 -20.46 -19.73
CA LYS L 174 62.48 -21.01 -21.06
C LYS L 174 61.09 -20.73 -21.61
N ALA L 175 60.06 -20.83 -20.76
CA ALA L 175 58.71 -20.58 -21.20
C ALA L 175 58.58 -19.18 -21.78
N ALA L 176 59.03 -18.19 -21.05
CA ALA L 176 58.97 -16.79 -21.54
C ALA L 176 59.47 -16.63 -22.97
N CYS L 177 60.52 -17.39 -23.26
CA CYS L 177 61.27 -17.25 -24.50
C CYS L 177 60.52 -17.95 -25.60
N LEU L 178 60.18 -19.20 -25.31
CA LEU L 178 59.73 -20.16 -26.31
C LEU L 178 58.25 -20.04 -26.68
N LEU L 179 57.35 -20.24 -25.73
CA LEU L 179 55.91 -20.32 -26.02
C LEU L 179 55.38 -19.22 -26.96
N PRO L 180 55.84 -17.98 -26.82
CA PRO L 180 55.52 -17.01 -27.86
C PRO L 180 55.90 -17.43 -29.29
N LYS L 181 57.12 -17.94 -29.47
CA LYS L 181 57.58 -18.39 -30.81
C LYS L 181 56.86 -19.64 -31.32
N LEU L 182 56.63 -20.61 -30.45
CA LEU L 182 55.84 -21.78 -30.82
C LEU L 182 54.38 -21.41 -31.12
N ASP L 183 53.84 -20.40 -30.43
CA ASP L 183 52.45 -20.03 -30.64
C ASP L 183 52.25 -19.27 -31.94
N GLU L 184 53.22 -18.46 -32.34
CA GLU L 184 53.18 -17.83 -33.67
C GLU L 184 53.33 -18.87 -34.76
N LEU L 185 54.22 -19.82 -34.51
CA LEU L 185 54.54 -20.85 -35.45
C LEU L 185 53.38 -21.79 -35.63
N ARG L 186 52.63 -22.00 -34.56
CA ARG L 186 51.38 -22.77 -34.64
C ARG L 186 50.33 -22.00 -35.41
N ASP L 187 50.29 -20.69 -35.23
CA ASP L 187 49.28 -19.88 -35.90
C ASP L 187 49.55 -19.73 -37.40
N GLU L 188 50.80 -19.45 -37.76
CA GLU L 188 51.23 -19.50 -39.18
C GLU L 188 50.86 -20.84 -39.80
N GLY L 189 51.05 -21.90 -39.04
CA GLY L 189 50.81 -23.23 -39.54
C GLY L 189 49.38 -23.52 -39.86
N LYS L 190 48.50 -23.16 -38.95
CA LYS L 190 47.09 -23.46 -39.12
C LYS L 190 46.53 -22.67 -40.31
N ALA L 191 47.00 -21.44 -40.52
CA ALA L 191 46.59 -20.66 -41.68
C ALA L 191 47.11 -21.27 -43.00
N SER L 192 48.37 -21.68 -43.00
CA SER L 192 48.96 -22.34 -44.17
C SER L 192 48.17 -23.61 -44.54
N SER L 193 47.97 -24.51 -43.59
CA SER L 193 47.21 -25.72 -43.87
C SER L 193 45.87 -25.42 -44.57
N ALA L 194 45.19 -24.37 -44.11
CA ALA L 194 43.87 -24.04 -44.58
C ALA L 194 43.93 -23.46 -45.98
N LYS L 195 44.87 -22.56 -46.25
CA LYS L 195 45.03 -22.02 -47.63
C LYS L 195 45.31 -23.13 -48.62
N GLN L 196 46.06 -24.13 -48.17
CA GLN L 196 46.44 -25.25 -49.01
C GLN L 196 45.27 -26.19 -49.32
N ARG L 197 44.43 -26.43 -48.32
CA ARG L 197 43.26 -27.27 -48.51
C ARG L 197 42.31 -26.67 -49.51
N LEU L 198 42.22 -25.35 -49.56
CA LEU L 198 41.46 -24.65 -50.58
C LEU L 198 42.12 -24.80 -51.95
N LYS L 199 43.44 -24.65 -51.99
CA LYS L 199 44.15 -24.93 -53.22
C LYS L 199 43.82 -26.34 -53.79
N CYS L 200 43.83 -27.39 -52.97
CA CYS L 200 43.58 -28.75 -53.46
C CYS L 200 42.11 -28.98 -53.79
N ALA L 201 41.21 -28.37 -53.02
CA ALA L 201 39.79 -28.49 -53.29
C ALA L 201 39.59 -27.88 -54.65
N SER L 202 40.12 -26.68 -54.82
CA SER L 202 40.01 -26.00 -56.08
C SER L 202 40.40 -26.95 -57.20
N LEU L 203 41.60 -27.49 -57.15
CA LEU L 203 42.11 -28.43 -58.17
C LEU L 203 41.24 -29.70 -58.35
N GLN L 204 41.08 -30.47 -57.28
CA GLN L 204 40.31 -31.71 -57.34
C GLN L 204 38.83 -31.52 -57.70
N LYS L 205 38.08 -30.76 -56.93
CA LYS L 205 36.62 -30.70 -57.08
C LYS L 205 36.17 -29.71 -58.13
N PHE L 206 36.96 -28.68 -58.45
CA PHE L 206 36.50 -27.65 -59.41
C PHE L 206 37.26 -27.58 -60.73
N GLY L 207 38.40 -28.25 -60.83
CA GLY L 207 39.14 -28.28 -62.08
C GLY L 207 40.33 -27.35 -62.14
N GLU L 208 41.21 -27.65 -63.08
CA GLU L 208 42.42 -26.87 -63.36
C GLU L 208 42.08 -25.42 -63.75
N ARG L 209 41.08 -25.27 -64.61
CA ARG L 209 40.57 -23.97 -64.98
C ARG L 209 40.35 -23.05 -63.78
N ALA L 210 39.81 -23.58 -62.69
CA ALA L 210 39.42 -22.73 -61.54
C ALA L 210 40.65 -22.26 -60.82
N PHE L 211 41.58 -23.16 -60.63
CA PHE L 211 42.81 -22.82 -59.95
C PHE L 211 43.63 -21.87 -60.82
N LYS L 212 43.75 -22.12 -62.11
CA LYS L 212 44.55 -21.24 -62.95
C LYS L 212 44.06 -19.81 -62.89
N ALA L 213 42.74 -19.63 -62.88
CA ALA L 213 42.12 -18.29 -62.72
C ALA L 213 42.55 -17.63 -61.38
N TRP L 214 42.55 -18.42 -60.31
CA TRP L 214 43.02 -17.90 -59.07
C TRP L 214 44.48 -17.48 -59.14
N ALA L 215 45.33 -18.38 -59.62
CA ALA L 215 46.76 -18.14 -59.70
C ALA L 215 47.06 -16.89 -60.52
N VAL L 216 46.32 -16.69 -61.59
CA VAL L 216 46.63 -15.58 -62.49
C VAL L 216 46.32 -14.32 -61.77
N ALA L 217 45.19 -14.30 -61.07
CA ALA L 217 44.77 -13.12 -60.29
C ALA L 217 45.83 -12.83 -59.26
N ARG L 218 46.32 -13.89 -58.64
CA ARG L 218 47.14 -13.73 -57.49
C ARG L 218 48.53 -13.31 -57.84
N LEU L 219 49.11 -13.97 -58.83
CA LEU L 219 50.46 -13.61 -59.23
C LEU L 219 50.48 -12.22 -59.83
N SER L 220 49.44 -11.84 -60.58
CA SER L 220 49.41 -10.52 -61.24
C SER L 220 49.34 -9.35 -60.24
N GLN L 221 48.82 -9.61 -59.04
CA GLN L 221 48.89 -8.64 -57.99
C GLN L 221 50.32 -8.41 -57.50
N ARG L 222 51.10 -9.47 -57.45
CA ARG L 222 52.46 -9.48 -56.86
C ARG L 222 53.54 -9.09 -57.85
N PHE L 223 53.24 -9.26 -59.14
CA PHE L 223 54.21 -9.09 -60.20
C PHE L 223 53.64 -8.22 -61.29
N PRO L 224 53.05 -7.10 -60.91
CA PRO L 224 52.30 -6.29 -61.83
C PRO L 224 53.08 -5.79 -63.02
N LYS L 225 54.40 -5.85 -63.00
CA LYS L 225 55.15 -5.43 -64.19
C LYS L 225 55.49 -6.58 -65.14
N ALA L 226 55.26 -7.82 -64.73
CA ALA L 226 55.50 -8.92 -65.61
C ALA L 226 54.43 -8.93 -66.67
N GLU L 227 54.84 -9.33 -67.86
CA GLU L 227 53.93 -9.47 -68.97
C GLU L 227 53.00 -10.66 -68.83
N PHE L 228 51.80 -10.54 -69.39
CA PHE L 228 50.87 -11.65 -69.38
C PHE L 228 51.50 -13.00 -69.80
N ALA L 229 52.37 -12.96 -70.81
CA ALA L 229 53.03 -14.18 -71.30
C ALA L 229 53.83 -14.83 -70.19
N GLU L 230 54.46 -14.02 -69.34
CA GLU L 230 55.26 -14.54 -68.22
C GLU L 230 54.40 -15.03 -67.06
N VAL L 231 53.33 -14.31 -66.74
CA VAL L 231 52.47 -14.74 -65.62
C VAL L 231 51.84 -16.13 -65.91
N SER L 232 51.61 -16.42 -67.21
CA SER L 232 51.07 -17.72 -67.62
C SER L 232 52.01 -18.86 -67.35
N LYS L 233 53.25 -18.71 -67.80
CA LYS L 233 54.25 -19.75 -67.61
C LYS L 233 54.38 -20.04 -66.12
N LEU L 234 54.40 -18.99 -65.31
CA LEU L 234 54.42 -19.17 -63.88
C LEU L 234 53.12 -19.86 -63.45
N VAL L 235 51.95 -19.43 -63.92
CA VAL L 235 50.72 -20.08 -63.47
C VAL L 235 50.72 -21.57 -63.83
N THR L 236 51.30 -21.91 -64.98
CA THR L 236 51.39 -23.32 -65.42
C THR L 236 52.30 -24.11 -64.53
N ASP L 237 53.42 -23.48 -64.17
CA ASP L 237 54.40 -24.11 -63.29
C ASP L 237 53.80 -24.35 -61.92
N LEU L 238 53.14 -23.32 -61.40
CA LEU L 238 52.50 -23.40 -60.12
C LEU L 238 51.43 -24.48 -60.13
N THR L 239 50.74 -24.64 -61.24
CA THR L 239 49.71 -25.66 -61.29
C THR L 239 50.31 -27.05 -61.21
N LYS L 240 51.43 -27.28 -61.89
CA LYS L 240 52.06 -28.60 -61.83
C LYS L 240 52.49 -28.94 -60.39
N VAL L 241 53.08 -27.95 -59.71
CA VAL L 241 53.60 -28.09 -58.37
C VAL L 241 52.45 -28.47 -57.44
N HIS L 242 51.39 -27.69 -57.43
CA HIS L 242 50.29 -27.98 -56.54
C HIS L 242 49.48 -29.20 -56.89
N THR L 243 49.26 -29.45 -58.17
CA THR L 243 48.63 -30.68 -58.59
C THR L 243 49.39 -31.84 -57.99
N GLU L 244 50.70 -31.76 -58.02
CA GLU L 244 51.51 -32.80 -57.47
C GLU L 244 51.43 -32.99 -55.97
N CYS L 245 51.53 -31.95 -55.12
CA CYS L 245 51.41 -32.23 -53.66
C CYS L 245 49.96 -32.47 -53.22
N CYS L 246 49.01 -32.06 -54.03
CA CYS L 246 47.63 -32.42 -53.74
C CYS L 246 47.33 -33.90 -54.02
N HIS L 247 47.97 -34.49 -55.03
CA HIS L 247 47.82 -35.94 -55.31
C HIS L 247 48.72 -36.80 -54.46
N GLY L 248 49.43 -36.21 -53.50
CA GLY L 248 50.33 -36.97 -52.67
C GLY L 248 51.75 -37.19 -53.19
N ASP L 249 52.09 -36.74 -54.40
CA ASP L 249 53.45 -36.93 -54.93
C ASP L 249 54.44 -35.94 -54.33
N LEU L 250 54.68 -36.11 -53.02
CA LEU L 250 55.40 -35.10 -52.26
C LEU L 250 56.84 -35.00 -52.76
N LEU L 251 57.47 -36.13 -53.07
CA LEU L 251 58.86 -36.13 -53.56
C LEU L 251 58.93 -35.38 -54.88
N GLU L 252 58.02 -35.65 -55.80
CA GLU L 252 58.10 -34.96 -57.07
C GLU L 252 57.83 -33.46 -56.92
N CYS L 253 56.95 -33.08 -56.01
CA CYS L 253 56.50 -31.70 -55.99
C CYS L 253 57.49 -30.83 -55.28
N ALA L 254 58.21 -31.41 -54.34
CA ALA L 254 59.27 -30.68 -53.67
C ALA L 254 60.35 -30.35 -54.69
N ASP L 255 60.70 -31.34 -55.50
CA ASP L 255 61.74 -31.16 -56.50
C ASP L 255 61.30 -30.03 -57.42
N ASP L 256 60.10 -30.19 -57.97
CA ASP L 256 59.60 -29.25 -58.99
C ASP L 256 59.50 -27.83 -58.43
N ARG L 257 59.17 -27.73 -57.15
CA ARG L 257 59.11 -26.42 -56.51
C ARG L 257 60.48 -25.81 -56.48
N ALA L 258 61.50 -26.61 -56.15
CA ALA L 258 62.92 -26.17 -56.16
C ALA L 258 63.29 -25.58 -57.52
N ASP L 259 62.99 -26.33 -58.57
CA ASP L 259 63.22 -25.88 -59.94
C ASP L 259 62.48 -24.59 -60.30
N LEU L 260 61.27 -24.40 -59.80
CA LEU L 260 60.51 -23.17 -60.03
C LEU L 260 61.20 -22.00 -59.37
N ALA L 261 61.65 -22.21 -58.13
CA ALA L 261 62.38 -21.15 -57.40
C ALA L 261 63.61 -20.81 -58.23
N LYS L 262 64.26 -21.82 -58.78
CA LYS L 262 65.45 -21.62 -59.57
C LYS L 262 65.13 -20.87 -60.87
N TYR L 263 64.01 -21.19 -61.49
CA TYR L 263 63.59 -20.47 -62.69
C TYR L 263 63.29 -19.01 -62.35
N ILE L 264 62.67 -18.79 -61.19
CA ILE L 264 62.24 -17.46 -60.85
C ILE L 264 63.45 -16.59 -60.66
N CYS L 265 64.47 -17.10 -60.01
CA CYS L 265 65.71 -16.31 -59.78
C CYS L 265 66.51 -16.01 -61.03
N GLU L 266 66.69 -17.03 -61.87
CA GLU L 266 67.30 -16.85 -63.17
C GLU L 266 66.57 -15.82 -64.05
N ASN L 267 65.27 -15.57 -63.85
CA ASN L 267 64.52 -14.64 -64.71
C ASN L 267 63.88 -13.48 -63.97
N GLN L 268 64.57 -13.09 -62.91
CA GLN L 268 64.12 -12.02 -62.05
C GLN L 268 63.61 -10.78 -62.77
N ASP L 269 64.31 -10.45 -63.86
CA ASP L 269 64.08 -9.21 -64.62
C ASP L 269 62.72 -9.17 -65.29
N SER L 270 62.26 -10.30 -65.78
CA SER L 270 60.95 -10.34 -66.38
C SER L 270 59.83 -10.61 -65.37
N ILE L 271 60.13 -10.63 -64.07
CA ILE L 271 59.12 -10.90 -63.03
C ILE L 271 59.00 -9.82 -61.97
N SER L 272 60.05 -9.50 -61.23
CA SER L 272 59.91 -8.47 -60.17
C SER L 272 61.25 -7.94 -59.71
N SER L 273 61.32 -6.65 -59.44
CA SER L 273 62.51 -6.07 -58.82
C SER L 273 62.65 -6.44 -57.33
N LYS L 274 61.56 -6.88 -56.68
CA LYS L 274 61.62 -7.15 -55.24
C LYS L 274 62.19 -8.55 -54.92
N LEU L 275 62.86 -9.19 -55.88
CA LEU L 275 63.30 -10.58 -55.67
C LEU L 275 64.78 -10.72 -55.40
N LYS L 276 65.51 -9.61 -55.37
CA LYS L 276 66.99 -9.67 -55.29
C LYS L 276 67.46 -10.33 -53.98
N GLU L 277 66.94 -9.85 -52.87
CA GLU L 277 67.31 -10.37 -51.56
C GLU L 277 66.98 -11.84 -51.46
N CYS L 278 65.76 -12.20 -51.86
CA CYS L 278 65.29 -13.59 -51.75
C CYS L 278 66.11 -14.59 -52.50
N CYS L 279 66.66 -14.20 -53.63
CA CYS L 279 67.33 -15.15 -54.51
C CYS L 279 68.72 -15.56 -54.02
N GLU L 280 69.20 -14.90 -52.98
CA GLU L 280 70.51 -15.19 -52.42
C GLU L 280 70.44 -16.07 -51.18
N LYS L 281 69.35 -16.80 -50.97
CA LYS L 281 69.20 -17.60 -49.77
C LYS L 281 69.30 -19.11 -50.04
N PRO L 282 69.40 -19.92 -48.96
CA PRO L 282 69.42 -21.39 -49.10
C PRO L 282 68.10 -22.03 -49.61
N LEU L 283 68.20 -23.19 -50.28
CA LEU L 283 67.06 -23.85 -50.96
C LEU L 283 65.70 -23.59 -50.27
N LEU L 284 65.62 -23.87 -48.97
CA LEU L 284 64.31 -23.87 -48.27
C LEU L 284 63.75 -22.47 -47.98
N GLU L 285 64.62 -21.47 -47.87
CA GLU L 285 64.22 -20.12 -47.46
C GLU L 285 64.02 -19.25 -48.69
N LYS L 286 64.69 -19.61 -49.78
CA LYS L 286 64.41 -19.09 -51.13
C LYS L 286 62.93 -19.16 -51.42
N SER L 287 62.38 -20.37 -51.44
CA SER L 287 61.00 -20.57 -51.84
C SER L 287 60.02 -19.86 -50.89
N HIS L 288 60.34 -19.81 -49.59
CA HIS L 288 59.46 -19.21 -48.61
C HIS L 288 59.49 -17.75 -48.83
N CYS L 289 60.68 -17.19 -48.97
CA CYS L 289 60.84 -15.76 -49.24
C CYS L 289 60.01 -15.28 -50.45
N ILE L 290 60.18 -15.98 -51.57
CA ILE L 290 59.52 -15.67 -52.83
C ILE L 290 58.02 -15.85 -52.69
N ALA L 291 57.61 -16.79 -51.84
CA ALA L 291 56.19 -17.02 -51.63
C ALA L 291 55.61 -15.88 -50.80
N GLU L 292 56.47 -15.21 -50.03
CA GLU L 292 56.07 -14.27 -49.01
C GLU L 292 56.43 -12.80 -49.34
N VAL L 293 57.21 -12.57 -50.39
CA VAL L 293 57.73 -11.23 -50.64
C VAL L 293 56.67 -10.24 -51.08
N GLU L 294 57.07 -8.98 -51.01
CA GLU L 294 56.26 -7.80 -51.28
C GLU L 294 55.92 -7.63 -52.75
N ASN L 295 54.74 -7.07 -53.01
CA ASN L 295 54.33 -6.77 -54.38
C ASN L 295 55.30 -5.77 -55.04
N ASP L 296 55.58 -5.94 -56.33
CA ASP L 296 56.34 -4.93 -57.06
C ASP L 296 55.44 -3.69 -57.20
N GLU L 297 56.05 -2.52 -57.39
CA GLU L 297 55.26 -1.29 -57.64
C GLU L 297 54.69 -1.34 -59.04
N MET L 298 53.46 -0.85 -59.24
CA MET L 298 52.77 -1.04 -60.54
C MET L 298 53.20 0.02 -61.57
N PRO L 299 53.08 -0.30 -62.86
CA PRO L 299 53.62 0.59 -63.86
C PRO L 299 52.98 1.97 -63.87
N ALA L 300 53.68 2.98 -64.39
CA ALA L 300 53.02 4.26 -64.65
C ALA L 300 52.09 4.12 -65.83
N ASP L 301 51.05 4.94 -65.86
CA ASP L 301 50.28 5.16 -67.09
C ASP L 301 49.60 3.95 -67.77
N LEU L 302 49.05 3.04 -66.99
CA LEU L 302 48.30 1.94 -67.60
C LEU L 302 47.01 2.51 -68.15
N PRO L 303 46.59 2.09 -69.34
CA PRO L 303 45.33 2.55 -69.88
C PRO L 303 44.18 1.99 -69.08
N SER L 304 43.03 2.64 -69.12
CA SER L 304 41.82 2.12 -68.49
C SER L 304 41.42 0.70 -68.92
N LEU L 305 40.91 -0.07 -67.96
CA LEU L 305 40.39 -1.41 -68.23
C LEU L 305 39.34 -1.38 -69.34
N ALA L 306 38.63 -0.26 -69.48
CA ALA L 306 37.68 -0.11 -70.58
C ALA L 306 38.30 -0.29 -71.95
N ALA L 307 39.55 0.19 -72.17
CA ALA L 307 40.22 0.04 -73.48
C ALA L 307 40.00 -1.35 -74.08
N ASP L 308 40.59 -2.35 -73.44
CA ASP L 308 40.62 -3.70 -74.01
C ASP L 308 39.33 -4.47 -73.86
N PHE L 309 38.56 -4.17 -72.82
CA PHE L 309 37.44 -5.02 -72.48
C PHE L 309 36.04 -4.45 -72.72
N VAL L 310 35.95 -3.18 -73.11
CA VAL L 310 34.67 -2.57 -73.46
C VAL L 310 34.80 -1.75 -74.73
N GLU L 311 35.76 -0.85 -74.80
CA GLU L 311 35.86 0.05 -75.96
C GLU L 311 36.36 -0.61 -77.21
N SER L 312 37.42 -1.40 -77.11
CA SER L 312 37.99 -2.10 -78.27
C SER L 312 36.92 -2.77 -79.14
N LYS L 313 37.09 -2.74 -80.45
CA LYS L 313 36.11 -3.41 -81.33
C LYS L 313 36.46 -4.86 -81.53
N ASP L 314 37.44 -5.37 -80.78
CA ASP L 314 37.77 -6.79 -80.85
C ASP L 314 37.27 -7.65 -79.68
N VAL L 315 36.49 -7.07 -78.78
CA VAL L 315 36.09 -7.84 -77.60
C VAL L 315 35.56 -9.21 -78.02
N CYS L 316 34.41 -9.26 -78.67
CA CYS L 316 33.81 -10.55 -78.95
C CYS L 316 34.65 -11.43 -79.83
N LYS L 317 35.37 -10.84 -80.77
CA LYS L 317 36.30 -11.65 -81.56
C LYS L 317 37.20 -12.52 -80.65
N ASN L 318 37.95 -11.88 -79.74
CA ASN L 318 38.93 -12.57 -78.90
C ASN L 318 38.26 -13.52 -77.95
N TYR L 319 37.11 -13.11 -77.43
CA TYR L 319 36.37 -13.97 -76.53
C TYR L 319 35.98 -15.25 -77.22
N ALA L 320 35.58 -15.14 -78.49
CA ALA L 320 35.20 -16.31 -79.28
C ALA L 320 36.42 -17.16 -79.57
N GLU L 321 37.56 -16.53 -79.88
CA GLU L 321 38.79 -17.27 -80.22
C GLU L 321 39.53 -17.92 -79.05
N ALA L 322 39.34 -17.45 -77.81
CA ALA L 322 40.19 -17.93 -76.72
C ALA L 322 39.63 -17.63 -75.36
N LYS L 323 38.40 -18.06 -75.09
CA LYS L 323 37.71 -17.71 -73.84
C LYS L 323 38.65 -17.70 -72.67
N ASP L 324 39.35 -18.80 -72.45
CA ASP L 324 40.14 -18.94 -71.23
C ASP L 324 41.36 -18.04 -71.20
N VAL L 325 41.98 -17.82 -72.35
CA VAL L 325 43.07 -16.84 -72.42
C VAL L 325 42.56 -15.44 -72.19
N PHE L 326 41.53 -15.05 -72.92
CA PHE L 326 41.01 -13.69 -72.83
C PHE L 326 40.67 -13.35 -71.41
N LEU L 327 39.86 -14.18 -70.77
CA LEU L 327 39.44 -13.93 -69.41
C LEU L 327 40.64 -13.89 -68.51
N GLY L 328 41.67 -14.65 -68.85
CA GLY L 328 42.91 -14.59 -68.07
C GLY L 328 43.51 -13.21 -68.18
N MET L 329 43.52 -12.67 -69.39
CA MET L 329 44.02 -11.35 -69.60
C MET L 329 43.22 -10.42 -68.70
N PHE L 330 41.92 -10.57 -68.67
CA PHE L 330 41.07 -9.74 -67.80
C PHE L 330 41.54 -9.76 -66.34
N LEU L 331 41.66 -10.96 -65.76
CA LEU L 331 42.14 -11.03 -64.38
C LEU L 331 43.52 -10.38 -64.29
N TYR L 332 44.42 -10.70 -65.22
CA TYR L 332 45.75 -10.11 -65.17
C TYR L 332 45.70 -8.59 -65.13
N GLU L 333 44.98 -7.99 -66.07
CA GLU L 333 44.84 -6.52 -66.13
C GLU L 333 44.12 -5.96 -64.95
N TYR L 334 43.02 -6.59 -64.53
CA TYR L 334 42.35 -6.14 -63.31
C TYR L 334 43.25 -6.29 -62.07
N ALA L 335 43.71 -7.54 -61.83
CA ALA L 335 44.65 -7.87 -60.76
C ALA L 335 45.80 -6.87 -60.65
N ARG L 336 46.60 -6.65 -61.70
CA ARG L 336 47.76 -5.77 -61.51
C ARG L 336 47.45 -4.33 -61.10
N ARG L 337 46.25 -3.85 -61.47
CA ARG L 337 45.71 -2.52 -61.06
C ARG L 337 45.14 -2.45 -59.62
N HIS L 338 45.01 -3.58 -58.96
CA HIS L 338 44.29 -3.63 -57.70
C HIS L 338 44.82 -4.65 -56.70
N PRO L 339 46.03 -4.43 -56.15
CA PRO L 339 46.52 -5.32 -55.11
C PRO L 339 45.67 -5.29 -53.84
N ASP L 340 44.99 -4.17 -53.60
CA ASP L 340 44.08 -4.04 -52.48
C ASP L 340 42.94 -5.10 -52.50
N TYR L 341 42.27 -5.32 -53.64
CA TYR L 341 41.09 -6.21 -53.71
C TYR L 341 41.51 -7.66 -53.39
N SER L 342 40.58 -8.45 -52.87
CA SER L 342 40.86 -9.86 -52.60
C SER L 342 40.78 -10.67 -53.87
N VAL L 343 41.51 -11.77 -53.97
CA VAL L 343 41.46 -12.56 -55.19
C VAL L 343 40.04 -13.11 -55.40
N VAL L 344 39.41 -13.65 -54.36
CA VAL L 344 38.04 -14.09 -54.47
C VAL L 344 37.18 -13.06 -55.21
N LEU L 345 37.29 -11.81 -54.81
CA LEU L 345 36.43 -10.76 -55.39
C LEU L 345 36.72 -10.56 -56.87
N LEU L 346 37.99 -10.63 -57.27
CA LEU L 346 38.39 -10.43 -58.67
C LEU L 346 37.80 -11.53 -59.56
N LEU L 347 37.76 -12.75 -59.02
CA LEU L 347 37.23 -13.89 -59.71
C LEU L 347 35.74 -13.73 -59.86
N ARG L 348 35.08 -13.21 -58.86
CA ARG L 348 33.65 -12.93 -59.02
C ARG L 348 33.41 -11.93 -60.13
N LEU L 349 34.26 -10.91 -60.17
CA LEU L 349 34.17 -9.88 -61.20
C LEU L 349 34.40 -10.50 -62.59
N ALA L 350 35.41 -11.37 -62.73
CA ALA L 350 35.66 -12.04 -64.01
C ALA L 350 34.43 -12.89 -64.40
N LYS L 351 33.77 -13.46 -63.40
CA LYS L 351 32.61 -14.32 -63.61
C LYS L 351 31.47 -13.53 -64.21
N THR L 352 31.20 -12.39 -63.62
CA THR L 352 30.16 -11.50 -64.12
C THR L 352 30.52 -11.03 -65.53
N TYR L 353 31.80 -10.74 -65.75
CA TYR L 353 32.27 -10.26 -67.07
C TYR L 353 31.93 -11.31 -68.10
N GLU L 354 32.32 -12.54 -67.83
CA GLU L 354 32.08 -13.63 -68.73
C GLU L 354 30.57 -13.86 -68.94
N THR L 355 29.78 -13.99 -67.88
CA THR L 355 28.34 -14.09 -68.06
C THR L 355 27.90 -13.03 -69.03
N THR L 356 28.34 -11.79 -68.79
CA THR L 356 27.96 -10.66 -69.60
C THR L 356 28.39 -10.90 -71.05
N LEU L 357 29.66 -11.20 -71.31
CA LEU L 357 30.09 -11.40 -72.71
C LEU L 357 29.29 -12.55 -73.37
N GLU L 358 29.11 -13.63 -72.62
CA GLU L 358 28.35 -14.77 -73.09
C GLU L 358 27.04 -14.33 -73.70
N LYS L 359 26.27 -13.59 -72.91
CA LYS L 359 24.96 -13.08 -73.35
C LYS L 359 25.07 -11.99 -74.41
N CYS L 360 26.08 -11.14 -74.30
CA CYS L 360 26.09 -9.94 -75.15
C CYS L 360 26.61 -10.17 -76.54
N CYS L 361 27.63 -11.02 -76.70
CA CYS L 361 28.11 -11.39 -78.03
C CYS L 361 27.02 -12.10 -78.87
N ALA L 362 26.00 -12.66 -78.18
CA ALA L 362 24.83 -13.21 -78.85
C ALA L 362 23.84 -12.12 -79.27
N ALA L 363 23.98 -10.91 -78.73
CA ALA L 363 23.04 -9.78 -79.04
C ALA L 363 23.20 -9.14 -80.44
N ALA L 364 22.19 -8.37 -80.84
CA ALA L 364 22.15 -7.71 -82.15
C ALA L 364 23.34 -6.79 -82.26
N ASP L 365 23.47 -5.89 -81.29
CA ASP L 365 24.63 -5.01 -81.16
C ASP L 365 25.37 -5.35 -79.87
N PRO L 366 26.45 -6.15 -79.98
CA PRO L 366 27.09 -6.55 -78.73
C PRO L 366 27.66 -5.36 -77.90
N HIS L 367 28.33 -4.39 -78.52
CA HIS L 367 28.89 -3.23 -77.79
C HIS L 367 27.87 -2.50 -76.96
N GLU L 368 26.75 -2.19 -77.57
CA GLU L 368 25.63 -1.58 -76.88
C GLU L 368 25.28 -2.37 -75.64
N CYS L 369 25.14 -3.66 -75.82
CA CYS L 369 24.80 -4.56 -74.72
C CYS L 369 25.78 -4.46 -73.53
N TYR L 370 27.09 -4.52 -73.73
CA TYR L 370 28.02 -4.54 -72.61
C TYR L 370 28.73 -3.25 -72.23
N ALA L 371 28.39 -2.13 -72.88
CA ALA L 371 29.02 -0.81 -72.55
C ALA L 371 29.09 -0.53 -71.02
N LYS L 372 28.02 -0.91 -70.31
CA LYS L 372 27.87 -0.62 -68.91
C LYS L 372 28.18 -1.81 -68.02
N VAL L 373 29.08 -2.67 -68.47
CA VAL L 373 29.44 -3.85 -67.67
C VAL L 373 30.04 -3.49 -66.33
N PHE L 374 30.70 -2.34 -66.26
CA PHE L 374 31.42 -1.98 -65.05
C PHE L 374 30.46 -1.54 -63.99
N ASP L 375 29.25 -1.20 -64.36
CA ASP L 375 28.18 -0.94 -63.36
C ASP L 375 27.90 -2.17 -62.55
N GLU L 376 27.87 -3.32 -63.21
CA GLU L 376 27.55 -4.59 -62.57
C GLU L 376 28.57 -4.90 -61.46
N PHE L 377 29.80 -4.41 -61.57
CA PHE L 377 30.77 -4.64 -60.51
C PHE L 377 30.56 -3.79 -59.25
N LYS L 378 29.87 -2.66 -59.33
CA LYS L 378 29.66 -1.85 -58.13
C LYS L 378 29.00 -2.67 -57.02
N PRO L 379 27.83 -3.26 -57.28
CA PRO L 379 27.23 -4.03 -56.20
C PRO L 379 28.10 -5.19 -55.73
N LEU L 380 28.94 -5.77 -56.58
CA LEU L 380 29.78 -6.88 -56.11
C LEU L 380 30.90 -6.39 -55.20
N VAL L 381 31.20 -5.11 -55.22
CA VAL L 381 32.20 -4.56 -54.30
C VAL L 381 31.52 -4.05 -53.02
N GLU L 382 30.46 -3.26 -53.11
CA GLU L 382 29.78 -2.72 -51.93
C GLU L 382 29.34 -3.81 -50.94
N GLU L 383 28.65 -4.82 -51.43
CA GLU L 383 28.07 -5.84 -50.55
C GLU L 383 29.07 -6.44 -49.55
N PRO L 384 30.25 -6.81 -50.03
CA PRO L 384 31.25 -7.25 -49.05
C PRO L 384 31.74 -6.16 -48.10
N GLN L 385 32.02 -4.96 -48.59
CA GLN L 385 32.35 -3.85 -47.68
C GLN L 385 31.26 -3.60 -46.61
N ASN L 386 29.99 -3.65 -46.98
CA ASN L 386 28.91 -3.40 -46.04
C ASN L 386 28.80 -4.46 -45.01
N LEU L 387 29.06 -5.70 -45.41
CA LEU L 387 28.93 -6.83 -44.49
C LEU L 387 30.04 -6.77 -43.46
N ILE L 388 31.27 -6.60 -43.92
CA ILE L 388 32.39 -6.50 -43.00
C ILE L 388 32.21 -5.26 -42.08
N LYS L 389 31.70 -4.15 -42.61
CA LYS L 389 31.45 -2.93 -41.82
C LYS L 389 30.44 -3.14 -40.68
N GLN L 390 29.33 -3.83 -40.98
CA GLN L 390 28.33 -4.16 -39.99
C GLN L 390 28.89 -5.13 -38.99
N ASN L 391 29.62 -6.11 -39.48
CA ASN L 391 30.13 -7.14 -38.60
C ASN L 391 31.25 -6.63 -37.66
N CYS L 392 32.02 -5.65 -38.10
CA CYS L 392 33.02 -5.06 -37.19
C CYS L 392 32.39 -4.12 -36.17
N GLU L 393 31.29 -3.48 -36.52
CA GLU L 393 30.53 -2.66 -35.56
C GLU L 393 29.94 -3.56 -34.48
N LEU L 394 29.45 -4.71 -34.90
CA LEU L 394 28.81 -5.66 -33.98
C LEU L 394 29.84 -6.30 -33.04
N PHE L 395 31.04 -6.50 -33.55
CA PHE L 395 32.10 -7.11 -32.77
C PHE L 395 32.65 -6.17 -31.70
N GLU L 396 32.63 -4.86 -31.96
CA GLU L 396 33.08 -3.88 -30.95
C GLU L 396 31.98 -3.70 -29.92
N GLN L 397 30.77 -3.47 -30.41
CA GLN L 397 29.62 -3.24 -29.56
C GLN L 397 29.31 -4.44 -28.66
N LEU L 398 29.84 -5.62 -28.97
CA LEU L 398 29.64 -6.81 -28.13
C LEU L 398 30.96 -7.54 -27.89
N GLY L 399 30.97 -8.54 -27.02
CA GLY L 399 32.20 -9.32 -26.81
C GLY L 399 32.73 -10.09 -28.02
N GLU L 400 33.89 -10.74 -27.88
CA GLU L 400 34.27 -11.83 -28.78
C GLU L 400 33.30 -12.97 -28.51
N TYR L 401 32.89 -13.13 -27.25
CA TYR L 401 31.88 -14.13 -26.90
C TYR L 401 30.49 -13.73 -27.43
N LYS L 402 29.97 -12.60 -26.99
CA LYS L 402 28.61 -12.19 -27.40
C LYS L 402 28.45 -12.09 -28.91
N PHE L 403 29.54 -11.83 -29.62
CA PHE L 403 29.58 -11.84 -31.08
C PHE L 403 29.32 -13.24 -31.62
N GLN L 404 30.07 -14.22 -31.12
CA GLN L 404 29.90 -15.59 -31.59
C GLN L 404 28.47 -16.04 -31.44
N ASN L 405 27.86 -15.70 -30.31
CA ASN L 405 26.47 -16.05 -30.11
C ASN L 405 25.58 -15.45 -31.17
N ALA L 406 25.92 -14.23 -31.62
CA ALA L 406 25.16 -13.59 -32.68
C ALA L 406 25.31 -14.41 -33.98
N LEU L 407 26.52 -14.88 -34.28
CA LEU L 407 26.73 -15.68 -35.46
C LEU L 407 26.13 -17.06 -35.36
N LEU L 408 26.28 -17.67 -34.19
CA LEU L 408 25.75 -19.01 -33.94
C LEU L 408 24.25 -19.01 -34.18
N VAL L 409 23.56 -18.00 -33.66
CA VAL L 409 22.14 -17.89 -33.93
C VAL L 409 21.91 -17.65 -35.40
N ARG L 410 22.74 -16.85 -36.03
CA ARG L 410 22.55 -16.55 -37.47
C ARG L 410 22.64 -17.81 -38.30
N TYR L 411 23.73 -18.56 -38.12
CA TYR L 411 23.94 -19.76 -38.92
C TYR L 411 23.01 -20.90 -38.57
N THR L 412 22.64 -21.04 -37.30
CA THR L 412 21.69 -22.08 -36.94
C THR L 412 20.35 -21.84 -37.63
N LYS L 413 19.96 -20.60 -37.81
CA LYS L 413 18.71 -20.30 -38.55
C LYS L 413 18.80 -20.59 -40.05
N LYS L 414 19.99 -20.49 -40.63
CA LYS L 414 20.14 -20.78 -42.06
C LYS L 414 20.24 -22.27 -42.31
N VAL L 415 20.80 -22.99 -41.35
CA VAL L 415 21.34 -24.32 -41.64
C VAL L 415 21.14 -25.30 -40.43
N PRO L 416 19.94 -25.29 -39.82
CA PRO L 416 19.60 -25.98 -38.55
C PRO L 416 19.69 -27.51 -38.62
N GLN L 417 19.77 -27.99 -39.84
CA GLN L 417 19.86 -29.40 -40.19
C GLN L 417 21.29 -29.85 -39.69
N VAL L 418 22.26 -28.93 -39.63
CA VAL L 418 23.65 -29.28 -39.22
C VAL L 418 23.66 -29.57 -37.73
N SER L 419 24.59 -30.43 -37.30
CA SER L 419 24.56 -30.90 -35.91
C SER L 419 25.01 -29.83 -34.91
N THR L 420 24.50 -29.90 -33.68
CA THR L 420 24.78 -28.82 -32.74
C THR L 420 26.27 -28.61 -32.51
N PRO L 421 27.03 -29.68 -32.27
CA PRO L 421 28.46 -29.44 -32.12
C PRO L 421 29.14 -28.90 -33.38
N THR L 422 28.72 -29.32 -34.57
CA THR L 422 29.29 -28.74 -35.81
C THR L 422 28.98 -27.23 -35.93
N LEU L 423 27.78 -26.83 -35.49
CA LEU L 423 27.35 -25.42 -35.54
C LEU L 423 28.19 -24.58 -34.59
N VAL L 424 28.31 -25.02 -33.35
CA VAL L 424 29.08 -24.30 -32.35
C VAL L 424 30.46 -23.97 -32.89
N GLU L 425 31.10 -24.95 -33.52
CA GLU L 425 32.49 -24.84 -34.00
C GLU L 425 32.65 -23.90 -35.18
N VAL L 426 31.83 -24.10 -36.20
CA VAL L 426 31.81 -23.22 -37.35
C VAL L 426 31.59 -21.76 -36.96
N SER L 427 30.74 -21.50 -35.99
CA SER L 427 30.62 -20.16 -35.46
C SER L 427 31.88 -19.66 -34.81
N ARG L 428 32.41 -20.37 -33.84
CA ARG L 428 33.68 -19.98 -33.27
C ARG L 428 34.72 -19.54 -34.33
N ASN L 429 34.78 -20.24 -35.46
CA ASN L 429 35.78 -19.92 -36.51
C ASN L 429 35.39 -18.69 -37.34
N LEU L 430 34.15 -18.64 -37.82
CA LEU L 430 33.61 -17.41 -38.40
C LEU L 430 33.83 -16.22 -37.42
N GLY L 431 33.39 -16.35 -36.17
CA GLY L 431 33.65 -15.36 -35.14
C GLY L 431 35.08 -14.86 -35.09
N LYS L 432 36.06 -15.72 -35.38
CA LYS L 432 37.45 -15.29 -35.40
C LYS L 432 37.75 -14.25 -36.45
N VAL L 433 36.80 -13.92 -37.31
CA VAL L 433 37.01 -12.85 -38.28
C VAL L 433 36.95 -11.46 -37.63
N GLY L 434 36.45 -11.37 -36.40
CA GLY L 434 36.49 -10.12 -35.65
C GLY L 434 37.91 -9.88 -35.20
N SER L 435 38.46 -10.85 -34.49
CA SER L 435 39.84 -10.78 -34.01
C SER L 435 40.80 -10.50 -35.15
N LYS L 436 40.68 -11.23 -36.25
CA LYS L 436 41.69 -11.14 -37.31
C LYS L 436 41.60 -9.85 -38.10
N CYS L 437 40.40 -9.48 -38.53
CA CYS L 437 40.30 -8.41 -39.52
C CYS L 437 39.93 -7.02 -39.02
N CYS L 438 39.07 -6.89 -38.02
CA CYS L 438 38.65 -5.54 -37.59
C CYS L 438 39.78 -4.63 -37.01
N LYS L 439 40.87 -5.25 -36.57
CA LYS L 439 42.15 -4.58 -36.27
C LYS L 439 42.65 -3.71 -37.43
N HIS L 440 42.79 -4.34 -38.59
CA HIS L 440 43.31 -3.71 -39.82
C HIS L 440 42.53 -2.44 -40.16
N PRO L 441 43.12 -1.55 -40.96
CA PRO L 441 42.41 -0.33 -41.32
C PRO L 441 41.44 -0.46 -42.50
N GLU L 442 40.31 0.27 -42.43
CA GLU L 442 39.32 0.38 -43.53
C GLU L 442 39.69 -0.34 -44.85
N ALA L 443 40.65 0.20 -45.59
CA ALA L 443 41.00 -0.31 -46.92
C ALA L 443 41.22 -1.80 -46.92
N LYS L 444 41.86 -2.30 -45.86
CA LYS L 444 42.38 -3.66 -45.84
C LYS L 444 41.45 -4.73 -45.22
N ARG L 445 40.32 -4.29 -44.66
CA ARG L 445 39.42 -5.17 -43.92
C ARG L 445 38.72 -6.20 -44.79
N MET L 446 37.85 -5.76 -45.69
CA MET L 446 37.13 -6.68 -46.58
C MET L 446 38.04 -7.80 -47.17
N PRO L 447 39.21 -7.47 -47.74
CA PRO L 447 40.02 -8.55 -48.32
C PRO L 447 40.51 -9.59 -47.34
N CYS L 448 40.92 -9.14 -46.17
CA CYS L 448 41.29 -10.04 -45.07
C CYS L 448 40.11 -10.94 -44.72
N ALA L 449 38.95 -10.31 -44.54
CA ALA L 449 37.72 -10.99 -44.21
C ALA L 449 37.34 -12.04 -45.22
N GLU L 450 37.31 -11.64 -46.48
CA GLU L 450 36.89 -12.54 -47.54
C GLU L 450 37.88 -13.69 -47.73
N ASP L 451 39.17 -13.41 -47.66
CA ASP L 451 40.11 -14.48 -47.78
C ASP L 451 39.89 -15.47 -46.66
N TYR L 452 39.79 -14.98 -45.44
CA TYR L 452 39.69 -15.86 -44.27
C TYR L 452 38.36 -16.64 -44.29
N LEU L 453 37.25 -15.93 -44.53
CA LEU L 453 35.99 -16.59 -44.61
C LEU L 453 36.03 -17.68 -45.66
N SER L 454 36.51 -17.37 -46.86
CA SER L 454 36.50 -18.37 -47.91
C SER L 454 37.29 -19.64 -47.53
N VAL L 455 38.30 -19.50 -46.69
CA VAL L 455 39.06 -20.67 -46.19
C VAL L 455 38.27 -21.44 -45.12
N VAL L 456 37.68 -20.74 -44.16
CA VAL L 456 36.82 -21.36 -43.14
C VAL L 456 35.64 -22.10 -43.80
N LEU L 457 34.98 -21.49 -44.76
CA LEU L 457 33.86 -22.15 -45.38
C LEU L 457 34.27 -23.42 -46.18
N ASN L 458 35.43 -23.36 -46.84
CA ASN L 458 35.91 -24.49 -47.63
C ASN L 458 36.15 -25.69 -46.74
N GLN L 459 36.56 -25.43 -45.50
CA GLN L 459 36.72 -26.48 -44.52
C GLN L 459 35.37 -27.18 -44.28
N LEU L 460 34.34 -26.37 -44.05
CA LEU L 460 33.00 -26.85 -43.84
C LEU L 460 32.56 -27.67 -45.01
N CYS L 461 32.81 -27.18 -46.22
CA CYS L 461 32.35 -27.86 -47.44
C CYS L 461 33.05 -29.19 -47.70
N VAL L 462 34.35 -29.24 -47.49
CA VAL L 462 35.15 -30.44 -47.71
C VAL L 462 34.67 -31.55 -46.78
N LEU L 463 34.38 -31.20 -45.53
CA LEU L 463 33.86 -32.20 -44.60
C LEU L 463 32.39 -32.51 -44.83
N HIS L 464 31.59 -31.50 -45.21
CA HIS L 464 30.16 -31.74 -45.40
C HIS L 464 29.88 -32.65 -46.58
N GLU L 465 30.73 -32.58 -47.61
CA GLU L 465 30.57 -33.40 -48.79
C GLU L 465 30.67 -34.89 -48.44
N LYS L 466 31.45 -35.25 -47.43
CA LYS L 466 31.57 -36.66 -47.00
C LYS L 466 30.45 -37.09 -46.05
N THR L 467 29.81 -36.16 -45.38
CA THR L 467 28.71 -36.51 -44.50
C THR L 467 27.54 -35.50 -44.62
N PRO L 468 26.87 -35.47 -45.79
CA PRO L 468 25.85 -34.52 -46.12
C PRO L 468 24.67 -34.57 -45.19
N VAL L 469 24.20 -33.42 -44.73
CA VAL L 469 23.10 -33.39 -43.81
C VAL L 469 22.14 -32.24 -44.14
N SER L 470 22.63 -31.21 -44.82
CA SER L 470 21.81 -30.08 -45.31
C SER L 470 21.97 -29.81 -46.81
N ASP L 471 20.83 -29.73 -47.50
CA ASP L 471 20.81 -29.50 -48.95
C ASP L 471 21.34 -28.15 -49.26
N ARG L 472 20.95 -27.20 -48.41
CA ARG L 472 21.43 -25.83 -48.52
C ARG L 472 22.95 -25.69 -48.44
N VAL L 473 23.60 -26.42 -47.53
CA VAL L 473 25.07 -26.45 -47.51
C VAL L 473 25.63 -27.02 -48.83
N THR L 474 25.08 -28.15 -49.27
CA THR L 474 25.53 -28.75 -50.52
C THR L 474 25.43 -27.73 -51.65
N LYS L 475 24.31 -27.02 -51.70
CA LYS L 475 24.10 -26.12 -52.81
C LYS L 475 25.15 -25.04 -52.78
N CYS L 476 25.33 -24.37 -51.67
CA CYS L 476 26.25 -23.28 -51.58
C CYS L 476 27.66 -23.69 -51.85
N CYS L 477 27.97 -24.90 -51.40
CA CYS L 477 29.31 -25.44 -51.53
C CYS L 477 29.58 -25.83 -52.97
N THR L 478 28.54 -26.19 -53.70
CA THR L 478 28.67 -26.82 -55.02
C THR L 478 28.56 -25.86 -56.19
N GLU L 479 27.57 -24.98 -56.15
CA GLU L 479 27.15 -24.12 -57.27
C GLU L 479 28.27 -23.33 -57.87
N SER L 480 28.94 -22.56 -57.01
CA SER L 480 30.15 -21.83 -57.39
C SER L 480 31.10 -21.76 -56.23
N LEU L 481 32.35 -22.10 -56.51
CA LEU L 481 33.43 -21.93 -55.56
C LEU L 481 33.54 -20.48 -55.19
N VAL L 482 33.47 -19.63 -56.18
CA VAL L 482 33.89 -18.28 -55.92
C VAL L 482 32.80 -17.53 -55.21
N ASN L 483 31.56 -17.98 -55.34
CA ASN L 483 30.43 -17.34 -54.68
C ASN L 483 29.99 -18.00 -53.39
N ARG L 484 30.83 -18.76 -52.70
CA ARG L 484 30.31 -19.41 -51.48
C ARG L 484 29.85 -18.35 -50.50
N ARG L 485 30.74 -17.46 -50.11
CA ARG L 485 30.44 -16.57 -48.99
C ARG L 485 29.08 -15.84 -49.14
N PRO L 486 28.87 -15.17 -50.28
CA PRO L 486 27.60 -14.50 -50.53
C PRO L 486 26.40 -15.43 -50.55
N CYS L 487 26.60 -16.68 -50.96
CA CYS L 487 25.53 -17.66 -50.95
C CYS L 487 25.06 -17.90 -49.52
N PHE L 488 26.01 -18.17 -48.64
CA PHE L 488 25.67 -18.36 -47.25
C PHE L 488 25.04 -17.12 -46.62
N SER L 489 25.60 -15.96 -46.94
CA SER L 489 25.04 -14.72 -46.40
C SER L 489 23.62 -14.52 -46.89
N ALA L 490 23.38 -14.92 -48.14
CA ALA L 490 22.08 -14.71 -48.74
C ALA L 490 20.98 -15.49 -48.05
N LEU L 491 21.35 -16.56 -47.34
CA LEU L 491 20.40 -17.57 -46.91
C LEU L 491 19.51 -17.00 -45.82
N GLU L 492 18.22 -17.25 -45.95
CA GLU L 492 17.27 -16.74 -44.99
C GLU L 492 16.99 -17.82 -43.95
N VAL L 493 16.02 -17.58 -43.07
CA VAL L 493 15.58 -18.60 -42.12
C VAL L 493 15.03 -19.78 -42.89
N ASP L 494 15.42 -20.98 -42.46
CA ASP L 494 15.01 -22.22 -43.09
C ASP L 494 13.63 -22.63 -42.56
N GLU L 495 12.61 -22.41 -43.37
CA GLU L 495 11.25 -22.73 -42.95
C GLU L 495 10.84 -24.17 -43.30
N THR L 496 11.69 -24.88 -44.02
CA THR L 496 11.58 -26.33 -44.23
C THR L 496 11.76 -27.14 -42.96
N TYR L 497 12.60 -26.67 -42.06
CA TYR L 497 12.98 -27.42 -40.86
C TYR L 497 11.75 -27.72 -40.02
N VAL L 498 11.67 -28.94 -39.51
CA VAL L 498 10.59 -29.29 -38.62
C VAL L 498 11.17 -29.13 -37.21
N PRO L 499 10.77 -28.06 -36.50
CA PRO L 499 11.33 -27.80 -35.18
C PRO L 499 11.32 -28.97 -34.17
N LYS L 500 12.43 -29.12 -33.44
CA LYS L 500 12.45 -29.98 -32.26
C LYS L 500 11.30 -29.57 -31.36
N GLU L 501 10.73 -30.52 -30.65
CA GLU L 501 9.63 -30.25 -29.76
C GLU L 501 10.11 -30.34 -28.34
N PHE L 502 9.41 -29.68 -27.43
CA PHE L 502 9.81 -29.74 -26.02
C PHE L 502 9.22 -30.95 -25.30
N ASN L 503 9.85 -31.31 -24.18
CA ASN L 503 9.30 -32.27 -23.23
C ASN L 503 9.91 -32.02 -21.85
N ALA L 504 9.51 -32.80 -20.84
CA ALA L 504 9.97 -32.58 -19.46
C ALA L 504 11.48 -32.76 -19.34
N GLU L 505 11.98 -33.68 -20.17
CA GLU L 505 13.34 -34.16 -20.07
C GLU L 505 14.32 -33.32 -20.92
N THR L 506 13.78 -32.34 -21.68
CA THR L 506 14.59 -31.51 -22.58
C THR L 506 15.78 -30.82 -21.89
N PHE L 507 15.60 -30.38 -20.65
CA PHE L 507 16.68 -29.81 -19.85
C PHE L 507 16.98 -30.74 -18.68
N THR L 508 17.62 -31.86 -19.01
CA THR L 508 18.04 -32.85 -18.03
C THR L 508 19.54 -32.78 -17.81
N PHE L 509 19.91 -32.41 -16.59
CA PHE L 509 21.31 -32.29 -16.18
C PHE L 509 21.52 -32.93 -14.81
N HIS L 510 22.54 -33.79 -14.71
CA HIS L 510 22.99 -34.31 -13.42
C HIS L 510 23.98 -33.30 -12.89
N ALA L 511 24.26 -33.33 -11.59
CA ALA L 511 24.98 -32.26 -10.90
C ALA L 511 26.47 -32.19 -11.24
N ASP L 512 26.93 -32.97 -12.22
CA ASP L 512 28.32 -32.94 -12.68
C ASP L 512 28.73 -31.66 -13.42
N ILE L 513 27.77 -30.77 -13.71
CA ILE L 513 28.06 -29.48 -14.41
C ILE L 513 28.76 -28.39 -13.56
N CYS L 514 28.71 -28.51 -12.23
CA CYS L 514 29.31 -27.46 -11.39
C CYS L 514 30.80 -27.66 -11.19
N THR L 515 31.33 -28.80 -11.61
CA THR L 515 32.78 -29.00 -11.71
C THR L 515 33.35 -28.11 -12.81
N LEU L 516 32.49 -27.72 -13.75
CA LEU L 516 32.95 -27.17 -15.03
C LEU L 516 33.65 -25.82 -14.89
N SER L 517 34.69 -25.65 -15.69
CA SER L 517 35.44 -24.40 -15.72
C SER L 517 34.53 -23.32 -16.31
N GLU L 518 35.09 -22.16 -16.65
CA GLU L 518 34.30 -21.16 -17.35
C GLU L 518 34.35 -21.50 -18.83
N LYS L 519 35.55 -21.60 -19.39
CA LYS L 519 35.68 -21.99 -20.79
C LYS L 519 34.69 -23.15 -21.09
N GLU L 520 34.67 -24.15 -20.20
CA GLU L 520 33.76 -25.29 -20.37
C GLU L 520 32.29 -24.87 -20.30
N ARG L 521 31.92 -24.11 -19.29
CA ARG L 521 30.52 -23.71 -19.10
C ARG L 521 30.01 -22.73 -20.15
N GLN L 522 30.90 -22.09 -20.90
CA GLN L 522 30.49 -21.19 -21.98
C GLN L 522 30.16 -21.98 -23.21
N ILE L 523 30.93 -23.04 -23.48
CA ILE L 523 30.63 -23.92 -24.60
C ILE L 523 29.25 -24.54 -24.38
N LYS L 524 28.90 -24.81 -23.12
CA LYS L 524 27.60 -25.40 -22.82
C LYS L 524 26.47 -24.42 -23.07
N LYS L 525 26.69 -23.16 -22.76
CA LYS L 525 25.66 -22.14 -23.00
C LYS L 525 25.43 -22.04 -24.50
N GLN L 526 26.53 -21.98 -25.26
CA GLN L 526 26.46 -21.94 -26.72
C GLN L 526 25.67 -23.16 -27.27
N THR L 527 25.86 -24.35 -26.67
CA THR L 527 25.04 -25.51 -26.99
C THR L 527 23.58 -25.24 -26.71
N ALA L 528 23.23 -24.78 -25.52
CA ALA L 528 21.79 -24.55 -25.18
C ALA L 528 21.17 -23.53 -26.13
N LEU L 529 21.97 -22.53 -26.54
CA LEU L 529 21.52 -21.50 -27.47
C LEU L 529 21.13 -22.15 -28.80
N VAL L 530 22.04 -22.93 -29.36
CA VAL L 530 21.78 -23.58 -30.66
C VAL L 530 20.49 -24.36 -30.56
N GLU L 531 20.35 -25.06 -29.44
CA GLU L 531 19.20 -25.94 -29.27
C GLU L 531 17.91 -25.15 -29.19
N LEU L 532 17.91 -24.00 -28.52
CA LEU L 532 16.69 -23.20 -28.47
C LEU L 532 16.27 -22.80 -29.86
N VAL L 533 17.21 -22.34 -30.70
CA VAL L 533 16.84 -21.95 -32.06
C VAL L 533 16.21 -23.13 -32.79
N LYS L 534 16.72 -24.34 -32.54
CA LYS L 534 16.21 -25.54 -33.19
C LYS L 534 14.81 -25.86 -32.71
N HIS L 535 14.45 -25.36 -31.53
CA HIS L 535 13.07 -25.44 -31.07
C HIS L 535 12.15 -24.40 -31.68
N LYS L 536 12.67 -23.25 -32.10
CA LYS L 536 11.83 -22.27 -32.79
C LYS L 536 12.68 -21.33 -33.64
N PRO L 537 12.92 -21.67 -34.88
CA PRO L 537 13.86 -20.87 -35.67
C PRO L 537 13.56 -19.36 -35.85
N LYS L 538 12.28 -19.01 -35.99
CA LYS L 538 11.87 -17.61 -36.09
C LYS L 538 11.98 -16.83 -34.78
N ALA L 539 12.56 -17.43 -33.75
CA ALA L 539 12.70 -16.73 -32.48
C ALA L 539 13.48 -15.44 -32.65
N THR L 540 12.96 -14.37 -32.07
CA THR L 540 13.50 -13.01 -32.14
C THR L 540 14.58 -12.85 -31.08
N LYS L 541 15.47 -11.89 -31.25
CA LYS L 541 16.60 -11.75 -30.31
C LYS L 541 16.10 -11.54 -28.88
N GLU L 542 14.90 -10.95 -28.75
CA GLU L 542 14.27 -10.70 -27.45
C GLU L 542 13.97 -12.00 -26.71
N GLN L 543 13.07 -12.78 -27.28
CA GLN L 543 12.72 -14.07 -26.71
C GLN L 543 14.00 -14.89 -26.42
N LEU L 544 14.88 -15.02 -27.40
CA LEU L 544 16.09 -15.81 -27.22
C LEU L 544 16.85 -15.44 -25.97
N LYS L 545 17.10 -14.16 -25.74
CA LYS L 545 17.83 -13.79 -24.54
C LYS L 545 17.04 -14.02 -23.27
N ALA L 546 15.72 -13.96 -23.37
CA ALA L 546 14.84 -14.23 -22.21
C ALA L 546 15.07 -15.65 -21.70
N VAL L 547 14.77 -16.62 -22.57
CA VAL L 547 14.93 -18.06 -22.31
C VAL L 547 16.38 -18.41 -21.92
N MET L 548 17.34 -17.64 -22.41
CA MET L 548 18.72 -17.90 -22.13
C MET L 548 19.13 -17.36 -20.76
N ASP L 549 18.45 -16.32 -20.30
CA ASP L 549 18.70 -15.79 -18.97
C ASP L 549 18.08 -16.77 -17.99
N ASP L 550 16.84 -17.20 -18.27
CA ASP L 550 16.18 -18.27 -17.50
C ASP L 550 17.10 -19.47 -17.30
N PHE L 551 17.73 -19.89 -18.40
CA PHE L 551 18.67 -20.99 -18.35
C PHE L 551 19.76 -20.66 -17.33
N ALA L 552 20.47 -19.55 -17.48
CA ALA L 552 21.59 -19.26 -16.57
C ALA L 552 21.12 -19.09 -15.11
N ALA L 553 19.87 -18.63 -14.94
CA ALA L 553 19.21 -18.51 -13.61
C ALA L 553 19.11 -19.88 -12.94
N PHE L 554 18.49 -20.80 -13.67
CA PHE L 554 18.48 -22.23 -13.37
C PHE L 554 19.85 -22.78 -12.94
N VAL L 555 20.87 -22.77 -13.81
CA VAL L 555 22.18 -23.35 -13.46
C VAL L 555 22.74 -22.75 -12.17
N GLU L 556 22.82 -21.41 -12.09
CA GLU L 556 23.33 -20.74 -10.86
C GLU L 556 22.57 -21.23 -9.64
N LYS L 557 21.25 -21.22 -9.73
CA LYS L 557 20.38 -21.67 -8.65
C LYS L 557 20.67 -23.09 -8.16
N CYS L 558 20.69 -24.06 -9.05
CA CYS L 558 20.75 -25.47 -8.64
C CYS L 558 22.11 -25.90 -8.12
N CYS L 559 23.21 -25.38 -8.68
CA CYS L 559 24.54 -25.64 -8.11
C CYS L 559 24.67 -25.05 -6.70
N LYS L 560 23.85 -24.04 -6.41
CA LYS L 560 23.79 -23.45 -5.09
C LYS L 560 22.52 -23.92 -4.38
N ALA L 561 22.54 -25.18 -3.98
CA ALA L 561 21.55 -25.75 -3.10
C ALA L 561 22.22 -26.91 -2.38
N ASP L 562 21.78 -27.19 -1.16
CA ASP L 562 22.04 -28.49 -0.51
C ASP L 562 21.15 -29.43 -1.29
N ASP L 563 21.60 -30.68 -1.47
CA ASP L 563 20.86 -31.62 -2.29
C ASP L 563 20.67 -31.00 -3.68
N LYS L 564 21.69 -31.16 -4.51
CA LYS L 564 21.67 -30.58 -5.85
C LYS L 564 20.58 -31.23 -6.69
N GLU L 565 20.56 -32.56 -6.78
CA GLU L 565 19.70 -33.20 -7.78
C GLU L 565 18.20 -33.12 -7.56
N THR L 566 17.75 -32.66 -6.38
CA THR L 566 16.32 -32.34 -6.18
C THR L 566 15.96 -31.19 -7.11
N CYS L 567 16.83 -30.18 -7.14
CA CYS L 567 16.62 -28.97 -7.92
C CYS L 567 16.49 -29.33 -9.40
N PHE L 568 17.53 -29.96 -9.94
CA PHE L 568 17.56 -30.30 -11.34
C PHE L 568 16.32 -31.11 -11.69
N ALA L 569 16.08 -32.16 -10.92
CA ALA L 569 14.93 -33.03 -11.13
C ALA L 569 13.62 -32.25 -11.07
N GLU L 570 13.51 -31.32 -10.13
CA GLU L 570 12.26 -30.59 -9.88
C GLU L 570 12.09 -29.34 -10.72
N GLU L 571 13.18 -28.60 -10.92
CA GLU L 571 13.15 -27.35 -11.70
C GLU L 571 13.36 -27.57 -13.20
N GLY L 572 13.92 -28.72 -13.58
CA GLY L 572 14.19 -29.05 -14.97
C GLY L 572 13.00 -28.94 -15.92
N LYS L 573 11.80 -29.18 -15.39
CA LYS L 573 10.55 -29.12 -16.17
C LYS L 573 9.97 -27.72 -16.16
N LYS L 574 10.35 -26.94 -15.15
CA LYS L 574 9.80 -25.62 -14.94
C LYS L 574 10.51 -24.63 -15.84
N LEU L 575 11.82 -24.83 -16.03
CA LEU L 575 12.54 -24.14 -17.09
C LEU L 575 12.00 -24.45 -18.50
N VAL L 576 11.47 -25.66 -18.73
CA VAL L 576 10.81 -25.99 -20.00
C VAL L 576 9.49 -25.25 -20.15
N ALA L 577 8.66 -25.32 -19.12
CA ALA L 577 7.40 -24.61 -19.09
C ALA L 577 7.63 -23.11 -19.34
N ALA L 578 8.62 -22.56 -18.62
CA ALA L 578 9.05 -21.17 -18.76
C ALA L 578 9.30 -20.85 -20.23
N SER L 579 10.18 -21.64 -20.82
CA SER L 579 10.70 -21.40 -22.16
C SER L 579 9.64 -21.44 -23.26
N GLN L 580 8.63 -22.28 -23.11
CA GLN L 580 7.53 -22.30 -24.08
C GLN L 580 6.72 -21.00 -24.06
N ALA L 581 6.44 -20.50 -22.87
CA ALA L 581 5.77 -19.22 -22.70
C ALA L 581 6.61 -18.16 -23.42
N ALA L 582 7.88 -18.06 -23.03
CA ALA L 582 8.80 -17.08 -23.59
C ALA L 582 9.05 -17.23 -25.07
N LEU L 583 8.54 -18.28 -25.71
CA LEU L 583 8.77 -18.46 -27.15
C LEU L 583 7.48 -18.43 -27.96
N GLY L 584 6.33 -18.58 -27.31
CA GLY L 584 5.07 -18.84 -28.02
C GLY L 584 4.64 -20.28 -27.78
N LEU L 585 5.53 -21.22 -28.07
CA LEU L 585 5.36 -22.66 -27.77
C LEU L 585 6.50 -23.42 -28.52
#